data_8A8W
#
_entry.id   8A8W
#
_cell.length_a   1.00
_cell.length_b   1.00
_cell.length_c   1.00
_cell.angle_alpha   90.00
_cell.angle_beta   90.00
_cell.angle_gamma   90.00
#
_symmetry.space_group_name_H-M   'P 1'
#
loop_
_entity.id
_entity.type
_entity.pdbx_description
1 polymer 'ATP-dependent Clp protease ATP-binding subunit ClpC1'
2 polymer 'Bound polypeptide'
3 non-polymer "ADENOSINE-5'-DIPHOSPHATE"
#
loop_
_entity_poly.entity_id
_entity_poly.type
_entity_poly.pdbx_seq_one_letter_code
_entity_poly.pdbx_strand_id
1 'polypeptide(L)'
;MFERFTDRARRVVVLAQEEARMLNHNYIGTEHILLGLIHEGEGVAAKSLESLGISLEGVRSQVEEIIGQGQQAPSGHIPF
TPRAKKVLELSLREALQLGHNYIGTEHILLGLIREGEGVAAQVLVKLGAELTRVRQQVIQLLSGYQGKEAAEAGTGGRGG
ESGSPSTSLVLDQFGRNLTAAAMEGKLDPVIGREKEIERVMQVLSRRTKNNPVLIGEPGVGKTAVVEGLAQAIVHGEVPE
TLKDKQLYTLDLGSLVAGSRYRGDFEERLKKVLKEINTRGDIILFIDELHTLVGAGAAEGAIDAASILKPKLARGELQTI
GATTLDEYRKYIEKDAALERRFQPVQVGEPTVEHTIEILKGLRDRYEAHHRVSITDAAMVAAATLADRYINDRFLPDKAI
DLIDEAGARMRIRRMTAPPDLREFDEKIAEARREKESAIDAQDFEKAASLRDREKTLVAQRAEREKQWRSGDLDVVAEVD
DEQIAEVLGNWTGIPVFKLTEAETTRLLRMEEELHKRIIGQEDAVKAVSKAIRRTRAGLKDPKRPSGSFIFAGPSGVGKT
ELSKALANFLFGDDDALIQIDMGEFHDRFTASRLFGAPPGYVGYEEGGQLTEKVRRKPFSVVLFDEIEKAHQEIYNSLLQ
VLEDGRLTDGQGRTVDFKNTVLIFTSNLGTSDISKPVGLGFSKGGGENDYERMKQKVNDELKKHFRPEFLNRIDDIIVFH
QLTREEIIRMVDLMISRVAGQLKSKDMALVLTDAAKALLAKRGFDPVLGARPLRRTIQREIEDQLSEKILFEEVGPGQVV
TVDVDNWDGEGPGEDAVFTFTGTRKPPAEPDLAKAGAHSAGGPEPAARLEHHHHHH
;
A,B,C,D,E,F
2 'polypeptide(L)'
;(UNK)(UNK)(UNK)(UNK)(UNK)(UNK)(UNK)(UNK)(UNK)(UNK)(UNK)(UNK)(UNK)(UNK)(UNK)(UNK)
(UNK)(UNK)(UNK)(UNK)(UNK)(UNK)(UNK)(UNK)(UNK)
;
G
#
# COMPACT_ATOMS: atom_id res chain seq x y z
N SER A 168 19.53 -35.86 -14.51
CA SER A 168 19.93 -36.68 -15.66
C SER A 168 18.70 -37.15 -16.43
N LEU A 169 17.63 -37.47 -15.71
CA LEU A 169 16.41 -37.93 -16.34
C LEU A 169 15.28 -36.91 -16.30
N VAL A 170 15.39 -35.90 -15.45
CA VAL A 170 14.41 -34.81 -15.45
C VAL A 170 15.18 -33.49 -15.51
N LEU A 171 16.47 -33.54 -15.19
CA LEU A 171 17.30 -32.34 -15.26
C LEU A 171 17.55 -31.92 -16.70
N ASP A 172 17.63 -32.88 -17.63
CA ASP A 172 17.81 -32.53 -19.02
C ASP A 172 16.58 -31.83 -19.59
N GLN A 173 15.41 -32.10 -19.01
CA GLN A 173 14.19 -31.38 -19.37
C GLN A 173 13.98 -30.12 -18.54
N PHE A 174 14.96 -29.75 -17.70
CA PHE A 174 14.90 -28.49 -16.98
C PHE A 174 16.19 -27.67 -17.04
N GLY A 175 17.18 -28.10 -17.82
CA GLY A 175 18.39 -27.31 -17.92
C GLY A 175 19.43 -27.97 -18.80
N ARG A 176 20.60 -27.34 -18.84
CA ARG A 176 21.69 -27.74 -19.71
C ARG A 176 22.83 -28.33 -18.88
N ASN A 177 23.39 -29.44 -19.34
CA ASN A 177 24.55 -30.04 -18.71
C ASN A 177 25.80 -29.30 -19.18
N LEU A 178 26.33 -28.42 -18.32
CA LEU A 178 27.48 -27.62 -18.71
C LEU A 178 28.74 -28.47 -18.85
N THR A 179 28.87 -29.53 -18.05
CA THR A 179 30.01 -30.43 -18.20
C THR A 179 29.96 -31.17 -19.53
N ALA A 180 28.76 -31.60 -19.95
CA ALA A 180 28.61 -32.26 -21.24
C ALA A 180 28.94 -31.32 -22.39
N ALA A 181 28.47 -30.07 -22.31
CA ALA A 181 28.80 -29.09 -23.34
C ALA A 181 30.28 -28.75 -23.32
N ALA A 182 30.92 -28.79 -22.14
CA ALA A 182 32.35 -28.50 -22.05
C ALA A 182 33.18 -29.60 -22.68
N MET A 183 32.86 -30.86 -22.36
CA MET A 183 33.59 -31.97 -22.98
C MET A 183 33.30 -32.06 -24.47
N GLU A 184 32.07 -31.75 -24.87
CA GLU A 184 31.75 -31.67 -26.30
C GLU A 184 32.43 -30.46 -26.93
N GLY A 185 32.47 -29.33 -26.22
CA GLY A 185 33.18 -28.16 -26.69
C GLY A 185 32.30 -27.09 -27.29
N LYS A 186 31.11 -26.89 -26.71
CA LYS A 186 30.18 -25.88 -27.19
C LYS A 186 30.11 -24.66 -26.27
N LEU A 187 31.18 -24.37 -25.54
CA LEU A 187 31.23 -23.26 -24.61
C LEU A 187 32.29 -22.26 -25.04
N ASP A 188 32.01 -20.98 -24.83
CA ASP A 188 32.99 -19.95 -25.15
C ASP A 188 34.01 -19.86 -24.02
N PRO A 189 35.31 -19.78 -24.35
CA PRO A 189 36.32 -19.63 -23.31
C PRO A 189 36.35 -18.21 -22.77
N VAL A 190 36.80 -18.08 -21.53
CA VAL A 190 36.82 -16.80 -20.82
C VAL A 190 38.28 -16.41 -20.58
N ILE A 191 38.55 -15.11 -20.64
CA ILE A 191 39.89 -14.56 -20.47
C ILE A 191 39.87 -13.53 -19.35
N GLY A 192 40.83 -13.65 -18.44
CA GLY A 192 41.04 -12.63 -17.43
C GLY A 192 40.14 -12.71 -16.22
N ARG A 193 39.45 -13.83 -16.00
CA ARG A 193 38.59 -14.01 -14.84
C ARG A 193 39.17 -15.03 -13.86
N GLU A 194 40.48 -14.99 -13.66
CA GLU A 194 41.13 -15.97 -12.79
C GLU A 194 40.74 -15.77 -11.33
N LYS A 195 40.68 -14.51 -10.88
CA LYS A 195 40.36 -14.26 -9.47
C LYS A 195 38.93 -14.68 -9.14
N GLU A 196 37.99 -14.44 -10.06
CA GLU A 196 36.61 -14.82 -9.81
C GLU A 196 36.45 -16.33 -9.76
N ILE A 197 37.08 -17.04 -10.70
CA ILE A 197 36.94 -18.49 -10.72
C ILE A 197 37.63 -19.13 -9.53
N GLU A 198 38.76 -18.56 -9.09
CA GLU A 198 39.44 -19.16 -7.93
C GLU A 198 38.68 -18.84 -6.64
N ARG A 199 38.04 -17.67 -6.56
CA ARG A 199 37.18 -17.38 -5.40
C ARG A 199 35.98 -18.31 -5.35
N VAL A 200 35.35 -18.56 -6.51
CA VAL A 200 34.23 -19.50 -6.56
C VAL A 200 34.70 -20.90 -6.17
N MET A 201 35.89 -21.29 -6.66
CA MET A 201 36.47 -22.58 -6.33
C MET A 201 36.72 -22.69 -4.83
N GLN A 202 37.18 -21.59 -4.22
CA GLN A 202 37.41 -21.55 -2.78
C GLN A 202 36.11 -21.73 -2.01
N VAL A 203 35.06 -21.04 -2.43
CA VAL A 203 33.79 -21.11 -1.71
C VAL A 203 33.17 -22.50 -1.83
N LEU A 204 33.22 -23.09 -3.03
CA LEU A 204 32.68 -24.43 -3.22
C LEU A 204 33.47 -25.49 -2.46
N SER A 205 34.69 -25.18 -2.03
CA SER A 205 35.50 -26.12 -1.26
C SER A 205 35.08 -26.23 0.20
N ARG A 206 34.17 -25.37 0.66
CA ARG A 206 33.79 -25.36 2.07
C ARG A 206 32.99 -26.60 2.44
N ARG A 207 33.09 -26.97 3.72
CA ARG A 207 32.36 -28.12 4.22
C ARG A 207 30.87 -27.81 4.38
N THR A 208 30.55 -26.81 5.19
CA THR A 208 29.19 -26.38 5.41
C THR A 208 28.97 -24.99 4.81
N LYS A 209 27.79 -24.81 4.21
CA LYS A 209 27.39 -23.55 3.57
C LYS A 209 28.40 -23.12 2.51
N ASN A 210 28.52 -23.96 1.49
CA ASN A 210 29.46 -23.75 0.39
C ASN A 210 28.76 -23.21 -0.86
N ASN A 211 27.77 -22.34 -0.66
CA ASN A 211 26.93 -21.88 -1.75
C ASN A 211 27.16 -20.39 -1.99
N PRO A 212 27.89 -20.00 -3.04
CA PRO A 212 28.12 -18.57 -3.29
C PRO A 212 27.08 -17.96 -4.21
N VAL A 213 26.97 -16.64 -4.13
CA VAL A 213 26.16 -15.85 -5.05
C VAL A 213 27.09 -14.94 -5.84
N LEU A 214 26.90 -14.90 -7.15
CA LEU A 214 27.69 -14.03 -8.01
C LEU A 214 27.05 -12.65 -8.06
N ILE A 215 27.75 -11.66 -7.52
CA ILE A 215 27.25 -10.30 -7.48
C ILE A 215 27.84 -9.52 -8.64
N GLY A 216 26.99 -9.16 -9.59
CA GLY A 216 27.43 -8.43 -10.76
C GLY A 216 26.29 -7.81 -11.55
N GLU A 217 26.60 -6.77 -12.32
CA GLU A 217 25.58 -6.10 -13.12
C GLU A 217 25.13 -7.00 -14.26
N PRO A 218 23.92 -6.77 -14.78
CA PRO A 218 23.50 -7.48 -16.00
C PRO A 218 24.39 -7.11 -17.17
N GLY A 219 24.90 -8.12 -17.86
CA GLY A 219 25.78 -7.90 -18.99
C GLY A 219 27.25 -7.90 -18.61
N VAL A 220 27.58 -8.51 -17.47
CA VAL A 220 28.95 -8.59 -16.99
C VAL A 220 29.60 -9.93 -17.32
N GLY A 221 28.88 -11.03 -17.10
CA GLY A 221 29.43 -12.33 -17.40
C GLY A 221 29.53 -13.27 -16.22
N LYS A 222 28.58 -13.17 -15.28
CA LYS A 222 28.52 -14.12 -14.17
C LYS A 222 28.33 -15.54 -14.69
N THR A 223 27.40 -15.71 -15.63
CA THR A 223 27.25 -17.00 -16.28
C THR A 223 28.53 -17.38 -17.02
N ALA A 224 29.17 -16.43 -17.68
CA ALA A 224 30.44 -16.70 -18.35
C ALA A 224 31.49 -17.18 -17.36
N VAL A 225 31.48 -16.65 -16.14
CA VAL A 225 32.33 -17.20 -15.08
C VAL A 225 31.93 -18.63 -14.76
N VAL A 226 30.63 -18.94 -14.86
CA VAL A 226 30.19 -20.31 -14.55
C VAL A 226 30.67 -21.29 -15.62
N GLU A 227 30.57 -20.94 -16.92
CA GLU A 227 31.19 -21.84 -17.90
C GLU A 227 32.71 -21.79 -17.83
N GLY A 228 33.30 -20.74 -17.26
CA GLY A 228 34.72 -20.81 -16.96
C GLY A 228 35.03 -21.87 -15.93
N LEU A 229 34.19 -21.96 -14.90
CA LEU A 229 34.31 -23.04 -13.92
C LEU A 229 34.09 -24.40 -14.57
N ALA A 230 33.15 -24.46 -15.52
CA ALA A 230 32.92 -25.71 -16.25
C ALA A 230 34.14 -26.09 -17.08
N GLN A 231 34.77 -25.12 -17.73
CA GLN A 231 36.00 -25.36 -18.48
C GLN A 231 37.13 -25.82 -17.57
N ALA A 232 37.19 -25.28 -16.36
CA ALA A 232 38.17 -25.74 -15.39
C ALA A 232 37.88 -27.16 -14.92
N ILE A 233 36.60 -27.52 -14.77
CA ILE A 233 36.27 -28.80 -14.17
C ILE A 233 36.34 -29.91 -15.21
N VAL A 234 36.18 -29.58 -16.50
CA VAL A 234 36.23 -30.62 -17.52
C VAL A 234 37.66 -31.09 -17.75
N HIS A 235 38.63 -30.16 -17.72
CA HIS A 235 40.02 -30.54 -17.96
C HIS A 235 40.61 -31.23 -16.73
N GLY A 236 40.33 -30.71 -15.54
CA GLY A 236 40.84 -31.33 -14.33
C GLY A 236 41.75 -30.45 -13.50
N GLU A 237 41.55 -29.14 -13.53
CA GLU A 237 42.31 -28.21 -12.70
C GLU A 237 41.64 -27.96 -11.35
N VAL A 238 40.86 -28.92 -10.87
CA VAL A 238 40.08 -28.75 -9.64
C VAL A 238 40.70 -29.63 -8.57
N PRO A 239 40.48 -29.30 -7.30
CA PRO A 239 40.91 -30.22 -6.23
C PRO A 239 40.06 -31.47 -6.20
N GLU A 240 40.47 -32.40 -5.33
CA GLU A 240 39.81 -33.70 -5.22
C GLU A 240 38.34 -33.58 -4.78
N THR A 241 37.99 -32.50 -4.08
CA THR A 241 36.62 -32.34 -3.60
C THR A 241 35.63 -32.04 -4.72
N LEU A 242 36.11 -31.67 -5.90
CA LEU A 242 35.24 -31.26 -7.00
C LEU A 242 35.52 -32.02 -8.29
N LYS A 243 36.32 -33.07 -8.25
CA LYS A 243 36.64 -33.83 -9.45
C LYS A 243 35.43 -34.65 -9.90
N ASP A 244 35.26 -34.75 -11.23
CA ASP A 244 34.21 -35.55 -11.85
C ASP A 244 32.82 -35.14 -11.39
N LYS A 245 32.54 -33.84 -11.40
CA LYS A 245 31.26 -33.31 -10.96
C LYS A 245 30.53 -32.69 -12.14
N GLN A 246 29.23 -32.92 -12.24
CA GLN A 246 28.43 -32.49 -13.38
C GLN A 246 27.73 -31.18 -13.03
N LEU A 247 27.74 -30.23 -13.95
CA LEU A 247 27.11 -28.94 -13.74
C LEU A 247 25.81 -28.85 -14.53
N TYR A 248 24.78 -28.25 -13.91
CA TYR A 248 23.48 -28.08 -14.54
C TYR A 248 22.93 -26.70 -14.24
N THR A 249 22.14 -26.17 -15.18
CA THR A 249 21.40 -24.94 -14.98
C THR A 249 19.95 -25.24 -14.63
N LEU A 250 19.39 -24.46 -13.71
CA LEU A 250 17.98 -24.56 -13.39
C LEU A 250 17.42 -23.14 -13.33
N ASP A 251 16.22 -22.96 -13.86
CA ASP A 251 15.57 -21.65 -13.91
C ASP A 251 14.23 -21.74 -13.18
N LEU A 252 14.04 -20.87 -12.19
CA LEU A 252 12.77 -20.87 -11.45
C LEU A 252 11.63 -20.37 -12.32
N GLY A 253 11.93 -19.53 -13.31
CA GLY A 253 10.88 -19.10 -14.24
C GLY A 253 10.34 -20.23 -15.08
N SER A 254 11.14 -21.27 -15.30
CA SER A 254 10.68 -22.46 -16.01
C SER A 254 10.04 -23.49 -15.08
N LEU A 255 10.11 -23.29 -13.77
CA LEU A 255 9.57 -24.26 -12.82
C LEU A 255 8.28 -23.78 -12.15
N VAL A 256 8.20 -22.49 -11.78
CA VAL A 256 6.96 -21.99 -11.17
C VAL A 256 5.83 -21.97 -12.19
N ALA A 257 6.17 -21.85 -13.48
CA ALA A 257 5.17 -21.94 -14.52
C ALA A 257 4.53 -23.32 -14.53
N GLY A 258 3.21 -23.35 -14.63
CA GLY A 258 2.44 -24.57 -14.51
C GLY A 258 1.87 -24.84 -13.14
N SER A 259 2.13 -23.97 -12.17
CA SER A 259 1.65 -24.16 -10.80
C SER A 259 0.27 -23.56 -10.59
N ARG A 260 -0.69 -23.95 -11.43
CA ARG A 260 -2.08 -23.59 -11.25
C ARG A 260 -2.80 -24.50 -10.26
N TYR A 261 -2.09 -25.48 -9.70
CA TYR A 261 -2.63 -26.41 -8.72
C TYR A 261 -1.89 -26.21 -7.40
N ARG A 262 -2.14 -27.10 -6.44
CA ARG A 262 -1.67 -26.88 -5.08
C ARG A 262 -0.15 -27.00 -4.98
N GLY A 263 0.43 -28.02 -5.58
CA GLY A 263 1.84 -28.26 -5.37
C GLY A 263 2.66 -28.70 -6.57
N ASP A 264 2.31 -28.22 -7.76
CA ASP A 264 3.04 -28.63 -8.97
C ASP A 264 4.51 -28.23 -8.89
N PHE A 265 4.78 -26.98 -8.53
CA PHE A 265 6.15 -26.53 -8.38
C PHE A 265 6.87 -27.29 -7.28
N GLU A 266 6.17 -27.58 -6.18
CA GLU A 266 6.77 -28.30 -5.08
C GLU A 266 7.12 -29.74 -5.45
N GLU A 267 6.25 -30.42 -6.21
CA GLU A 267 6.54 -31.80 -6.57
C GLU A 267 7.65 -31.87 -7.63
N ARG A 268 7.68 -30.91 -8.55
CA ARG A 268 8.82 -30.82 -9.45
C ARG A 268 10.11 -30.58 -8.67
N LEU A 269 10.07 -29.71 -7.67
CA LEU A 269 11.24 -29.41 -6.86
C LEU A 269 11.70 -30.62 -6.06
N LYS A 270 10.76 -31.40 -5.52
CA LYS A 270 11.17 -32.57 -4.76
C LYS A 270 11.77 -33.63 -5.67
N LYS A 271 11.23 -33.78 -6.89
CA LYS A 271 11.87 -34.69 -7.84
C LYS A 271 13.28 -34.26 -8.17
N VAL A 272 13.48 -32.96 -8.39
CA VAL A 272 14.82 -32.45 -8.69
C VAL A 272 15.77 -32.72 -7.54
N LEU A 273 15.38 -32.35 -6.31
CA LEU A 273 16.29 -32.50 -5.19
C LEU A 273 16.52 -33.97 -4.85
N LYS A 274 15.52 -34.82 -5.07
CA LYS A 274 15.70 -36.24 -4.85
C LYS A 274 16.69 -36.84 -5.84
N GLU A 275 16.63 -36.42 -7.11
CA GLU A 275 17.62 -36.92 -8.06
C GLU A 275 19.01 -36.37 -7.76
N ILE A 276 19.10 -35.14 -7.24
CA ILE A 276 20.39 -34.61 -6.80
C ILE A 276 20.93 -35.45 -5.65
N ASN A 277 20.06 -35.80 -4.69
CA ASN A 277 20.48 -36.61 -3.55
C ASN A 277 20.94 -37.99 -3.99
N THR A 278 20.23 -38.61 -4.94
CA THR A 278 20.66 -39.93 -5.42
C THR A 278 21.96 -39.84 -6.19
N ARG A 279 22.12 -38.81 -7.02
CA ARG A 279 23.35 -38.66 -7.78
C ARG A 279 24.50 -38.21 -6.88
N GLY A 280 24.32 -37.13 -6.14
CA GLY A 280 25.30 -36.66 -5.19
C GLY A 280 26.54 -36.01 -5.77
N ASP A 281 26.56 -35.75 -7.08
CA ASP A 281 27.73 -35.18 -7.73
C ASP A 281 27.34 -34.04 -8.67
N ILE A 282 26.32 -33.28 -8.29
CA ILE A 282 25.78 -32.20 -9.11
C ILE A 282 25.91 -30.90 -8.34
N ILE A 283 26.42 -29.87 -9.01
CA ILE A 283 26.41 -28.50 -8.50
C ILE A 283 25.43 -27.71 -9.35
N LEU A 284 24.47 -27.07 -8.69
CA LEU A 284 23.37 -26.40 -9.36
C LEU A 284 23.74 -24.96 -9.67
N PHE A 285 23.63 -24.59 -10.95
CA PHE A 285 23.60 -23.18 -11.35
C PHE A 285 22.16 -22.72 -11.35
N ILE A 286 21.78 -21.97 -10.33
CA ILE A 286 20.44 -21.42 -10.22
C ILE A 286 20.55 -19.92 -10.47
N ASP A 287 20.34 -19.52 -11.72
CA ASP A 287 20.25 -18.11 -12.04
C ASP A 287 18.88 -17.59 -11.65
N GLU A 288 18.74 -16.26 -11.69
CA GLU A 288 17.52 -15.55 -11.28
C GLU A 288 17.20 -15.92 -9.82
N LEU A 289 18.25 -15.84 -9.00
CA LEU A 289 18.21 -16.35 -7.63
C LEU A 289 17.24 -15.57 -6.75
N HIS A 290 16.96 -14.31 -7.08
CA HIS A 290 16.10 -13.50 -6.23
C HIS A 290 14.64 -13.95 -6.25
N THR A 291 14.26 -14.82 -7.18
CA THR A 291 12.93 -15.40 -7.17
C THR A 291 12.83 -16.62 -6.26
N LEU A 292 13.89 -16.96 -5.54
CA LEU A 292 13.84 -18.07 -4.59
C LEU A 292 12.85 -17.79 -3.47
N VAL A 293 12.83 -16.55 -2.97
CA VAL A 293 11.85 -16.18 -1.95
C VAL A 293 10.45 -16.12 -2.55
N GLY A 294 10.32 -15.63 -3.78
CA GLY A 294 9.02 -15.46 -4.40
C GLY A 294 8.46 -16.68 -5.09
N ALA A 295 9.19 -17.79 -5.11
CA ALA A 295 8.72 -18.99 -5.79
C ALA A 295 7.56 -19.62 -5.03
N GLY A 296 6.68 -20.28 -5.78
CA GLY A 296 5.51 -20.91 -5.20
C GLY A 296 4.51 -19.92 -4.66
N ALA A 297 4.29 -19.95 -3.35
CA ALA A 297 3.34 -19.07 -2.69
C ALA A 297 4.04 -17.78 -2.29
N ALA A 298 3.39 -16.97 -1.44
CA ALA A 298 3.97 -15.74 -0.94
C ALA A 298 5.10 -16.04 0.04
N GLU A 299 5.78 -14.98 0.47
CA GLU A 299 6.98 -15.11 1.30
C GLU A 299 6.73 -15.72 2.67
N GLY A 300 5.49 -15.78 3.12
CA GLY A 300 5.19 -16.38 4.41
C GLY A 300 4.95 -17.87 4.35
N ALA A 301 4.29 -18.33 3.30
CA ALA A 301 3.93 -19.73 3.15
C ALA A 301 5.13 -20.53 2.64
N ILE A 302 4.87 -21.77 2.23
CA ILE A 302 5.93 -22.65 1.74
C ILE A 302 6.43 -22.15 0.39
N ASP A 303 7.73 -21.92 0.30
CA ASP A 303 8.38 -21.47 -0.93
C ASP A 303 9.53 -22.42 -1.27
N ALA A 304 10.18 -22.15 -2.40
CA ALA A 304 11.40 -22.89 -2.75
C ALA A 304 12.50 -22.61 -1.75
N ALA A 305 12.57 -21.38 -1.23
CA ALA A 305 13.53 -21.08 -0.18
C ALA A 305 13.23 -21.88 1.08
N SER A 306 11.96 -22.05 1.41
CA SER A 306 11.58 -22.82 2.61
C SER A 306 11.99 -24.29 2.48
N ILE A 307 12.16 -24.76 1.24
CA ILE A 307 12.63 -26.13 1.04
C ILE A 307 14.16 -26.18 1.00
N LEU A 308 14.80 -25.19 0.39
CA LEU A 308 16.24 -25.23 0.20
C LEU A 308 17.04 -24.83 1.43
N LYS A 309 16.44 -24.03 2.32
CA LYS A 309 17.16 -23.56 3.51
C LYS A 309 17.68 -24.67 4.41
N PRO A 310 16.91 -25.70 4.80
CA PRO A 310 17.52 -26.76 5.60
C PRO A 310 18.43 -27.69 4.81
N LYS A 311 18.44 -27.58 3.48
CA LYS A 311 19.36 -28.33 2.65
C LYS A 311 20.62 -27.56 2.31
N LEU A 312 20.55 -26.23 2.22
CA LEU A 312 21.74 -25.44 1.92
C LEU A 312 22.64 -25.31 3.16
N ALA A 313 22.05 -25.39 4.35
CA ALA A 313 22.78 -25.13 5.58
C ALA A 313 23.81 -26.21 5.90
N ARG A 314 23.49 -27.48 5.70
CA ARG A 314 24.37 -28.57 6.08
C ARG A 314 25.37 -28.94 5.00
N GLY A 315 25.39 -28.18 3.90
CA GLY A 315 26.40 -28.37 2.87
C GLY A 315 26.32 -29.68 2.10
N GLU A 316 25.11 -30.14 1.80
CA GLU A 316 24.94 -31.31 0.95
C GLU A 316 24.33 -30.97 -0.41
N LEU A 317 23.84 -29.75 -0.58
CA LEU A 317 23.29 -29.28 -1.85
C LEU A 317 24.14 -28.10 -2.31
N GLN A 318 25.03 -28.37 -3.27
CA GLN A 318 26.00 -27.38 -3.74
C GLN A 318 25.35 -26.53 -4.82
N THR A 319 25.16 -25.24 -4.55
CA THR A 319 24.48 -24.34 -5.47
C THR A 319 25.30 -23.07 -5.68
N ILE A 320 25.14 -22.47 -6.86
CA ILE A 320 25.74 -21.19 -7.19
C ILE A 320 24.66 -20.31 -7.81
N GLY A 321 24.64 -19.04 -7.44
CA GLY A 321 23.61 -18.13 -7.91
C GLY A 321 24.15 -16.80 -8.42
N ALA A 322 23.30 -16.02 -9.10
CA ALA A 322 23.70 -14.73 -9.63
C ALA A 322 22.51 -13.78 -9.58
N THR A 323 22.78 -12.51 -9.31
CA THR A 323 21.75 -11.48 -9.23
C THR A 323 22.42 -10.12 -9.37
N THR A 324 21.62 -9.07 -9.23
CA THR A 324 22.06 -7.68 -9.33
C THR A 324 22.24 -7.11 -7.93
N LEU A 325 23.30 -6.30 -7.77
CA LEU A 325 23.81 -5.95 -6.44
C LEU A 325 22.78 -5.18 -5.61
N ASP A 326 22.14 -4.17 -6.18
CA ASP A 326 21.11 -3.45 -5.44
C ASP A 326 19.86 -4.32 -5.30
N GLU A 327 19.59 -5.14 -6.31
CA GLU A 327 18.47 -6.09 -6.22
C GLU A 327 18.77 -7.17 -5.19
N TYR A 328 20.05 -7.59 -5.11
CA TYR A 328 20.49 -8.45 -4.02
C TYR A 328 20.26 -7.81 -2.67
N ARG A 329 20.56 -6.52 -2.55
CA ARG A 329 20.30 -5.77 -1.33
C ARG A 329 18.81 -5.74 -1.00
N LYS A 330 17.97 -5.59 -2.02
CA LYS A 330 16.55 -5.32 -1.81
C LYS A 330 15.73 -6.58 -1.53
N TYR A 331 16.15 -7.74 -2.04
CA TYR A 331 15.55 -9.00 -1.56
C TYR A 331 16.40 -9.77 -0.55
N ILE A 332 17.60 -10.19 -0.94
CA ILE A 332 18.28 -11.26 -0.20
C ILE A 332 18.75 -10.80 1.17
N GLU A 333 19.33 -9.59 1.26
CA GLU A 333 19.81 -9.12 2.55
C GLU A 333 18.68 -8.83 3.53
N LYS A 334 17.43 -8.69 3.05
CA LYS A 334 16.30 -8.59 3.95
C LYS A 334 16.11 -9.89 4.74
N ASP A 335 16.29 -11.03 4.08
CA ASP A 335 16.18 -12.33 4.73
C ASP A 335 17.55 -12.73 5.24
N ALA A 336 17.77 -12.60 6.55
CA ALA A 336 19.06 -12.92 7.13
C ALA A 336 19.37 -14.41 7.04
N ALA A 337 18.33 -15.26 7.03
CA ALA A 337 18.54 -16.70 6.95
C ALA A 337 19.17 -17.10 5.62
N LEU A 338 18.69 -16.52 4.51
CA LEU A 338 19.35 -16.76 3.23
C LEU A 338 20.63 -15.96 3.11
N GLU A 339 20.74 -14.83 3.81
CA GLU A 339 21.96 -14.03 3.76
C GLU A 339 23.14 -14.79 4.36
N ARG A 340 22.91 -15.49 5.46
CA ARG A 340 23.98 -16.27 6.08
C ARG A 340 24.27 -17.57 5.35
N ARG A 341 23.38 -18.03 4.48
CA ARG A 341 23.61 -19.25 3.73
C ARG A 341 24.31 -19.02 2.40
N PHE A 342 24.36 -17.79 1.91
CA PHE A 342 24.96 -17.48 0.62
C PHE A 342 26.19 -16.61 0.82
N GLN A 343 27.28 -16.96 0.12
CA GLN A 343 28.52 -16.21 0.22
C GLN A 343 28.59 -15.20 -0.91
N PRO A 344 28.70 -13.90 -0.62
CA PRO A 344 28.77 -12.91 -1.69
C PRO A 344 30.11 -13.00 -2.43
N VAL A 345 30.03 -13.06 -3.76
CA VAL A 345 31.20 -13.07 -4.62
C VAL A 345 31.05 -11.90 -5.57
N GLN A 346 31.98 -10.95 -5.50
CA GLN A 346 31.88 -9.72 -6.28
C GLN A 346 32.65 -9.86 -7.59
N VAL A 347 31.95 -9.69 -8.70
CA VAL A 347 32.56 -9.63 -10.02
C VAL A 347 32.33 -8.22 -10.56
N GLY A 348 33.38 -7.61 -11.08
CA GLY A 348 33.26 -6.27 -11.60
C GLY A 348 33.07 -6.26 -13.10
N GLU A 349 32.64 -5.10 -13.60
CA GLU A 349 32.56 -4.89 -15.03
C GLU A 349 33.97 -4.90 -15.63
N PRO A 350 34.20 -5.63 -16.70
CA PRO A 350 35.55 -5.68 -17.28
C PRO A 350 35.96 -4.33 -17.87
N THR A 351 37.27 -4.10 -17.86
CA THR A 351 37.82 -2.86 -18.37
C THR A 351 37.90 -2.90 -19.89
N VAL A 352 38.39 -1.81 -20.48
CA VAL A 352 38.55 -1.74 -21.93
C VAL A 352 39.57 -2.77 -22.40
N GLU A 353 40.70 -2.87 -21.69
CA GLU A 353 41.73 -3.84 -22.06
C GLU A 353 41.23 -5.27 -21.86
N HIS A 354 40.45 -5.51 -20.80
CA HIS A 354 39.89 -6.84 -20.59
C HIS A 354 38.89 -7.19 -21.69
N THR A 355 38.11 -6.20 -22.13
CA THR A 355 37.23 -6.39 -23.28
C THR A 355 38.03 -6.72 -24.53
N ILE A 356 39.16 -6.05 -24.72
CA ILE A 356 40.01 -6.34 -25.88
C ILE A 356 40.54 -7.76 -25.82
N GLU A 357 40.98 -8.19 -24.64
CA GLU A 357 41.51 -9.56 -24.50
C GLU A 357 40.44 -10.61 -24.75
N ILE A 358 39.24 -10.41 -24.22
CA ILE A 358 38.22 -11.43 -24.47
C ILE A 358 37.73 -11.40 -25.91
N LEU A 359 37.73 -10.22 -26.55
CA LEU A 359 37.42 -10.16 -27.98
C LEU A 359 38.48 -10.89 -28.80
N LYS A 360 39.74 -10.75 -28.42
CA LYS A 360 40.80 -11.51 -29.08
C LYS A 360 40.69 -13.00 -28.78
N GLY A 361 40.06 -13.36 -27.66
CA GLY A 361 39.74 -14.75 -27.43
C GLY A 361 38.65 -15.27 -28.35
N LEU A 362 37.59 -14.49 -28.55
CA LEU A 362 36.39 -14.96 -29.25
C LEU A 362 36.36 -14.61 -30.74
N ARG A 363 37.40 -13.95 -31.27
CA ARG A 363 37.43 -13.68 -32.70
C ARG A 363 37.37 -14.97 -33.51
N ASP A 364 38.06 -16.02 -33.03
CA ASP A 364 38.07 -17.28 -33.74
C ASP A 364 36.68 -17.90 -33.82
N ARG A 365 35.95 -17.86 -32.70
CA ARG A 365 34.60 -18.42 -32.68
C ARG A 365 33.67 -17.65 -33.60
N TYR A 366 33.71 -16.31 -33.54
CA TYR A 366 32.80 -15.55 -34.41
C TYR A 366 33.22 -15.62 -35.88
N GLU A 367 34.52 -15.73 -36.15
CA GLU A 367 34.99 -15.93 -37.52
C GLU A 367 34.53 -17.28 -38.06
N ALA A 368 34.59 -18.32 -37.23
CA ALA A 368 34.11 -19.64 -37.66
C ALA A 368 32.61 -19.64 -37.89
N HIS A 369 31.86 -18.94 -37.03
CA HIS A 369 30.41 -18.95 -37.18
C HIS A 369 29.94 -18.12 -38.38
N HIS A 370 30.50 -16.92 -38.56
CA HIS A 370 30.02 -16.00 -39.58
C HIS A 370 30.76 -16.11 -40.90
N ARG A 371 31.93 -16.74 -40.93
CA ARG A 371 32.77 -16.86 -42.13
C ARG A 371 33.09 -15.48 -42.71
N VAL A 372 33.83 -14.71 -41.91
CA VAL A 372 34.29 -13.38 -42.30
C VAL A 372 35.47 -12.97 -41.43
N SER A 373 36.53 -12.45 -42.06
CA SER A 373 37.71 -12.02 -41.33
C SER A 373 37.42 -10.74 -40.55
N ILE A 374 38.04 -10.60 -39.38
CA ILE A 374 37.86 -9.45 -38.52
C ILE A 374 39.24 -8.87 -38.20
N THR A 375 39.36 -7.55 -38.23
CA THR A 375 40.62 -6.87 -37.98
C THR A 375 40.74 -6.45 -36.51
N ASP A 376 41.99 -6.26 -36.08
CA ASP A 376 42.25 -5.85 -34.69
C ASP A 376 41.66 -4.47 -34.40
N ALA A 377 41.82 -3.55 -35.35
CA ALA A 377 41.26 -2.21 -35.18
C ALA A 377 39.75 -2.24 -35.06
N ALA A 378 39.10 -3.26 -35.65
CA ALA A 378 37.66 -3.41 -35.50
C ALA A 378 37.29 -3.66 -34.04
N MET A 379 37.97 -4.60 -33.37
CA MET A 379 37.68 -4.83 -31.96
C MET A 379 38.04 -3.61 -31.11
N VAL A 380 39.17 -2.96 -31.42
CA VAL A 380 39.60 -1.82 -30.62
C VAL A 380 38.56 -0.70 -30.70
N ALA A 381 38.17 -0.34 -31.92
CA ALA A 381 37.17 0.72 -32.11
C ALA A 381 35.81 0.32 -31.55
N ALA A 382 35.42 -0.96 -31.71
CA ALA A 382 34.14 -1.41 -31.20
C ALA A 382 34.07 -1.29 -29.69
N ALA A 383 35.13 -1.70 -29.00
CA ALA A 383 35.16 -1.59 -27.54
C ALA A 383 35.17 -0.13 -27.10
N THR A 384 36.03 0.69 -27.73
CA THR A 384 36.14 2.08 -27.33
C THR A 384 34.89 2.89 -27.62
N LEU A 385 34.11 2.52 -28.63
CA LEU A 385 32.86 3.22 -28.94
C LEU A 385 31.67 2.66 -28.18
N ALA A 386 31.69 1.36 -27.85
CA ALA A 386 30.67 0.81 -26.97
C ALA A 386 30.78 1.42 -25.57
N ASP A 387 32.01 1.67 -25.11
CA ASP A 387 32.18 2.25 -23.79
C ASP A 387 31.79 3.73 -23.73
N ARG A 388 31.68 4.41 -24.88
CA ARG A 388 31.44 5.84 -24.86
C ARG A 388 30.12 6.27 -25.50
N TYR A 389 29.45 5.39 -26.23
CA TYR A 389 28.10 5.67 -26.73
C TYR A 389 27.02 4.83 -26.07
N ILE A 390 27.24 3.52 -25.92
CA ILE A 390 26.27 2.66 -25.27
C ILE A 390 26.44 2.77 -23.76
N ASN A 391 25.36 3.18 -23.08
CA ASN A 391 25.41 3.39 -21.64
C ASN A 391 24.26 2.71 -20.90
N ASP A 392 23.23 2.26 -21.60
CA ASP A 392 22.14 1.55 -20.94
C ASP A 392 22.55 0.18 -20.43
N ARG A 393 23.61 -0.41 -20.98
CA ARG A 393 24.17 -1.66 -20.50
C ARG A 393 25.60 -1.42 -20.02
N PHE A 394 26.29 -2.50 -19.70
CA PHE A 394 27.67 -2.45 -19.23
C PHE A 394 28.54 -3.31 -20.12
N LEU A 395 29.86 -3.20 -19.92
CA LEU A 395 30.79 -4.05 -20.64
C LEU A 395 30.67 -5.48 -20.12
N PRO A 396 30.92 -6.49 -20.97
CA PRO A 396 31.38 -6.42 -22.36
C PRO A 396 30.37 -6.91 -23.39
N ASP A 397 29.09 -7.09 -23.04
CA ASP A 397 28.16 -7.68 -24.00
C ASP A 397 27.79 -6.69 -25.08
N LYS A 398 27.98 -5.39 -24.84
CA LYS A 398 27.66 -4.40 -25.86
C LYS A 398 28.63 -4.50 -27.05
N ALA A 399 29.94 -4.64 -26.78
CA ALA A 399 30.90 -4.78 -27.86
C ALA A 399 30.73 -6.12 -28.58
N ILE A 400 30.39 -7.17 -27.82
CA ILE A 400 30.12 -8.47 -28.42
C ILE A 400 28.93 -8.40 -29.36
N ASP A 401 27.86 -7.73 -28.92
CA ASP A 401 26.70 -7.54 -29.78
C ASP A 401 27.06 -6.70 -30.99
N LEU A 402 27.92 -5.69 -30.81
CA LEU A 402 28.34 -4.86 -31.93
C LEU A 402 29.06 -5.66 -33.00
N ILE A 403 30.07 -6.45 -32.60
CA ILE A 403 30.84 -7.20 -33.59
C ILE A 403 29.97 -8.29 -34.20
N ASP A 404 29.08 -8.90 -33.40
CA ASP A 404 28.19 -9.93 -33.92
C ASP A 404 27.21 -9.36 -34.95
N GLU A 405 26.61 -8.21 -34.67
CA GLU A 405 25.67 -7.61 -35.60
C GLU A 405 26.40 -7.07 -36.83
N ALA A 406 27.63 -6.60 -36.67
CA ALA A 406 28.42 -6.19 -37.83
C ALA A 406 28.72 -7.38 -38.74
N GLY A 407 29.07 -8.52 -38.14
CA GLY A 407 29.29 -9.72 -38.93
C GLY A 407 28.03 -10.18 -39.65
N ALA A 408 26.89 -10.16 -38.96
CA ALA A 408 25.63 -10.53 -39.60
C ALA A 408 25.26 -9.55 -40.71
N ARG A 409 25.48 -8.25 -40.48
CA ARG A 409 25.18 -7.24 -41.48
C ARG A 409 26.03 -7.44 -42.74
N MET A 410 27.32 -7.67 -42.57
CA MET A 410 28.16 -7.81 -43.77
C MET A 410 27.91 -9.17 -44.43
N ARG A 411 27.51 -10.17 -43.64
CA ARG A 411 27.14 -11.46 -44.22
C ARG A 411 25.89 -11.35 -45.09
N ILE A 412 24.87 -10.63 -44.63
CA ILE A 412 23.68 -10.47 -45.47
C ILE A 412 23.92 -9.47 -46.59
N ARG A 413 24.90 -8.57 -46.44
CA ARG A 413 25.34 -7.73 -47.54
C ARG A 413 26.01 -8.55 -48.64
N ARG A 414 26.77 -9.59 -48.25
CA ARG A 414 27.44 -10.44 -49.23
C ARG A 414 26.46 -11.18 -50.12
N MET A 415 25.37 -11.68 -49.54
CA MET A 415 24.37 -12.41 -50.32
C MET A 415 23.24 -11.48 -50.75
N ALA A 477 34.65 -11.21 -46.78
CA ALA A 477 35.95 -10.54 -46.81
C ALA A 477 36.42 -10.18 -45.41
N GLU A 478 36.51 -8.89 -45.12
CA GLU A 478 37.06 -8.41 -43.84
C GLU A 478 36.12 -7.41 -43.21
N VAL A 479 36.09 -7.43 -41.87
CA VAL A 479 35.32 -6.48 -41.07
C VAL A 479 36.28 -5.39 -40.58
N ASP A 480 35.92 -4.15 -40.82
CA ASP A 480 36.74 -3.01 -40.40
C ASP A 480 35.87 -2.11 -39.52
N ASP A 481 36.37 -0.89 -39.25
CA ASP A 481 35.64 0.04 -38.40
C ASP A 481 34.36 0.53 -39.06
N GLU A 482 34.27 0.40 -40.39
CA GLU A 482 33.09 0.85 -41.11
C GLU A 482 31.85 0.05 -40.70
N GLN A 483 32.00 -1.26 -40.53
CA GLN A 483 30.85 -2.11 -40.22
C GLN A 483 30.30 -1.82 -38.83
N ILE A 484 31.18 -1.77 -37.82
CA ILE A 484 30.74 -1.47 -36.48
C ILE A 484 30.19 -0.05 -36.39
N ALA A 485 30.83 0.89 -37.10
CA ALA A 485 30.34 2.26 -37.11
C ALA A 485 28.94 2.35 -37.69
N GLU A 486 28.68 1.67 -38.82
CA GLU A 486 27.36 1.77 -39.42
C GLU A 486 26.31 1.03 -38.61
N VAL A 487 26.66 -0.09 -37.97
CA VAL A 487 25.63 -0.78 -37.18
C VAL A 487 25.31 0.00 -35.91
N LEU A 488 26.31 0.66 -35.30
CA LEU A 488 26.00 1.44 -34.11
C LEU A 488 25.26 2.72 -34.47
N GLY A 489 25.57 3.30 -35.64
CA GLY A 489 24.78 4.42 -36.12
C GLY A 489 23.35 4.03 -36.43
N ASN A 490 23.16 2.80 -36.90
CA ASN A 490 21.80 2.27 -37.05
C ASN A 490 21.11 2.15 -35.71
N TRP A 491 21.83 1.69 -34.68
CA TRP A 491 21.22 1.55 -33.35
C TRP A 491 20.86 2.90 -32.76
N THR A 492 21.72 3.90 -32.91
CA THR A 492 21.60 5.15 -32.17
C THR A 492 21.11 6.32 -33.00
N GLY A 493 21.15 6.22 -34.32
CA GLY A 493 20.73 7.32 -35.17
C GLY A 493 21.79 8.36 -35.45
N ILE A 494 22.98 8.22 -34.87
CA ILE A 494 24.08 9.15 -35.11
C ILE A 494 24.58 8.96 -36.53
N PRO A 495 24.91 10.03 -37.25
CA PRO A 495 25.50 9.88 -38.59
C PRO A 495 26.78 9.04 -38.54
N VAL A 496 26.80 7.99 -39.37
CA VAL A 496 27.84 6.97 -39.28
C VAL A 496 29.22 7.48 -39.70
N PHE A 497 29.28 8.60 -40.42
CA PHE A 497 30.59 9.17 -40.75
C PHE A 497 31.23 9.84 -39.55
N LYS A 498 30.44 10.14 -38.51
CA LYS A 498 30.96 10.83 -37.33
C LYS A 498 31.52 9.85 -36.30
N LEU A 499 31.09 8.59 -36.33
CA LEU A 499 31.52 7.63 -35.31
C LEU A 499 32.99 7.28 -35.41
N THR A 500 33.56 7.26 -36.61
CA THR A 500 34.98 6.95 -36.75
C THR A 500 35.82 8.05 -36.12
N GLU A 501 36.96 7.66 -35.55
CA GLU A 501 37.74 8.54 -34.69
C GLU A 501 38.67 9.42 -35.53
N ALA A 502 38.05 10.21 -36.41
CA ALA A 502 38.73 11.33 -37.06
C ALA A 502 38.45 12.62 -36.29
N GLU A 503 38.69 12.56 -34.97
CA GLU A 503 38.27 13.65 -34.09
C GLU A 503 39.07 14.92 -34.34
N THR A 504 40.31 14.76 -34.83
CA THR A 504 41.10 15.92 -35.22
C THR A 504 40.44 16.67 -36.37
N THR A 505 39.88 15.92 -37.33
CA THR A 505 39.14 16.55 -38.42
C THR A 505 37.89 17.25 -37.91
N ARG A 506 37.19 16.64 -36.94
CA ARG A 506 35.99 17.28 -36.38
C ARG A 506 36.33 18.58 -35.69
N LEU A 507 37.40 18.59 -34.88
CA LEU A 507 37.79 19.82 -34.23
C LEU A 507 38.40 20.83 -35.19
N LEU A 508 38.91 20.38 -36.34
CA LEU A 508 39.47 21.30 -37.31
C LEU A 508 38.39 22.14 -37.99
N ARG A 509 37.21 21.56 -38.21
CA ARG A 509 36.19 22.18 -39.04
C ARG A 509 34.92 22.55 -38.27
N MET A 510 35.00 22.78 -36.96
CA MET A 510 33.80 23.16 -36.22
C MET A 510 33.31 24.56 -36.57
N GLU A 511 34.14 25.39 -37.22
CA GLU A 511 33.75 26.77 -37.49
C GLU A 511 32.57 26.84 -38.45
N GLU A 512 32.67 26.17 -39.60
CA GLU A 512 31.56 26.16 -40.54
C GLU A 512 30.46 25.21 -40.10
N GLU A 513 30.78 24.23 -39.26
CA GLU A 513 29.75 23.38 -38.66
C GLU A 513 28.83 24.17 -37.75
N LEU A 514 29.40 25.10 -36.98
CA LEU A 514 28.59 26.00 -36.16
C LEU A 514 27.96 27.11 -36.99
N HIS A 515 28.69 27.66 -37.96
CA HIS A 515 28.22 28.82 -38.70
C HIS A 515 27.09 28.50 -39.67
N LYS A 516 26.90 27.23 -40.04
CA LYS A 516 25.82 26.87 -40.95
C LYS A 516 24.46 26.96 -40.27
N ARG A 517 24.42 27.06 -38.94
CA ARG A 517 23.17 27.18 -38.21
C ARG A 517 23.09 28.46 -37.38
N ILE A 518 24.22 29.08 -37.04
CA ILE A 518 24.23 30.28 -36.21
C ILE A 518 24.40 31.49 -37.11
N ILE A 519 24.06 32.66 -36.57
CA ILE A 519 24.17 33.93 -37.28
C ILE A 519 25.13 34.82 -36.50
N GLY A 520 25.96 35.58 -37.22
CA GLY A 520 26.85 36.59 -36.68
C GLY A 520 27.75 36.04 -35.60
N GLN A 521 28.07 36.92 -34.64
CA GLN A 521 28.82 36.59 -33.42
C GLN A 521 30.15 35.90 -33.74
N GLU A 522 30.88 36.51 -34.68
CA GLU A 522 32.14 35.93 -35.13
C GLU A 522 33.15 35.83 -34.00
N ASP A 523 33.24 36.86 -33.16
CA ASP A 523 34.11 36.78 -31.99
C ASP A 523 33.65 35.67 -31.04
N ALA A 524 32.34 35.57 -30.83
CA ALA A 524 31.81 34.50 -29.98
C ALA A 524 32.09 33.12 -30.56
N VAL A 525 31.92 32.98 -31.88
CA VAL A 525 32.15 31.68 -32.53
C VAL A 525 33.61 31.29 -32.43
N LYS A 526 34.53 32.22 -32.72
CA LYS A 526 35.95 31.92 -32.62
C LYS A 526 36.37 31.62 -31.18
N ALA A 527 35.83 32.37 -30.22
CA ALA A 527 36.17 32.13 -28.82
C ALA A 527 35.68 30.76 -28.35
N VAL A 528 34.43 30.41 -28.67
CA VAL A 528 33.94 29.11 -28.24
C VAL A 528 34.64 27.99 -29.00
N SER A 529 35.05 28.23 -30.25
CA SER A 529 35.74 27.18 -30.99
C SER A 529 37.13 26.92 -30.43
N LYS A 530 37.88 27.98 -30.10
CA LYS A 530 39.18 27.77 -29.49
C LYS A 530 39.07 27.19 -28.09
N ALA A 531 38.01 27.55 -27.35
CA ALA A 531 37.77 26.94 -26.04
C ALA A 531 37.51 25.45 -26.17
N ILE A 532 36.69 25.05 -27.15
CA ILE A 532 36.42 23.63 -27.37
C ILE A 532 37.70 22.91 -27.77
N ARG A 533 38.48 23.53 -28.67
CA ARG A 533 39.70 22.89 -29.13
C ARG A 533 40.69 22.69 -28.00
N ARG A 534 40.85 23.68 -27.12
CA ARG A 534 41.80 23.52 -26.02
C ARG A 534 41.25 22.60 -24.93
N THR A 535 39.93 22.47 -24.80
CA THR A 535 39.40 21.59 -23.76
C THR A 535 39.39 20.13 -24.21
N ARG A 536 39.14 19.86 -25.50
CA ARG A 536 39.10 18.47 -25.95
C ARG A 536 40.50 17.87 -26.06
N ALA A 537 41.55 18.69 -25.97
CA ALA A 537 42.91 18.19 -26.09
C ALA A 537 43.30 17.28 -24.94
N GLY A 538 42.63 17.38 -23.80
CA GLY A 538 42.93 16.54 -22.66
C GLY A 538 44.16 16.95 -21.88
N LEU A 539 44.77 18.10 -22.21
CA LEU A 539 45.95 18.54 -21.49
C LEU A 539 45.62 19.07 -20.11
N LYS A 540 44.35 19.40 -19.85
CA LYS A 540 43.94 19.86 -18.53
C LYS A 540 43.88 18.69 -17.55
N ASP A 541 43.72 19.01 -16.27
CA ASP A 541 43.59 17.97 -15.26
C ASP A 541 42.24 17.27 -15.39
N PRO A 542 42.19 15.94 -15.26
CA PRO A 542 40.89 15.24 -15.36
C PRO A 542 40.08 15.25 -14.07
N LYS A 543 39.97 16.41 -13.43
CA LYS A 543 39.05 16.62 -12.32
C LYS A 543 38.19 17.86 -12.54
N ARG A 544 38.16 18.39 -13.76
CA ARG A 544 37.43 19.59 -14.10
C ARG A 544 36.41 19.26 -15.18
N PRO A 545 35.26 19.94 -15.19
CA PRO A 545 34.27 19.69 -16.25
C PRO A 545 34.82 20.04 -17.62
N SER A 546 34.33 19.30 -18.63
CA SER A 546 34.85 19.44 -19.98
C SER A 546 34.58 20.83 -20.54
N GLY A 547 33.40 21.37 -20.29
CA GLY A 547 33.07 22.71 -20.75
C GLY A 547 32.35 23.48 -19.67
N SER A 548 32.76 24.73 -19.50
CA SER A 548 32.13 25.62 -18.50
C SER A 548 32.26 27.05 -19.02
N PHE A 549 31.20 27.55 -19.66
CA PHE A 549 31.25 28.83 -20.35
C PHE A 549 30.08 29.69 -19.93
N ILE A 550 30.33 30.99 -19.79
CA ILE A 550 29.30 31.97 -19.49
C ILE A 550 28.83 32.59 -20.79
N PHE A 551 27.52 32.60 -21.01
CA PHE A 551 26.92 33.24 -22.18
C PHE A 551 26.16 34.47 -21.70
N ALA A 552 26.64 35.65 -22.12
CA ALA A 552 26.05 36.92 -21.75
C ALA A 552 25.71 37.74 -22.99
N GLY A 553 24.71 38.59 -22.84
CA GLY A 553 24.27 39.43 -23.92
C GLY A 553 22.75 39.51 -24.01
N PRO A 554 22.24 40.23 -25.00
CA PRO A 554 20.78 40.34 -25.16
C PRO A 554 20.17 39.00 -25.52
N SER A 555 18.91 38.82 -25.10
CA SER A 555 18.21 37.58 -25.40
C SER A 555 17.82 37.54 -26.87
N GLY A 556 17.87 36.34 -27.45
CA GLY A 556 17.48 36.15 -28.82
C GLY A 556 18.57 36.37 -29.85
N VAL A 557 19.78 36.72 -29.43
CA VAL A 557 20.88 36.91 -30.37
C VAL A 557 21.30 35.60 -31.02
N GLY A 558 20.93 34.47 -30.44
CA GLY A 558 21.24 33.18 -31.02
C GLY A 558 21.81 32.18 -30.04
N LYS A 559 21.79 32.52 -28.76
CA LYS A 559 22.43 31.69 -27.74
C LYS A 559 21.76 30.31 -27.64
N THR A 560 20.43 30.27 -27.73
CA THR A 560 19.72 29.00 -27.61
C THR A 560 20.04 28.06 -28.77
N GLU A 561 19.91 28.54 -30.00
CA GLU A 561 20.24 27.70 -31.14
C GLU A 561 21.74 27.45 -31.25
N LEU A 562 22.57 28.34 -30.67
CA LEU A 562 23.99 28.03 -30.54
C LEU A 562 24.20 26.82 -29.64
N SER A 563 23.48 26.76 -28.52
CA SER A 563 23.58 25.59 -27.64
C SER A 563 23.07 24.33 -28.34
N LYS A 564 21.99 24.45 -29.10
CA LYS A 564 21.50 23.30 -29.87
C LYS A 564 22.53 22.87 -30.92
N ALA A 565 23.24 23.82 -31.52
CA ALA A 565 24.28 23.48 -32.49
C ALA A 565 25.46 22.79 -31.82
N LEU A 566 25.82 23.21 -30.61
CA LEU A 566 26.80 22.47 -29.82
C LEU A 566 26.34 21.05 -29.54
N ALA A 567 25.06 20.88 -29.19
CA ALA A 567 24.53 19.55 -28.94
C ALA A 567 24.59 18.67 -30.18
N ASN A 568 24.27 19.24 -31.34
CA ASN A 568 24.33 18.49 -32.59
C ASN A 568 25.76 18.15 -32.98
N PHE A 569 26.69 19.10 -32.81
CA PHE A 569 28.06 18.89 -33.28
C PHE A 569 28.82 17.94 -32.38
N LEU A 570 28.64 18.07 -31.06
CA LEU A 570 29.44 17.29 -30.12
C LEU A 570 29.01 15.83 -30.09
N PHE A 571 27.71 15.56 -30.20
CA PHE A 571 27.19 14.22 -29.97
C PHE A 571 26.32 13.67 -31.08
N GLY A 572 26.04 14.44 -32.14
CA GLY A 572 25.24 13.96 -33.24
C GLY A 572 23.74 14.01 -33.02
N ASP A 573 23.29 14.40 -31.83
CA ASP A 573 21.86 14.45 -31.51
C ASP A 573 21.55 15.81 -30.89
N ASP A 574 20.44 16.40 -31.31
CA ASP A 574 20.03 17.69 -30.75
C ASP A 574 19.43 17.53 -29.36
N ASP A 575 18.88 16.36 -29.06
CA ASP A 575 18.24 16.10 -27.77
C ASP A 575 19.25 15.74 -26.68
N ALA A 576 20.54 15.64 -27.02
CA ALA A 576 21.56 15.37 -26.02
C ALA A 576 21.68 16.49 -25.00
N LEU A 577 21.27 17.71 -25.34
CA LEU A 577 21.30 18.83 -24.41
C LEU A 577 20.05 18.82 -23.55
N ILE A 578 20.19 19.28 -22.31
CA ILE A 578 19.09 19.35 -21.35
C ILE A 578 18.83 20.82 -21.05
N GLN A 579 17.54 21.18 -20.97
CA GLN A 579 17.10 22.54 -20.69
C GLN A 579 16.51 22.58 -19.29
N ILE A 580 17.20 23.24 -18.36
CA ILE A 580 16.72 23.43 -17.00
C ILE A 580 16.89 24.89 -16.62
N ASP A 581 15.86 25.46 -16.00
CA ASP A 581 15.85 26.86 -15.60
C ASP A 581 15.71 26.94 -14.08
N MET A 582 16.54 27.78 -13.45
CA MET A 582 16.48 27.96 -12.01
C MET A 582 15.55 29.09 -11.59
N GLY A 583 14.99 29.84 -12.54
CA GLY A 583 14.09 30.91 -12.18
C GLY A 583 12.81 30.43 -11.55
N GLU A 584 12.25 29.33 -12.04
CA GLU A 584 11.03 28.78 -11.47
C GLU A 584 11.31 28.03 -10.18
N PHE A 585 12.49 27.43 -10.06
CA PHE A 585 12.84 26.59 -8.93
C PHE A 585 13.74 27.40 -7.99
N HIS A 586 13.14 28.01 -6.98
CA HIS A 586 13.85 28.88 -6.05
C HIS A 586 14.14 28.20 -4.70
N ASP A 587 13.10 27.68 -4.05
CA ASP A 587 13.25 27.19 -2.69
C ASP A 587 13.93 25.81 -2.68
N ARG A 588 14.24 25.35 -1.47
CA ARG A 588 14.91 24.07 -1.29
C ARG A 588 14.01 22.90 -1.69
N PHE A 589 12.70 23.06 -1.57
CA PHE A 589 11.77 22.00 -1.97
C PHE A 589 11.89 21.70 -3.45
N THR A 590 11.99 22.74 -4.28
CA THR A 590 12.24 22.56 -5.69
C THR A 590 13.69 22.19 -5.98
N ALA A 591 14.62 22.60 -5.10
CA ALA A 591 16.01 22.21 -5.24
C ALA A 591 16.17 20.71 -5.05
N SER A 592 15.27 20.07 -4.31
CA SER A 592 15.28 18.62 -4.19
C SER A 592 15.05 17.97 -5.55
N ARG A 593 14.11 18.50 -6.33
CA ARG A 593 13.91 17.98 -7.69
C ARG A 593 15.00 18.44 -8.63
N LEU A 594 15.67 19.56 -8.32
CA LEU A 594 16.81 19.98 -9.12
C LEU A 594 17.97 19.01 -8.99
N PHE A 595 18.49 18.84 -7.78
CA PHE A 595 19.55 17.88 -7.52
C PHE A 595 19.20 16.90 -6.42
N GLY A 596 18.71 17.37 -5.27
CA GLY A 596 18.40 16.50 -4.16
C GLY A 596 18.32 17.24 -2.83
N GLY A 608 17.69 15.18 -9.50
CA GLY A 608 16.40 14.77 -10.02
C GLY A 608 16.43 14.42 -11.50
N GLN A 609 15.80 15.25 -12.32
CA GLN A 609 15.79 15.01 -13.75
C GLN A 609 17.17 15.23 -14.37
N LEU A 610 17.93 16.19 -13.83
CA LEU A 610 19.31 16.37 -14.26
C LEU A 610 20.15 15.14 -13.94
N THR A 611 19.96 14.58 -12.75
CA THR A 611 20.71 13.39 -12.35
C THR A 611 20.37 12.20 -13.23
N GLU A 612 19.08 12.00 -13.54
CA GLU A 612 18.68 10.90 -14.40
C GLU A 612 19.20 11.08 -15.82
N LYS A 613 19.17 12.32 -16.32
CA LYS A 613 19.67 12.60 -17.67
C LYS A 613 21.17 12.39 -17.79
N VAL A 614 21.94 12.82 -16.79
CA VAL A 614 23.38 12.56 -16.83
C VAL A 614 23.70 11.11 -16.52
N ARG A 615 22.80 10.39 -15.84
CA ARG A 615 22.98 8.98 -15.59
C ARG A 615 22.76 8.13 -16.84
N ARG A 616 21.72 8.43 -17.63
CA ARG A 616 21.48 7.65 -18.84
C ARG A 616 22.54 7.92 -19.90
N LYS A 617 23.09 9.14 -19.93
CA LYS A 617 24.19 9.45 -20.84
C LYS A 617 25.04 10.57 -20.27
N PRO A 618 26.27 10.27 -19.83
CA PRO A 618 27.13 11.32 -19.25
C PRO A 618 27.63 12.32 -20.26
N PHE A 619 27.66 11.97 -21.55
CA PHE A 619 28.17 12.86 -22.59
C PHE A 619 27.03 13.75 -23.06
N SER A 620 26.68 14.73 -22.22
CA SER A 620 25.55 15.61 -22.48
C SER A 620 25.94 17.04 -22.15
N VAL A 621 25.52 17.97 -23.00
CA VAL A 621 25.73 19.40 -22.71
C VAL A 621 24.61 19.87 -21.80
N VAL A 622 24.98 20.38 -20.63
CA VAL A 622 24.00 20.82 -19.64
C VAL A 622 23.91 22.33 -19.71
N LEU A 623 22.68 22.84 -19.81
CA LEU A 623 22.41 24.26 -19.95
C LEU A 623 21.80 24.79 -18.67
N PHE A 624 22.36 25.89 -18.16
CA PHE A 624 21.82 26.59 -16.99
C PHE A 624 21.30 27.95 -17.45
N ASP A 625 19.99 28.13 -17.37
CA ASP A 625 19.36 29.39 -17.72
C ASP A 625 18.97 30.15 -16.46
N GLU A 626 19.14 31.48 -16.53
CA GLU A 626 18.75 32.41 -15.47
C GLU A 626 19.42 32.05 -14.13
N ILE A 627 20.76 32.17 -14.13
CA ILE A 627 21.53 31.93 -12.92
C ILE A 627 21.48 33.10 -11.95
N GLU A 628 20.84 34.20 -12.33
CA GLU A 628 20.78 35.39 -11.48
C GLU A 628 19.85 35.17 -10.29
N LYS A 629 18.71 34.53 -10.52
CA LYS A 629 17.65 34.42 -9.53
C LYS A 629 17.74 33.14 -8.70
N ALA A 630 18.81 32.37 -8.86
CA ALA A 630 18.94 31.14 -8.10
C ALA A 630 19.22 31.44 -6.63
N HIS A 631 18.91 30.46 -5.78
CA HIS A 631 19.10 30.60 -4.35
C HIS A 631 20.56 30.32 -3.99
N GLN A 632 20.93 30.69 -2.75
CA GLN A 632 22.28 30.42 -2.27
C GLN A 632 22.54 28.93 -2.14
N GLU A 633 21.50 28.13 -1.87
CA GLU A 633 21.63 26.68 -1.94
C GLU A 633 22.01 26.24 -3.35
N ILE A 634 21.36 26.81 -4.35
CA ILE A 634 21.68 26.50 -5.74
C ILE A 634 23.10 26.94 -6.07
N TYR A 635 23.49 28.11 -5.55
CA TYR A 635 24.86 28.59 -5.76
C TYR A 635 25.89 27.63 -5.16
N ASN A 636 25.64 27.18 -3.93
CA ASN A 636 26.59 26.28 -3.27
C ASN A 636 26.69 24.95 -3.98
N SER A 637 25.54 24.38 -4.40
CA SER A 637 25.56 23.12 -5.12
C SER A 637 26.27 23.27 -6.46
N LEU A 638 25.98 24.36 -7.18
CA LEU A 638 26.62 24.59 -8.48
C LEU A 638 28.13 24.74 -8.33
N LEU A 639 28.57 25.52 -7.33
CA LEU A 639 30.00 25.69 -7.11
C LEU A 639 30.68 24.38 -6.74
N GLN A 640 30.07 23.59 -5.84
CA GLN A 640 30.74 22.36 -5.43
C GLN A 640 30.84 21.36 -6.58
N VAL A 641 29.76 21.22 -7.38
CA VAL A 641 29.84 20.43 -8.59
C VAL A 641 30.91 20.97 -9.52
N LEU A 642 31.02 22.30 -9.59
CA LEU A 642 31.94 22.93 -10.54
C LEU A 642 33.41 22.66 -10.18
N GLU A 643 33.76 22.66 -8.90
CA GLU A 643 35.15 22.30 -8.59
C GLU A 643 35.37 20.79 -8.64
N ASP A 644 34.63 20.00 -7.85
CA ASP A 644 35.05 18.60 -7.72
C ASP A 644 34.64 17.74 -8.92
N GLY A 645 33.85 18.28 -9.84
CA GLY A 645 33.38 17.50 -10.97
C GLY A 645 32.42 16.39 -10.61
N ARG A 646 31.93 16.39 -9.38
CA ARG A 646 31.07 15.32 -8.88
C ARG A 646 29.76 15.93 -8.40
N LEU A 647 28.74 15.10 -8.27
CA LEU A 647 27.45 15.54 -7.78
C LEU A 647 26.90 14.47 -6.85
N THR A 648 26.74 14.83 -5.57
CA THR A 648 26.17 13.94 -4.56
C THR A 648 24.72 14.33 -4.33
N ASP A 649 23.83 13.64 -5.02
CA ASP A 649 22.40 13.95 -4.98
C ASP A 649 21.77 13.36 -3.72
N GLY A 650 20.45 13.50 -3.60
CA GLY A 650 19.69 12.88 -2.53
C GLY A 650 19.35 11.42 -2.77
N GLN A 651 19.72 10.88 -3.93
CA GLN A 651 19.50 9.48 -4.25
C GLN A 651 20.68 8.61 -3.86
N GLY A 652 21.70 9.19 -3.23
CA GLY A 652 22.79 8.42 -2.67
C GLY A 652 23.76 7.77 -3.64
N ARG A 653 24.20 8.51 -4.66
CA ARG A 653 25.30 8.07 -5.49
C ARG A 653 26.02 9.29 -6.04
N THR A 654 27.29 9.09 -6.41
CA THR A 654 28.13 10.18 -6.92
C THR A 654 28.29 10.01 -8.42
N VAL A 655 27.57 10.83 -9.18
CA VAL A 655 27.59 10.75 -10.64
C VAL A 655 28.78 11.55 -11.17
N ASP A 656 29.25 11.19 -12.35
CA ASP A 656 30.39 11.84 -12.98
C ASP A 656 29.95 13.02 -13.83
N PHE A 657 30.60 14.17 -13.62
CA PHE A 657 30.38 15.36 -14.42
C PHE A 657 31.66 15.78 -15.15
N LYS A 658 32.53 14.82 -15.44
CA LYS A 658 33.78 15.12 -16.14
C LYS A 658 33.56 15.58 -17.57
N ASN A 659 32.81 14.84 -18.36
CA ASN A 659 32.72 15.10 -19.79
C ASN A 659 31.45 15.86 -20.19
N THR A 660 30.61 16.24 -19.24
CA THR A 660 29.50 17.10 -19.57
C THR A 660 30.00 18.52 -19.82
N VAL A 661 29.23 19.27 -20.60
CA VAL A 661 29.55 20.65 -20.93
C VAL A 661 28.56 21.54 -20.21
N LEU A 662 29.08 22.41 -19.34
CA LEU A 662 28.23 23.26 -18.52
C LEU A 662 28.05 24.60 -19.22
N ILE A 663 26.80 24.97 -19.46
CA ILE A 663 26.47 26.21 -20.16
C ILE A 663 25.63 27.07 -19.23
N PHE A 664 26.06 28.32 -19.03
CA PHE A 664 25.37 29.26 -18.16
C PHE A 664 24.94 30.45 -19.02
N THR A 665 23.76 30.33 -19.63
CA THR A 665 23.22 31.40 -20.46
C THR A 665 22.54 32.43 -19.56
N SER A 666 23.22 33.54 -19.34
CA SER A 666 22.78 34.59 -18.44
C SER A 666 22.47 35.86 -19.23
N ASN A 667 21.31 36.45 -18.97
CA ASN A 667 20.94 37.72 -19.59
C ASN A 667 21.40 38.91 -18.74
N LEU A 668 22.30 38.68 -17.80
CA LEU A 668 22.75 39.74 -16.90
C LEU A 668 23.91 40.50 -17.52
N GLY A 669 23.82 41.83 -17.49
CA GLY A 669 24.85 42.68 -18.04
C GLY A 669 24.83 42.75 -19.55
N ASP A 689 34.54 48.39 -27.10
CA ASP A 689 33.19 47.95 -26.79
C ASP A 689 33.20 46.58 -26.11
N TYR A 690 33.90 45.63 -26.74
CA TYR A 690 33.95 44.27 -26.20
C TYR A 690 34.69 44.23 -24.86
N GLU A 691 35.81 44.93 -24.76
CA GLU A 691 36.55 44.97 -23.50
C GLU A 691 35.78 45.71 -22.41
N ARG A 692 35.04 46.76 -22.79
CA ARG A 692 34.18 47.45 -21.83
C ARG A 692 33.11 46.53 -21.30
N MET A 693 32.51 45.72 -22.19
CA MET A 693 31.55 44.71 -21.75
C MET A 693 32.18 43.68 -20.83
N LYS A 694 33.42 43.26 -21.15
CA LYS A 694 34.14 42.33 -20.28
C LYS A 694 34.30 42.89 -18.88
N GLN A 695 34.77 44.14 -18.78
CA GLN A 695 34.97 44.77 -17.47
C GLN A 695 33.65 44.95 -16.73
N LYS A 696 32.60 45.37 -17.43
CA LYS A 696 31.30 45.56 -16.80
C LYS A 696 30.76 44.26 -16.22
N VAL A 697 30.76 43.19 -17.04
CA VAL A 697 30.21 41.93 -16.56
C VAL A 697 31.10 41.34 -15.47
N ASN A 698 32.41 41.55 -15.55
CA ASN A 698 33.30 41.01 -14.53
C ASN A 698 33.06 41.69 -13.18
N ASP A 699 33.03 43.03 -13.17
CA ASP A 699 32.79 43.74 -11.92
C ASP A 699 31.39 43.47 -11.36
N GLU A 700 30.39 43.44 -12.23
CA GLU A 700 29.02 43.18 -11.77
C GLU A 700 28.87 41.76 -11.22
N LEU A 701 29.49 40.77 -11.88
CA LEU A 701 29.40 39.40 -11.39
C LEU A 701 30.20 39.20 -10.11
N LYS A 702 31.35 39.89 -9.96
CA LYS A 702 32.08 39.74 -8.71
C LYS A 702 31.43 40.48 -7.56
N LYS A 703 30.64 41.53 -7.84
CA LYS A 703 29.88 42.15 -6.77
C LYS A 703 28.55 41.45 -6.50
N HIS A 704 28.09 40.59 -7.41
CA HIS A 704 26.94 39.72 -7.12
C HIS A 704 27.35 38.31 -6.73
N PHE A 705 28.07 37.60 -7.59
CA PHE A 705 28.52 36.26 -7.30
C PHE A 705 29.89 36.31 -6.61
N ARG A 706 30.29 35.19 -6.04
CA ARG A 706 31.58 35.08 -5.38
C ARG A 706 32.70 35.06 -6.39
N PRO A 707 33.87 35.60 -6.06
CA PRO A 707 35.00 35.59 -7.00
C PRO A 707 35.49 34.20 -7.36
N GLU A 708 35.22 33.20 -6.51
CA GLU A 708 35.54 31.82 -6.85
C GLU A 708 34.74 31.36 -8.06
N PHE A 709 33.47 31.74 -8.14
CA PHE A 709 32.64 31.40 -9.28
C PHE A 709 33.18 32.02 -10.57
N LEU A 710 33.63 33.27 -10.51
CA LEU A 710 34.15 33.94 -11.69
C LEU A 710 35.51 33.38 -12.10
N ASN A 711 36.37 33.09 -11.13
CA ASN A 711 37.72 32.65 -11.46
C ASN A 711 37.73 31.19 -11.91
N ARG A 712 36.87 30.35 -11.32
CA ARG A 712 36.79 28.95 -11.67
C ARG A 712 36.25 28.71 -13.08
N ILE A 713 35.40 29.59 -13.59
CA ILE A 713 34.83 29.39 -14.92
C ILE A 713 35.93 29.48 -15.97
N ASP A 714 35.69 28.83 -17.11
CA ASP A 714 36.72 28.71 -18.14
C ASP A 714 36.75 29.93 -19.06
N ASP A 715 35.63 30.22 -19.73
CA ASP A 715 35.55 31.31 -20.68
C ASP A 715 34.28 32.09 -20.46
N ILE A 716 34.36 33.42 -20.58
CA ILE A 716 33.20 34.30 -20.54
C ILE A 716 33.02 34.83 -21.96
N ILE A 717 31.84 34.57 -22.54
CA ILE A 717 31.52 34.95 -23.91
C ILE A 717 30.36 35.93 -23.87
N VAL A 718 30.56 37.10 -24.47
CA VAL A 718 29.57 38.17 -24.50
C VAL A 718 29.09 38.34 -25.93
N PHE A 719 27.77 38.39 -26.11
CA PHE A 719 27.15 38.54 -27.41
C PHE A 719 26.73 39.98 -27.63
N HIS A 720 27.05 40.51 -28.80
CA HIS A 720 26.61 41.84 -29.20
C HIS A 720 25.22 41.76 -29.79
N GLN A 721 24.71 42.90 -30.26
CA GLN A 721 23.41 42.95 -30.91
C GLN A 721 23.54 42.50 -32.37
N LEU A 722 22.47 41.90 -32.88
CA LEU A 722 22.47 41.45 -34.27
C LEU A 722 22.20 42.62 -35.20
N THR A 723 23.08 42.79 -36.18
CA THR A 723 22.90 43.84 -37.17
C THR A 723 21.77 43.44 -38.12
N ARG A 724 21.19 44.45 -38.80
CA ARG A 724 19.95 44.25 -39.54
C ARG A 724 20.08 43.19 -40.63
N GLU A 725 21.25 43.09 -41.28
CA GLU A 725 21.41 42.09 -42.31
C GLU A 725 21.50 40.68 -41.72
N GLU A 726 22.03 40.55 -40.51
CA GLU A 726 21.96 39.28 -39.80
C GLU A 726 20.52 38.89 -39.47
N ILE A 727 19.71 39.89 -39.10
CA ILE A 727 18.28 39.67 -38.90
C ILE A 727 17.62 39.23 -40.20
N ILE A 728 18.04 39.81 -41.32
CA ILE A 728 17.53 39.42 -42.63
C ILE A 728 17.91 37.98 -42.96
N ARG A 729 19.12 37.57 -42.57
CA ARG A 729 19.55 36.20 -42.84
C ARG A 729 18.81 35.19 -41.98
N MET A 730 18.51 35.56 -40.72
CA MET A 730 17.54 34.75 -39.96
C MET A 730 16.16 34.73 -40.59
N VAL A 731 15.68 35.85 -41.12
CA VAL A 731 14.39 35.87 -41.81
C VAL A 731 14.42 34.89 -42.98
N ASP A 732 15.55 34.84 -43.69
CA ASP A 732 15.77 33.84 -44.72
C ASP A 732 15.72 32.43 -44.14
N LEU A 733 16.31 32.23 -42.96
CA LEU A 733 16.33 30.89 -42.38
C LEU A 733 14.94 30.42 -41.97
N MET A 734 14.12 31.29 -41.38
CA MET A 734 12.75 30.87 -41.07
C MET A 734 11.91 30.71 -42.34
N ILE A 735 12.12 31.56 -43.35
CA ILE A 735 11.36 31.39 -44.58
C ILE A 735 11.81 30.14 -45.32
N SER A 736 13.02 29.65 -45.05
CA SER A 736 13.47 28.40 -45.64
C SER A 736 12.65 27.22 -45.13
N ARG A 737 12.45 27.13 -43.81
CA ARG A 737 11.63 26.05 -43.28
C ARG A 737 10.15 26.28 -43.57
N VAL A 738 9.74 27.54 -43.74
CA VAL A 738 8.37 27.80 -44.20
C VAL A 738 8.17 27.25 -45.60
N ALA A 739 9.12 27.49 -46.50
CA ALA A 739 9.06 26.92 -47.84
C ALA A 739 9.16 25.40 -47.81
N GLY A 740 9.95 24.85 -46.88
CA GLY A 740 10.04 23.40 -46.77
C GLY A 740 8.73 22.77 -46.34
N GLN A 741 8.02 23.39 -45.40
CA GLN A 741 6.73 22.89 -44.98
C GLN A 741 5.62 23.20 -45.99
N LEU A 742 5.85 24.16 -46.89
CA LEU A 742 4.86 24.49 -47.91
C LEU A 742 5.09 23.74 -49.23
N LYS A 743 6.27 23.15 -49.44
CA LYS A 743 6.57 22.51 -50.72
C LYS A 743 5.75 21.25 -50.97
N SER A 744 5.05 20.74 -49.95
CA SER A 744 4.18 19.58 -50.16
C SER A 744 2.99 19.94 -51.06
N LYS A 745 2.62 21.22 -51.10
CA LYS A 745 1.50 21.68 -51.92
C LYS A 745 1.96 22.52 -53.12
N ASP A 746 3.23 22.39 -53.53
CA ASP A 746 3.82 23.16 -54.62
C ASP A 746 3.66 24.66 -54.39
N MET A 747 3.85 25.06 -53.13
CA MET A 747 3.62 26.43 -52.69
C MET A 747 4.97 27.15 -52.65
N ALA A 748 5.23 27.95 -53.67
CA ALA A 748 6.54 28.59 -53.86
C ALA A 748 6.47 30.03 -53.34
N LEU A 749 7.06 30.26 -52.17
CA LEU A 749 7.01 31.55 -51.51
C LEU A 749 8.25 32.37 -51.92
N VAL A 750 8.01 33.55 -52.48
CA VAL A 750 9.06 34.49 -52.84
C VAL A 750 8.88 35.74 -51.99
N LEU A 751 9.96 36.18 -51.34
CA LEU A 751 9.91 37.25 -50.35
C LEU A 751 10.73 38.42 -50.87
N THR A 752 10.05 39.51 -51.24
CA THR A 752 10.70 40.67 -51.81
C THR A 752 11.45 41.46 -50.74
N ASP A 753 12.33 42.35 -51.20
CA ASP A 753 13.20 43.11 -50.29
C ASP A 753 12.40 44.02 -49.37
N ALA A 754 11.36 44.67 -49.90
CA ALA A 754 10.48 45.45 -49.04
C ALA A 754 9.77 44.55 -48.05
N ALA A 755 9.33 43.36 -48.49
CA ALA A 755 8.76 42.38 -47.57
C ALA A 755 9.79 41.93 -46.54
N LYS A 756 11.05 41.77 -46.96
CA LYS A 756 12.11 41.44 -46.00
C LYS A 756 12.25 42.52 -44.93
N ALA A 757 12.24 43.79 -45.35
CA ALA A 757 12.37 44.89 -44.41
C ALA A 757 11.19 44.95 -43.45
N LEU A 758 9.97 44.75 -43.96
CA LEU A 758 8.80 44.78 -43.09
C LEU A 758 8.79 43.60 -42.11
N LEU A 759 9.18 42.41 -42.57
CA LEU A 759 9.21 41.26 -41.66
C LEU A 759 10.28 41.44 -40.60
N ALA A 760 11.42 42.02 -40.97
CA ALA A 760 12.45 42.32 -39.97
C ALA A 760 11.98 43.38 -38.98
N LYS A 761 11.26 44.39 -39.47
CA LYS A 761 10.79 45.46 -38.59
C LYS A 761 9.74 44.96 -37.60
N ARG A 762 8.80 44.15 -38.06
CA ARG A 762 7.78 43.63 -37.16
C ARG A 762 8.31 42.50 -36.28
N GLY A 763 9.28 41.73 -36.74
CA GLY A 763 9.73 40.57 -36.02
C GLY A 763 10.78 40.82 -34.96
N PHE A 764 11.46 41.96 -35.04
CA PHE A 764 12.53 42.29 -34.10
C PHE A 764 12.08 43.45 -33.21
N ASP A 765 12.09 43.23 -31.91
CA ASP A 765 11.91 44.29 -30.93
C ASP A 765 13.21 44.41 -30.13
N PRO A 766 13.91 45.56 -30.21
CA PRO A 766 15.20 45.67 -29.49
C PRO A 766 15.09 45.48 -27.98
N VAL A 767 13.98 45.89 -27.37
CA VAL A 767 13.80 45.66 -25.95
C VAL A 767 13.57 44.18 -25.65
N LEU A 768 12.88 43.48 -26.56
CA LEU A 768 12.61 42.05 -26.39
C LEU A 768 13.61 41.17 -27.12
N GLY A 769 14.56 41.74 -27.84
CA GLY A 769 15.49 40.93 -28.60
C GLY A 769 14.81 40.30 -29.81
N ALA A 770 15.48 39.32 -30.39
CA ALA A 770 14.95 38.62 -31.56
C ALA A 770 14.04 37.46 -31.21
N ARG A 771 13.87 37.16 -29.91
CA ARG A 771 12.99 36.09 -29.43
C ARG A 771 11.56 36.14 -29.98
N PRO A 772 10.92 37.33 -30.17
CA PRO A 772 9.57 37.32 -30.77
C PRO A 772 9.51 36.93 -32.24
N LEU A 773 10.59 36.39 -32.83
CA LEU A 773 10.55 35.97 -34.22
C LEU A 773 9.51 34.87 -34.43
N ARG A 774 9.46 33.91 -33.50
CA ARG A 774 8.55 32.77 -33.67
C ARG A 774 7.10 33.21 -33.51
N ARG A 775 6.84 34.15 -32.59
CA ARG A 775 5.54 34.80 -32.54
C ARG A 775 5.20 35.50 -33.84
N THR A 776 6.07 36.39 -34.31
CA THR A 776 5.69 37.32 -35.36
C THR A 776 5.54 36.60 -36.71
N ILE A 777 6.53 35.78 -37.08
CA ILE A 777 6.61 35.24 -38.43
C ILE A 777 5.46 34.30 -38.75
N GLN A 778 4.77 33.76 -37.74
CA GLN A 778 3.64 32.92 -38.04
C GLN A 778 2.39 33.73 -38.36
N ARG A 779 2.01 34.71 -37.53
CA ARG A 779 0.75 35.41 -37.79
C ARG A 779 0.93 36.54 -38.78
N GLU A 780 2.15 36.81 -39.25
CA GLU A 780 2.28 37.79 -40.32
C GLU A 780 2.39 37.16 -41.70
N ILE A 781 2.69 35.86 -41.79
CA ILE A 781 2.86 35.22 -43.09
C ILE A 781 1.98 33.97 -43.19
N GLU A 782 2.15 33.04 -42.24
CA GLU A 782 1.57 31.70 -42.39
C GLU A 782 0.06 31.74 -42.30
N ASP A 783 -0.49 32.50 -41.34
CA ASP A 783 -1.94 32.56 -41.20
C ASP A 783 -2.58 33.25 -42.40
N GLN A 784 -1.94 34.29 -42.92
CA GLN A 784 -2.46 34.99 -44.09
C GLN A 784 -2.45 34.10 -45.33
N LEU A 785 -1.34 33.37 -45.56
CA LEU A 785 -1.32 32.45 -46.70
C LEU A 785 -2.30 31.31 -46.50
N SER A 786 -2.52 30.90 -45.24
CA SER A 786 -3.49 29.85 -44.96
C SER A 786 -4.90 30.29 -45.30
N GLU A 787 -5.29 31.49 -44.87
CA GLU A 787 -6.65 31.95 -45.16
C GLU A 787 -6.81 32.32 -46.62
N LYS A 788 -5.73 32.70 -47.31
CA LYS A 788 -5.82 32.91 -48.75
C LYS A 788 -5.96 31.58 -49.50
N ILE A 789 -5.32 30.53 -49.00
CA ILE A 789 -5.52 29.19 -49.56
C ILE A 789 -6.95 28.73 -49.35
N LEU A 790 -7.49 28.97 -48.15
CA LEU A 790 -8.86 28.57 -47.83
C LEU A 790 -9.87 29.31 -48.69
N PHE A 791 -9.65 30.62 -48.91
CA PHE A 791 -10.57 31.42 -49.70
C PHE A 791 -10.24 31.41 -51.19
N GLU A 792 -9.27 30.59 -51.60
CA GLU A 792 -8.97 30.30 -53.00
C GLU A 792 -8.49 31.52 -53.79
N GLU A 793 -7.79 32.46 -53.15
CA GLU A 793 -7.18 33.53 -53.92
C GLU A 793 -5.98 33.02 -54.72
N VAL A 794 -5.20 32.10 -54.15
CA VAL A 794 -4.06 31.50 -54.83
C VAL A 794 -4.16 29.98 -54.66
N GLY A 795 -3.56 29.27 -55.61
CA GLY A 795 -3.62 27.82 -55.61
C GLY A 795 -2.25 27.18 -55.69
N PRO A 796 -2.22 25.86 -55.80
CA PRO A 796 -0.93 25.15 -55.88
C PRO A 796 -0.25 25.35 -57.22
N GLY A 797 1.08 25.32 -57.18
CA GLY A 797 1.87 25.43 -58.39
C GLY A 797 2.11 26.83 -58.90
N GLN A 798 1.66 27.86 -58.17
CA GLN A 798 1.90 29.24 -58.56
C GLN A 798 2.85 29.90 -57.57
N VAL A 799 3.82 30.62 -58.10
CA VAL A 799 4.77 31.35 -57.26
C VAL A 799 4.06 32.57 -56.67
N VAL A 800 4.35 32.87 -55.41
CA VAL A 800 3.79 34.05 -54.75
C VAL A 800 4.95 34.97 -54.40
N THR A 801 5.07 36.05 -55.17
CA THR A 801 6.03 37.12 -54.89
C THR A 801 5.31 38.16 -54.04
N VAL A 802 5.31 37.95 -52.73
CA VAL A 802 4.55 38.79 -51.81
C VAL A 802 5.26 40.14 -51.68
N ASP A 803 4.48 41.20 -51.78
CA ASP A 803 4.99 42.57 -51.72
C ASP A 803 4.16 43.34 -50.71
N VAL A 804 4.74 44.42 -50.19
CA VAL A 804 4.14 45.20 -49.11
C VAL A 804 4.21 46.68 -49.47
N ASP A 805 3.16 47.42 -49.12
CA ASP A 805 3.03 48.81 -49.48
C ASP A 805 3.16 49.71 -48.25
N ASN A 806 2.94 51.01 -48.47
CA ASN A 806 2.82 52.08 -47.48
C ASN A 806 4.12 52.43 -46.76
N TRP A 807 5.22 51.69 -46.98
CA TRP A 807 6.51 52.08 -46.41
C TRP A 807 7.60 51.46 -47.26
N ASP A 808 8.32 52.29 -48.01
CA ASP A 808 9.45 51.84 -48.83
C ASP A 808 10.74 52.54 -48.47
N GLY A 809 10.80 53.20 -47.31
CA GLY A 809 12.00 53.90 -46.89
C GLY A 809 11.90 54.43 -45.47
N ASP A 815 0.65 50.20 -40.23
CA ASP A 815 -0.29 50.65 -41.24
C ASP A 815 0.07 50.10 -42.62
N ALA A 816 1.25 49.48 -42.72
CA ALA A 816 1.69 48.91 -43.98
C ALA A 816 0.88 47.67 -44.30
N VAL A 817 0.36 47.61 -45.52
CA VAL A 817 -0.43 46.48 -46.01
C VAL A 817 0.41 45.70 -47.01
N PHE A 818 0.35 44.37 -46.92
CA PHE A 818 1.13 43.48 -47.77
C PHE A 818 0.20 42.68 -48.67
N THR A 819 0.61 42.49 -49.92
CA THR A 819 -0.19 41.83 -50.94
C THR A 819 0.49 40.53 -51.37
N PHE A 820 -0.30 39.49 -51.59
CA PHE A 820 0.21 38.18 -52.00
C PHE A 820 0.12 38.04 -53.51
N THR A 821 0.98 38.78 -54.19
CA THR A 821 1.03 38.72 -55.65
C THR A 821 1.79 37.49 -56.12
N SER B 168 6.55 -46.46 9.87
CA SER B 168 7.81 -46.01 9.28
C SER B 168 7.76 -46.10 7.77
N LEU B 169 6.88 -46.96 7.24
CA LEU B 169 6.79 -47.15 5.80
C LEU B 169 6.17 -45.96 5.08
N VAL B 170 5.53 -45.05 5.81
CA VAL B 170 4.95 -43.85 5.23
C VAL B 170 5.75 -42.60 5.58
N LEU B 171 6.39 -42.61 6.74
CA LEU B 171 7.06 -41.41 7.25
C LEU B 171 8.36 -41.09 6.52
N ASP B 172 9.04 -42.11 5.97
CA ASP B 172 10.29 -41.86 5.27
C ASP B 172 10.08 -41.07 3.99
N GLN B 173 8.91 -41.22 3.35
CA GLN B 173 8.62 -40.47 2.13
C GLN B 173 8.31 -39.00 2.40
N PHE B 174 8.11 -38.62 3.65
CA PHE B 174 7.82 -37.24 4.01
C PHE B 174 8.74 -36.67 5.06
N GLY B 175 9.59 -37.49 5.68
CA GLY B 175 10.48 -37.01 6.72
C GLY B 175 11.81 -37.75 6.68
N ARG B 176 12.74 -37.26 7.48
CA ARG B 176 14.07 -37.85 7.60
C ARG B 176 14.31 -38.22 9.05
N ASN B 177 14.81 -39.45 9.26
CA ASN B 177 15.07 -39.92 10.62
C ASN B 177 16.39 -39.35 11.11
N LEU B 178 16.31 -38.41 12.06
CA LEU B 178 17.52 -37.91 12.70
C LEU B 178 18.14 -38.93 13.64
N THR B 179 17.32 -39.82 14.20
CA THR B 179 17.86 -40.92 15.01
C THR B 179 18.69 -41.86 14.15
N ALA B 180 18.20 -42.18 12.95
CA ALA B 180 19.00 -42.99 12.03
C ALA B 180 20.25 -42.24 11.57
N ALA B 181 20.17 -40.92 11.44
CA ALA B 181 21.37 -40.12 11.20
C ALA B 181 22.30 -40.17 12.40
N ALA B 182 21.73 -40.18 13.61
CA ALA B 182 22.55 -40.30 14.81
C ALA B 182 23.17 -41.68 14.96
N MET B 183 22.62 -42.69 14.28
CA MET B 183 23.22 -44.02 14.30
C MET B 183 24.63 -43.98 13.70
N GLU B 184 24.78 -43.30 12.57
CA GLU B 184 26.05 -43.24 11.86
C GLU B 184 26.88 -42.01 12.22
N GLY B 185 26.37 -41.14 13.09
CA GLY B 185 27.10 -39.95 13.46
C GLY B 185 27.31 -38.95 12.34
N LYS B 186 26.29 -38.75 11.50
CA LYS B 186 26.38 -37.79 10.41
C LYS B 186 26.17 -36.35 10.88
N LEU B 187 25.79 -36.15 12.14
CA LEU B 187 25.57 -34.81 12.68
C LEU B 187 26.79 -34.36 13.47
N ASP B 188 27.09 -33.07 13.39
CA ASP B 188 28.22 -32.53 14.12
C ASP B 188 27.95 -32.55 15.62
N PRO B 189 28.96 -32.81 16.45
CA PRO B 189 28.77 -32.74 17.91
C PRO B 189 28.38 -31.34 18.35
N VAL B 190 27.59 -31.28 19.42
CA VAL B 190 27.07 -30.02 19.95
C VAL B 190 27.71 -29.80 21.32
N ILE B 191 28.29 -28.62 21.51
CA ILE B 191 29.07 -28.31 22.71
C ILE B 191 28.43 -27.11 23.41
N GLY B 192 28.19 -27.26 24.70
CA GLY B 192 27.83 -26.13 25.55
C GLY B 192 26.37 -25.73 25.52
N ARG B 193 25.48 -26.56 25.01
CA ARG B 193 24.06 -26.25 24.96
C ARG B 193 23.29 -27.11 25.95
N GLU B 194 23.87 -27.33 27.14
CA GLU B 194 23.25 -28.18 28.14
C GLU B 194 21.96 -27.57 28.68
N LYS B 195 21.95 -26.26 28.91
CA LYS B 195 20.76 -25.61 29.47
C LYS B 195 19.58 -25.67 28.50
N GLU B 196 19.82 -25.38 27.22
CA GLU B 196 18.75 -25.44 26.24
C GLU B 196 18.24 -26.87 26.05
N ILE B 197 19.16 -27.85 26.04
CA ILE B 197 18.75 -29.22 25.80
C ILE B 197 17.99 -29.76 27.01
N GLU B 198 18.39 -29.36 28.22
CA GLU B 198 17.64 -29.84 29.38
C GLU B 198 16.29 -29.16 29.46
N ARG B 199 16.19 -27.89 29.06
CA ARG B 199 14.90 -27.22 29.05
C ARG B 199 13.95 -27.85 28.03
N VAL B 200 14.42 -28.13 26.82
CA VAL B 200 13.56 -28.75 25.82
C VAL B 200 13.18 -30.17 26.25
N MET B 201 14.12 -30.87 26.90
CA MET B 201 13.81 -32.20 27.42
C MET B 201 12.77 -32.14 28.53
N GLN B 202 12.80 -31.07 29.33
CA GLN B 202 11.76 -30.85 30.34
C GLN B 202 10.41 -30.61 29.70
N VAL B 203 10.37 -29.81 28.64
CA VAL B 203 9.09 -29.51 27.99
C VAL B 203 8.53 -30.76 27.33
N LEU B 204 9.39 -31.61 26.76
CA LEU B 204 8.93 -32.88 26.20
C LEU B 204 8.42 -33.85 27.26
N SER B 205 8.70 -33.60 28.54
CA SER B 205 8.23 -34.47 29.60
C SER B 205 6.86 -34.09 30.14
N ARG B 206 6.22 -33.08 29.57
CA ARG B 206 4.93 -32.64 30.05
C ARG B 206 3.81 -33.53 29.54
N ARG B 207 2.68 -33.49 30.24
CA ARG B 207 1.50 -34.26 29.84
C ARG B 207 0.69 -33.51 28.80
N THR B 208 0.29 -32.27 29.11
CA THR B 208 -0.53 -31.47 28.23
C THR B 208 0.31 -30.32 27.68
N LYS B 209 0.21 -30.11 26.36
CA LYS B 209 0.92 -29.06 25.64
C LYS B 209 2.43 -29.16 25.87
N ASN B 210 2.98 -30.29 25.44
CA ASN B 210 4.40 -30.60 25.59
C ASN B 210 5.22 -30.22 24.38
N ASN B 211 4.83 -29.15 23.69
CA ASN B 211 5.42 -28.78 22.40
C ASN B 211 6.22 -27.49 22.54
N PRO B 212 7.55 -27.56 22.62
CA PRO B 212 8.36 -26.35 22.67
C PRO B 212 8.75 -25.87 21.29
N VAL B 213 9.11 -24.59 21.23
CA VAL B 213 9.62 -23.98 20.01
C VAL B 213 10.95 -23.33 20.34
N LEU B 214 11.96 -23.59 19.50
CA LEU B 214 13.28 -23.03 19.70
C LEU B 214 13.34 -21.67 19.01
N ILE B 215 12.93 -20.63 19.71
CA ILE B 215 13.00 -19.26 19.20
C ILE B 215 14.44 -18.79 19.36
N GLY B 216 15.02 -18.29 18.27
CA GLY B 216 16.40 -17.88 18.29
C GLY B 216 16.78 -17.18 17.01
N GLU B 217 17.88 -16.43 17.10
CA GLU B 217 18.42 -15.73 15.95
C GLU B 217 18.94 -16.75 14.93
N PRO B 218 18.75 -16.49 13.64
CA PRO B 218 19.18 -17.47 12.62
C PRO B 218 20.71 -17.54 12.55
N GLY B 219 21.22 -18.75 12.63
CA GLY B 219 22.65 -18.96 12.66
C GLY B 219 23.23 -19.23 14.04
N VAL B 220 22.38 -19.28 15.08
CA VAL B 220 22.85 -19.63 16.41
C VAL B 220 22.94 -21.15 16.59
N GLY B 221 22.18 -21.92 15.83
CA GLY B 221 22.19 -23.36 15.99
C GLY B 221 20.90 -23.90 16.56
N LYS B 222 19.77 -23.36 16.10
CA LYS B 222 18.48 -23.92 16.47
C LYS B 222 18.34 -25.36 15.99
N THR B 223 18.78 -25.64 14.76
CA THR B 223 18.84 -27.02 14.28
C THR B 223 19.91 -27.80 15.01
N ALA B 224 20.96 -27.13 15.47
CA ALA B 224 22.02 -27.80 16.22
C ALA B 224 21.51 -28.31 17.56
N VAL B 225 20.53 -27.60 18.15
CA VAL B 225 19.92 -28.09 19.39
C VAL B 225 19.18 -29.39 19.15
N VAL B 226 18.48 -29.49 18.02
CA VAL B 226 17.76 -30.71 17.68
C VAL B 226 18.74 -31.84 17.40
N GLU B 227 19.85 -31.52 16.72
CA GLU B 227 20.88 -32.53 16.49
C GLU B 227 21.50 -33.00 17.79
N GLY B 228 21.71 -32.09 18.74
CA GLY B 228 22.18 -32.47 20.05
C GLY B 228 21.18 -33.33 20.80
N LEU B 229 19.89 -33.07 20.60
CA LEU B 229 18.86 -33.96 21.16
C LEU B 229 18.97 -35.36 20.59
N ALA B 230 19.20 -35.46 19.27
CA ALA B 230 19.39 -36.76 18.64
C ALA B 230 20.63 -37.45 19.19
N GLN B 231 21.70 -36.69 19.41
CA GLN B 231 22.92 -37.27 19.97
C GLN B 231 22.71 -37.73 21.40
N ALA B 232 21.90 -37.00 22.17
CA ALA B 232 21.56 -37.43 23.52
C ALA B 232 20.72 -38.70 23.49
N ILE B 233 19.84 -38.82 22.50
CA ILE B 233 19.02 -40.02 22.37
C ILE B 233 19.88 -41.23 22.05
N VAL B 234 20.79 -41.09 21.08
CA VAL B 234 21.64 -42.21 20.71
C VAL B 234 22.63 -42.56 21.81
N HIS B 235 23.14 -41.56 22.55
CA HIS B 235 24.02 -41.83 23.68
C HIS B 235 23.27 -42.23 24.92
N GLY B 236 21.96 -41.99 24.98
CA GLY B 236 21.11 -42.57 26.01
C GLY B 236 21.23 -41.99 27.39
N GLU B 237 21.48 -40.68 27.53
CA GLU B 237 21.45 -40.06 28.84
C GLU B 237 20.13 -39.37 29.15
N VAL B 238 19.14 -39.48 28.26
CA VAL B 238 17.82 -38.89 28.47
C VAL B 238 17.07 -39.68 29.54
N PRO B 239 16.11 -39.09 30.24
CA PRO B 239 15.32 -39.86 31.22
C PRO B 239 14.38 -40.87 30.56
N GLU B 240 13.61 -41.59 31.37
CA GLU B 240 12.84 -42.72 30.89
C GLU B 240 11.76 -42.31 29.89
N THR B 241 11.32 -41.06 29.94
CA THR B 241 10.25 -40.62 29.05
C THR B 241 10.72 -40.40 27.61
N LEU B 242 12.02 -40.44 27.34
CA LEU B 242 12.54 -40.36 25.98
C LEU B 242 13.37 -41.57 25.56
N LYS B 243 13.35 -42.66 26.33
CA LYS B 243 14.07 -43.86 25.92
C LYS B 243 13.42 -44.50 24.70
N ASP B 244 14.27 -44.90 23.73
CA ASP B 244 13.88 -45.66 22.54
C ASP B 244 12.78 -44.96 21.76
N LYS B 245 13.02 -43.68 21.47
CA LYS B 245 12.10 -42.87 20.69
C LYS B 245 12.85 -42.24 19.54
N GLN B 246 12.31 -42.38 18.34
CA GLN B 246 12.93 -41.87 17.12
C GLN B 246 12.56 -40.40 16.95
N LEU B 247 13.55 -39.58 16.60
CA LEU B 247 13.34 -38.17 16.33
C LEU B 247 13.31 -37.96 14.83
N TYR B 248 12.14 -37.63 14.29
CA TYR B 248 11.96 -37.41 12.87
C TYR B 248 11.72 -35.94 12.59
N THR B 249 12.47 -35.37 11.65
CA THR B 249 12.14 -34.06 11.12
C THR B 249 11.01 -34.19 10.11
N LEU B 250 10.20 -33.15 9.98
CA LEU B 250 9.05 -33.16 9.09
C LEU B 250 9.31 -32.20 7.93
N ASP B 251 9.16 -32.71 6.71
CA ASP B 251 9.27 -31.89 5.51
C ASP B 251 7.85 -31.52 5.10
N LEU B 252 7.46 -30.28 5.39
CA LEU B 252 6.14 -29.79 5.03
C LEU B 252 5.96 -29.69 3.53
N GLY B 253 7.03 -29.42 2.78
CA GLY B 253 6.92 -29.31 1.33
C GLY B 253 6.54 -30.62 0.69
N SER B 254 7.18 -31.72 1.11
CA SER B 254 6.87 -33.03 0.56
C SER B 254 5.45 -33.45 0.89
N LEU B 255 4.91 -32.99 2.02
CA LEU B 255 3.51 -33.24 2.35
C LEU B 255 2.57 -32.54 1.38
N VAL B 256 2.90 -31.31 0.97
CA VAL B 256 2.01 -30.49 0.17
C VAL B 256 2.39 -30.54 -1.31
N ALA B 257 3.45 -31.26 -1.67
CA ALA B 257 3.94 -31.23 -3.03
C ALA B 257 3.05 -32.00 -3.99
N GLY B 258 2.97 -33.32 -3.84
CA GLY B 258 2.16 -34.06 -4.79
C GLY B 258 0.75 -34.25 -4.30
N SER B 259 -0.13 -33.32 -4.68
CA SER B 259 -1.56 -33.46 -4.42
C SER B 259 -2.37 -33.43 -5.72
N ARG B 260 -2.21 -32.37 -6.52
CA ARG B 260 -2.94 -32.15 -7.78
C ARG B 260 -4.46 -32.12 -7.57
N TYR B 261 -4.89 -32.05 -6.32
CA TYR B 261 -6.28 -32.20 -5.92
C TYR B 261 -6.48 -31.37 -4.66
N ARG B 262 -7.55 -31.67 -3.92
CA ARG B 262 -7.84 -30.98 -2.66
C ARG B 262 -7.65 -31.88 -1.45
N GLY B 263 -7.86 -33.18 -1.57
CA GLY B 263 -7.90 -34.07 -0.44
C GLY B 263 -6.65 -34.89 -0.19
N ASP B 264 -5.64 -34.78 -1.07
CA ASP B 264 -4.42 -35.56 -0.88
C ASP B 264 -3.65 -35.09 0.34
N PHE B 265 -3.57 -33.77 0.55
CA PHE B 265 -2.79 -33.23 1.66
C PHE B 265 -3.36 -33.64 3.01
N GLU B 266 -4.67 -33.49 3.19
CA GLU B 266 -5.29 -33.87 4.46
C GLU B 266 -5.21 -35.37 4.69
N GLU B 267 -5.38 -36.17 3.62
CA GLU B 267 -5.26 -37.62 3.76
C GLU B 267 -3.85 -38.02 4.16
N ARG B 268 -2.84 -37.41 3.54
CA ARG B 268 -1.46 -37.70 3.90
C ARG B 268 -1.16 -37.29 5.34
N LEU B 269 -1.62 -36.11 5.75
CA LEU B 269 -1.38 -35.66 7.11
C LEU B 269 -2.07 -36.56 8.13
N LYS B 270 -3.31 -36.97 7.83
CA LYS B 270 -4.03 -37.87 8.74
C LYS B 270 -3.36 -39.24 8.80
N LYS B 271 -2.84 -39.72 7.67
CA LYS B 271 -2.11 -40.99 7.68
C LYS B 271 -0.84 -40.87 8.53
N VAL B 272 -0.12 -39.76 8.41
CA VAL B 272 1.09 -39.55 9.19
C VAL B 272 0.77 -39.51 10.68
N LEU B 273 -0.29 -38.76 11.04
CA LEU B 273 -0.66 -38.66 12.44
C LEU B 273 -1.17 -39.99 12.98
N LYS B 274 -1.86 -40.78 12.17
CA LYS B 274 -2.26 -42.12 12.57
C LYS B 274 -1.06 -43.01 12.82
N GLU B 275 -0.04 -42.89 11.95
CA GLU B 275 1.20 -43.65 12.17
C GLU B 275 1.88 -43.25 13.46
N ILE B 276 1.92 -41.94 13.75
CA ILE B 276 2.54 -41.48 15.00
C ILE B 276 1.76 -42.00 16.20
N ASN B 277 0.42 -41.96 16.13
CA ASN B 277 -0.40 -42.43 17.23
C ASN B 277 -0.23 -43.93 17.45
N THR B 278 -0.17 -44.71 16.37
CA THR B 278 -0.05 -46.15 16.51
C THR B 278 1.37 -46.60 16.81
N ARG B 279 2.37 -45.74 16.63
CA ARG B 279 3.73 -46.05 17.03
C ARG B 279 4.05 -45.57 18.44
N GLY B 280 3.84 -44.28 18.70
CA GLY B 280 4.03 -43.74 20.03
C GLY B 280 5.46 -43.52 20.46
N ASP B 281 6.42 -43.60 19.53
CA ASP B 281 7.82 -43.41 19.85
C ASP B 281 8.47 -42.45 18.86
N ILE B 282 7.69 -41.50 18.34
CA ILE B 282 8.16 -40.55 17.35
C ILE B 282 7.95 -39.14 17.89
N ILE B 283 8.98 -38.31 17.78
CA ILE B 283 8.91 -36.90 18.13
C ILE B 283 9.16 -36.10 16.86
N LEU B 284 8.27 -35.17 16.55
CA LEU B 284 8.36 -34.42 15.31
C LEU B 284 9.22 -33.17 15.50
N PHE B 285 9.90 -32.79 14.42
CA PHE B 285 10.59 -31.51 14.34
C PHE B 285 10.20 -30.84 13.04
N ILE B 286 9.78 -29.59 13.10
CA ILE B 286 9.27 -28.86 11.95
C ILE B 286 10.18 -27.67 11.69
N ASP B 287 11.04 -27.79 10.68
CA ASP B 287 11.84 -26.65 10.26
C ASP B 287 10.95 -25.63 9.58
N GLU B 288 11.23 -24.34 9.85
CA GLU B 288 10.41 -23.22 9.39
C GLU B 288 8.95 -23.40 9.82
N LEU B 289 8.76 -23.21 11.13
CA LEU B 289 7.49 -23.48 11.78
C LEU B 289 6.35 -22.63 11.23
N HIS B 290 6.61 -21.40 10.81
CA HIS B 290 5.55 -20.48 10.40
C HIS B 290 4.81 -20.95 9.15
N THR B 291 5.37 -21.90 8.40
CA THR B 291 4.68 -22.49 7.27
C THR B 291 3.57 -23.46 7.70
N LEU B 292 3.46 -23.75 9.00
CA LEU B 292 2.37 -24.61 9.46
C LEU B 292 1.01 -23.97 9.23
N VAL B 293 0.88 -22.67 9.52
CA VAL B 293 -0.34 -21.95 9.18
C VAL B 293 -0.31 -21.64 7.69
N GLY B 294 -1.44 -21.89 7.02
CA GLY B 294 -1.48 -21.77 5.58
C GLY B 294 -0.61 -22.80 4.87
N ALA B 295 -0.56 -24.03 5.38
CA ALA B 295 0.22 -25.10 4.76
C ALA B 295 -0.57 -25.73 3.61
N GLY B 296 -0.83 -24.90 2.61
CA GLY B 296 -1.73 -25.27 1.53
C GLY B 296 -3.09 -24.66 1.78
N ALA B 297 -3.36 -23.53 1.11
CA ALA B 297 -4.59 -22.77 1.35
C ALA B 297 -5.24 -22.50 -0.01
N ALA B 298 -6.09 -23.43 -0.42
CA ALA B 298 -6.84 -23.30 -1.66
C ALA B 298 -8.26 -22.85 -1.34
N GLU B 299 -9.11 -22.85 -2.37
CA GLU B 299 -10.50 -22.44 -2.17
C GLU B 299 -11.23 -23.43 -1.26
N GLY B 300 -11.05 -24.73 -1.49
CA GLY B 300 -11.71 -25.74 -0.69
C GLY B 300 -10.74 -26.59 0.10
N ALA B 301 -9.71 -25.96 0.67
CA ALA B 301 -8.68 -26.67 1.42
C ALA B 301 -8.66 -26.18 2.86
N ILE B 302 -8.35 -27.11 3.77
CA ILE B 302 -8.21 -26.81 5.19
C ILE B 302 -6.74 -27.00 5.55
N ASP B 303 -6.16 -25.99 6.17
CA ASP B 303 -4.72 -25.99 6.43
C ASP B 303 -4.33 -27.04 7.48
N ALA B 304 -3.05 -27.39 7.48
CA ALA B 304 -2.54 -28.38 8.42
C ALA B 304 -2.59 -27.87 9.85
N ALA B 305 -2.50 -26.55 10.03
CA ALA B 305 -2.44 -25.97 11.37
C ALA B 305 -3.70 -26.28 12.16
N SER B 306 -4.87 -26.09 11.55
CA SER B 306 -6.12 -26.38 12.24
C SER B 306 -6.28 -27.87 12.50
N ILE B 307 -5.69 -28.71 11.66
CA ILE B 307 -5.73 -30.16 11.90
C ILE B 307 -4.88 -30.50 13.12
N LEU B 308 -3.72 -29.88 13.26
CA LEU B 308 -2.83 -30.22 14.36
C LEU B 308 -3.14 -29.46 15.64
N LYS B 309 -4.05 -28.47 15.59
CA LYS B 309 -4.44 -27.78 16.81
C LYS B 309 -5.04 -28.70 17.88
N PRO B 310 -6.05 -29.54 17.61
CA PRO B 310 -6.54 -30.42 18.68
C PRO B 310 -5.52 -31.46 19.11
N LYS B 311 -4.68 -31.93 18.20
CA LYS B 311 -3.67 -32.91 18.55
C LYS B 311 -2.61 -32.34 19.49
N LEU B 312 -2.25 -31.07 19.32
CA LEU B 312 -1.26 -30.48 20.20
C LEU B 312 -1.91 -29.89 21.45
N ALA B 313 -3.22 -29.63 21.41
CA ALA B 313 -3.89 -29.06 22.56
C ALA B 313 -3.93 -30.04 23.74
N ARG B 314 -4.36 -31.27 23.49
CA ARG B 314 -4.42 -32.26 24.57
C ARG B 314 -3.04 -32.82 24.89
N GLY B 315 -2.21 -33.02 23.85
CA GLY B 315 -0.84 -33.41 24.08
C GLY B 315 -0.45 -34.81 23.62
N GLU B 316 -1.33 -35.48 22.88
CA GLU B 316 -0.96 -36.80 22.35
C GLU B 316 0.01 -36.71 21.19
N LEU B 317 0.25 -35.51 20.66
CA LEU B 317 1.23 -35.29 19.61
C LEU B 317 2.36 -34.44 20.18
N GLN B 318 3.58 -34.89 20.02
CA GLN B 318 4.76 -34.21 20.57
C GLN B 318 5.61 -33.71 19.41
N THR B 319 5.81 -32.40 19.34
CA THR B 319 6.59 -31.78 18.28
C THR B 319 7.47 -30.67 18.83
N ILE B 320 8.52 -30.34 18.08
CA ILE B 320 9.43 -29.24 18.40
C ILE B 320 9.63 -28.40 17.15
N GLY B 321 9.93 -27.11 17.33
CA GLY B 321 10.10 -26.21 16.23
C GLY B 321 11.22 -25.20 16.43
N ALA B 322 11.72 -24.68 15.32
CA ALA B 322 12.77 -23.67 15.31
C ALA B 322 12.30 -22.48 14.49
N THR B 323 12.42 -21.28 15.05
CA THR B 323 11.85 -20.10 14.41
C THR B 323 12.65 -18.86 14.78
N THR B 324 12.97 -18.06 13.77
CA THR B 324 13.56 -16.74 13.97
C THR B 324 12.54 -15.83 14.65
N LEU B 325 13.03 -15.00 15.59
CA LEU B 325 12.17 -14.09 16.33
C LEU B 325 11.38 -13.16 15.41
N ASP B 326 12.02 -12.69 14.34
CA ASP B 326 11.32 -11.80 13.40
C ASP B 326 10.15 -12.51 12.74
N GLU B 327 10.39 -13.68 12.14
CA GLU B 327 9.32 -14.42 11.48
C GLU B 327 8.33 -14.98 12.49
N TYR B 328 8.81 -15.27 13.72
CA TYR B 328 7.93 -15.57 14.84
C TYR B 328 6.89 -14.48 15.03
N ARG B 329 7.35 -13.23 15.13
CA ARG B 329 6.44 -12.11 15.31
C ARG B 329 5.57 -11.85 14.09
N LYS B 330 6.11 -12.08 12.88
CA LYS B 330 5.33 -11.87 11.67
C LYS B 330 4.17 -12.86 11.56
N TYR B 331 4.40 -14.13 11.85
CA TYR B 331 3.41 -15.16 11.52
C TYR B 331 2.87 -15.89 12.73
N ILE B 332 3.73 -16.35 13.64
CA ILE B 332 3.26 -17.18 14.75
C ILE B 332 2.44 -16.34 15.72
N GLU B 333 2.89 -15.12 16.00
CA GLU B 333 2.16 -14.26 16.93
C GLU B 333 0.80 -13.86 16.38
N LYS B 334 0.67 -13.71 15.06
CA LYS B 334 -0.60 -13.31 14.45
C LYS B 334 -1.69 -14.34 14.64
N ASP B 335 -1.34 -15.60 14.89
CA ASP B 335 -2.30 -16.66 15.17
C ASP B 335 -2.08 -17.08 16.62
N ALA B 336 -2.92 -16.57 17.51
CA ALA B 336 -2.78 -16.85 18.93
C ALA B 336 -3.04 -18.32 19.27
N ALA B 337 -3.77 -19.04 18.42
CA ALA B 337 -4.05 -20.45 18.69
C ALA B 337 -2.78 -21.29 18.60
N LEU B 338 -1.96 -21.06 17.56
CA LEU B 338 -0.68 -21.77 17.48
C LEU B 338 0.29 -21.29 18.55
N GLU B 339 0.22 -20.02 18.92
CA GLU B 339 1.01 -19.52 20.04
C GLU B 339 0.64 -20.22 21.33
N ARG B 340 -0.64 -20.59 21.48
CA ARG B 340 -1.10 -21.22 22.70
C ARG B 340 -0.45 -22.59 22.91
N ARG B 341 -0.43 -23.42 21.86
CA ARG B 341 0.05 -24.79 22.02
C ARG B 341 1.57 -24.87 22.17
N PHE B 342 2.29 -23.77 21.96
CA PHE B 342 3.74 -23.78 21.86
C PHE B 342 4.37 -23.06 23.04
N GLN B 343 5.45 -23.64 23.57
CA GLN B 343 6.23 -23.10 24.68
C GLN B 343 7.50 -22.46 24.14
N PRO B 344 7.68 -21.15 24.30
CA PRO B 344 8.88 -20.50 23.77
C PRO B 344 10.13 -20.90 24.55
N VAL B 345 11.14 -21.35 23.81
CA VAL B 345 12.45 -21.67 24.38
C VAL B 345 13.47 -20.80 23.66
N GLN B 346 14.12 -19.91 24.40
CA GLN B 346 15.02 -18.92 23.82
C GLN B 346 16.42 -19.52 23.72
N VAL B 347 16.98 -19.52 22.51
CA VAL B 347 18.33 -19.99 22.27
C VAL B 347 19.19 -18.75 22.03
N GLY B 348 19.92 -18.34 23.07
CA GLY B 348 20.66 -17.10 23.00
C GLY B 348 21.98 -17.21 22.24
N GLU B 349 22.55 -16.05 21.97
CA GLU B 349 23.84 -15.99 21.27
C GLU B 349 24.93 -16.63 22.13
N PRO B 350 25.79 -17.47 21.55
CA PRO B 350 26.92 -18.01 22.33
C PRO B 350 27.88 -16.91 22.73
N THR B 351 28.54 -17.12 23.87
CA THR B 351 29.55 -16.18 24.33
C THR B 351 30.88 -16.46 23.61
N VAL B 352 31.90 -15.69 23.98
CA VAL B 352 33.21 -15.83 23.35
C VAL B 352 33.81 -17.20 23.67
N GLU B 353 33.83 -17.56 24.97
CA GLU B 353 34.36 -18.86 25.36
C GLU B 353 33.47 -19.99 24.87
N HIS B 354 32.17 -19.73 24.75
CA HIS B 354 31.26 -20.71 24.15
C HIS B 354 31.63 -20.95 22.69
N THR B 355 31.93 -19.88 21.96
CA THR B 355 32.37 -20.02 20.57
C THR B 355 33.69 -20.79 20.49
N ILE B 356 34.61 -20.52 21.42
CA ILE B 356 35.88 -21.24 21.46
C ILE B 356 35.64 -22.73 21.69
N GLU B 357 34.76 -23.07 22.63
CA GLU B 357 34.47 -24.47 22.91
C GLU B 357 33.82 -25.17 21.72
N ILE B 358 32.90 -24.48 21.04
CA ILE B 358 32.26 -25.05 19.86
C ILE B 358 33.28 -25.28 18.76
N LEU B 359 34.21 -24.32 18.58
CA LEU B 359 35.25 -24.47 17.58
C LEU B 359 36.18 -25.63 17.92
N LYS B 360 36.50 -25.80 19.22
CA LYS B 360 37.29 -26.94 19.64
C LYS B 360 36.57 -28.25 19.36
N GLY B 361 35.25 -28.28 19.52
CA GLY B 361 34.49 -29.47 19.20
C GLY B 361 34.49 -29.78 17.71
N LEU B 362 34.33 -28.75 16.88
CA LEU B 362 34.25 -28.93 15.43
C LEU B 362 35.60 -29.07 14.77
N ARG B 363 36.69 -28.84 15.52
CA ARG B 363 38.04 -28.90 14.96
C ARG B 363 38.35 -30.26 14.37
N ASP B 364 37.94 -31.33 15.04
CA ASP B 364 38.24 -32.68 14.57
C ASP B 364 37.61 -32.94 13.20
N ARG B 365 36.32 -32.63 13.07
CA ARG B 365 35.64 -32.87 11.79
C ARG B 365 36.15 -31.94 10.70
N TYR B 366 36.54 -30.72 11.06
CA TYR B 366 37.00 -29.80 10.01
C TYR B 366 38.41 -30.16 9.54
N GLU B 367 39.26 -30.67 10.44
CA GLU B 367 40.53 -31.22 9.98
C GLU B 367 40.34 -32.49 9.17
N ALA B 368 39.34 -33.29 9.52
CA ALA B 368 39.04 -34.48 8.73
C ALA B 368 38.56 -34.09 7.33
N HIS B 369 37.85 -32.97 7.20
CA HIS B 369 37.35 -32.54 5.90
C HIS B 369 38.45 -31.89 5.07
N HIS B 370 39.18 -30.94 5.64
CA HIS B 370 40.09 -30.11 4.85
C HIS B 370 41.55 -30.58 4.90
N ARG B 371 41.86 -31.60 5.69
CA ARG B 371 43.23 -32.14 5.82
C ARG B 371 44.22 -31.07 6.25
N VAL B 372 43.80 -30.20 7.17
CA VAL B 372 44.63 -29.10 7.63
C VAL B 372 44.84 -29.20 9.14
N SER B 373 45.62 -28.28 9.70
CA SER B 373 45.95 -28.28 11.11
C SER B 373 45.59 -26.92 11.70
N ILE B 374 44.83 -26.93 12.79
CA ILE B 374 44.39 -25.71 13.45
C ILE B 374 44.85 -25.74 14.91
N THR B 375 45.49 -24.67 15.35
CA THR B 375 45.96 -24.57 16.72
C THR B 375 44.97 -23.79 17.58
N ASP B 376 45.26 -23.73 18.88
CA ASP B 376 44.35 -23.07 19.83
C ASP B 376 44.26 -21.57 19.55
N ALA B 377 45.42 -20.92 19.36
CA ALA B 377 45.42 -19.50 19.03
C ALA B 377 44.69 -19.21 17.73
N ALA B 378 44.64 -20.18 16.81
CA ALA B 378 43.97 -19.98 15.54
C ALA B 378 42.47 -19.73 15.75
N MET B 379 41.75 -20.66 16.40
CA MET B 379 40.33 -20.39 16.53
C MET B 379 40.04 -19.39 17.62
N VAL B 380 40.96 -19.18 18.57
CA VAL B 380 40.78 -18.07 19.53
C VAL B 380 40.76 -16.74 18.79
N ALA B 381 41.75 -16.52 17.93
CA ALA B 381 41.80 -15.30 17.13
C ALA B 381 40.62 -15.23 16.17
N ALA B 382 40.21 -16.37 15.62
CA ALA B 382 39.07 -16.39 14.72
C ALA B 382 37.80 -15.94 15.43
N ALA B 383 37.58 -16.45 16.65
CA ALA B 383 36.41 -16.07 17.43
C ALA B 383 36.44 -14.58 17.77
N THR B 384 37.61 -14.07 18.18
CA THR B 384 37.64 -12.67 18.62
C THR B 384 37.49 -11.73 17.42
N LEU B 385 38.05 -12.08 16.25
CA LEU B 385 37.82 -11.23 15.09
C LEU B 385 36.41 -11.38 14.55
N ALA B 386 35.79 -12.55 14.75
CA ALA B 386 34.42 -12.74 14.29
C ALA B 386 33.44 -11.92 15.10
N ASP B 387 33.55 -11.95 16.43
CA ASP B 387 32.56 -11.24 17.24
C ASP B 387 32.94 -9.78 17.45
N ARG B 388 34.18 -9.39 17.15
CA ARG B 388 34.54 -7.99 17.32
C ARG B 388 34.26 -7.16 16.06
N TYR B 389 34.20 -7.79 14.89
CA TYR B 389 34.13 -7.00 13.68
C TYR B 389 32.86 -7.22 12.87
N ILE B 390 32.44 -8.47 12.68
CA ILE B 390 31.30 -8.75 11.82
C ILE B 390 29.99 -8.41 12.55
N ASN B 391 29.20 -7.54 11.94
CA ASN B 391 27.87 -7.18 12.44
C ASN B 391 26.84 -7.40 11.33
N ASP B 392 26.98 -8.53 10.64
CA ASP B 392 26.04 -8.92 9.60
C ASP B 392 25.54 -10.35 9.73
N ARG B 393 26.23 -11.19 10.49
CA ARG B 393 25.76 -12.53 10.82
C ARG B 393 25.95 -12.73 12.32
N PHE B 394 25.77 -13.96 12.78
CA PHE B 394 25.65 -14.23 14.21
C PHE B 394 26.49 -15.43 14.60
N LEU B 395 26.89 -15.44 15.88
CA LEU B 395 27.66 -16.54 16.43
C LEU B 395 26.82 -17.81 16.50
N PRO B 396 27.44 -19.00 16.38
CA PRO B 396 28.86 -19.26 16.14
C PRO B 396 29.21 -19.44 14.68
N ASP B 397 28.23 -19.27 13.78
CA ASP B 397 28.45 -19.61 12.37
C ASP B 397 29.43 -18.66 11.69
N LYS B 398 29.66 -17.47 12.27
CA LYS B 398 30.65 -16.57 11.70
C LYS B 398 32.06 -17.14 11.85
N ALA B 399 32.42 -17.61 13.06
CA ALA B 399 33.73 -18.20 13.27
C ALA B 399 33.86 -19.51 12.50
N ILE B 400 32.76 -20.25 12.39
CA ILE B 400 32.75 -21.47 11.59
C ILE B 400 33.05 -21.15 10.13
N ASP B 401 32.44 -20.08 9.61
CA ASP B 401 32.70 -19.66 8.23
C ASP B 401 34.15 -19.24 8.06
N LEU B 402 34.70 -18.52 9.04
CA LEU B 402 36.10 -18.12 8.98
C LEU B 402 37.02 -19.34 8.92
N ILE B 403 36.80 -20.31 9.80
CA ILE B 403 37.65 -21.51 9.82
C ILE B 403 37.50 -22.31 8.52
N ASP B 404 36.27 -22.45 8.04
CA ASP B 404 36.04 -23.21 6.81
C ASP B 404 36.67 -22.51 5.61
N GLU B 405 36.58 -21.19 5.55
CA GLU B 405 37.19 -20.45 4.44
C GLU B 405 38.71 -20.52 4.49
N ALA B 406 39.29 -20.45 5.70
CA ALA B 406 40.74 -20.60 5.82
C ALA B 406 41.20 -21.99 5.37
N GLY B 407 40.49 -23.03 5.81
CA GLY B 407 40.83 -24.37 5.36
C GLY B 407 40.66 -24.54 3.87
N ALA B 408 39.62 -23.93 3.29
CA ALA B 408 39.42 -23.98 1.85
C ALA B 408 40.55 -23.29 1.11
N ARG B 409 41.00 -22.13 1.60
CA ARG B 409 42.09 -21.43 0.94
C ARG B 409 43.38 -22.23 1.01
N MET B 410 43.65 -22.85 2.17
CA MET B 410 44.82 -23.73 2.26
C MET B 410 44.72 -24.91 1.29
N ARG B 411 43.53 -25.49 1.16
CA ARG B 411 43.34 -26.58 0.22
C ARG B 411 43.57 -26.13 -1.22
N ILE B 412 43.09 -24.95 -1.57
CA ILE B 412 43.22 -24.48 -2.95
C ILE B 412 44.67 -24.13 -3.26
N ARG B 413 45.35 -23.41 -2.37
CA ARG B 413 46.76 -23.07 -2.62
C ARG B 413 47.63 -24.32 -2.59
N ARG B 414 47.21 -25.33 -1.83
CA ARG B 414 47.91 -26.61 -1.87
C ARG B 414 47.75 -27.30 -3.21
N MET B 415 46.60 -27.11 -3.87
CA MET B 415 46.37 -27.69 -5.19
C MET B 415 46.76 -26.70 -6.28
N VAL B 476 52.50 -30.63 5.53
CA VAL B 476 51.07 -30.48 5.77
C VAL B 476 50.67 -29.01 5.70
N ALA B 477 49.39 -28.74 5.95
CA ALA B 477 48.85 -27.39 5.93
C ALA B 477 48.42 -26.99 7.34
N GLU B 478 48.90 -25.83 7.79
CA GLU B 478 48.60 -25.32 9.12
C GLU B 478 47.84 -24.01 8.99
N VAL B 479 46.75 -23.89 9.74
CA VAL B 479 45.93 -22.70 9.76
C VAL B 479 46.24 -21.93 11.04
N ASP B 480 46.73 -20.69 10.88
CA ASP B 480 47.09 -19.87 12.03
C ASP B 480 46.41 -18.51 11.96
N ASP B 481 46.82 -17.59 12.83
CA ASP B 481 46.17 -16.28 12.91
C ASP B 481 46.40 -15.45 11.64
N GLU B 482 47.54 -15.61 10.98
CA GLU B 482 47.81 -14.86 9.76
C GLU B 482 46.83 -15.24 8.65
N GLN B 483 46.57 -16.54 8.48
CA GLN B 483 45.70 -17.00 7.41
C GLN B 483 44.27 -16.52 7.63
N ILE B 484 43.75 -16.67 8.85
CA ILE B 484 42.37 -16.25 9.12
C ILE B 484 42.27 -14.73 9.09
N ALA B 485 43.34 -14.03 9.45
CA ALA B 485 43.35 -12.57 9.32
C ALA B 485 43.26 -12.15 7.86
N GLU B 486 43.99 -12.84 6.99
CA GLU B 486 43.89 -12.57 5.55
C GLU B 486 42.52 -12.93 5.02
N VAL B 487 41.90 -13.99 5.56
CA VAL B 487 40.53 -14.35 5.18
C VAL B 487 39.58 -13.23 5.55
N LEU B 488 39.72 -12.68 6.76
CA LEU B 488 38.86 -11.59 7.20
C LEU B 488 39.05 -10.35 6.33
N GLY B 489 40.31 -10.03 6.01
CA GLY B 489 40.58 -8.87 5.17
C GLY B 489 40.03 -9.04 3.77
N ASN B 490 40.10 -10.25 3.22
CA ASN B 490 39.49 -10.52 1.93
C ASN B 490 37.98 -10.45 2.00
N TRP B 491 37.40 -10.88 3.13
CA TRP B 491 35.94 -10.97 3.23
C TRP B 491 35.30 -9.59 3.42
N THR B 492 35.61 -8.93 4.52
CA THR B 492 34.90 -7.71 4.88
C THR B 492 35.69 -6.44 4.60
N GLY B 493 36.97 -6.54 4.28
CA GLY B 493 37.76 -5.38 3.94
C GLY B 493 38.36 -4.62 5.11
N ILE B 494 38.13 -5.07 6.35
CA ILE B 494 38.77 -4.45 7.50
C ILE B 494 40.23 -4.87 7.50
N PRO B 495 41.19 -3.94 7.43
CA PRO B 495 42.59 -4.34 7.43
C PRO B 495 43.07 -4.70 8.83
N VAL B 496 43.18 -6.01 9.10
CA VAL B 496 43.70 -6.53 10.37
C VAL B 496 44.62 -7.67 9.99
N PHE B 497 45.93 -7.41 9.98
CA PHE B 497 46.92 -8.41 9.65
C PHE B 497 48.09 -8.28 10.60
N LYS B 498 48.87 -9.36 10.71
CA LYS B 498 50.11 -9.29 11.46
C LYS B 498 51.08 -8.35 10.76
N LEU B 499 51.68 -7.45 11.53
CA LEU B 499 52.46 -6.35 10.97
C LEU B 499 53.79 -6.89 10.45
N THR B 500 53.91 -6.98 9.13
CA THR B 500 55.16 -7.36 8.51
C THR B 500 56.11 -6.15 8.47
N GLU B 501 57.34 -6.39 8.03
CA GLU B 501 58.34 -5.33 7.98
C GLU B 501 57.95 -4.23 7.01
N ALA B 502 57.42 -4.61 5.83
CA ALA B 502 56.98 -3.61 4.86
C ALA B 502 55.83 -2.77 5.42
N GLU B 503 54.87 -3.42 6.08
CA GLU B 503 53.73 -2.69 6.62
C GLU B 503 54.14 -1.74 7.72
N THR B 504 55.03 -2.18 8.63
CA THR B 504 55.41 -1.29 9.72
C THR B 504 56.33 -0.17 9.23
N THR B 505 57.14 -0.42 8.21
CA THR B 505 57.93 0.67 7.62
C THR B 505 57.03 1.68 6.93
N ARG B 506 55.98 1.20 6.25
CA ARG B 506 55.01 2.12 5.65
C ARG B 506 54.27 2.92 6.71
N LEU B 507 53.91 2.27 7.82
CA LEU B 507 53.24 2.98 8.91
C LEU B 507 54.15 4.00 9.56
N LEU B 508 55.46 3.73 9.62
CA LEU B 508 56.38 4.71 10.19
C LEU B 508 56.61 5.86 9.23
N ARG B 509 56.71 5.59 7.93
CA ARG B 509 57.09 6.59 6.94
C ARG B 509 55.88 7.25 6.30
N MET B 510 54.67 6.93 6.73
CA MET B 510 53.49 7.56 6.14
C MET B 510 53.41 9.05 6.45
N GLU B 511 54.16 9.53 7.44
CA GLU B 511 54.36 10.98 7.59
C GLU B 511 54.87 11.60 6.30
N GLU B 512 56.06 11.17 5.85
CA GLU B 512 56.60 11.70 4.61
C GLU B 512 55.77 11.29 3.40
N GLU B 513 55.09 10.14 3.47
CA GLU B 513 54.23 9.72 2.38
C GLU B 513 53.06 10.70 2.20
N LEU B 514 52.45 11.12 3.30
CA LEU B 514 51.43 12.16 3.22
C LEU B 514 52.04 13.50 2.86
N HIS B 515 53.29 13.74 3.23
CA HIS B 515 53.97 14.97 2.81
C HIS B 515 54.18 15.04 1.31
N LYS B 516 54.08 13.92 0.60
CA LYS B 516 54.14 13.96 -0.85
C LYS B 516 52.94 14.67 -1.47
N ARG B 517 51.78 14.63 -0.80
CA ARG B 517 50.59 15.32 -1.31
C ARG B 517 50.08 16.43 -0.41
N ILE B 518 50.56 16.53 0.83
CA ILE B 518 50.13 17.56 1.76
C ILE B 518 51.37 18.30 2.23
N ILE B 519 51.36 19.62 2.15
CA ILE B 519 52.57 20.40 2.40
C ILE B 519 52.48 20.95 3.82
N GLY B 520 53.64 21.11 4.45
CA GLY B 520 53.72 21.71 5.78
C GLY B 520 52.85 20.98 6.79
N GLN B 521 52.30 21.75 7.73
CA GLN B 521 51.25 21.31 8.66
C GLN B 521 51.66 20.04 9.39
N GLU B 522 52.81 20.14 10.08
CA GLU B 522 53.39 18.98 10.74
C GLU B 522 52.51 18.47 11.85
N ASP B 523 51.79 19.36 12.54
CA ASP B 523 50.91 18.96 13.63
C ASP B 523 49.80 18.04 13.14
N ALA B 524 49.15 18.41 12.04
CA ALA B 524 48.03 17.62 11.53
C ALA B 524 48.49 16.25 11.06
N VAL B 525 49.57 16.21 10.28
CA VAL B 525 50.06 14.94 9.75
C VAL B 525 50.58 14.06 10.87
N LYS B 526 51.23 14.66 11.87
CA LYS B 526 51.70 13.90 13.03
C LYS B 526 50.53 13.31 13.81
N ALA B 527 49.46 14.09 14.02
CA ALA B 527 48.29 13.59 14.74
C ALA B 527 47.63 12.45 13.97
N VAL B 528 47.53 12.60 12.64
CA VAL B 528 46.98 11.55 11.80
C VAL B 528 47.84 10.29 11.91
N SER B 529 49.17 10.47 11.90
CA SER B 529 50.09 9.34 12.01
C SER B 529 49.92 8.62 13.34
N LYS B 530 49.81 9.38 14.43
CA LYS B 530 49.62 8.76 15.74
C LYS B 530 48.30 8.01 15.80
N ALA B 531 47.24 8.59 15.26
CA ALA B 531 45.93 7.93 15.28
C ALA B 531 45.95 6.64 14.47
N ILE B 532 46.53 6.68 13.26
CA ILE B 532 46.52 5.50 12.41
C ILE B 532 47.44 4.42 12.98
N ARG B 533 48.56 4.81 13.59
CA ARG B 533 49.44 3.82 14.20
C ARG B 533 48.80 3.19 15.42
N ARG B 534 48.06 3.98 16.20
CA ARG B 534 47.35 3.44 17.36
C ARG B 534 46.25 2.48 16.93
N THR B 535 45.49 2.83 15.90
CA THR B 535 44.39 1.94 15.49
C THR B 535 44.90 0.74 14.73
N ARG B 536 46.10 0.82 14.13
CA ARG B 536 46.68 -0.35 13.50
C ARG B 536 47.42 -1.24 14.48
N ALA B 537 47.81 -0.70 15.64
CA ALA B 537 48.40 -1.52 16.68
C ALA B 537 47.38 -2.38 17.41
N GLY B 538 46.08 -2.09 17.24
CA GLY B 538 45.05 -2.71 18.05
C GLY B 538 44.88 -2.09 19.41
N LEU B 539 45.66 -1.06 19.74
CA LEU B 539 45.59 -0.41 21.04
C LEU B 539 44.61 0.77 20.97
N LYS B 540 43.36 0.42 20.68
CA LYS B 540 42.27 1.38 20.62
C LYS B 540 41.07 0.81 21.36
N ASP B 541 40.16 1.69 21.74
CA ASP B 541 38.92 1.27 22.38
C ASP B 541 38.04 0.56 21.36
N PRO B 542 37.61 -0.67 21.61
CA PRO B 542 36.63 -1.30 20.71
C PRO B 542 35.31 -0.54 20.62
N LYS B 543 34.97 0.25 21.63
CA LYS B 543 33.72 1.00 21.59
C LYS B 543 33.81 2.19 20.65
N ARG B 544 34.70 3.13 20.94
CA ARG B 544 34.82 4.37 20.19
C ARG B 544 35.41 4.13 18.81
N PRO B 545 35.14 5.03 17.85
CA PRO B 545 35.73 4.88 16.50
C PRO B 545 37.24 5.01 16.49
N SER B 546 37.83 4.81 15.30
CA SER B 546 39.28 4.93 15.16
C SER B 546 39.75 6.34 15.46
N GLY B 547 39.02 7.35 14.97
CA GLY B 547 39.40 8.72 15.21
C GLY B 547 38.27 9.69 15.01
N SER B 548 38.13 10.66 15.92
CA SER B 548 37.11 11.70 15.84
C SER B 548 37.84 13.03 15.90
N PHE B 549 38.05 13.64 14.73
CA PHE B 549 38.90 14.81 14.60
C PHE B 549 38.10 15.93 13.94
N ILE B 550 38.47 17.17 14.22
CA ILE B 550 37.87 18.34 13.57
C ILE B 550 39.00 19.27 13.13
N PHE B 551 38.85 19.85 11.95
CA PHE B 551 39.79 20.84 11.45
C PHE B 551 39.18 22.23 11.53
N ALA B 552 40.04 23.23 11.76
CA ALA B 552 39.66 24.63 11.64
C ALA B 552 40.81 25.38 10.95
N GLY B 553 40.45 26.41 10.20
CA GLY B 553 41.43 27.22 9.53
C GLY B 553 40.90 27.98 8.33
N PRO B 554 41.76 28.79 7.70
CA PRO B 554 41.35 29.54 6.50
C PRO B 554 40.92 28.64 5.34
N SER B 555 40.20 29.21 4.39
CA SER B 555 39.71 28.46 3.25
C SER B 555 40.84 28.12 2.29
N GLY B 556 40.73 26.96 1.65
CA GLY B 556 41.66 26.54 0.63
C GLY B 556 43.08 26.35 1.10
N VAL B 557 43.28 25.77 2.28
CA VAL B 557 44.59 25.57 2.86
C VAL B 557 45.05 24.13 2.75
N GLY B 558 44.12 23.18 2.80
CA GLY B 558 44.48 21.78 2.74
C GLY B 558 43.71 20.91 3.71
N LYS B 559 42.71 21.50 4.38
CA LYS B 559 41.91 20.77 5.35
C LYS B 559 41.17 19.60 4.70
N THR B 560 40.60 19.82 3.51
CA THR B 560 39.84 18.79 2.82
C THR B 560 40.72 17.95 1.91
N GLU B 561 41.83 18.50 1.42
CA GLU B 561 42.76 17.72 0.60
C GLU B 561 43.45 16.64 1.43
N LEU B 562 43.70 16.93 2.71
CA LEU B 562 44.28 15.94 3.60
C LEU B 562 43.38 14.71 3.72
N SER B 563 42.06 14.91 3.61
CA SER B 563 41.14 13.77 3.64
C SER B 563 41.36 12.86 2.45
N LYS B 564 41.53 13.44 1.25
CA LYS B 564 41.83 12.61 0.08
C LYS B 564 43.18 11.93 0.23
N ALA B 565 44.16 12.63 0.81
CA ALA B 565 45.47 12.03 1.02
C ALA B 565 45.40 10.82 1.93
N LEU B 566 44.67 10.95 3.05
CA LEU B 566 44.51 9.83 3.98
C LEU B 566 43.74 8.69 3.32
N ALA B 567 42.69 9.02 2.57
CA ALA B 567 41.90 7.97 1.92
C ALA B 567 42.73 7.23 0.88
N ASN B 568 43.55 7.95 0.13
CA ASN B 568 44.39 7.30 -0.87
C ASN B 568 45.51 6.48 -0.23
N PHE B 569 46.03 6.91 0.92
CA PHE B 569 47.05 6.11 1.58
C PHE B 569 46.48 4.83 2.14
N LEU B 570 45.37 4.91 2.87
CA LEU B 570 44.80 3.71 3.49
C LEU B 570 44.16 2.79 2.45
N PHE B 571 43.55 3.36 1.42
CA PHE B 571 42.63 2.63 0.56
C PHE B 571 43.16 2.39 -0.84
N GLY B 572 44.05 3.26 -1.32
CA GLY B 572 44.48 3.20 -2.70
C GLY B 572 43.54 3.88 -3.68
N ASP B 573 42.47 4.49 -3.19
CA ASP B 573 41.47 5.13 -4.04
C ASP B 573 41.20 6.53 -3.49
N ASP B 574 41.27 7.53 -4.36
CA ASP B 574 40.92 8.89 -3.96
C ASP B 574 39.43 9.02 -3.70
N ASP B 575 38.60 8.34 -4.49
CA ASP B 575 37.15 8.50 -4.40
C ASP B 575 36.49 7.51 -3.46
N ALA B 576 37.27 6.65 -2.77
CA ALA B 576 36.70 5.73 -1.80
C ALA B 576 36.18 6.44 -0.56
N LEU B 577 36.54 7.70 -0.35
CA LEU B 577 36.06 8.46 0.79
C LEU B 577 34.59 8.81 0.59
N ILE B 578 33.79 8.61 1.64
CA ILE B 578 32.39 9.00 1.61
C ILE B 578 32.28 10.40 2.18
N GLN B 579 32.01 11.38 1.33
CA GLN B 579 31.93 12.78 1.74
C GLN B 579 30.48 13.24 1.66
N ILE B 580 30.04 13.98 2.68
CA ILE B 580 28.69 14.52 2.75
C ILE B 580 28.80 16.01 3.03
N ASP B 581 28.13 16.81 2.21
CA ASP B 581 28.18 18.27 2.34
C ASP B 581 27.15 18.69 3.37
N MET B 582 27.53 19.63 4.23
CA MET B 582 26.61 20.19 5.21
C MET B 582 25.83 21.37 4.65
N GLY B 583 26.09 21.75 3.40
CA GLY B 583 25.33 22.78 2.74
C GLY B 583 24.00 22.34 2.19
N GLU B 584 23.68 21.05 2.31
CA GLU B 584 22.40 20.51 1.88
C GLU B 584 21.36 20.53 3.00
N PHE B 585 21.78 20.38 4.25
CA PHE B 585 20.87 20.23 5.38
C PHE B 585 20.95 21.51 6.21
N HIS B 586 19.79 22.14 6.45
CA HIS B 586 19.75 23.36 7.24
C HIS B 586 18.55 23.40 8.19
N ASP B 587 17.91 22.27 8.46
CA ASP B 587 16.71 22.25 9.28
C ASP B 587 16.54 20.87 9.89
N ARG B 588 15.45 20.72 10.65
CA ARG B 588 15.14 19.44 11.29
C ARG B 588 14.79 18.37 10.26
N PHE B 589 14.11 18.76 9.17
CA PHE B 589 13.51 17.78 8.27
C PHE B 589 14.56 17.05 7.44
N THR B 590 15.61 17.75 6.99
CA THR B 590 16.57 17.15 6.07
C THR B 590 17.55 16.20 6.73
N ALA B 591 17.58 16.14 8.07
CA ALA B 591 18.43 15.17 8.75
C ALA B 591 17.91 13.74 8.56
N SER B 592 16.59 13.59 8.44
CA SER B 592 16.00 12.26 8.27
C SER B 592 16.41 11.62 6.95
N ARG B 593 16.78 12.44 5.95
CA ARG B 593 17.31 11.88 4.72
C ARG B 593 18.67 11.22 4.92
N LEU B 594 19.42 11.64 5.93
CA LEU B 594 20.72 11.03 6.22
C LEU B 594 20.63 9.92 7.25
N PHE B 595 19.83 10.09 8.30
CA PHE B 595 19.73 9.06 9.34
C PHE B 595 18.64 8.04 9.10
N GLY B 596 17.57 8.38 8.38
CA GLY B 596 16.52 7.44 8.11
C GLY B 596 15.13 7.98 8.40
N ALA B 597 14.15 7.58 7.59
CA ALA B 597 12.79 8.03 7.76
C ALA B 597 12.14 7.35 8.96
N PRO B 598 11.28 8.06 9.68
CA PRO B 598 10.49 7.43 10.75
C PRO B 598 9.43 6.53 10.16
N PRO B 599 8.90 5.59 10.95
CA PRO B 599 7.80 4.74 10.46
C PRO B 599 6.59 5.56 10.06
N GLY B 600 5.96 5.16 8.94
CA GLY B 600 4.77 5.80 8.43
C GLY B 600 5.05 6.88 7.40
N TYR B 601 6.31 7.29 7.28
CA TYR B 601 6.68 8.38 6.39
C TYR B 601 7.37 7.85 5.14
N VAL B 602 7.52 8.74 4.16
CA VAL B 602 8.17 8.37 2.90
C VAL B 602 9.67 8.15 3.14
N GLY B 603 10.21 7.14 2.47
CA GLY B 603 11.63 6.87 2.55
C GLY B 603 12.05 5.80 3.54
N TYR B 604 11.10 5.06 4.11
CA TYR B 604 11.47 3.96 5.01
C TYR B 604 12.20 2.85 4.26
N GLU B 605 11.76 2.53 3.06
CA GLU B 605 12.37 1.43 2.30
C GLU B 605 13.76 1.77 1.79
N GLU B 606 14.07 3.06 1.61
CA GLU B 606 15.39 3.46 1.17
C GLU B 606 16.30 3.85 2.33
N GLY B 607 15.74 4.20 3.49
CA GLY B 607 16.54 4.54 4.64
C GLY B 607 17.28 5.86 4.49
N GLY B 608 18.31 6.02 5.32
CA GLY B 608 19.13 7.21 5.27
C GLY B 608 20.18 7.16 4.19
N GLN B 609 21.10 8.13 4.22
CA GLN B 609 22.16 8.18 3.23
C GLN B 609 23.44 7.55 3.76
N LEU B 610 23.95 8.07 4.88
CA LEU B 610 25.22 7.62 5.43
C LEU B 610 25.11 6.22 6.03
N THR B 611 23.93 5.89 6.57
CA THR B 611 23.78 4.65 7.36
C THR B 611 24.05 3.42 6.51
N GLU B 612 23.37 3.31 5.36
CA GLU B 612 23.54 2.14 4.51
C GLU B 612 24.95 2.08 3.92
N LYS B 613 25.45 3.22 3.44
CA LYS B 613 26.78 3.26 2.83
C LYS B 613 27.89 2.92 3.82
N VAL B 614 27.69 3.19 5.10
CA VAL B 614 28.64 2.73 6.10
C VAL B 614 28.41 1.27 6.46
N ARG B 615 27.15 0.82 6.49
CA ARG B 615 26.86 -0.57 6.84
C ARG B 615 27.41 -1.54 5.82
N ARG B 616 27.41 -1.19 4.53
CA ARG B 616 28.00 -2.07 3.53
C ARG B 616 29.49 -2.21 3.72
N LYS B 617 30.20 -1.08 3.78
CA LYS B 617 31.66 -1.04 3.63
C LYS B 617 32.22 -0.50 4.93
N PRO B 618 32.69 -1.36 5.85
CA PRO B 618 32.80 -0.95 7.26
C PRO B 618 34.05 -0.18 7.60
N PHE B 619 35.09 -0.22 6.77
CA PHE B 619 36.33 0.50 7.04
C PHE B 619 36.42 1.65 6.04
N SER B 620 35.98 2.84 6.46
CA SER B 620 35.92 3.99 5.58
C SER B 620 36.07 5.25 6.41
N VAL B 621 36.26 6.37 5.73
CA VAL B 621 36.41 7.68 6.35
C VAL B 621 35.29 8.57 5.85
N VAL B 622 34.67 9.31 6.75
CA VAL B 622 33.47 10.09 6.45
C VAL B 622 33.77 11.55 6.73
N LEU B 623 33.61 12.39 5.72
CA LEU B 623 33.94 13.81 5.78
C LEU B 623 32.69 14.67 5.71
N PHE B 624 32.60 15.64 6.63
CA PHE B 624 31.52 16.62 6.65
C PHE B 624 32.13 18.00 6.44
N ASP B 625 31.90 18.58 5.27
CA ASP B 625 32.48 19.88 4.95
C ASP B 625 31.61 21.01 5.50
N GLU B 626 32.26 22.01 6.08
CA GLU B 626 31.64 23.23 6.58
C GLU B 626 30.57 22.94 7.62
N ILE B 627 30.98 22.40 8.76
CA ILE B 627 30.02 21.99 9.79
C ILE B 627 29.47 23.18 10.56
N GLU B 628 30.07 24.36 10.43
CA GLU B 628 29.69 25.49 11.26
C GLU B 628 28.34 26.10 10.91
N LYS B 629 27.91 26.01 9.65
CA LYS B 629 26.69 26.68 9.21
C LYS B 629 25.51 25.72 9.06
N ALA B 630 25.65 24.47 9.48
CA ALA B 630 24.56 23.51 9.42
C ALA B 630 23.66 23.69 10.65
N HIS B 631 22.64 22.85 10.76
CA HIS B 631 21.68 22.98 11.85
C HIS B 631 22.28 22.40 13.14
N GLN B 632 21.75 22.85 14.29
CA GLN B 632 22.35 22.50 15.57
C GLN B 632 22.08 21.06 15.98
N GLU B 633 21.01 20.43 15.49
CA GLU B 633 20.63 19.13 16.01
C GLU B 633 21.43 17.98 15.41
N ILE B 634 22.14 18.20 14.30
CA ILE B 634 22.96 17.13 13.75
C ILE B 634 24.13 16.82 14.68
N TYR B 635 24.67 17.84 15.36
CA TYR B 635 25.71 17.60 16.35
C TYR B 635 25.18 16.82 17.53
N ASN B 636 23.93 17.10 17.94
CA ASN B 636 23.29 16.33 18.99
C ASN B 636 23.12 14.87 18.58
N SER B 637 22.74 14.64 17.32
CA SER B 637 22.59 13.27 16.84
C SER B 637 23.93 12.56 16.72
N LEU B 638 24.99 13.28 16.36
CA LEU B 638 26.29 12.65 16.16
C LEU B 638 27.12 12.54 17.43
N LEU B 639 26.70 13.21 18.51
CA LEU B 639 27.46 13.10 19.76
C LEU B 639 27.49 11.66 20.26
N GLN B 640 26.35 10.96 20.17
CA GLN B 640 26.28 9.59 20.67
C GLN B 640 27.17 8.64 19.87
N VAL B 641 27.33 8.89 18.56
CA VAL B 641 28.23 8.04 17.79
C VAL B 641 29.68 8.48 17.99
N LEU B 642 29.91 9.72 18.41
CA LEU B 642 31.24 10.08 18.89
C LEU B 642 31.57 9.34 20.19
N GLU B 643 30.57 9.10 21.04
CA GLU B 643 30.80 8.37 22.27
C GLU B 643 30.90 6.87 22.02
N ASP B 644 29.82 6.26 21.51
CA ASP B 644 29.73 4.81 21.48
C ASP B 644 30.11 4.21 20.14
N GLY B 645 30.12 5.00 19.07
CA GLY B 645 30.45 4.46 17.77
C GLY B 645 29.36 3.61 17.14
N ARG B 646 28.11 3.78 17.56
CA ARG B 646 26.99 3.04 17.00
C ARG B 646 25.89 4.02 16.63
N LEU B 647 25.11 3.67 15.61
CA LEU B 647 24.00 4.50 15.16
C LEU B 647 22.82 3.61 14.80
N THR B 648 21.64 4.00 15.24
CA THR B 648 20.40 3.32 14.90
C THR B 648 19.63 4.15 13.89
N ASP B 649 19.25 3.54 12.79
CA ASP B 649 18.56 4.26 11.72
C ASP B 649 17.06 4.29 12.01
N GLY B 650 16.29 4.84 11.06
CA GLY B 650 14.85 4.80 11.17
C GLY B 650 14.29 3.39 11.07
N GLN B 651 14.95 2.53 10.29
CA GLN B 651 14.50 1.14 10.15
C GLN B 651 14.80 0.31 11.39
N GLY B 652 15.59 0.81 12.33
CA GLY B 652 15.79 0.16 13.60
C GLY B 652 17.09 -0.62 13.75
N ARG B 653 17.77 -0.93 12.65
CA ARG B 653 19.02 -1.68 12.75
C ARG B 653 20.13 -0.79 13.28
N THR B 654 21.11 -1.41 13.93
CA THR B 654 22.25 -0.71 14.52
C THR B 654 23.48 -0.95 13.67
N VAL B 655 24.10 0.13 13.21
CA VAL B 655 25.34 0.04 12.46
C VAL B 655 26.50 0.39 13.39
N ASP B 656 27.69 -0.04 13.01
CA ASP B 656 28.89 0.17 13.81
C ASP B 656 29.80 1.17 13.10
N PHE B 657 30.20 2.21 13.84
CA PHE B 657 31.15 3.21 13.36
C PHE B 657 32.52 3.06 14.01
N LYS B 658 32.75 1.96 14.74
CA LYS B 658 33.97 1.80 15.52
C LYS B 658 35.20 1.58 14.66
N ASN B 659 35.04 1.02 13.45
CA ASN B 659 36.16 0.79 12.56
C ASN B 659 36.39 1.93 11.59
N THR B 660 35.58 2.99 11.67
CA THR B 660 35.69 4.13 10.77
C THR B 660 36.47 5.25 11.43
N VAL B 661 36.88 6.21 10.60
CA VAL B 661 37.51 7.44 11.05
C VAL B 661 36.58 8.59 10.72
N LEU B 662 36.07 9.26 11.74
CA LEU B 662 35.13 10.35 11.58
C LEU B 662 35.89 11.67 11.55
N ILE B 663 35.69 12.45 10.49
CA ILE B 663 36.39 13.71 10.31
C ILE B 663 35.40 14.81 9.96
N PHE B 664 35.49 15.93 10.65
CA PHE B 664 34.69 17.12 10.39
C PHE B 664 35.66 18.26 10.06
N THR B 665 35.22 19.19 9.21
CA THR B 665 36.00 20.38 8.92
C THR B 665 35.10 21.61 8.87
N SER B 666 35.69 22.77 9.13
CA SER B 666 34.99 24.04 9.10
C SER B 666 35.97 25.14 8.74
N ASN B 667 35.42 26.26 8.24
CA ASN B 667 36.24 27.41 7.86
C ASN B 667 36.42 28.40 9.00
N LEU B 668 35.93 28.09 10.19
CA LEU B 668 36.02 29.01 11.32
C LEU B 668 37.45 29.09 11.85
N TYR B 690 52.81 31.40 15.87
CA TYR B 690 51.53 30.89 15.40
C TYR B 690 50.60 30.52 16.55
N GLU B 691 50.54 31.36 17.58
CA GLU B 691 49.66 31.07 18.70
C GLU B 691 48.34 31.83 18.61
N ARG B 692 48.39 33.08 18.14
CA ARG B 692 47.24 33.99 18.28
C ARG B 692 46.01 33.47 17.56
N MET B 693 46.20 33.01 16.32
CA MET B 693 45.07 32.42 15.60
C MET B 693 44.58 31.15 16.28
N LYS B 694 45.48 30.44 16.96
CA LYS B 694 45.05 29.24 17.68
C LYS B 694 44.13 29.59 18.84
N GLN B 695 44.51 30.56 19.69
CA GLN B 695 43.61 30.91 20.80
C GLN B 695 42.31 31.48 20.28
N LYS B 696 42.36 32.33 19.25
CA LYS B 696 41.11 32.94 18.79
C LYS B 696 40.18 31.90 18.16
N VAL B 697 40.74 30.93 17.43
CA VAL B 697 39.87 29.92 16.82
C VAL B 697 39.34 28.95 17.87
N ASN B 698 40.14 28.65 18.90
CA ASN B 698 39.62 27.79 19.98
C ASN B 698 38.50 28.49 20.73
N ASP B 699 38.65 29.79 21.02
CA ASP B 699 37.59 30.53 21.68
C ASP B 699 36.34 30.62 20.79
N GLU B 700 36.54 30.85 19.49
CA GLU B 700 35.40 30.96 18.59
C GLU B 700 34.66 29.63 18.45
N LEU B 701 35.40 28.51 18.43
CA LEU B 701 34.74 27.21 18.38
C LEU B 701 34.06 26.88 19.71
N LYS B 702 34.64 27.28 20.83
CA LYS B 702 34.01 27.06 22.12
C LYS B 702 32.71 27.84 22.25
N LYS B 703 32.68 29.08 21.77
CA LYS B 703 31.45 29.87 21.83
C LYS B 703 30.44 29.38 20.81
N HIS B 704 30.89 29.10 19.58
CA HIS B 704 29.98 28.76 18.49
C HIS B 704 29.33 27.39 18.70
N PHE B 705 30.07 26.44 19.25
CA PHE B 705 29.60 25.07 19.41
C PHE B 705 29.39 24.75 20.88
N ARG B 706 28.52 23.78 21.13
CA ARG B 706 28.28 23.34 22.50
C ARG B 706 29.51 22.61 23.05
N PRO B 707 29.82 22.83 24.33
CA PRO B 707 31.02 22.20 24.91
C PRO B 707 31.00 20.69 24.89
N GLU B 708 29.83 20.06 24.98
CA GLU B 708 29.77 18.61 25.01
C GLU B 708 30.14 18.01 23.65
N PHE B 709 29.91 18.75 22.57
CA PHE B 709 30.32 18.27 21.26
C PHE B 709 31.83 18.30 21.08
N LEU B 710 32.46 19.40 21.48
CA LEU B 710 33.92 19.50 21.44
C LEU B 710 34.60 18.59 22.46
N ASN B 711 33.89 18.22 23.52
CA ASN B 711 34.51 17.41 24.57
C ASN B 711 34.75 15.98 24.11
N ARG B 712 33.97 15.50 23.14
CA ARG B 712 34.12 14.15 22.64
C ARG B 712 35.14 14.04 21.51
N ILE B 713 35.66 15.16 21.04
CA ILE B 713 36.62 15.15 19.93
C ILE B 713 37.95 14.63 20.43
N ASP B 714 38.54 13.71 19.65
CA ASP B 714 39.77 13.05 20.09
C ASP B 714 40.94 14.02 20.17
N ASP B 715 41.16 14.81 19.11
CA ASP B 715 42.23 15.79 19.09
C ASP B 715 41.76 17.02 18.34
N ILE B 716 42.11 18.20 18.84
CA ILE B 716 41.87 19.45 18.13
C ILE B 716 43.05 19.71 17.19
N ILE B 717 42.76 20.03 15.93
CA ILE B 717 43.76 20.31 14.92
C ILE B 717 43.34 21.56 14.17
N VAL B 718 44.22 22.55 14.14
CA VAL B 718 43.97 23.80 13.43
C VAL B 718 44.99 23.94 12.30
N PHE B 719 44.52 24.41 11.15
CA PHE B 719 45.37 24.69 10.01
C PHE B 719 45.80 26.17 10.01
N HIS B 720 47.10 26.38 9.88
CA HIS B 720 47.68 27.71 9.87
C HIS B 720 47.57 28.33 8.48
N GLN B 721 48.18 29.51 8.32
CA GLN B 721 48.15 30.23 7.05
C GLN B 721 49.45 29.97 6.29
N LEU B 722 49.34 29.80 4.98
CA LEU B 722 50.47 29.40 4.16
C LEU B 722 51.47 30.54 3.99
N THR B 723 52.76 30.19 4.02
CA THR B 723 53.83 31.17 3.93
C THR B 723 54.51 31.10 2.57
N ARG B 724 55.61 31.85 2.42
CA ARG B 724 56.29 31.96 1.13
C ARG B 724 56.99 30.66 0.75
N GLU B 725 57.65 30.02 1.72
CA GLU B 725 58.28 28.74 1.43
C GLU B 725 57.25 27.68 1.08
N GLU B 726 56.13 27.66 1.81
CA GLU B 726 55.09 26.67 1.53
C GLU B 726 54.47 26.87 0.16
N ILE B 727 54.34 28.12 -0.29
CA ILE B 727 53.76 28.32 -1.62
C ILE B 727 54.80 28.10 -2.73
N ILE B 728 56.07 28.40 -2.47
CA ILE B 728 57.06 28.13 -3.51
C ILE B 728 57.30 26.62 -3.65
N ARG B 729 57.01 25.83 -2.61
CA ARG B 729 57.08 24.39 -2.79
C ARG B 729 55.74 23.79 -3.21
N MET B 730 54.63 24.47 -2.91
CA MET B 730 53.39 24.27 -3.65
C MET B 730 53.63 24.28 -5.15
N VAL B 731 54.40 25.24 -5.64
CA VAL B 731 54.56 25.42 -7.08
C VAL B 731 55.12 24.15 -7.72
N ASP B 732 56.21 23.61 -7.17
CA ASP B 732 56.78 22.40 -7.75
C ASP B 732 55.90 21.18 -7.49
N LEU B 733 55.30 21.08 -6.30
CA LEU B 733 54.46 19.93 -5.99
C LEU B 733 53.25 19.87 -6.90
N MET B 734 52.77 21.01 -7.39
CA MET B 734 51.57 21.04 -8.20
C MET B 734 51.89 21.06 -9.69
N ILE B 735 53.11 21.47 -10.06
CA ILE B 735 53.53 21.37 -11.45
C ILE B 735 54.03 19.97 -11.77
N SER B 736 54.40 19.18 -10.74
CA SER B 736 54.92 17.84 -10.99
C SER B 736 53.89 16.93 -11.66
N ARG B 737 52.64 16.97 -11.20
CA ARG B 737 51.65 16.03 -11.70
C ARG B 737 51.18 16.42 -13.10
N VAL B 738 51.05 17.72 -13.36
CA VAL B 738 50.72 18.16 -14.71
C VAL B 738 51.89 17.93 -15.66
N ALA B 739 53.14 17.97 -15.17
CA ALA B 739 54.26 17.57 -16.00
C ALA B 739 54.21 16.07 -16.29
N GLY B 740 53.77 15.27 -15.32
CA GLY B 740 53.56 13.86 -15.58
C GLY B 740 52.49 13.62 -16.63
N GLN B 741 51.44 14.46 -16.62
CA GLN B 741 50.46 14.43 -17.70
C GLN B 741 51.10 14.77 -19.04
N LEU B 742 51.96 15.79 -19.06
CA LEU B 742 52.61 16.24 -20.27
C LEU B 742 53.57 15.21 -20.86
N LYS B 743 54.24 14.43 -20.00
CA LYS B 743 55.17 13.41 -20.48
C LYS B 743 54.48 12.28 -21.24
N SER B 744 53.15 12.17 -21.14
CA SER B 744 52.43 11.18 -21.93
C SER B 744 52.52 11.46 -23.43
N LYS B 745 52.76 12.71 -23.81
CA LYS B 745 52.98 13.11 -25.19
C LYS B 745 54.46 13.10 -25.56
N ASP B 746 55.30 12.55 -24.68
CA ASP B 746 56.77 12.69 -24.78
C ASP B 746 57.17 14.16 -24.82
N MET B 747 56.53 14.96 -23.98
CA MET B 747 56.72 16.39 -23.92
C MET B 747 57.18 16.75 -22.50
N ALA B 748 58.22 17.57 -22.40
CA ALA B 748 58.82 17.91 -21.12
C ALA B 748 58.65 19.38 -20.81
N LEU B 749 58.60 19.71 -19.52
CA LEU B 749 58.40 21.07 -19.05
C LEU B 749 59.49 21.43 -18.05
N VAL B 750 59.99 22.66 -18.16
CA VAL B 750 60.96 23.21 -17.21
C VAL B 750 60.50 24.62 -16.84
N LEU B 751 60.41 24.89 -15.53
CA LEU B 751 60.07 26.21 -15.04
C LEU B 751 61.32 26.94 -14.57
N THR B 752 61.45 28.20 -15.00
CA THR B 752 62.52 29.03 -14.48
C THR B 752 62.16 29.58 -13.11
N ASP B 753 63.16 30.09 -12.41
CA ASP B 753 62.95 30.63 -11.07
C ASP B 753 62.06 31.87 -11.09
N ALA B 754 62.25 32.74 -12.08
CA ALA B 754 61.42 33.93 -12.18
C ALA B 754 59.97 33.57 -12.51
N ALA B 755 59.76 32.60 -13.40
CA ALA B 755 58.41 32.15 -13.71
C ALA B 755 57.74 31.53 -12.49
N LYS B 756 58.49 30.74 -11.73
CA LYS B 756 57.96 30.14 -10.52
C LYS B 756 57.59 31.20 -9.49
N ALA B 757 58.45 32.21 -9.33
CA ALA B 757 58.17 33.29 -8.39
C ALA B 757 56.93 34.09 -8.80
N LEU B 758 56.79 34.37 -10.10
CA LEU B 758 55.60 35.08 -10.56
C LEU B 758 54.35 34.23 -10.40
N LEU B 759 54.45 32.92 -10.64
CA LEU B 759 53.30 32.04 -10.43
C LEU B 759 52.89 32.00 -8.98
N ALA B 760 53.87 31.96 -8.06
CA ALA B 760 53.56 31.98 -6.63
C ALA B 760 52.95 33.30 -6.22
N LYS B 761 53.48 34.42 -6.73
CA LYS B 761 52.98 35.73 -6.33
C LYS B 761 51.57 35.98 -6.87
N ARG B 762 51.34 35.67 -8.15
CA ARG B 762 50.05 35.95 -8.77
C ARG B 762 48.96 35.04 -8.23
N GLY B 763 49.32 33.81 -7.88
CA GLY B 763 48.33 32.84 -7.44
C GLY B 763 48.13 32.81 -5.95
N PHE B 764 48.64 33.81 -5.24
CA PHE B 764 48.55 33.87 -3.78
C PHE B 764 47.42 34.80 -3.37
N ASP B 765 46.59 34.32 -2.45
CA ASP B 765 45.52 35.11 -1.86
C ASP B 765 45.18 34.56 -0.48
N PRO B 766 45.46 35.29 0.60
CA PRO B 766 45.15 34.77 1.93
C PRO B 766 43.72 35.02 2.35
N VAL B 767 42.77 34.81 1.43
CA VAL B 767 41.36 34.82 1.74
C VAL B 767 40.79 33.51 1.20
N LEU B 768 41.42 33.00 0.15
CA LEU B 768 40.99 31.76 -0.50
C LEU B 768 42.03 30.66 -0.46
N GLY B 769 43.29 30.98 -0.12
CA GLY B 769 44.29 29.95 0.08
C GLY B 769 44.89 29.49 -1.24
N ALA B 770 44.96 28.19 -1.44
CA ALA B 770 45.59 27.59 -2.61
C ALA B 770 44.68 27.53 -3.83
N ARG B 771 43.39 27.84 -3.67
CA ARG B 771 42.48 27.81 -4.82
C ARG B 771 42.85 28.81 -5.92
N PRO B 772 43.18 30.09 -5.66
CA PRO B 772 43.63 30.95 -6.76
C PRO B 772 44.87 30.45 -7.46
N LEU B 773 45.77 29.77 -6.74
CA LEU B 773 46.93 29.16 -7.40
C LEU B 773 46.48 28.06 -8.36
N ARG B 774 45.49 27.27 -7.97
CA ARG B 774 44.93 26.26 -8.87
C ARG B 774 44.32 26.90 -10.11
N ARG B 775 43.54 27.98 -9.91
CA ARG B 775 42.92 28.64 -11.06
C ARG B 775 43.95 29.25 -11.99
N THR B 776 44.99 29.88 -11.44
CA THR B 776 45.98 30.51 -12.30
C THR B 776 46.88 29.49 -12.99
N ILE B 777 47.15 28.34 -12.37
CA ILE B 777 47.87 27.30 -13.11
C ILE B 777 46.96 26.62 -14.12
N GLN B 778 45.64 26.65 -13.92
CA GLN B 778 44.73 26.06 -14.88
C GLN B 778 44.58 26.96 -16.10
N ARG B 779 44.63 28.28 -15.91
CA ARG B 779 44.50 29.20 -17.04
C ARG B 779 45.86 29.63 -17.60
N GLU B 780 46.63 30.41 -16.83
CA GLU B 780 47.73 31.20 -17.34
C GLU B 780 48.88 30.36 -17.89
N ILE B 781 48.98 29.11 -17.45
CA ILE B 781 49.99 28.19 -17.96
C ILE B 781 49.35 27.10 -18.81
N GLU B 782 48.33 26.42 -18.28
CA GLU B 782 47.78 25.25 -18.93
C GLU B 782 47.06 25.60 -20.23
N ASP B 783 46.21 26.64 -20.22
CA ASP B 783 45.45 26.97 -21.42
C ASP B 783 46.37 27.43 -22.55
N GLN B 784 47.36 28.26 -22.21
CA GLN B 784 48.29 28.74 -23.22
C GLN B 784 49.17 27.61 -23.75
N LEU B 785 49.59 26.71 -22.87
CA LEU B 785 50.38 25.56 -23.32
C LEU B 785 49.57 24.65 -24.23
N SER B 786 48.29 24.45 -23.90
CA SER B 786 47.42 23.64 -24.77
C SER B 786 47.22 24.31 -26.12
N GLU B 787 47.03 25.63 -26.13
CA GLU B 787 46.87 26.35 -27.39
C GLU B 787 48.14 26.29 -28.24
N LYS B 788 49.31 26.36 -27.59
CA LYS B 788 50.56 26.29 -28.33
C LYS B 788 50.81 24.89 -28.87
N ILE B 789 50.55 23.85 -28.05
CA ILE B 789 50.77 22.48 -28.48
C ILE B 789 49.81 22.12 -29.61
N LEU B 790 48.56 22.54 -29.52
CA LEU B 790 47.60 22.28 -30.59
C LEU B 790 47.98 23.02 -31.87
N PHE B 791 48.70 24.13 -31.76
CA PHE B 791 49.20 24.84 -32.94
C PHE B 791 50.53 24.28 -33.43
N GLU B 792 51.07 23.25 -32.76
CA GLU B 792 52.22 22.48 -33.23
C GLU B 792 53.49 23.31 -33.33
N GLU B 793 53.72 24.19 -32.36
CA GLU B 793 55.01 24.88 -32.29
C GLU B 793 56.11 23.93 -31.82
N VAL B 794 55.85 23.15 -30.78
CA VAL B 794 56.83 22.25 -30.19
C VAL B 794 56.29 20.83 -30.26
N GLY B 795 57.09 19.91 -30.79
CA GLY B 795 56.72 18.52 -30.89
C GLY B 795 57.38 17.67 -29.84
N PRO B 796 57.18 16.35 -29.91
CA PRO B 796 57.79 15.44 -28.94
C PRO B 796 59.30 15.39 -29.07
N GLY B 797 59.96 15.03 -27.98
CA GLY B 797 61.40 14.96 -27.94
C GLY B 797 62.09 16.27 -27.62
N GLN B 798 61.33 17.35 -27.45
CA GLN B 798 61.87 18.66 -27.11
C GLN B 798 61.51 18.97 -25.67
N VAL B 799 61.97 20.12 -25.18
CA VAL B 799 61.68 20.60 -23.83
C VAL B 799 61.13 22.01 -23.94
N VAL B 800 59.95 22.23 -23.36
CA VAL B 800 59.36 23.55 -23.29
C VAL B 800 59.77 24.18 -21.97
N THR B 801 60.42 25.35 -22.04
CA THR B 801 60.85 26.09 -20.86
C THR B 801 60.04 27.36 -20.76
N VAL B 802 59.46 27.59 -19.58
CA VAL B 802 58.58 28.73 -19.35
C VAL B 802 59.38 29.84 -18.68
N ASP B 803 59.42 31.01 -19.32
CA ASP B 803 60.13 32.18 -18.80
C ASP B 803 59.19 33.37 -18.82
N VAL B 804 59.54 34.39 -18.03
CA VAL B 804 58.69 35.55 -17.83
C VAL B 804 59.45 36.80 -18.27
N ASP B 805 58.82 37.59 -19.13
CA ASP B 805 59.36 38.88 -19.54
C ASP B 805 58.66 40.00 -18.78
N ASN B 806 59.37 41.14 -18.67
CA ASN B 806 58.87 42.33 -17.99
C ASN B 806 58.46 42.04 -16.54
N TRP B 807 59.29 41.26 -15.85
CA TRP B 807 59.03 40.94 -14.46
C TRP B 807 59.33 42.14 -13.57
N ASP B 808 58.65 42.19 -12.42
CA ASP B 808 58.88 43.25 -11.45
C ASP B 808 60.04 42.88 -10.52
N GLU B 814 50.63 42.96 -13.24
CA GLU B 814 51.33 43.83 -14.18
C GLU B 814 51.38 43.23 -15.57
N ASP B 815 52.22 43.79 -16.43
CA ASP B 815 52.37 43.33 -17.81
C ASP B 815 53.31 42.14 -17.94
N ALA B 816 53.70 41.49 -16.84
CA ALA B 816 54.56 40.31 -16.93
C ALA B 816 53.78 39.15 -17.50
N VAL B 817 54.28 38.56 -18.59
CA VAL B 817 53.59 37.51 -19.31
C VAL B 817 54.41 36.22 -19.23
N PHE B 818 53.71 35.12 -18.94
CA PHE B 818 54.33 33.80 -18.93
C PHE B 818 54.58 33.38 -20.38
N THR B 819 55.83 33.44 -20.81
CA THR B 819 56.22 33.11 -22.17
C THR B 819 56.74 31.69 -22.21
N PHE B 820 56.58 31.04 -23.36
CA PHE B 820 56.94 29.64 -23.55
C PHE B 820 57.95 29.51 -24.67
N THR B 821 58.97 28.67 -24.47
CA THR B 821 59.98 28.44 -25.48
C THR B 821 59.91 27.02 -26.03
N SER C 168 -23.46 -44.26 14.31
CA SER C 168 -22.20 -44.38 15.03
C SER C 168 -21.12 -44.99 14.16
N LEU C 169 -21.54 -45.86 13.23
CA LEU C 169 -20.59 -46.52 12.33
C LEU C 169 -20.04 -45.59 11.27
N VAL C 170 -20.63 -44.42 11.08
CA VAL C 170 -20.15 -43.43 10.12
C VAL C 170 -19.49 -42.26 10.82
N LEU C 171 -20.06 -41.82 11.94
CA LEU C 171 -19.52 -40.70 12.70
C LEU C 171 -18.12 -40.97 13.23
N ASP C 172 -17.82 -42.21 13.62
CA ASP C 172 -16.49 -42.54 14.12
C ASP C 172 -15.41 -42.36 13.06
N GLN C 173 -15.75 -42.54 11.78
CA GLN C 173 -14.77 -42.37 10.72
C GLN C 173 -14.40 -40.91 10.52
N PHE C 174 -15.28 -39.99 10.92
CA PHE C 174 -15.07 -38.57 10.69
C PHE C 174 -15.15 -37.74 11.96
N GLY C 175 -15.36 -38.37 13.10
CA GLY C 175 -15.47 -37.64 14.35
C GLY C 175 -15.12 -38.51 15.53
N ARG C 176 -15.11 -37.88 16.70
CA ARG C 176 -14.73 -38.54 17.94
C ARG C 176 -15.84 -38.34 18.96
N ASN C 177 -16.29 -39.43 19.59
CA ASN C 177 -17.37 -39.37 20.57
C ASN C 177 -16.83 -38.83 21.88
N LEU C 178 -17.26 -37.63 22.26
CA LEU C 178 -16.81 -37.06 23.52
C LEU C 178 -17.51 -37.71 24.71
N THR C 179 -18.76 -38.14 24.52
CA THR C 179 -19.48 -38.86 25.58
C THR C 179 -18.78 -40.19 25.88
N ALA C 180 -18.35 -40.90 24.84
CA ALA C 180 -17.63 -42.15 25.06
C ALA C 180 -16.29 -41.90 25.74
N ALA C 181 -15.66 -40.76 25.47
CA ALA C 181 -14.47 -40.37 26.23
C ALA C 181 -14.80 -40.14 27.69
N ALA C 182 -15.94 -39.50 27.96
CA ALA C 182 -16.40 -39.29 29.32
C ALA C 182 -16.79 -40.58 30.04
N MET C 183 -17.08 -41.65 29.28
CA MET C 183 -17.31 -42.96 29.89
C MET C 183 -16.08 -43.43 30.65
N GLU C 184 -14.89 -43.31 30.05
CA GLU C 184 -13.66 -43.75 30.67
C GLU C 184 -12.95 -42.67 31.47
N GLY C 185 -13.50 -41.45 31.49
CA GLY C 185 -12.91 -40.41 32.31
C GLY C 185 -11.59 -39.87 31.82
N LYS C 186 -11.30 -40.00 30.52
CA LYS C 186 -10.08 -39.43 29.97
C LYS C 186 -10.09 -37.91 29.95
N LEU C 187 -11.25 -37.30 30.14
CA LEU C 187 -11.40 -35.86 30.08
C LEU C 187 -10.96 -35.21 31.39
N ASP C 188 -10.45 -33.99 31.29
CA ASP C 188 -10.11 -33.23 32.47
C ASP C 188 -11.39 -32.76 33.18
N PRO C 189 -11.51 -32.99 34.48
CA PRO C 189 -12.64 -32.43 35.22
C PRO C 189 -12.64 -30.91 35.17
N VAL C 190 -13.83 -30.35 35.00
CA VAL C 190 -14.00 -28.92 34.78
C VAL C 190 -14.82 -28.36 35.94
N ILE C 191 -14.30 -27.30 36.56
CA ILE C 191 -14.95 -26.67 37.70
C ILE C 191 -14.99 -25.16 37.46
N GLY C 192 -16.02 -24.51 38.01
CA GLY C 192 -16.13 -23.07 37.92
C GLY C 192 -16.83 -22.54 36.70
N ARG C 193 -17.30 -23.41 35.80
CA ARG C 193 -17.97 -23.01 34.57
C ARG C 193 -19.44 -23.39 34.57
N GLU C 194 -20.06 -23.39 35.75
CA GLU C 194 -21.48 -23.75 35.85
C GLU C 194 -22.36 -22.72 35.15
N LYS C 195 -22.01 -21.43 35.26
CA LYS C 195 -22.78 -20.40 34.58
C LYS C 195 -22.70 -20.55 33.07
N GLU C 196 -21.50 -20.81 32.55
CA GLU C 196 -21.34 -20.97 31.11
C GLU C 196 -22.05 -22.24 30.62
N ILE C 197 -21.98 -23.32 31.40
CA ILE C 197 -22.70 -24.54 31.04
C ILE C 197 -24.20 -24.29 31.01
N GLU C 198 -24.72 -23.57 32.02
CA GLU C 198 -26.14 -23.25 32.05
C GLU C 198 -26.54 -22.38 30.86
N ARG C 199 -25.69 -21.42 30.48
CA ARG C 199 -25.97 -20.58 29.34
C ARG C 199 -26.00 -21.37 28.03
N VAL C 200 -25.03 -22.26 27.82
CA VAL C 200 -24.99 -22.99 26.56
C VAL C 200 -26.12 -24.01 26.49
N MET C 201 -26.50 -24.59 27.64
CA MET C 201 -27.64 -25.50 27.65
C MET C 201 -28.95 -24.73 27.47
N GLN C 202 -29.00 -23.49 27.98
CA GLN C 202 -30.14 -22.63 27.75
C GLN C 202 -30.31 -22.31 26.28
N VAL C 203 -29.21 -22.07 25.57
CA VAL C 203 -29.29 -21.90 24.12
C VAL C 203 -29.72 -23.20 23.45
N LEU C 204 -29.17 -24.32 23.92
CA LEU C 204 -29.47 -25.62 23.32
C LEU C 204 -30.91 -26.06 23.53
N SER C 205 -31.63 -25.46 24.47
CA SER C 205 -33.01 -25.83 24.73
C SER C 205 -34.00 -25.02 23.91
N ARG C 206 -33.53 -24.18 22.98
CA ARG C 206 -34.40 -23.38 22.15
C ARG C 206 -35.14 -24.25 21.14
N ARG C 207 -36.11 -23.64 20.46
CA ARG C 207 -36.88 -24.33 19.44
C ARG C 207 -36.26 -24.20 18.06
N THR C 208 -36.04 -22.97 17.60
CA THR C 208 -35.45 -22.71 16.29
C THR C 208 -34.18 -21.90 16.45
N LYS C 209 -33.17 -22.24 15.63
CA LYS C 209 -31.85 -21.62 15.65
C LYS C 209 -31.23 -21.71 17.05
N ASN C 210 -31.04 -22.95 17.50
CA ASN C 210 -30.61 -23.26 18.85
C ASN C 210 -29.12 -23.56 18.97
N ASN C 211 -28.31 -22.93 18.13
CA ASN C 211 -26.89 -23.26 18.02
C ASN C 211 -26.03 -22.20 18.69
N PRO C 212 -25.41 -22.49 19.83
CA PRO C 212 -24.52 -21.51 20.46
C PRO C 212 -23.09 -21.61 19.94
N VAL C 213 -22.37 -20.51 20.07
CA VAL C 213 -20.96 -20.43 19.75
C VAL C 213 -20.20 -20.01 21.00
N LEU C 214 -19.06 -20.66 21.25
CA LEU C 214 -18.21 -20.33 22.38
C LEU C 214 -17.18 -19.32 21.93
N ILE C 215 -17.46 -18.04 22.17
CA ILE C 215 -16.54 -16.97 21.82
C ILE C 215 -15.72 -16.63 23.07
N GLY C 216 -14.41 -16.52 22.91
CA GLY C 216 -13.55 -16.23 24.03
C GLY C 216 -12.10 -16.13 23.61
N GLU C 217 -11.29 -15.70 24.55
CA GLU C 217 -9.87 -15.52 24.35
C GLU C 217 -9.19 -16.88 24.29
N PRO C 218 -8.16 -17.06 23.45
CA PRO C 218 -7.46 -18.36 23.42
C PRO C 218 -6.77 -18.68 24.74
N GLY C 219 -7.25 -19.72 25.41
CA GLY C 219 -6.66 -20.15 26.67
C GLY C 219 -7.49 -19.79 27.89
N VAL C 220 -8.81 -19.77 27.74
CA VAL C 220 -9.71 -19.53 28.88
C VAL C 220 -10.56 -20.73 29.20
N GLY C 221 -10.45 -21.83 28.46
CA GLY C 221 -11.25 -23.00 28.70
C GLY C 221 -12.47 -23.15 27.81
N LYS C 222 -12.41 -22.69 26.57
CA LYS C 222 -13.54 -22.85 25.65
C LYS C 222 -13.80 -24.33 25.37
N THR C 223 -12.73 -25.10 25.15
CA THR C 223 -12.88 -26.54 25.05
C THR C 223 -13.30 -27.14 26.39
N ALA C 224 -12.72 -26.66 27.48
CA ALA C 224 -13.09 -27.14 28.81
C ALA C 224 -14.58 -27.01 29.06
N VAL C 225 -15.24 -26.04 28.41
CA VAL C 225 -16.69 -25.95 28.46
C VAL C 225 -17.34 -27.21 27.89
N VAL C 226 -16.84 -27.71 26.76
CA VAL C 226 -17.56 -28.82 26.12
C VAL C 226 -17.25 -30.14 26.84
N GLU C 227 -16.02 -30.32 27.36
CA GLU C 227 -15.85 -31.52 28.21
C GLU C 227 -16.61 -31.39 29.53
N GLY C 228 -16.77 -30.19 30.06
CA GLY C 228 -17.62 -30.03 31.23
C GLY C 228 -19.06 -30.38 30.94
N LEU C 229 -19.54 -29.99 29.76
CA LEU C 229 -20.89 -30.36 29.32
C LEU C 229 -21.01 -31.88 29.19
N ALA C 230 -20.00 -32.53 28.62
CA ALA C 230 -20.03 -33.99 28.48
C ALA C 230 -20.07 -34.66 29.85
N GLN C 231 -19.28 -34.16 30.81
CA GLN C 231 -19.30 -34.72 32.16
C GLN C 231 -20.67 -34.50 32.81
N ALA C 232 -21.26 -33.33 32.60
CA ALA C 232 -22.59 -33.06 33.14
C ALA C 232 -23.63 -34.01 32.54
N ILE C 233 -23.51 -34.31 31.24
CA ILE C 233 -24.43 -35.25 30.61
C ILE C 233 -24.25 -36.65 31.20
N VAL C 234 -23.01 -37.13 31.30
CA VAL C 234 -22.81 -38.50 31.70
C VAL C 234 -23.08 -38.70 33.19
N HIS C 235 -22.98 -37.64 33.99
CA HIS C 235 -23.39 -37.75 35.39
C HIS C 235 -24.91 -37.75 35.53
N GLY C 236 -25.60 -37.05 34.64
CA GLY C 236 -27.05 -36.99 34.67
C GLY C 236 -27.64 -35.72 35.22
N GLU C 237 -26.85 -34.66 35.38
CA GLU C 237 -27.35 -33.38 35.88
C GLU C 237 -28.27 -32.67 34.90
N VAL C 238 -28.26 -33.09 33.64
CA VAL C 238 -29.01 -32.42 32.57
C VAL C 238 -30.51 -32.55 32.79
N PRO C 239 -31.30 -31.59 32.33
CA PRO C 239 -32.76 -31.78 32.31
C PRO C 239 -33.20 -32.72 31.20
N GLU C 240 -34.52 -32.81 30.99
CA GLU C 240 -35.09 -33.80 30.07
C GLU C 240 -34.70 -33.58 28.63
N THR C 241 -34.37 -32.34 28.23
CA THR C 241 -34.13 -32.05 26.83
C THR C 241 -32.74 -32.46 26.35
N LEU C 242 -31.80 -32.71 27.26
CA LEU C 242 -30.43 -33.02 26.88
C LEU C 242 -29.97 -34.36 27.45
N LYS C 243 -30.91 -35.24 27.78
CA LYS C 243 -30.59 -36.54 28.35
C LYS C 243 -30.14 -37.49 27.25
N ASP C 244 -29.13 -38.32 27.56
CA ASP C 244 -28.68 -39.42 26.70
C ASP C 244 -28.31 -38.95 25.30
N LYS C 245 -27.66 -37.79 25.23
CA LYS C 245 -27.25 -37.21 23.96
C LYS C 245 -25.76 -37.45 23.76
N GLN C 246 -25.42 -38.26 22.76
CA GLN C 246 -24.02 -38.52 22.45
C GLN C 246 -23.41 -37.28 21.80
N LEU C 247 -22.27 -36.86 22.32
CA LEU C 247 -21.63 -35.61 21.90
C LEU C 247 -20.39 -35.94 21.08
N TYR C 248 -20.31 -35.37 19.88
CA TYR C 248 -19.27 -35.68 18.93
C TYR C 248 -18.58 -34.40 18.48
N THR C 249 -17.26 -34.40 18.50
CA THR C 249 -16.48 -33.39 17.79
C THR C 249 -16.25 -33.85 16.36
N LEU C 250 -16.29 -32.91 15.42
CA LEU C 250 -16.25 -33.25 14.00
C LEU C 250 -14.95 -32.77 13.39
N ASP C 251 -14.24 -33.68 12.72
CA ASP C 251 -13.00 -33.36 12.02
C ASP C 251 -13.34 -33.06 10.57
N LEU C 252 -13.40 -31.77 10.21
CA LEU C 252 -13.63 -31.39 8.82
C LEU C 252 -12.49 -31.84 7.92
N GLY C 253 -11.28 -31.96 8.48
CA GLY C 253 -10.18 -32.55 7.74
C GLY C 253 -10.44 -33.98 7.35
N SER C 254 -11.11 -34.74 8.21
CA SER C 254 -11.51 -36.10 7.84
C SER C 254 -12.55 -36.08 6.73
N LEU C 255 -13.40 -35.05 6.68
CA LEU C 255 -14.37 -34.95 5.59
C LEU C 255 -13.68 -34.65 4.27
N VAL C 256 -12.75 -33.69 4.26
CA VAL C 256 -12.17 -33.28 2.98
C VAL C 256 -11.13 -34.29 2.49
N ALA C 257 -10.55 -35.07 3.41
CA ALA C 257 -9.52 -36.01 3.02
C ALA C 257 -10.12 -37.19 2.25
N GLY C 258 -9.36 -37.70 1.29
CA GLY C 258 -9.75 -38.86 0.54
C GLY C 258 -10.85 -38.64 -0.48
N SER C 259 -11.21 -37.38 -0.74
CA SER C 259 -12.30 -37.06 -1.66
C SER C 259 -11.68 -36.61 -2.97
N ARG C 260 -11.47 -37.57 -3.88
CA ARG C 260 -10.92 -37.25 -5.19
C ARG C 260 -11.92 -36.49 -6.05
N TYR C 261 -13.20 -36.57 -5.73
CA TYR C 261 -14.25 -35.84 -6.42
C TYR C 261 -15.13 -35.16 -5.40
N ARG C 262 -15.91 -34.18 -5.86
CA ARG C 262 -16.82 -33.47 -4.95
C ARG C 262 -17.89 -34.40 -4.39
N GLY C 263 -18.38 -35.33 -5.22
CA GLY C 263 -19.45 -36.22 -4.81
C GLY C 263 -19.11 -36.98 -3.54
N ASP C 264 -17.85 -37.39 -3.39
CA ASP C 264 -17.41 -38.04 -2.16
C ASP C 264 -17.56 -37.12 -0.96
N PHE C 265 -17.15 -35.86 -1.09
CA PHE C 265 -17.13 -34.95 0.06
C PHE C 265 -18.54 -34.62 0.54
N GLU C 266 -19.36 -34.02 -0.31
CA GLU C 266 -20.69 -33.71 0.23
C GLU C 266 -21.60 -34.94 0.30
N GLU C 267 -21.24 -36.07 -0.32
CA GLU C 267 -21.93 -37.32 0.00
C GLU C 267 -21.62 -37.76 1.42
N ARG C 268 -20.37 -37.63 1.85
CA ARG C 268 -20.01 -37.90 3.23
C ARG C 268 -20.77 -36.98 4.17
N LEU C 269 -20.83 -35.69 3.82
CA LEU C 269 -21.51 -34.73 4.69
C LEU C 269 -23.01 -35.01 4.77
N LYS C 270 -23.64 -35.33 3.64
CA LYS C 270 -25.07 -35.61 3.66
C LYS C 270 -25.38 -36.91 4.37
N LYS C 271 -24.49 -37.91 4.26
CA LYS C 271 -24.67 -39.14 5.00
C LYS C 271 -24.56 -38.89 6.50
N VAL C 272 -23.61 -38.04 6.92
CA VAL C 272 -23.46 -37.71 8.33
C VAL C 272 -24.71 -37.01 8.85
N LEU C 273 -25.20 -36.00 8.12
CA LEU C 273 -26.35 -35.25 8.60
C LEU C 273 -27.60 -36.13 8.60
N LYS C 274 -27.74 -37.00 7.60
CA LYS C 274 -28.87 -37.93 7.57
C LYS C 274 -28.81 -38.90 8.75
N GLU C 275 -27.62 -39.40 9.09
CA GLU C 275 -27.48 -40.31 10.22
C GLU C 275 -27.84 -39.63 11.53
N ILE C 276 -27.32 -38.41 11.75
CA ILE C 276 -27.56 -37.74 13.02
C ILE C 276 -29.01 -37.24 13.11
N ASN C 277 -29.64 -36.99 11.96
CA ASN C 277 -31.06 -36.68 11.97
C ASN C 277 -31.91 -37.90 12.23
N THR C 278 -31.54 -39.06 11.67
CA THR C 278 -32.31 -40.28 11.87
C THR C 278 -32.22 -40.76 13.32
N ARG C 279 -31.00 -40.83 13.86
CA ARG C 279 -30.86 -41.21 15.26
C ARG C 279 -31.42 -40.13 16.19
N GLY C 280 -31.12 -38.86 15.90
CA GLY C 280 -31.72 -37.75 16.60
C GLY C 280 -31.19 -37.52 18.01
N ASP C 281 -30.15 -38.22 18.44
CA ASP C 281 -29.64 -38.10 19.79
C ASP C 281 -28.15 -37.77 19.78
N ILE C 282 -27.70 -37.05 18.77
CA ILE C 282 -26.30 -36.65 18.64
C ILE C 282 -26.24 -35.13 18.66
N ILE C 283 -25.50 -34.57 19.60
CA ILE C 283 -25.15 -33.16 19.59
C ILE C 283 -23.79 -33.03 18.92
N LEU C 284 -23.70 -32.14 17.94
CA LEU C 284 -22.49 -32.00 17.14
C LEU C 284 -21.68 -30.82 17.65
N PHE C 285 -20.37 -31.01 17.73
CA PHE C 285 -19.45 -29.97 18.17
C PHE C 285 -18.47 -29.68 17.04
N ILE C 286 -18.27 -28.41 16.74
CA ILE C 286 -17.32 -27.98 15.74
C ILE C 286 -16.22 -27.23 16.48
N ASP C 287 -15.03 -27.82 16.54
CA ASP C 287 -13.90 -27.14 17.16
C ASP C 287 -13.23 -26.25 16.13
N GLU C 288 -12.84 -25.05 16.57
CA GLU C 288 -12.11 -24.07 15.76
C GLU C 288 -12.93 -23.70 14.52
N LEU C 289 -14.05 -23.03 14.81
CA LEU C 289 -15.24 -23.05 13.96
C LEU C 289 -15.05 -22.43 12.58
N HIS C 290 -14.03 -21.58 12.38
CA HIS C 290 -14.00 -20.75 11.18
C HIS C 290 -13.87 -21.54 9.89
N THR C 291 -13.49 -22.82 9.96
CA THR C 291 -13.21 -23.60 8.77
C THR C 291 -14.44 -23.92 7.94
N LEU C 292 -15.66 -23.66 8.45
CA LEU C 292 -16.86 -23.89 7.66
C LEU C 292 -16.94 -22.99 6.43
N VAL C 293 -16.38 -21.78 6.49
CA VAL C 293 -16.43 -20.91 5.32
C VAL C 293 -15.36 -21.36 4.33
N GLY C 294 -15.77 -22.26 3.44
CA GLY C 294 -14.86 -22.88 2.49
C GLY C 294 -14.42 -24.24 2.97
N ALA C 295 -15.09 -25.29 2.50
CA ALA C 295 -14.73 -26.66 2.85
C ALA C 295 -14.47 -27.52 1.63
N GLY C 296 -15.40 -27.55 0.67
CA GLY C 296 -15.19 -28.27 -0.56
C GLY C 296 -14.77 -27.34 -1.68
N ALA C 297 -15.18 -26.08 -1.58
CA ALA C 297 -14.83 -25.06 -2.55
C ALA C 297 -14.75 -23.73 -1.81
N ALA C 298 -14.76 -22.62 -2.56
CA ALA C 298 -14.59 -21.31 -1.97
C ALA C 298 -15.85 -20.87 -1.21
N GLU C 299 -15.83 -19.61 -0.73
CA GLU C 299 -16.95 -19.07 0.00
C GLU C 299 -18.21 -18.93 -0.86
N GLY C 300 -18.06 -18.55 -2.12
CA GLY C 300 -19.19 -18.38 -3.01
C GLY C 300 -19.55 -19.59 -3.83
N ALA C 301 -19.03 -20.77 -3.48
CA ALA C 301 -19.40 -21.99 -4.17
C ALA C 301 -19.92 -23.01 -3.15
N ILE C 302 -20.11 -24.24 -3.59
CA ILE C 302 -20.68 -25.27 -2.71
C ILE C 302 -19.65 -25.68 -1.68
N ASP C 303 -20.03 -25.61 -0.41
CA ASP C 303 -19.16 -26.00 0.69
C ASP C 303 -20.03 -26.56 1.81
N ALA C 304 -19.41 -26.85 2.95
CA ALA C 304 -20.14 -27.40 4.09
C ALA C 304 -21.11 -26.37 4.66
N ALA C 305 -20.69 -25.12 4.77
CA ALA C 305 -21.53 -24.09 5.39
C ALA C 305 -22.82 -23.88 4.61
N SER C 306 -22.73 -23.87 3.27
CA SER C 306 -23.91 -23.74 2.43
C SER C 306 -24.89 -24.88 2.65
N ILE C 307 -24.38 -26.09 2.86
CA ILE C 307 -25.23 -27.23 3.15
C ILE C 307 -25.87 -27.10 4.53
N LEU C 308 -25.12 -26.57 5.50
CA LEU C 308 -25.66 -26.46 6.85
C LEU C 308 -26.60 -25.27 7.03
N LYS C 309 -26.64 -24.33 6.07
CA LYS C 309 -27.54 -23.19 6.21
C LYS C 309 -29.02 -23.56 6.42
N PRO C 310 -29.63 -24.43 5.61
CA PRO C 310 -31.04 -24.78 5.91
C PRO C 310 -31.21 -25.52 7.22
N LYS C 311 -30.24 -26.33 7.61
CA LYS C 311 -30.37 -27.10 8.85
C LYS C 311 -30.17 -26.21 10.07
N LEU C 312 -29.22 -25.28 10.00
CA LEU C 312 -29.00 -24.39 11.14
C LEU C 312 -30.07 -23.30 11.23
N ALA C 313 -30.62 -22.87 10.09
CA ALA C 313 -31.61 -21.81 10.11
C ALA C 313 -32.93 -22.27 10.73
N ARG C 314 -33.42 -23.44 10.29
CA ARG C 314 -34.65 -24.00 10.83
C ARG C 314 -34.46 -24.60 12.22
N GLY C 315 -33.21 -24.86 12.63
CA GLY C 315 -32.92 -25.25 14.00
C GLY C 315 -33.30 -26.66 14.39
N GLU C 316 -33.36 -27.59 13.44
CA GLU C 316 -33.58 -28.98 13.77
C GLU C 316 -32.30 -29.71 14.12
N LEU C 317 -31.15 -29.04 14.03
CA LEU C 317 -29.86 -29.64 14.33
C LEU C 317 -29.19 -28.84 15.44
N GLN C 318 -28.64 -29.55 16.42
CA GLN C 318 -28.02 -28.94 17.59
C GLN C 318 -26.50 -28.98 17.40
N THR C 319 -25.90 -27.81 17.13
CA THR C 319 -24.47 -27.70 16.96
C THR C 319 -23.91 -26.60 17.86
N ILE C 320 -22.79 -26.88 18.50
CA ILE C 320 -22.07 -25.90 19.32
C ILE C 320 -20.66 -25.76 18.75
N GLY C 321 -20.10 -24.57 18.88
CA GLY C 321 -18.78 -24.30 18.34
C GLY C 321 -17.97 -23.33 19.20
N ALA C 322 -16.66 -23.31 18.96
CA ALA C 322 -15.74 -22.47 19.71
C ALA C 322 -14.85 -21.71 18.73
N THR C 323 -14.70 -20.41 18.95
CA THR C 323 -13.81 -19.59 18.14
C THR C 323 -13.28 -18.44 18.99
N THR C 324 -12.20 -17.83 18.52
CA THR C 324 -11.57 -16.74 19.25
C THR C 324 -12.03 -15.39 18.69
N LEU C 325 -11.75 -14.33 19.46
CA LEU C 325 -12.27 -13.00 19.11
C LEU C 325 -11.70 -12.51 17.79
N ASP C 326 -10.40 -12.67 17.58
CA ASP C 326 -9.81 -12.25 16.31
C ASP C 326 -10.31 -13.10 15.15
N GLU C 327 -10.41 -14.42 15.35
CA GLU C 327 -10.94 -15.30 14.31
C GLU C 327 -12.41 -15.00 14.03
N TYR C 328 -13.20 -14.73 15.08
CA TYR C 328 -14.58 -14.35 14.89
C TYR C 328 -14.68 -13.04 14.12
N ARG C 329 -13.60 -12.32 14.21
CA ARG C 329 -13.59 -11.09 13.41
C ARG C 329 -12.99 -11.37 12.05
N LYS C 330 -12.22 -12.43 11.90
CA LYS C 330 -11.52 -12.55 10.61
C LYS C 330 -12.05 -13.70 9.79
N TYR C 331 -13.16 -14.22 10.20
CA TYR C 331 -13.56 -15.39 9.41
C TYR C 331 -15.07 -15.45 9.43
N ILE C 332 -15.62 -15.25 10.59
CA ILE C 332 -17.06 -15.42 10.75
C ILE C 332 -17.80 -14.12 10.45
N GLU C 333 -17.30 -12.99 10.97
CA GLU C 333 -18.07 -11.75 10.94
C GLU C 333 -18.21 -11.16 9.53
N LYS C 334 -17.23 -11.39 8.65
CA LYS C 334 -17.33 -10.89 7.28
C LYS C 334 -18.45 -11.54 6.49
N ASP C 335 -18.93 -12.70 6.93
CA ASP C 335 -20.10 -13.35 6.34
C ASP C 335 -21.18 -13.37 7.42
N ALA C 336 -22.09 -12.39 7.37
CA ALA C 336 -23.10 -12.22 8.40
C ALA C 336 -24.07 -13.39 8.49
N ALA C 337 -24.19 -14.20 7.44
CA ALA C 337 -25.07 -15.37 7.49
C ALA C 337 -24.59 -16.36 8.54
N LEU C 338 -23.28 -16.54 8.66
CA LEU C 338 -22.74 -17.44 9.68
C LEU C 338 -23.03 -16.93 11.08
N GLU C 339 -22.79 -15.64 11.34
CA GLU C 339 -22.98 -15.12 12.69
C GLU C 339 -24.45 -14.99 13.04
N ARG C 340 -25.33 -14.96 12.02
CA ARG C 340 -26.76 -14.90 12.30
C ARG C 340 -27.25 -16.16 12.99
N ARG C 341 -26.74 -17.32 12.60
CA ARG C 341 -27.24 -18.60 13.11
C ARG C 341 -26.57 -19.03 14.41
N PHE C 342 -25.67 -18.22 14.96
CA PHE C 342 -24.97 -18.56 16.20
C PHE C 342 -25.16 -17.47 17.23
N GLN C 343 -25.64 -17.86 18.41
CA GLN C 343 -25.76 -16.91 19.51
C GLN C 343 -24.44 -16.80 20.25
N PRO C 344 -23.89 -15.60 20.39
CA PRO C 344 -22.62 -15.45 21.12
C PRO C 344 -22.76 -15.78 22.60
N VAL C 345 -21.83 -16.59 23.10
CA VAL C 345 -21.73 -16.91 24.52
C VAL C 345 -20.28 -16.69 24.91
N GLN C 346 -20.00 -15.60 25.62
CA GLN C 346 -18.65 -15.23 25.96
C GLN C 346 -18.14 -16.11 27.10
N VAL C 347 -16.94 -16.65 26.94
CA VAL C 347 -16.28 -17.43 27.99
C VAL C 347 -15.23 -16.51 28.60
N GLY C 348 -15.55 -15.97 29.77
CA GLY C 348 -14.67 -15.01 30.41
C GLY C 348 -13.40 -15.64 30.94
N GLU C 349 -12.35 -14.82 30.96
CA GLU C 349 -11.07 -15.26 31.51
C GLU C 349 -11.19 -15.34 33.03
N PRO C 350 -10.88 -16.49 33.64
CA PRO C 350 -11.15 -16.66 35.07
C PRO C 350 -10.28 -15.78 35.95
N THR C 351 -10.82 -15.43 37.12
CA THR C 351 -10.10 -14.64 38.09
C THR C 351 -9.02 -15.48 38.76
N VAL C 352 -8.22 -14.84 39.62
CA VAL C 352 -7.10 -15.53 40.25
C VAL C 352 -7.60 -16.63 41.19
N GLU C 353 -8.63 -16.34 41.98
CA GLU C 353 -9.16 -17.36 42.88
C GLU C 353 -9.90 -18.43 42.10
N HIS C 354 -10.52 -18.05 40.98
CA HIS C 354 -11.13 -19.03 40.08
C HIS C 354 -10.09 -20.01 39.55
N THR C 355 -8.95 -19.49 39.12
CA THR C 355 -7.85 -20.37 38.71
C THR C 355 -7.33 -21.18 39.88
N ILE C 356 -7.44 -20.64 41.10
CA ILE C 356 -7.04 -21.41 42.27
C ILE C 356 -7.92 -22.65 42.43
N GLU C 357 -9.25 -22.48 42.32
CA GLU C 357 -10.12 -23.65 42.40
C GLU C 357 -9.88 -24.60 41.22
N ILE C 358 -9.59 -24.04 40.04
CA ILE C 358 -9.32 -24.90 38.88
C ILE C 358 -8.08 -25.75 39.13
N LEU C 359 -7.03 -25.15 39.69
CA LEU C 359 -5.83 -25.91 40.03
C LEU C 359 -6.10 -26.95 41.10
N LYS C 360 -6.94 -26.60 42.08
CA LYS C 360 -7.33 -27.58 43.09
C LYS C 360 -8.05 -28.77 42.45
N GLY C 361 -8.91 -28.51 41.47
CA GLY C 361 -9.58 -29.58 40.77
C GLY C 361 -8.66 -30.45 39.93
N LEU C 362 -7.67 -29.86 39.26
CA LEU C 362 -6.80 -30.61 38.36
C LEU C 362 -5.50 -31.04 39.02
N ARG C 363 -5.40 -30.87 40.34
CA ARG C 363 -4.28 -31.42 41.11
C ARG C 363 -4.06 -32.90 40.83
N ASP C 364 -5.14 -33.67 40.81
CA ASP C 364 -5.05 -35.13 40.84
C ASP C 364 -4.40 -35.69 39.59
N ARG C 365 -4.81 -35.21 38.42
CA ARG C 365 -4.31 -35.78 37.17
C ARG C 365 -2.82 -35.52 37.00
N TYR C 366 -2.37 -34.29 37.31
CA TYR C 366 -0.96 -33.99 37.16
C TYR C 366 -0.13 -34.69 38.23
N GLU C 367 -0.67 -34.84 39.44
CA GLU C 367 0.05 -35.58 40.48
C GLU C 367 0.18 -37.05 40.11
N ALA C 368 -0.84 -37.61 39.47
CA ALA C 368 -0.78 -39.01 39.06
C ALA C 368 0.18 -39.20 37.89
N HIS C 369 0.15 -38.29 36.91
CA HIS C 369 1.02 -38.42 35.75
C HIS C 369 2.48 -38.20 36.12
N HIS C 370 2.77 -37.13 36.86
CA HIS C 370 4.15 -36.76 37.14
C HIS C 370 4.71 -37.46 38.38
N ARG C 371 3.88 -38.22 39.09
CA ARG C 371 4.30 -38.99 40.27
C ARG C 371 4.92 -38.10 41.34
N VAL C 372 4.35 -36.91 41.52
CA VAL C 372 4.87 -35.93 42.48
C VAL C 372 3.75 -35.46 43.39
N SER C 373 4.08 -34.54 44.30
CA SER C 373 3.11 -33.97 45.23
C SER C 373 3.17 -32.45 45.14
N ILE C 374 2.00 -31.81 45.15
CA ILE C 374 1.89 -30.36 45.03
C ILE C 374 1.19 -29.82 46.27
N THR C 375 1.74 -28.76 46.84
CA THR C 375 1.19 -28.13 48.04
C THR C 375 0.28 -26.97 47.67
N ASP C 376 -0.48 -26.51 48.66
CA ASP C 376 -1.43 -25.42 48.44
C ASP C 376 -0.71 -24.12 48.07
N ALA C 377 0.36 -23.80 48.79
CA ALA C 377 1.12 -22.59 48.49
C ALA C 377 1.73 -22.63 47.11
N ALA C 378 2.00 -23.85 46.59
CA ALA C 378 2.57 -23.98 45.26
C ALA C 378 1.67 -23.38 44.19
N MET C 379 0.45 -23.90 44.03
CA MET C 379 -0.38 -23.33 42.98
C MET C 379 -0.97 -21.98 43.37
N VAL C 380 -1.05 -21.66 44.66
CA VAL C 380 -1.45 -20.28 45.03
C VAL C 380 -0.44 -19.28 44.49
N ALA C 381 0.85 -19.52 44.77
CA ALA C 381 1.89 -18.63 44.26
C ALA C 381 1.98 -18.72 42.74
N ALA C 382 1.69 -19.90 42.17
CA ALA C 382 1.71 -20.05 40.72
C ALA C 382 0.68 -19.16 40.06
N ALA C 383 -0.56 -19.18 40.58
CA ALA C 383 -1.60 -18.31 40.04
C ALA C 383 -1.23 -16.85 40.23
N THR C 384 -0.67 -16.51 41.39
CA THR C 384 -0.30 -15.12 41.66
C THR C 384 0.74 -14.61 40.67
N LEU C 385 1.84 -15.35 40.50
CA LEU C 385 2.90 -14.91 39.61
C LEU C 385 2.45 -14.99 38.15
N ALA C 386 1.60 -15.96 37.82
CA ALA C 386 1.09 -16.10 36.46
C ALA C 386 0.25 -14.90 36.07
N ASP C 387 -0.64 -14.45 36.96
CA ASP C 387 -1.43 -13.27 36.65
C ASP C 387 -0.59 -12.00 36.70
N ARG C 388 0.39 -11.95 37.60
CA ARG C 388 1.14 -10.71 37.81
C ARG C 388 2.13 -10.43 36.68
N TYR C 389 2.87 -11.43 36.23
CA TYR C 389 4.08 -11.18 35.45
C TYR C 389 3.91 -11.45 33.95
N ILE C 390 3.44 -12.64 33.57
CA ILE C 390 3.33 -12.95 32.15
C ILE C 390 2.17 -12.18 31.54
N ASN C 391 2.45 -11.45 30.46
CA ASN C 391 1.47 -10.56 29.84
C ASN C 391 1.23 -10.91 28.38
N ASP C 392 1.55 -12.12 27.95
CA ASP C 392 1.26 -12.57 26.59
C ASP C 392 0.43 -13.84 26.57
N ARG C 393 0.08 -14.39 27.72
CA ARG C 393 -0.75 -15.58 27.83
C ARG C 393 -1.89 -15.28 28.81
N PHE C 394 -2.82 -16.22 28.90
CA PHE C 394 -4.06 -15.98 29.63
C PHE C 394 -4.37 -17.13 30.57
N LEU C 395 -4.97 -16.79 31.70
CA LEU C 395 -5.31 -17.76 32.72
C LEU C 395 -6.49 -18.62 32.25
N PRO C 396 -6.57 -19.88 32.72
CA PRO C 396 -5.70 -20.59 33.65
C PRO C 396 -4.58 -21.34 32.92
N ASP C 397 -4.43 -21.08 31.62
CA ASP C 397 -3.58 -21.92 30.78
C ASP C 397 -2.12 -21.87 31.20
N LYS C 398 -1.59 -20.69 31.51
CA LYS C 398 -0.17 -20.60 31.82
C LYS C 398 0.16 -21.24 33.16
N ALA C 399 -0.73 -21.12 34.14
CA ALA C 399 -0.50 -21.78 35.43
C ALA C 399 -0.56 -23.29 35.30
N ILE C 400 -1.48 -23.78 34.47
CA ILE C 400 -1.55 -25.21 34.18
C ILE C 400 -0.27 -25.68 33.51
N ASP C 401 0.24 -24.89 32.58
CA ASP C 401 1.51 -25.21 31.93
C ASP C 401 2.65 -25.28 32.94
N LEU C 402 2.71 -24.30 33.85
CA LEU C 402 3.74 -24.29 34.89
C LEU C 402 3.65 -25.52 35.78
N ILE C 403 2.45 -25.90 36.19
CA ILE C 403 2.30 -27.06 37.06
C ILE C 403 2.74 -28.33 36.33
N ASP C 404 2.33 -28.47 35.06
CA ASP C 404 2.71 -29.64 34.28
C ASP C 404 4.22 -29.75 34.13
N GLU C 405 4.88 -28.66 33.73
CA GLU C 405 6.32 -28.72 33.53
C GLU C 405 7.06 -28.86 34.87
N ALA C 406 6.48 -28.37 35.97
CA ALA C 406 7.15 -28.49 37.25
C ALA C 406 7.12 -29.93 37.74
N GLY C 407 5.99 -30.60 37.57
CA GLY C 407 5.94 -32.03 37.81
C GLY C 407 6.89 -32.78 36.90
N ALA C 408 7.01 -32.34 35.65
CA ALA C 408 7.99 -32.91 34.74
C ALA C 408 9.42 -32.72 35.22
N ARG C 409 9.74 -31.54 35.75
CA ARG C 409 11.10 -31.27 36.23
C ARG C 409 11.43 -32.14 37.42
N MET C 410 10.49 -32.28 38.35
CA MET C 410 10.72 -33.18 39.49
C MET C 410 10.84 -34.63 39.04
N ARG C 411 10.03 -35.06 38.07
CA ARG C 411 10.13 -36.43 37.59
C ARG C 411 11.47 -36.69 36.91
N ILE C 412 12.00 -35.68 36.20
CA ILE C 412 13.33 -35.81 35.61
C ILE C 412 14.39 -35.85 36.71
N ARG C 413 14.27 -34.97 37.72
CA ARG C 413 15.29 -34.87 38.75
C ARG C 413 15.35 -36.11 39.63
N ARG C 414 14.21 -36.79 39.83
CA ARG C 414 14.21 -38.02 40.62
C ARG C 414 15.03 -39.11 39.97
N MET C 415 14.96 -39.22 38.65
CA MET C 415 15.78 -40.19 37.92
C MET C 415 17.00 -39.53 37.30
N VAL C 476 8.73 -39.84 47.19
CA VAL C 476 7.88 -38.93 46.44
C VAL C 476 8.36 -37.50 46.59
N ALA C 477 8.55 -36.82 45.46
CA ALA C 477 9.02 -35.44 45.48
C ALA C 477 7.90 -34.49 45.89
N GLU C 478 8.28 -33.25 46.15
CA GLU C 478 7.33 -32.20 46.54
C GLU C 478 7.57 -30.98 45.67
N VAL C 479 6.49 -30.34 45.23
CA VAL C 479 6.56 -29.17 44.36
C VAL C 479 6.19 -27.95 45.19
N ASP C 480 7.09 -26.98 45.26
CA ASP C 480 6.92 -25.81 46.09
C ASP C 480 7.13 -24.55 45.25
N ASP C 481 7.03 -23.38 45.90
CA ASP C 481 7.04 -22.11 45.19
C ASP C 481 8.43 -21.75 44.63
N GLU C 482 9.51 -22.24 45.24
CA GLU C 482 10.83 -21.93 44.69
C GLU C 482 11.04 -22.59 43.34
N GLN C 483 10.44 -23.77 43.13
CA GLN C 483 10.57 -24.45 41.84
C GLN C 483 9.90 -23.66 40.73
N ILE C 484 8.64 -23.26 40.94
CA ILE C 484 7.93 -22.49 39.93
C ILE C 484 8.55 -21.10 39.78
N ALA C 485 9.17 -20.58 40.84
CA ALA C 485 9.91 -19.34 40.73
C ALA C 485 11.11 -19.48 39.80
N GLU C 486 11.87 -20.57 39.97
CA GLU C 486 12.99 -20.85 39.08
C GLU C 486 12.51 -21.07 37.65
N VAL C 487 11.35 -21.70 37.49
CA VAL C 487 10.77 -21.89 36.16
C VAL C 487 10.44 -20.55 35.52
N LEU C 488 9.80 -19.66 36.26
CA LEU C 488 9.46 -18.35 35.70
C LEU C 488 10.73 -17.58 35.34
N GLY C 489 11.79 -17.73 36.13
CA GLY C 489 13.08 -17.17 35.73
C GLY C 489 13.61 -17.77 34.44
N ASN C 490 13.44 -19.08 34.27
CA ASN C 490 13.86 -19.73 33.03
C ASN C 490 13.03 -19.25 31.84
N TRP C 491 11.73 -19.07 32.06
CA TRP C 491 10.80 -18.76 30.97
C TRP C 491 10.91 -17.31 30.55
N THR C 492 10.58 -16.38 31.45
CA THR C 492 10.49 -14.97 31.10
C THR C 492 11.71 -14.16 31.51
N GLY C 493 12.67 -14.78 32.21
CA GLY C 493 13.87 -14.07 32.59
C GLY C 493 13.75 -13.21 33.82
N ILE C 494 12.61 -13.24 34.49
CA ILE C 494 12.40 -12.43 35.70
C ILE C 494 13.10 -13.11 36.87
N PRO C 495 14.01 -12.44 37.58
CA PRO C 495 14.74 -13.10 38.67
C PRO C 495 13.93 -13.15 39.97
N VAL C 496 12.66 -13.51 39.87
CA VAL C 496 11.80 -13.61 41.05
C VAL C 496 12.04 -15.00 41.66
N PHE C 497 13.05 -15.06 42.52
CA PHE C 497 13.53 -16.32 43.08
C PHE C 497 13.44 -16.28 44.60
N LYS C 498 13.54 -17.45 45.20
CA LYS C 498 13.86 -17.54 46.62
C LYS C 498 15.32 -17.17 46.80
N LEU C 499 15.58 -16.08 47.52
CA LEU C 499 16.92 -15.49 47.56
C LEU C 499 17.89 -16.42 48.28
N THR C 500 18.95 -16.82 47.57
CA THR C 500 19.99 -17.62 48.18
C THR C 500 20.96 -16.73 48.96
N GLU C 501 21.77 -17.36 49.81
CA GLU C 501 22.64 -16.62 50.70
C GLU C 501 23.69 -15.82 49.95
N ALA C 502 24.30 -16.43 48.92
CA ALA C 502 25.35 -15.75 48.17
C ALA C 502 24.82 -14.51 47.46
N GLU C 503 23.70 -14.63 46.76
CA GLU C 503 23.13 -13.46 46.10
C GLU C 503 22.55 -12.48 47.11
N THR C 504 22.18 -12.94 48.31
CA THR C 504 21.75 -12.03 49.36
C THR C 504 22.89 -11.13 49.81
N THR C 505 24.04 -11.75 50.12
CA THR C 505 25.21 -10.96 50.50
C THR C 505 25.70 -10.09 49.34
N ARG C 506 25.51 -10.55 48.10
CA ARG C 506 25.83 -9.71 46.96
C ARG C 506 24.92 -8.48 46.90
N LEU C 507 23.62 -8.69 47.15
CA LEU C 507 22.66 -7.58 47.05
C LEU C 507 22.86 -6.58 48.18
N LEU C 508 23.15 -7.04 49.40
CA LEU C 508 23.39 -6.12 50.49
C LEU C 508 24.70 -5.36 50.30
N ARG C 509 25.68 -5.95 49.62
CA ARG C 509 26.98 -5.34 49.44
C ARG C 509 27.26 -4.96 47.99
N MET C 510 26.22 -4.76 47.17
CA MET C 510 26.46 -4.42 45.78
C MET C 510 26.87 -2.97 45.59
N GLU C 511 26.78 -2.14 46.64
CA GLU C 511 27.23 -0.76 46.54
C GLU C 511 28.73 -0.70 46.28
N GLU C 512 29.49 -1.55 46.98
CA GLU C 512 30.93 -1.62 46.73
C GLU C 512 31.21 -2.24 45.36
N GLU C 513 30.38 -3.19 44.94
CA GLU C 513 30.56 -3.80 43.63
C GLU C 513 30.34 -2.79 42.51
N LEU C 514 29.35 -1.90 42.68
CA LEU C 514 29.18 -0.79 41.76
C LEU C 514 30.35 0.18 41.86
N HIS C 515 30.84 0.42 43.08
CA HIS C 515 31.96 1.32 43.28
C HIS C 515 33.26 0.77 42.69
N LYS C 516 33.29 -0.51 42.31
CA LYS C 516 34.42 -1.03 41.55
C LYS C 516 34.52 -0.36 40.19
N ARG C 517 33.38 -0.08 39.56
CA ARG C 517 33.36 0.53 38.23
C ARG C 517 33.08 2.03 38.28
N ILE C 518 31.93 2.43 38.82
CA ILE C 518 31.59 3.84 38.94
C ILE C 518 32.04 4.35 40.30
N ILE C 519 32.84 5.40 40.30
CA ILE C 519 33.48 5.90 41.52
C ILE C 519 32.96 7.29 41.80
N GLY C 520 32.59 7.53 43.06
CA GLY C 520 31.91 8.76 43.40
C GLY C 520 30.42 8.63 43.14
N GLN C 521 29.72 9.75 43.34
CA GLN C 521 28.26 9.85 43.19
C GLN C 521 27.56 8.80 44.05
N GLU C 522 27.81 8.89 45.36
CA GLU C 522 27.27 7.91 46.30
C GLU C 522 25.75 7.95 46.37
N ASP C 523 25.16 9.14 46.22
CA ASP C 523 23.71 9.27 46.37
C ASP C 523 22.96 8.48 45.30
N ALA C 524 23.38 8.60 44.04
CA ALA C 524 22.71 7.89 42.96
C ALA C 524 22.88 6.38 43.10
N VAL C 525 24.09 5.94 43.46
CA VAL C 525 24.35 4.51 43.62
C VAL C 525 23.50 3.95 44.75
N LYS C 526 23.41 4.68 45.87
CA LYS C 526 22.61 4.22 47.00
C LYS C 526 21.13 4.20 46.64
N ALA C 527 20.66 5.19 45.88
CA ALA C 527 19.25 5.24 45.50
C ALA C 527 18.88 4.07 44.59
N VAL C 528 19.72 3.79 43.59
CA VAL C 528 19.44 2.67 42.70
C VAL C 528 19.57 1.35 43.45
N SER C 529 20.51 1.26 44.40
CA SER C 529 20.64 0.06 45.22
C SER C 529 19.38 -0.18 46.05
N LYS C 530 18.83 0.90 46.63
CA LYS C 530 17.58 0.78 47.38
C LYS C 530 16.44 0.36 46.48
N ALA C 531 16.36 0.93 45.27
CA ALA C 531 15.28 0.59 44.36
C ALA C 531 15.32 -0.87 43.94
N ILE C 532 16.50 -1.37 43.58
CA ILE C 532 16.56 -2.77 43.18
C ILE C 532 16.50 -3.72 44.37
N ARG C 533 16.90 -3.27 45.56
CA ARG C 533 16.69 -4.06 46.76
C ARG C 533 15.22 -4.20 47.07
N ARG C 534 14.46 -3.13 46.85
CA ARG C 534 13.01 -3.19 46.86
C ARG C 534 12.48 -4.17 45.84
N THR C 535 13.02 -4.13 44.62
CA THR C 535 12.55 -5.00 43.56
C THR C 535 12.78 -6.47 43.89
N ARG C 536 13.96 -6.81 44.40
CA ARG C 536 14.30 -8.19 44.69
C ARG C 536 13.59 -8.75 45.91
N ALA C 537 13.20 -7.90 46.85
CA ALA C 537 12.57 -8.35 48.09
C ALA C 537 11.06 -8.50 47.96
N GLY C 538 10.50 -8.26 46.78
CA GLY C 538 9.07 -8.34 46.59
C GLY C 538 8.30 -7.27 47.33
N LEU C 539 8.82 -6.05 47.36
CA LEU C 539 8.15 -4.93 48.00
C LEU C 539 7.91 -3.80 47.00
N LYS C 540 8.05 -4.10 45.72
CA LYS C 540 7.90 -3.13 44.65
C LYS C 540 6.47 -3.18 44.14
N ASP C 541 5.88 -2.01 43.93
CA ASP C 541 4.48 -1.90 43.53
C ASP C 541 4.25 -2.51 42.16
N PRO C 542 3.23 -3.36 41.98
CA PRO C 542 3.00 -3.99 40.68
C PRO C 542 2.68 -3.01 39.55
N LYS C 543 1.94 -1.94 39.80
CA LYS C 543 1.48 -1.09 38.71
C LYS C 543 2.42 0.07 38.39
N ARG C 544 3.50 0.25 39.16
CA ARG C 544 4.63 1.07 38.74
C ARG C 544 5.83 0.20 38.40
N PRO C 545 6.72 0.68 37.53
CA PRO C 545 7.92 -0.11 37.19
C PRO C 545 8.88 -0.26 38.36
N SER C 546 9.98 -0.97 38.10
CA SER C 546 10.96 -1.25 39.14
C SER C 546 11.60 0.04 39.65
N GLY C 547 11.93 0.96 38.76
CA GLY C 547 12.52 2.21 39.16
C GLY C 547 12.66 3.15 37.99
N SER C 548 12.37 4.43 38.24
CA SER C 548 12.51 5.47 37.24
C SER C 548 13.38 6.57 37.82
N PHE C 549 14.39 6.99 37.07
CA PHE C 549 15.35 7.96 37.56
C PHE C 549 15.73 8.95 36.46
N ILE C 550 16.00 10.18 36.87
CA ILE C 550 16.62 11.19 36.02
C ILE C 550 18.05 11.37 36.51
N PHE C 551 19.00 11.19 35.60
CA PHE C 551 20.42 11.37 35.91
C PHE C 551 20.84 12.72 35.35
N ALA C 552 20.98 13.70 36.24
CA ALA C 552 21.31 15.06 35.85
C ALA C 552 22.67 15.44 36.42
N GLY C 553 23.45 16.18 35.64
CA GLY C 553 24.76 16.61 36.05
C GLY C 553 25.58 17.08 34.86
N PRO C 554 26.80 17.55 35.12
CA PRO C 554 27.70 17.92 34.02
C PRO C 554 28.13 16.71 33.23
N SER C 555 28.57 16.96 32.00
CA SER C 555 28.95 15.88 31.10
C SER C 555 30.22 15.19 31.57
N GLY C 556 30.27 13.87 31.39
CA GLY C 556 31.46 13.09 31.67
C GLY C 556 31.54 12.48 33.06
N VAL C 557 30.62 12.83 33.96
CA VAL C 557 30.71 12.36 35.34
C VAL C 557 30.51 10.85 35.42
N GLY C 558 29.74 10.28 34.51
CA GLY C 558 29.53 8.83 34.53
C GLY C 558 28.08 8.43 34.59
N LYS C 559 27.20 9.29 34.06
CA LYS C 559 25.77 8.99 34.05
C LYS C 559 25.48 7.75 33.22
N THR C 560 26.10 7.62 32.05
CA THR C 560 25.99 6.39 31.28
C THR C 560 26.76 5.25 31.93
N GLU C 561 27.84 5.58 32.64
CA GLU C 561 28.63 4.56 33.32
C GLU C 561 27.82 3.88 34.42
N LEU C 562 26.97 4.64 35.11
CA LEU C 562 26.12 4.06 36.14
C LEU C 562 25.15 3.03 35.55
N SER C 563 24.51 3.39 34.44
CA SER C 563 23.59 2.46 33.78
C SER C 563 24.34 1.24 33.25
N LYS C 564 25.54 1.44 32.73
CA LYS C 564 26.36 0.32 32.26
C LYS C 564 26.72 -0.60 33.43
N ALA C 565 27.02 -0.02 34.59
CA ALA C 565 27.34 -0.82 35.76
C ALA C 565 26.14 -1.60 36.27
N LEU C 566 24.95 -1.00 36.26
CA LEU C 566 23.75 -1.76 36.60
C LEU C 566 23.49 -2.87 35.60
N ALA C 567 23.73 -2.61 34.31
CA ALA C 567 23.58 -3.67 33.31
C ALA C 567 24.54 -4.82 33.56
N ASN C 568 25.79 -4.50 33.87
CA ASN C 568 26.78 -5.53 34.17
C ASN C 568 26.42 -6.30 35.43
N PHE C 569 25.90 -5.62 36.44
CA PHE C 569 25.50 -6.30 37.68
C PHE C 569 24.31 -7.22 37.43
N LEU C 570 23.32 -6.75 36.67
CA LEU C 570 22.10 -7.52 36.49
C LEU C 570 22.25 -8.68 35.51
N PHE C 571 23.09 -8.52 34.48
CA PHE C 571 23.15 -9.50 33.41
C PHE C 571 24.54 -10.01 33.09
N GLY C 572 25.59 -9.39 33.60
CA GLY C 572 26.94 -9.81 33.33
C GLY C 572 27.55 -9.24 32.06
N ASP C 573 26.74 -8.62 31.20
CA ASP C 573 27.22 -8.07 29.94
C ASP C 573 26.67 -6.66 29.76
N ASP C 574 27.40 -5.87 28.98
CA ASP C 574 26.98 -4.52 28.66
C ASP C 574 26.04 -4.44 27.46
N ASP C 575 25.94 -5.51 26.67
CA ASP C 575 25.05 -5.52 25.52
C ASP C 575 23.60 -5.79 25.90
N ALA C 576 23.34 -6.27 27.10
CA ALA C 576 21.98 -6.49 27.57
C ALA C 576 21.25 -5.20 27.90
N LEU C 577 21.97 -4.09 28.01
CA LEU C 577 21.36 -2.78 28.23
C LEU C 577 20.80 -2.27 26.91
N ILE C 578 19.49 -2.12 26.84
CA ILE C 578 18.86 -1.54 25.66
C ILE C 578 19.01 -0.02 25.76
N GLN C 579 19.70 0.56 24.79
CA GLN C 579 20.05 1.97 24.80
C GLN C 579 19.44 2.65 23.57
N ILE C 580 18.68 3.71 23.81
CA ILE C 580 18.04 4.46 22.74
C ILE C 580 18.38 5.93 22.95
N ASP C 581 18.92 6.56 21.91
CA ASP C 581 19.39 7.93 22.00
C ASP C 581 18.26 8.89 21.62
N MET C 582 18.13 9.97 22.40
CA MET C 582 17.10 10.98 22.17
C MET C 582 17.54 12.07 21.21
N GLY C 583 18.79 12.05 20.73
CA GLY C 583 19.22 13.02 19.74
C GLY C 583 18.53 12.84 18.41
N GLU C 584 18.29 11.58 18.01
CA GLU C 584 17.58 11.32 16.76
C GLU C 584 16.12 11.73 16.82
N PHE C 585 15.54 11.81 18.02
CA PHE C 585 14.18 12.29 18.21
C PHE C 585 14.15 13.80 18.42
N HIS C 586 14.80 14.51 17.50
CA HIS C 586 14.85 15.97 17.54
C HIS C 586 13.74 16.62 16.72
N ASP C 587 12.92 15.82 16.02
CA ASP C 587 11.82 16.32 15.23
C ASP C 587 10.52 15.68 15.70
N ARG C 588 9.42 16.40 15.47
CA ARG C 588 8.12 15.90 15.89
C ARG C 588 7.67 14.68 15.11
N PHE C 589 8.21 14.49 13.90
CA PHE C 589 7.78 13.38 13.06
C PHE C 589 8.46 12.07 13.44
N THR C 590 9.41 12.10 14.37
CA THR C 590 10.13 10.90 14.78
C THR C 590 9.47 10.17 15.94
N ALA C 591 8.28 10.61 16.37
CA ALA C 591 7.63 10.01 17.53
C ALA C 591 7.16 8.59 17.27
N SER C 592 6.97 8.20 16.01
CA SER C 592 6.44 6.87 15.71
C SER C 592 7.48 5.78 15.79
N ARG C 593 8.75 6.12 15.97
CA ARG C 593 9.81 5.11 15.99
C ARG C 593 9.67 4.15 17.17
N LEU C 594 9.30 4.66 18.35
CA LEU C 594 9.28 3.83 19.55
C LEU C 594 8.20 2.77 19.48
N PHE C 595 6.97 3.15 19.11
CA PHE C 595 5.83 2.26 19.19
C PHE C 595 5.25 1.88 17.83
N GLY C 596 5.97 2.15 16.74
CA GLY C 596 5.55 1.71 15.44
C GLY C 596 4.65 2.69 14.73
N ALA C 597 4.19 2.27 13.56
CA ALA C 597 3.41 3.04 12.60
C ALA C 597 1.91 2.85 12.83
N PRO C 598 1.11 3.86 12.50
CA PRO C 598 -0.35 3.69 12.52
C PRO C 598 -0.80 2.80 11.38
N PRO C 599 -2.00 2.22 11.46
CA PRO C 599 -2.48 1.35 10.39
C PRO C 599 -2.62 2.08 9.05
N GLY C 600 -2.38 1.32 7.97
CA GLY C 600 -2.48 1.83 6.63
C GLY C 600 -1.23 2.49 6.10
N TYR C 601 -0.20 2.65 6.93
CA TYR C 601 1.03 3.32 6.52
C TYR C 601 2.17 2.31 6.44
N VAL C 602 3.31 2.78 5.92
CA VAL C 602 4.49 1.93 5.83
C VAL C 602 5.02 1.65 7.22
N GLY C 603 5.69 0.52 7.38
CA GLY C 603 6.29 0.17 8.65
C GLY C 603 5.37 -0.48 9.65
N TYR C 604 4.16 -0.87 9.25
CA TYR C 604 3.24 -1.52 10.19
C TYR C 604 3.68 -2.95 10.51
N GLU C 605 4.29 -3.64 9.56
CA GLU C 605 4.56 -5.07 9.73
C GLU C 605 5.64 -5.34 10.76
N GLU C 606 6.67 -4.50 10.85
CA GLU C 606 7.72 -4.74 11.85
C GLU C 606 7.36 -4.15 13.20
N GLY C 607 6.54 -3.10 13.21
CA GLY C 607 6.08 -2.53 14.46
C GLY C 607 7.10 -1.62 15.11
N GLY C 608 6.95 -1.46 16.42
CA GLY C 608 7.80 -0.56 17.16
C GLY C 608 9.22 -1.06 17.32
N GLN C 609 10.09 -0.16 17.76
CA GLN C 609 11.49 -0.49 18.01
C GLN C 609 11.74 -0.85 19.46
N LEU C 610 11.36 0.02 20.39
CA LEU C 610 11.62 -0.23 21.81
C LEU C 610 10.66 -1.29 22.37
N THR C 611 9.45 -1.37 21.79
CA THR C 611 8.46 -2.32 22.29
C THR C 611 8.92 -3.76 22.10
N GLU C 612 9.44 -4.08 20.91
CA GLU C 612 9.91 -5.44 20.68
C GLU C 612 11.17 -5.74 21.49
N LYS C 613 12.02 -4.73 21.69
CA LYS C 613 13.21 -4.92 22.52
C LYS C 613 12.82 -5.24 23.96
N VAL C 614 11.78 -4.57 24.47
CA VAL C 614 11.24 -4.92 25.78
C VAL C 614 10.64 -6.32 25.75
N ARG C 615 9.97 -6.68 24.64
CA ARG C 615 9.34 -7.99 24.53
C ARG C 615 10.36 -9.13 24.58
N ARG C 616 11.54 -8.94 24.00
CA ARG C 616 12.58 -9.96 24.12
C ARG C 616 13.01 -10.17 25.57
N LYS C 617 13.15 -9.08 26.32
CA LYS C 617 13.61 -9.23 27.70
C LYS C 617 12.76 -8.37 28.64
N PRO C 618 11.80 -8.97 29.34
CA PRO C 618 10.97 -8.18 30.27
C PRO C 618 11.76 -7.53 31.40
N PHE C 619 12.80 -8.20 31.89
CA PHE C 619 13.66 -7.65 32.94
C PHE C 619 14.87 -7.01 32.28
N SER C 620 14.75 -5.73 31.94
CA SER C 620 15.86 -5.03 31.31
C SER C 620 15.80 -3.57 31.73
N VAL C 621 16.95 -2.91 31.62
CA VAL C 621 17.09 -1.49 31.93
C VAL C 621 17.19 -0.75 30.61
N VAL C 622 16.32 0.25 30.43
CA VAL C 622 16.28 1.02 29.21
C VAL C 622 16.93 2.37 29.48
N LEU C 623 17.66 2.89 28.50
CA LEU C 623 18.44 4.10 28.64
C LEU C 623 17.99 5.11 27.60
N PHE C 624 17.84 6.36 28.02
CA PHE C 624 17.44 7.46 27.15
C PHE C 624 18.56 8.50 27.20
N ASP C 625 19.52 8.38 26.29
CA ASP C 625 20.71 9.22 26.33
C ASP C 625 20.41 10.62 25.83
N GLU C 626 20.94 11.61 26.56
CA GLU C 626 20.81 13.03 26.24
C GLU C 626 19.33 13.43 26.10
N ILE C 627 18.63 13.34 27.23
CA ILE C 627 17.19 13.49 27.26
C ILE C 627 16.76 14.90 26.87
N GLU C 628 17.65 15.89 26.99
CA GLU C 628 17.30 17.27 26.65
C GLU C 628 17.08 17.43 25.15
N LYS C 629 17.75 16.62 24.33
CA LYS C 629 17.59 16.72 22.88
C LYS C 629 16.19 16.32 22.43
N ALA C 630 15.56 15.39 23.16
CA ALA C 630 14.20 14.99 22.84
C ALA C 630 13.23 16.13 23.12
N HIS C 631 12.13 16.14 22.37
CA HIS C 631 11.11 17.18 22.52
C HIS C 631 9.95 16.62 23.35
N GLN C 632 8.98 17.48 23.65
CA GLN C 632 7.97 17.14 24.66
C GLN C 632 7.02 16.02 24.24
N GLU C 633 6.87 15.76 22.93
CA GLU C 633 5.94 14.70 22.51
C GLU C 633 6.43 13.32 22.94
N ILE C 634 7.75 13.13 23.03
CA ILE C 634 8.27 11.85 23.52
C ILE C 634 7.89 11.64 24.97
N TYR C 635 8.03 12.69 25.80
CA TYR C 635 7.64 12.57 27.19
C TYR C 635 6.14 12.38 27.34
N ASN C 636 5.36 13.04 26.46
CA ASN C 636 3.91 12.82 26.47
C ASN C 636 3.56 11.39 26.15
N SER C 637 4.26 10.78 25.19
CA SER C 637 3.99 9.39 24.85
C SER C 637 4.53 8.43 25.90
N LEU C 638 5.47 8.88 26.72
CA LEU C 638 6.09 8.02 27.73
C LEU C 638 5.52 8.20 29.14
N LEU C 639 4.65 9.20 29.35
CA LEU C 639 4.07 9.43 30.67
C LEU C 639 3.33 8.21 31.19
N GLN C 640 2.64 7.50 30.30
CA GLN C 640 1.93 6.28 30.69
C GLN C 640 2.91 5.19 31.11
N VAL C 641 4.06 5.10 30.45
CA VAL C 641 5.09 4.15 30.86
C VAL C 641 5.65 4.51 32.23
N LEU C 642 5.87 5.81 32.47
CA LEU C 642 6.31 6.26 33.79
C LEU C 642 5.30 5.94 34.89
N GLU C 643 4.01 6.12 34.61
CA GLU C 643 3.03 5.93 35.68
C GLU C 643 2.53 4.50 35.79
N ASP C 644 1.82 4.02 34.77
CA ASP C 644 1.18 2.72 34.86
C ASP C 644 2.07 1.61 34.29
N GLY C 645 3.07 1.97 33.48
CA GLY C 645 3.97 0.97 32.93
C GLY C 645 3.37 0.10 31.86
N ARG C 646 2.54 0.68 30.99
CA ARG C 646 2.06 -0.01 29.81
C ARG C 646 2.38 0.85 28.60
N LEU C 647 2.41 0.21 27.44
CA LEU C 647 2.69 0.93 26.19
C LEU C 647 1.96 0.22 25.07
N THR C 648 1.10 0.95 24.37
CA THR C 648 0.35 0.40 23.25
C THR C 648 1.11 0.71 21.97
N ASP C 649 1.44 -0.33 21.21
CA ASP C 649 2.18 -0.14 19.97
C ASP C 649 1.24 0.25 18.84
N GLY C 650 1.82 0.47 17.66
CA GLY C 650 1.02 0.69 16.47
C GLY C 650 0.15 -0.50 16.10
N GLN C 651 0.59 -1.70 16.44
CA GLN C 651 -0.21 -2.90 16.20
C GLN C 651 -1.46 -2.93 17.08
N GLY C 652 -1.44 -2.21 18.20
CA GLY C 652 -2.56 -2.18 19.12
C GLY C 652 -2.36 -3.04 20.36
N ARG C 653 -1.22 -3.68 20.50
CA ARG C 653 -0.96 -4.53 21.66
C ARG C 653 -0.31 -3.73 22.78
N THR C 654 -0.67 -4.07 24.02
CA THR C 654 -0.08 -3.47 25.20
C THR C 654 1.24 -4.17 25.52
N VAL C 655 2.27 -3.38 25.82
CA VAL C 655 3.59 -3.91 26.16
C VAL C 655 3.86 -3.59 27.62
N ASP C 656 4.30 -4.61 28.36
CA ASP C 656 4.51 -4.47 29.79
C ASP C 656 5.79 -3.69 30.09
N PHE C 657 5.77 -2.93 31.18
CA PHE C 657 6.97 -2.27 31.69
C PHE C 657 7.11 -2.43 33.20
N LYS C 658 6.35 -3.35 33.80
CA LYS C 658 6.31 -3.50 35.24
C LYS C 658 7.57 -4.15 35.80
N ASN C 659 8.45 -4.67 34.95
CA ASN C 659 9.70 -5.27 35.39
C ASN C 659 10.92 -4.60 34.78
N THR C 660 10.77 -3.37 34.31
CA THR C 660 11.87 -2.63 33.69
C THR C 660 12.35 -1.51 34.61
N VAL C 661 13.55 -1.02 34.30
CA VAL C 661 14.16 0.08 35.05
C VAL C 661 14.38 1.24 34.09
N LEU C 662 13.89 2.42 34.48
CA LEU C 662 13.89 3.59 33.61
C LEU C 662 15.07 4.50 33.96
N ILE C 663 15.92 4.76 32.97
CA ILE C 663 17.08 5.62 33.14
C ILE C 663 17.01 6.74 32.11
N PHE C 664 17.12 7.98 32.57
CA PHE C 664 17.10 9.16 31.71
C PHE C 664 18.31 10.01 32.06
N THR C 665 19.18 10.25 31.08
CA THR C 665 20.40 11.01 31.29
C THR C 665 20.22 12.43 30.80
N SER C 666 20.56 13.40 31.65
CA SER C 666 20.39 14.81 31.32
C SER C 666 21.68 15.56 31.60
N ASN C 667 22.05 16.46 30.70
CA ASN C 667 23.18 17.36 30.88
C ASN C 667 22.58 18.77 30.86
N LEU C 668 22.15 19.23 32.03
CA LEU C 668 21.43 20.49 32.15
C LEU C 668 21.94 21.28 33.36
N GLY C 669 21.71 22.59 33.31
CA GLY C 669 22.10 23.44 34.42
C GLY C 669 23.56 23.82 34.45
N THR C 670 24.29 23.60 33.36
CA THR C 670 25.70 23.94 33.31
C THR C 670 26.15 24.20 31.87
N GLU C 691 25.67 22.38 46.18
CA GLU C 691 24.43 22.89 46.74
C GLU C 691 23.70 23.79 45.73
N ARG C 692 24.45 24.73 45.15
CA ARG C 692 23.87 25.62 44.15
C ARG C 692 23.48 24.85 42.89
N MET C 693 24.28 23.84 42.53
CA MET C 693 23.99 23.06 41.34
C MET C 693 22.69 22.28 41.49
N LYS C 694 22.34 21.90 42.72
CA LYS C 694 21.06 21.22 42.96
C LYS C 694 19.89 22.11 42.57
N GLN C 695 19.87 23.34 43.10
CA GLN C 695 18.79 24.27 42.79
C GLN C 695 18.78 24.66 41.33
N LYS C 696 19.96 24.89 40.74
CA LYS C 696 20.04 25.26 39.33
C LYS C 696 19.51 24.15 38.43
N VAL C 697 19.89 22.89 38.72
CA VAL C 697 19.44 21.76 37.92
C VAL C 697 17.93 21.57 38.08
N ASN C 698 17.42 21.68 39.31
CA ASN C 698 15.98 21.53 39.53
C ASN C 698 15.19 22.62 38.81
N ASP C 699 15.69 23.85 38.85
CA ASP C 699 15.01 24.95 38.15
C ASP C 699 15.04 24.74 36.64
N GLU C 700 16.19 24.31 36.10
CA GLU C 700 16.27 24.05 34.67
C GLU C 700 15.35 22.91 34.26
N LEU C 701 15.26 21.87 35.08
CA LEU C 701 14.37 20.75 34.77
C LEU C 701 12.91 21.15 34.81
N LYS C 702 12.49 21.92 35.82
CA LYS C 702 11.09 22.33 35.87
C LYS C 702 10.78 23.36 34.79
N LYS C 703 11.80 24.09 34.31
CA LYS C 703 11.58 25.01 33.21
C LYS C 703 11.44 24.26 31.88
N HIS C 704 12.27 23.25 31.65
CA HIS C 704 12.30 22.54 30.38
C HIS C 704 11.41 21.30 30.36
N PHE C 705 10.69 21.01 31.43
CA PHE C 705 9.81 19.86 31.47
C PHE C 705 8.47 20.25 32.07
N ARG C 706 7.43 19.51 31.68
CA ARG C 706 6.10 19.74 32.21
C ARG C 706 6.01 19.23 33.64
N PRO C 707 5.15 19.85 34.46
CA PRO C 707 5.06 19.44 35.87
C PRO C 707 4.65 17.99 36.08
N GLU C 708 3.79 17.44 35.23
CA GLU C 708 3.35 16.07 35.44
C GLU C 708 4.47 15.08 35.13
N PHE C 709 5.38 15.44 34.22
CA PHE C 709 6.50 14.57 33.93
C PHE C 709 7.45 14.48 35.12
N LEU C 710 7.79 15.62 35.73
CA LEU C 710 8.62 15.61 36.92
C LEU C 710 7.86 15.06 38.13
N ASN C 711 6.53 15.02 38.06
CA ASN C 711 5.77 14.34 39.10
C ASN C 711 5.84 12.82 38.94
N ARG C 712 5.89 12.34 37.69
CA ARG C 712 5.92 10.91 37.45
C ARG C 712 7.24 10.28 37.88
N ILE C 713 8.35 11.00 37.73
CA ILE C 713 9.67 10.44 38.00
C ILE C 713 9.80 10.15 39.49
N ASP C 714 10.52 9.07 39.82
CA ASP C 714 10.61 8.64 41.21
C ASP C 714 11.62 9.47 41.99
N ASP C 715 12.87 9.48 41.54
CA ASP C 715 13.95 10.16 42.25
C ASP C 715 14.69 11.09 41.29
N ILE C 716 14.98 12.30 41.76
CA ILE C 716 15.74 13.28 41.01
C ILE C 716 17.13 13.35 41.62
N ILE C 717 18.15 13.13 40.81
CA ILE C 717 19.53 13.04 41.28
C ILE C 717 20.37 14.05 40.50
N VAL C 718 21.11 14.88 41.22
CA VAL C 718 22.02 15.84 40.61
C VAL C 718 23.44 15.34 40.83
N PHE C 719 24.13 15.03 39.73
CA PHE C 719 25.50 14.54 39.83
C PHE C 719 26.46 15.70 40.11
N HIS C 720 27.33 15.50 41.09
CA HIS C 720 28.30 16.52 41.46
C HIS C 720 29.60 16.33 40.70
N GLN C 721 30.40 17.39 40.68
CA GLN C 721 31.71 17.36 40.05
C GLN C 721 32.66 16.46 40.83
N LEU C 722 33.54 15.79 40.10
CA LEU C 722 34.49 14.88 40.71
C LEU C 722 35.57 15.64 41.48
N THR C 723 36.32 14.92 42.29
CA THR C 723 37.38 15.48 43.12
C THR C 723 38.73 14.90 42.69
N ARG C 724 39.79 15.38 43.36
CA ARG C 724 41.15 14.97 42.99
C ARG C 724 41.38 13.50 43.29
N GLU C 725 40.87 13.01 44.43
CA GLU C 725 40.95 11.58 44.71
C GLU C 725 40.12 10.79 43.71
N GLU C 726 38.98 11.33 43.31
CA GLU C 726 38.15 10.66 42.31
C GLU C 726 38.85 10.58 40.96
N ILE C 727 39.53 11.64 40.53
CA ILE C 727 40.25 11.53 39.26
C ILE C 727 41.50 10.67 39.40
N ILE C 728 42.07 10.58 40.61
CA ILE C 728 43.15 9.63 40.85
C ILE C 728 42.63 8.20 40.65
N ARG C 729 41.45 7.90 41.18
CA ARG C 729 40.87 6.58 40.97
C ARG C 729 40.43 6.38 39.52
N MET C 730 40.09 7.47 38.81
CA MET C 730 39.89 7.40 37.38
C MET C 730 41.17 6.95 36.68
N VAL C 731 42.30 7.52 37.07
CA VAL C 731 43.59 7.11 36.54
C VAL C 731 43.85 5.64 36.86
N ASP C 732 43.46 5.21 38.07
CA ASP C 732 43.60 3.80 38.45
C ASP C 732 42.82 2.90 37.51
N LEU C 733 41.54 3.22 37.27
CA LEU C 733 40.73 2.41 36.37
C LEU C 733 41.28 2.45 34.94
N MET C 734 41.78 3.61 34.53
CA MET C 734 42.31 3.76 33.18
C MET C 734 43.52 2.87 32.95
N ILE C 735 44.48 2.91 33.88
CA ILE C 735 45.67 2.08 33.74
C ILE C 735 45.32 0.62 33.91
N SER C 736 44.29 0.32 34.73
CA SER C 736 43.85 -1.06 34.88
C SER C 736 43.33 -1.62 33.57
N ARG C 737 42.46 -0.87 32.87
CA ARG C 737 41.93 -1.38 31.62
C ARG C 737 42.97 -1.37 30.52
N VAL C 738 43.92 -0.42 30.56
CA VAL C 738 45.01 -0.42 29.59
C VAL C 738 45.89 -1.65 29.77
N ALA C 739 46.23 -1.98 31.01
CA ALA C 739 47.00 -3.19 31.28
C ALA C 739 46.23 -4.44 30.92
N GLY C 740 44.92 -4.44 31.16
CA GLY C 740 44.09 -5.58 30.77
C GLY C 740 44.06 -5.79 29.27
N GLN C 741 44.02 -4.70 28.49
CA GLN C 741 44.14 -4.82 27.04
C GLN C 741 45.53 -5.29 26.65
N LEU C 742 46.56 -4.81 27.34
CA LEU C 742 47.93 -5.13 26.97
C LEU C 742 48.30 -6.58 27.28
N LYS C 743 47.68 -7.19 28.29
CA LYS C 743 47.97 -8.58 28.62
C LYS C 743 47.58 -9.54 27.50
N SER C 744 46.71 -9.13 26.59
CA SER C 744 46.31 -9.97 25.47
C SER C 744 47.42 -10.15 24.44
N LYS C 745 48.51 -9.39 24.53
CA LYS C 745 49.61 -9.47 23.57
C LYS C 745 50.93 -9.79 24.24
N ASP C 746 50.90 -10.59 25.31
CA ASP C 746 52.08 -11.06 26.03
C ASP C 746 52.93 -9.89 26.54
N MET C 747 52.24 -8.88 27.06
CA MET C 747 52.91 -7.68 27.56
C MET C 747 52.32 -7.32 28.92
N ALA C 748 53.19 -6.85 29.81
CA ALA C 748 52.78 -6.45 31.15
C ALA C 748 53.09 -4.97 31.36
N LEU C 749 52.14 -4.27 31.96
CA LEU C 749 52.19 -2.82 32.12
C LEU C 749 52.07 -2.44 33.59
N VAL C 750 52.83 -1.43 34.00
CA VAL C 750 52.79 -0.89 35.35
C VAL C 750 53.25 0.56 35.31
N LEU C 751 52.68 1.38 36.19
CA LEU C 751 53.06 2.78 36.32
C LEU C 751 53.47 3.09 37.74
N THR C 752 54.39 4.03 37.90
CA THR C 752 54.79 4.51 39.22
C THR C 752 53.79 5.54 39.73
N ASP C 753 53.92 5.85 41.02
CA ASP C 753 53.02 6.81 41.66
C ASP C 753 53.20 8.21 41.10
N ALA C 754 54.44 8.59 40.78
CA ALA C 754 54.71 9.95 40.30
C ALA C 754 54.06 10.20 38.94
N ALA C 755 54.10 9.21 38.05
CA ALA C 755 53.45 9.36 36.75
C ALA C 755 51.94 9.51 36.91
N LYS C 756 51.35 8.73 37.82
CA LYS C 756 49.91 8.83 38.07
C LYS C 756 49.55 10.19 38.67
N ALA C 757 50.40 10.70 39.56
CA ALA C 757 50.17 12.03 40.12
C ALA C 757 50.29 13.10 39.05
N LEU C 758 51.23 12.94 38.12
CA LEU C 758 51.34 13.88 37.01
C LEU C 758 50.10 13.83 36.12
N LEU C 759 49.58 12.63 35.88
CA LEU C 759 48.34 12.51 35.10
C LEU C 759 47.19 13.19 35.81
N ALA C 760 47.11 13.04 37.14
CA ALA C 760 46.07 13.72 37.91
C ALA C 760 46.22 15.23 37.84
N LYS C 761 47.46 15.73 37.90
CA LYS C 761 47.70 17.16 37.83
C LYS C 761 47.34 17.75 36.47
N ARG C 762 47.50 16.98 35.40
CA ARG C 762 47.17 17.45 34.06
C ARG C 762 45.73 17.15 33.69
N GLY C 763 44.93 16.63 34.63
CA GLY C 763 43.57 16.25 34.35
C GLY C 763 42.55 16.76 35.35
N PHE C 764 42.66 18.01 35.79
CA PHE C 764 41.69 18.55 36.73
C PHE C 764 41.21 19.92 36.29
N ASP C 765 39.91 20.00 35.99
CA ASP C 765 39.21 21.20 35.57
C ASP C 765 37.71 20.94 35.78
N PRO C 766 36.88 22.00 35.80
CA PRO C 766 35.43 21.77 35.84
C PRO C 766 34.84 21.20 34.56
N VAL C 767 35.61 21.10 33.48
CA VAL C 767 35.17 20.45 32.27
C VAL C 767 35.61 18.99 32.21
N LEU C 768 36.11 18.46 33.31
CA LEU C 768 36.51 17.06 33.42
C LEU C 768 35.32 16.13 33.59
N GLY C 769 35.63 14.89 33.95
CA GLY C 769 34.74 13.77 33.83
C GLY C 769 35.58 12.60 33.38
N ALA C 770 35.29 12.05 32.21
CA ALA C 770 36.20 11.12 31.56
C ALA C 770 36.57 11.53 30.15
N ARG C 771 35.82 12.45 29.53
CA ARG C 771 36.19 12.89 28.19
C ARG C 771 37.51 13.64 28.17
N PRO C 772 37.82 14.54 29.10
CA PRO C 772 39.23 14.89 29.30
C PRO C 772 39.89 13.85 30.19
N LEU C 773 41.22 13.89 30.22
CA LEU C 773 42.14 13.01 30.92
C LEU C 773 42.17 11.62 30.29
N ARG C 774 41.26 11.31 29.36
CA ARG C 774 41.41 10.20 28.44
C ARG C 774 42.11 10.64 27.17
N ARG C 775 41.86 11.87 26.74
CA ARG C 775 42.69 12.50 25.72
C ARG C 775 44.13 12.59 26.18
N THR C 776 44.34 12.94 27.45
CA THR C 776 45.69 13.00 28.02
C THR C 776 46.36 11.64 28.00
N ILE C 777 45.63 10.58 28.38
CA ILE C 777 46.20 9.23 28.34
C ILE C 777 46.53 8.84 26.91
N GLN C 778 45.57 9.00 26.00
CA GLN C 778 45.77 8.60 24.61
C GLN C 778 46.88 9.41 23.94
N ARG C 779 47.17 10.60 24.47
CA ARG C 779 48.19 11.44 23.87
C ARG C 779 49.58 11.15 24.45
N GLU C 780 49.68 10.90 25.75
CA GLU C 780 50.98 10.85 26.41
C GLU C 780 51.41 9.47 26.87
N ILE C 781 50.53 8.46 26.83
CA ILE C 781 50.87 7.11 27.25
C ILE C 781 50.57 6.10 26.15
N GLU C 782 49.33 6.06 25.68
CA GLU C 782 48.92 5.12 24.64
C GLU C 782 49.68 5.39 23.34
N ASP C 783 49.82 6.68 22.99
CA ASP C 783 50.54 7.07 21.79
C ASP C 783 51.99 6.59 21.84
N GLN C 784 52.68 6.83 22.95
CA GLN C 784 54.07 6.44 23.07
C GLN C 784 54.21 4.93 23.10
N LEU C 785 53.28 4.23 23.76
CA LEU C 785 53.33 2.77 23.79
C LEU C 785 53.18 2.18 22.40
N SER C 786 52.20 2.67 21.63
CA SER C 786 52.01 2.18 20.27
C SER C 786 53.21 2.50 19.40
N GLU C 787 53.75 3.72 19.53
CA GLU C 787 54.92 4.12 18.76
C GLU C 787 56.10 3.19 19.05
N LYS C 788 56.33 2.89 20.32
CA LYS C 788 57.48 2.07 20.68
C LYS C 788 57.27 0.61 20.26
N ILE C 789 56.03 0.11 20.32
CA ILE C 789 55.83 -1.29 19.94
C ILE C 789 55.78 -1.51 18.44
N LEU C 790 55.52 -0.48 17.64
CA LEU C 790 55.56 -0.71 16.19
C LEU C 790 56.98 -0.83 15.64
N PHE C 791 57.95 -0.07 16.15
CA PHE C 791 59.32 -0.28 15.73
C PHE C 791 60.14 -1.12 16.72
N GLU C 792 59.52 -2.13 17.31
CA GLU C 792 60.09 -3.35 17.91
C GLU C 792 60.71 -3.21 19.30
N GLU C 793 60.73 -2.02 19.92
CA GLU C 793 61.04 -2.03 21.35
C GLU C 793 59.78 -2.33 22.17
N VAL C 794 60.00 -2.52 23.47
CA VAL C 794 59.03 -2.99 24.47
C VAL C 794 58.07 -4.03 23.91
N GLY C 795 58.61 -5.02 23.21
CA GLY C 795 57.81 -6.05 22.58
C GLY C 795 57.30 -7.08 23.57
N PRO C 796 56.78 -8.20 23.05
CA PRO C 796 56.23 -9.23 23.93
C PRO C 796 57.30 -9.86 24.81
N GLY C 797 56.88 -10.30 25.99
CA GLY C 797 57.77 -10.95 26.94
C GLY C 797 58.51 -10.02 27.86
N GLN C 798 58.39 -8.71 27.67
CA GLN C 798 59.07 -7.72 28.48
C GLN C 798 58.05 -6.87 29.22
N VAL C 799 58.24 -6.71 30.52
CA VAL C 799 57.40 -5.84 31.33
C VAL C 799 57.81 -4.40 31.12
N VAL C 800 56.84 -3.53 30.87
CA VAL C 800 57.10 -2.11 30.66
C VAL C 800 56.71 -1.37 31.95
N THR C 801 57.58 -0.46 32.37
CA THR C 801 57.34 0.38 33.53
C THR C 801 57.38 1.84 33.10
N VAL C 802 56.36 2.60 33.50
CA VAL C 802 56.26 4.00 33.13
C VAL C 802 56.71 4.84 34.32
N ASP C 803 57.78 5.60 34.14
CA ASP C 803 58.29 6.50 35.15
C ASP C 803 58.16 7.94 34.66
N VAL C 804 58.67 8.87 35.46
CA VAL C 804 58.68 10.29 35.09
C VAL C 804 60.10 10.82 35.27
N ASP C 805 60.42 11.86 34.52
CA ASP C 805 61.72 12.50 34.58
C ASP C 805 61.55 14.00 34.58
N ASN C 806 62.55 14.69 35.16
CA ASN C 806 62.61 16.15 35.23
C ASN C 806 61.37 16.74 35.92
N TRP C 807 61.03 16.15 37.06
CA TRP C 807 59.91 16.63 37.85
C TRP C 807 60.17 16.36 39.32
N ASP C 808 59.73 17.28 40.17
CA ASP C 808 59.86 17.15 41.62
C ASP C 808 58.68 16.46 42.27
N GLY C 809 57.62 16.16 41.51
CA GLY C 809 56.46 15.50 42.05
C GLY C 809 55.43 16.38 42.71
N GLU C 810 55.67 17.70 42.75
CA GLU C 810 54.74 18.62 43.39
C GLU C 810 54.32 19.73 42.44
N GLY C 811 55.22 20.12 41.53
CA GLY C 811 54.96 21.22 40.64
C GLY C 811 53.98 20.85 39.55
N PRO C 812 53.76 21.81 38.63
CA PRO C 812 52.86 21.54 37.49
C PRO C 812 53.32 20.41 36.61
N GLY C 813 54.62 20.18 36.50
CA GLY C 813 55.12 19.09 35.68
C GLY C 813 55.03 19.33 34.19
N GLU C 814 55.04 20.59 33.76
CA GLU C 814 55.00 20.88 32.34
C GLU C 814 56.28 20.44 31.63
N ASP C 815 57.40 20.45 32.33
CA ASP C 815 58.67 19.98 31.79
C ASP C 815 58.87 18.48 31.96
N ALA C 816 57.98 17.81 32.67
CA ALA C 816 58.12 16.38 32.89
C ALA C 816 57.82 15.59 31.62
N VAL C 817 58.58 14.51 31.42
CA VAL C 817 58.45 13.65 30.26
C VAL C 817 58.27 12.22 30.75
N PHE C 818 57.24 11.55 30.24
CA PHE C 818 57.02 10.15 30.59
C PHE C 818 58.10 9.27 29.98
N THR C 819 58.64 8.35 30.76
CA THR C 819 59.71 7.46 30.33
C THR C 819 59.18 6.03 30.34
N PHE C 820 59.48 5.28 29.27
CA PHE C 820 58.95 3.94 29.08
C PHE C 820 60.14 2.97 29.05
N THR C 821 60.38 2.32 30.18
CA THR C 821 61.50 1.38 30.29
C THR C 821 61.12 0.01 29.75
N SER D 168 -43.00 -35.77 -7.32
CA SER D 168 -42.02 -36.37 -8.22
C SER D 168 -41.00 -37.19 -7.44
N LEU D 169 -40.89 -38.48 -7.77
CA LEU D 169 -39.96 -39.37 -7.10
C LEU D 169 -38.51 -39.10 -7.48
N VAL D 170 -38.26 -38.28 -8.49
CA VAL D 170 -36.90 -37.89 -8.85
C VAL D 170 -36.51 -36.57 -8.20
N LEU D 171 -37.41 -35.59 -8.25
CA LEU D 171 -37.09 -34.25 -7.74
C LEU D 171 -37.01 -34.22 -6.23
N ASP D 172 -37.81 -35.03 -5.53
CA ASP D 172 -37.82 -35.02 -4.07
C ASP D 172 -36.50 -35.47 -3.48
N GLN D 173 -35.73 -36.31 -4.18
CA GLN D 173 -34.41 -36.67 -3.72
C GLN D 173 -33.44 -35.50 -3.78
N PHE D 174 -33.78 -34.48 -4.57
CA PHE D 174 -32.92 -33.32 -4.77
C PHE D 174 -33.61 -32.01 -4.43
N GLY D 175 -34.66 -32.05 -3.62
CA GLY D 175 -35.34 -30.84 -3.21
C GLY D 175 -36.28 -31.14 -2.06
N ARG D 176 -36.88 -30.08 -1.54
CA ARG D 176 -37.86 -30.20 -0.47
C ARG D 176 -39.13 -29.46 -0.87
N ASN D 177 -40.25 -30.18 -0.84
CA ASN D 177 -41.56 -29.61 -1.14
C ASN D 177 -42.06 -28.88 0.10
N LEU D 178 -42.12 -27.55 0.04
CA LEU D 178 -42.62 -26.80 1.17
C LEU D 178 -44.13 -26.88 1.30
N THR D 179 -44.85 -26.98 0.18
CA THR D 179 -46.31 -27.15 0.24
C THR D 179 -46.68 -28.48 0.87
N ALA D 180 -45.94 -29.54 0.52
CA ALA D 180 -46.22 -30.87 1.06
C ALA D 180 -46.10 -30.89 2.57
N ALA D 181 -45.08 -30.23 3.12
CA ALA D 181 -44.99 -30.05 4.56
C ALA D 181 -46.08 -29.11 5.06
N ALA D 182 -46.49 -28.14 4.23
CA ALA D 182 -47.44 -27.12 4.63
C ALA D 182 -48.84 -27.67 4.86
N MET D 183 -49.21 -28.79 4.25
CA MET D 183 -50.46 -29.45 4.67
C MET D 183 -50.40 -29.93 6.12
N GLU D 184 -49.24 -30.42 6.59
CA GLU D 184 -49.12 -30.75 8.00
C GLU D 184 -48.87 -29.54 8.88
N GLY D 185 -48.75 -28.35 8.29
CA GLY D 185 -48.53 -27.15 9.08
C GLY D 185 -47.16 -27.10 9.71
N LYS D 186 -46.15 -27.71 9.08
CA LYS D 186 -44.78 -27.66 9.57
C LYS D 186 -44.16 -26.28 9.44
N LEU D 187 -44.83 -25.37 8.76
CA LEU D 187 -44.30 -24.04 8.46
C LEU D 187 -44.86 -23.02 9.44
N ASP D 188 -43.97 -22.20 9.99
CA ASP D 188 -44.38 -21.14 10.88
C ASP D 188 -45.19 -20.08 10.12
N PRO D 189 -46.28 -19.59 10.71
CA PRO D 189 -47.07 -18.55 10.04
C PRO D 189 -46.27 -17.27 9.86
N VAL D 190 -46.49 -16.61 8.72
CA VAL D 190 -45.81 -15.37 8.37
C VAL D 190 -46.84 -14.26 8.48
N ILE D 191 -46.53 -13.23 9.26
CA ILE D 191 -47.50 -12.20 9.61
C ILE D 191 -46.97 -10.84 9.15
N GLY D 192 -47.85 -10.05 8.53
CA GLY D 192 -47.53 -8.68 8.18
C GLY D 192 -46.66 -8.52 6.96
N ARG D 193 -46.49 -9.57 6.16
CA ARG D 193 -45.60 -9.57 5.02
C ARG D 193 -46.36 -9.77 3.72
N GLU D 194 -47.52 -9.13 3.59
CA GLU D 194 -48.35 -9.31 2.41
C GLU D 194 -47.81 -8.53 1.21
N LYS D 195 -47.14 -7.40 1.45
CA LYS D 195 -46.78 -6.50 0.38
C LYS D 195 -45.76 -7.11 -0.59
N GLU D 196 -44.65 -7.64 -0.06
CA GLU D 196 -43.66 -8.20 -0.98
C GLU D 196 -44.14 -9.53 -1.54
N ILE D 197 -45.07 -10.19 -0.84
CA ILE D 197 -45.70 -11.38 -1.40
C ILE D 197 -46.50 -11.02 -2.64
N GLU D 198 -47.27 -9.92 -2.57
CA GLU D 198 -47.97 -9.44 -3.76
C GLU D 198 -46.99 -9.06 -4.85
N ARG D 199 -45.88 -8.41 -4.49
CA ARG D 199 -44.88 -8.03 -5.49
C ARG D 199 -44.26 -9.25 -6.17
N VAL D 200 -43.87 -10.26 -5.40
CA VAL D 200 -43.18 -11.42 -5.96
C VAL D 200 -44.16 -12.26 -6.78
N MET D 201 -45.43 -12.28 -6.39
CA MET D 201 -46.43 -12.99 -7.19
C MET D 201 -46.74 -12.23 -8.48
N GLN D 202 -46.67 -10.90 -8.44
CA GLN D 202 -46.78 -10.12 -9.67
C GLN D 202 -45.63 -10.41 -10.61
N VAL D 203 -44.42 -10.54 -10.07
CA VAL D 203 -43.27 -10.90 -10.91
C VAL D 203 -43.42 -12.33 -11.44
N LEU D 204 -43.98 -13.23 -10.62
CA LEU D 204 -44.15 -14.61 -11.04
C LEU D 204 -45.17 -14.75 -12.16
N SER D 205 -46.08 -13.80 -12.33
CA SER D 205 -47.09 -13.87 -13.36
C SER D 205 -46.63 -13.29 -14.69
N ARG D 206 -45.38 -12.86 -14.78
CA ARG D 206 -44.85 -12.26 -16.00
C ARG D 206 -44.72 -13.31 -17.10
N ARG D 207 -44.75 -12.83 -18.34
CA ARG D 207 -44.54 -13.71 -19.48
C ARG D 207 -43.06 -13.99 -19.70
N THR D 208 -42.28 -12.94 -19.90
CA THR D 208 -40.84 -13.06 -20.14
C THR D 208 -40.08 -12.56 -18.93
N LYS D 209 -39.04 -13.31 -18.54
CA LYS D 209 -38.20 -13.02 -17.39
C LYS D 209 -39.05 -12.87 -16.12
N ASN D 210 -39.65 -14.00 -15.74
CA ASN D 210 -40.49 -14.08 -14.55
C ASN D 210 -39.77 -14.77 -13.39
N ASN D 211 -38.48 -14.46 -13.22
CA ASN D 211 -37.67 -15.05 -12.14
C ASN D 211 -37.33 -13.97 -11.13
N PRO D 212 -38.07 -13.86 -10.03
CA PRO D 212 -37.71 -12.90 -8.98
C PRO D 212 -36.73 -13.50 -7.98
N VAL D 213 -35.90 -12.62 -7.43
CA VAL D 213 -34.93 -12.98 -6.40
C VAL D 213 -35.17 -12.11 -5.18
N LEU D 214 -35.14 -12.71 -4.01
CA LEU D 214 -35.38 -11.98 -2.76
C LEU D 214 -34.05 -11.44 -2.25
N ILE D 215 -33.90 -10.13 -2.31
CA ILE D 215 -32.75 -9.45 -1.71
C ILE D 215 -33.17 -8.94 -0.34
N GLY D 216 -32.37 -9.25 0.67
CA GLY D 216 -32.71 -8.89 2.03
C GLY D 216 -31.53 -9.01 2.95
N GLU D 217 -31.54 -8.17 3.98
CA GLU D 217 -30.56 -8.21 5.04
C GLU D 217 -30.78 -9.47 5.87
N PRO D 218 -29.70 -10.09 6.40
CA PRO D 218 -29.88 -11.30 7.21
C PRO D 218 -30.71 -11.04 8.46
N GLY D 219 -31.90 -11.64 8.49
CA GLY D 219 -32.86 -11.42 9.57
C GLY D 219 -34.20 -10.88 9.13
N VAL D 220 -34.34 -10.44 7.87
CA VAL D 220 -35.61 -9.82 7.47
C VAL D 220 -36.64 -10.85 7.06
N GLY D 221 -36.22 -12.09 6.83
CA GLY D 221 -37.17 -13.12 6.46
C GLY D 221 -37.08 -13.54 5.00
N LYS D 222 -35.87 -13.63 4.47
CA LYS D 222 -35.68 -14.10 3.10
C LYS D 222 -36.17 -15.54 2.95
N THR D 223 -35.87 -16.38 3.94
CA THR D 223 -36.42 -17.72 3.98
C THR D 223 -37.70 -17.80 4.80
N ALA D 224 -38.47 -16.71 4.83
CA ALA D 224 -39.84 -16.71 5.34
C ALA D 224 -40.86 -16.29 4.31
N VAL D 225 -40.45 -15.53 3.30
CA VAL D 225 -41.36 -15.04 2.28
C VAL D 225 -41.94 -16.19 1.47
N VAL D 226 -41.09 -17.15 1.07
CA VAL D 226 -41.57 -18.25 0.26
C VAL D 226 -42.44 -19.20 1.09
N GLU D 227 -42.19 -19.28 2.39
CA GLU D 227 -43.08 -20.05 3.26
C GLU D 227 -44.45 -19.39 3.38
N GLY D 228 -44.47 -18.05 3.48
CA GLY D 228 -45.74 -17.35 3.41
C GLY D 228 -46.44 -17.56 2.08
N LEU D 229 -45.66 -17.61 1.00
CA LEU D 229 -46.23 -17.90 -0.32
C LEU D 229 -46.85 -19.29 -0.37
N ALA D 230 -46.16 -20.28 0.19
CA ALA D 230 -46.69 -21.64 0.22
C ALA D 230 -47.95 -21.72 1.06
N GLN D 231 -47.99 -21.00 2.19
CA GLN D 231 -49.20 -20.94 3.00
C GLN D 231 -50.34 -20.29 2.23
N ALA D 232 -50.04 -19.24 1.45
CA ALA D 232 -51.08 -18.61 0.64
C ALA D 232 -51.58 -19.56 -0.44
N ILE D 233 -50.69 -20.37 -1.01
CA ILE D 233 -51.11 -21.39 -1.97
C ILE D 233 -52.03 -22.41 -1.31
N VAL D 234 -51.66 -22.87 -0.11
CA VAL D 234 -52.45 -23.90 0.56
C VAL D 234 -53.82 -23.36 0.94
N HIS D 235 -53.87 -22.16 1.50
CA HIS D 235 -55.16 -21.57 1.87
C HIS D 235 -55.95 -21.08 0.67
N GLY D 236 -55.33 -20.97 -0.50
CA GLY D 236 -56.07 -20.73 -1.73
C GLY D 236 -56.32 -19.28 -2.09
N GLU D 237 -55.63 -18.33 -1.46
CA GLU D 237 -55.80 -16.93 -1.84
C GLU D 237 -55.08 -16.57 -3.14
N VAL D 238 -54.31 -17.49 -3.70
CA VAL D 238 -53.54 -17.24 -4.91
C VAL D 238 -54.49 -17.09 -6.09
N PRO D 239 -54.14 -16.28 -7.09
CA PRO D 239 -54.92 -16.24 -8.33
C PRO D 239 -54.68 -17.47 -9.21
N GLU D 240 -55.29 -17.47 -10.40
CA GLU D 240 -55.21 -18.64 -11.27
C GLU D 240 -53.80 -18.87 -11.80
N THR D 241 -52.96 -17.84 -11.82
CA THR D 241 -51.59 -17.99 -12.33
C THR D 241 -50.77 -18.94 -11.47
N LEU D 242 -50.89 -18.81 -10.15
CA LEU D 242 -50.16 -19.66 -9.21
C LEU D 242 -51.06 -20.62 -8.46
N LYS D 243 -52.27 -20.85 -8.98
CA LYS D 243 -53.22 -21.75 -8.34
C LYS D 243 -52.77 -23.21 -8.49
N ASP D 244 -52.82 -23.94 -7.37
CA ASP D 244 -52.47 -25.36 -7.32
C ASP D 244 -51.04 -25.63 -7.77
N LYS D 245 -50.14 -24.69 -7.51
CA LYS D 245 -48.72 -24.89 -7.76
C LYS D 245 -48.07 -25.61 -6.59
N GLN D 246 -46.87 -26.11 -6.82
CA GLN D 246 -46.06 -26.74 -5.78
C GLN D 246 -44.72 -26.03 -5.72
N LEU D 247 -44.30 -25.66 -4.51
CA LEU D 247 -43.05 -24.95 -4.32
C LEU D 247 -42.01 -25.91 -3.77
N TYR D 248 -40.88 -26.04 -4.47
CA TYR D 248 -39.80 -26.93 -4.08
C TYR D 248 -38.57 -26.10 -3.72
N THR D 249 -38.07 -26.28 -2.51
CA THR D 249 -36.79 -25.70 -2.12
C THR D 249 -35.70 -26.67 -2.54
N LEU D 250 -35.05 -26.38 -3.66
CA LEU D 250 -34.00 -27.23 -4.20
C LEU D 250 -32.68 -26.92 -3.51
N ASP D 251 -32.06 -27.96 -2.95
CA ASP D 251 -30.73 -27.83 -2.35
C ASP D 251 -29.70 -28.23 -3.40
N LEU D 252 -28.68 -27.37 -3.59
CA LEU D 252 -27.68 -27.64 -4.61
C LEU D 252 -26.80 -28.82 -4.22
N GLY D 253 -26.64 -29.06 -2.92
CA GLY D 253 -25.80 -30.16 -2.48
C GLY D 253 -26.29 -31.51 -2.92
N SER D 254 -27.62 -31.69 -2.96
CA SER D 254 -28.18 -32.97 -3.40
C SER D 254 -27.87 -33.23 -4.87
N LEU D 255 -27.92 -32.20 -5.71
CA LEU D 255 -27.55 -32.36 -7.11
C LEU D 255 -26.07 -32.65 -7.25
N VAL D 256 -25.23 -31.85 -6.59
CA VAL D 256 -23.80 -31.92 -6.84
C VAL D 256 -23.20 -33.18 -6.20
N ALA D 257 -23.81 -33.69 -5.14
CA ALA D 257 -23.35 -34.93 -4.50
C ALA D 257 -23.54 -36.11 -5.44
N GLY D 258 -22.67 -37.12 -5.29
CA GLY D 258 -22.78 -38.35 -6.03
C GLY D 258 -22.23 -38.28 -7.44
N SER D 259 -21.85 -37.11 -7.91
CA SER D 259 -21.34 -36.94 -9.28
C SER D 259 -19.84 -37.20 -9.34
N ARG D 260 -19.49 -38.48 -9.18
CA ARG D 260 -18.09 -38.88 -9.28
C ARG D 260 -17.59 -38.75 -10.71
N TYR D 261 -18.44 -39.05 -11.70
CA TYR D 261 -18.03 -39.07 -13.08
C TYR D 261 -18.23 -37.69 -13.70
N ARG D 262 -17.96 -37.57 -15.01
CA ARG D 262 -17.86 -36.27 -15.65
C ARG D 262 -19.22 -35.58 -15.77
N GLY D 263 -20.23 -36.28 -16.26
CA GLY D 263 -21.49 -35.63 -16.58
C GLY D 263 -22.66 -36.01 -15.71
N ASP D 264 -22.40 -36.53 -14.51
CA ASP D 264 -23.48 -36.99 -13.64
C ASP D 264 -24.32 -35.82 -13.13
N PHE D 265 -23.66 -34.77 -12.64
CA PHE D 265 -24.38 -33.62 -12.09
C PHE D 265 -25.21 -32.92 -13.16
N GLU D 266 -24.64 -32.74 -14.34
CA GLU D 266 -25.37 -32.08 -15.42
C GLU D 266 -26.53 -32.94 -15.89
N GLU D 267 -26.35 -34.25 -15.94
CA GLU D 267 -27.44 -35.14 -16.33
C GLU D 267 -28.58 -35.09 -15.31
N ARG D 268 -28.23 -35.06 -14.01
CA ARG D 268 -29.26 -34.92 -12.97
C ARG D 268 -29.99 -33.60 -13.11
N LEU D 269 -29.26 -32.52 -13.37
CA LEU D 269 -29.89 -31.22 -13.53
C LEU D 269 -30.83 -31.21 -14.74
N LYS D 270 -30.41 -31.83 -15.84
CA LYS D 270 -31.28 -31.91 -17.02
C LYS D 270 -32.51 -32.75 -16.74
N LYS D 271 -32.37 -33.83 -15.97
CA LYS D 271 -33.53 -34.63 -15.59
C LYS D 271 -34.50 -33.82 -14.75
N VAL D 272 -33.99 -33.05 -13.78
CA VAL D 272 -34.87 -32.22 -12.95
C VAL D 272 -35.57 -31.17 -13.81
N LEU D 273 -34.81 -30.55 -14.73
CA LEU D 273 -35.39 -29.53 -15.61
C LEU D 273 -36.48 -30.11 -16.50
N LYS D 274 -36.26 -31.31 -17.06
CA LYS D 274 -37.27 -31.91 -17.93
C LYS D 274 -38.47 -32.38 -17.12
N GLU D 275 -38.28 -32.80 -15.87
CA GLU D 275 -39.42 -33.11 -15.01
C GLU D 275 -40.26 -31.88 -14.74
N ILE D 276 -39.60 -30.74 -14.47
CA ILE D 276 -40.33 -29.50 -14.26
C ILE D 276 -41.07 -29.08 -15.53
N ASN D 277 -40.43 -29.27 -16.69
CA ASN D 277 -41.07 -28.92 -17.96
C ASN D 277 -42.29 -29.79 -18.23
N THR D 278 -42.19 -31.10 -17.98
CA THR D 278 -43.30 -31.99 -18.28
C THR D 278 -44.45 -31.81 -17.29
N ARG D 279 -44.15 -31.72 -16.00
CA ARG D 279 -45.22 -31.55 -15.03
C ARG D 279 -45.82 -30.15 -15.09
N GLY D 280 -44.96 -29.13 -15.16
CA GLY D 280 -45.42 -27.77 -15.38
C GLY D 280 -46.17 -27.14 -14.23
N ASP D 281 -46.09 -27.70 -13.02
CA ASP D 281 -46.75 -27.11 -11.87
C ASP D 281 -45.79 -26.87 -10.72
N ILE D 282 -44.49 -26.73 -11.00
CA ILE D 282 -43.48 -26.52 -9.97
C ILE D 282 -42.93 -25.11 -10.11
N ILE D 283 -42.96 -24.35 -9.02
CA ILE D 283 -42.21 -23.12 -8.89
C ILE D 283 -41.03 -23.42 -7.98
N LEU D 284 -39.83 -23.32 -8.52
CA LEU D 284 -38.64 -23.86 -7.87
C LEU D 284 -37.95 -22.76 -7.06
N PHE D 285 -37.90 -22.93 -5.75
CA PHE D 285 -37.24 -21.98 -4.87
C PHE D 285 -35.78 -22.39 -4.68
N ILE D 286 -34.88 -21.44 -4.89
CA ILE D 286 -33.45 -21.66 -4.72
C ILE D 286 -32.97 -20.67 -3.66
N ASP D 287 -32.91 -21.11 -2.41
CA ASP D 287 -32.30 -20.30 -1.37
C ASP D 287 -30.80 -20.24 -1.57
N GLU D 288 -30.18 -19.17 -1.08
CA GLU D 288 -28.72 -18.98 -1.08
C GLU D 288 -28.18 -19.11 -2.52
N LEU D 289 -28.61 -18.15 -3.33
CA LEU D 289 -28.50 -18.25 -4.79
C LEU D 289 -27.07 -18.08 -5.30
N HIS D 290 -26.20 -17.40 -4.56
CA HIS D 290 -24.93 -16.95 -5.16
C HIS D 290 -24.02 -18.11 -5.54
N THR D 291 -24.30 -19.33 -5.08
CA THR D 291 -23.54 -20.50 -5.49
C THR D 291 -24.07 -21.15 -6.76
N LEU D 292 -25.04 -20.56 -7.43
CA LEU D 292 -25.44 -21.08 -8.74
C LEU D 292 -24.30 -20.99 -9.74
N VAL D 293 -23.56 -19.88 -9.74
CA VAL D 293 -22.30 -19.84 -10.46
C VAL D 293 -21.27 -20.66 -9.69
N GLY D 294 -20.64 -21.60 -10.37
CA GLY D 294 -19.72 -22.50 -9.71
C GLY D 294 -20.42 -23.74 -9.18
N ALA D 295 -20.10 -24.90 -9.76
CA ALA D 295 -20.69 -26.17 -9.32
C ALA D 295 -19.62 -27.25 -9.31
N GLY D 296 -18.38 -26.86 -9.04
CA GLY D 296 -17.27 -27.79 -9.09
C GLY D 296 -16.92 -28.15 -10.53
N ALA D 297 -15.95 -29.07 -10.65
CA ALA D 297 -15.49 -29.61 -11.92
C ALA D 297 -15.00 -28.50 -12.86
N ALA D 298 -13.94 -27.82 -12.41
CA ALA D 298 -13.37 -26.72 -13.17
C ALA D 298 -12.85 -27.19 -14.52
N GLU D 299 -12.19 -28.34 -14.55
CA GLU D 299 -11.73 -28.95 -15.79
C GLU D 299 -12.75 -29.93 -16.36
N GLY D 300 -13.64 -30.46 -15.54
CA GLY D 300 -14.57 -31.50 -15.97
C GLY D 300 -15.72 -31.01 -16.81
N ALA D 301 -16.48 -30.03 -16.33
CA ALA D 301 -17.69 -29.60 -17.02
C ALA D 301 -17.97 -28.14 -16.68
N ILE D 302 -19.19 -27.70 -16.98
CA ILE D 302 -19.59 -26.32 -16.73
C ILE D 302 -20.45 -26.26 -15.47
N ASP D 303 -20.69 -25.05 -15.00
CA ASP D 303 -21.51 -24.82 -13.81
C ASP D 303 -22.99 -24.94 -14.16
N ALA D 304 -23.83 -24.94 -13.12
CA ALA D 304 -25.27 -25.01 -13.32
C ALA D 304 -25.83 -23.70 -13.85
N ALA D 305 -25.14 -22.59 -13.59
CA ALA D 305 -25.63 -21.29 -14.02
C ALA D 305 -25.68 -21.20 -15.54
N SER D 306 -24.65 -21.73 -16.22
CA SER D 306 -24.65 -21.72 -17.68
C SER D 306 -25.78 -22.57 -18.25
N ILE D 307 -26.15 -23.65 -17.57
CA ILE D 307 -27.26 -24.47 -18.04
C ILE D 307 -28.59 -23.75 -17.83
N LEU D 308 -28.77 -23.12 -16.66
CA LEU D 308 -30.03 -22.46 -16.36
C LEU D 308 -30.25 -21.16 -17.11
N LYS D 309 -29.17 -20.48 -17.50
CA LYS D 309 -29.31 -19.13 -18.06
C LYS D 309 -30.13 -19.04 -19.35
N PRO D 310 -29.94 -19.89 -20.38
CA PRO D 310 -30.82 -19.77 -21.56
C PRO D 310 -32.28 -20.03 -21.27
N LYS D 311 -32.58 -20.94 -20.34
CA LYS D 311 -33.97 -21.20 -20.00
C LYS D 311 -34.58 -20.09 -19.16
N LEU D 312 -33.79 -19.50 -18.25
CA LEU D 312 -34.30 -18.39 -17.45
C LEU D 312 -34.41 -17.10 -18.25
N ALA D 313 -33.65 -16.98 -19.35
CA ALA D 313 -33.72 -15.79 -20.17
C ALA D 313 -35.06 -15.68 -20.92
N ARG D 314 -35.57 -16.81 -21.41
CA ARG D 314 -36.77 -16.81 -22.24
C ARG D 314 -38.06 -16.81 -21.44
N GLY D 315 -37.97 -16.83 -20.10
CA GLY D 315 -39.17 -17.00 -19.31
C GLY D 315 -39.72 -18.40 -19.31
N GLU D 316 -38.90 -19.38 -19.69
CA GLU D 316 -39.30 -20.78 -19.78
C GLU D 316 -39.64 -21.39 -18.42
N LEU D 317 -39.03 -20.92 -17.33
CA LEU D 317 -39.24 -21.50 -16.02
C LEU D 317 -39.44 -20.38 -15.01
N GLN D 318 -40.16 -20.68 -13.93
CA GLN D 318 -40.35 -19.74 -12.84
C GLN D 318 -39.54 -20.21 -11.63
N THR D 319 -38.66 -19.34 -11.13
CA THR D 319 -37.85 -19.68 -9.98
C THR D 319 -37.79 -18.50 -9.01
N ILE D 320 -37.55 -18.82 -7.74
CA ILE D 320 -37.44 -17.83 -6.67
C ILE D 320 -36.06 -17.97 -6.05
N GLY D 321 -35.38 -16.85 -5.87
CA GLY D 321 -34.06 -16.82 -5.27
C GLY D 321 -34.04 -15.96 -4.02
N ALA D 322 -33.10 -16.27 -3.12
CA ALA D 322 -32.87 -15.48 -1.91
C ALA D 322 -31.39 -15.14 -1.84
N THR D 323 -31.09 -13.87 -1.57
CA THR D 323 -29.72 -13.40 -1.63
C THR D 323 -29.52 -12.31 -0.58
N THR D 324 -28.38 -12.35 0.09
CA THR D 324 -27.94 -11.28 0.99
C THR D 324 -27.47 -10.07 0.18
N LEU D 325 -27.65 -8.88 0.76
CA LEU D 325 -27.05 -7.68 0.20
C LEU D 325 -25.56 -7.85 0.01
N ASP D 326 -24.89 -8.45 1.00
CA ASP D 326 -23.48 -8.77 0.85
C ASP D 326 -23.25 -9.78 -0.28
N GLU D 327 -24.06 -10.83 -0.33
CA GLU D 327 -23.93 -11.82 -1.39
C GLU D 327 -24.23 -11.22 -2.76
N TYR D 328 -25.21 -10.33 -2.83
CA TYR D 328 -25.50 -9.61 -4.06
C TYR D 328 -24.32 -8.75 -4.49
N ARG D 329 -23.68 -8.07 -3.53
CA ARG D 329 -22.52 -7.26 -3.83
C ARG D 329 -21.34 -8.11 -4.31
N LYS D 330 -21.15 -9.29 -3.71
CA LYS D 330 -19.97 -10.09 -4.06
C LYS D 330 -20.16 -10.92 -5.32
N TYR D 331 -21.10 -11.89 -5.31
CA TYR D 331 -21.04 -12.93 -6.34
C TYR D 331 -22.14 -12.92 -7.38
N ILE D 332 -23.01 -11.91 -7.43
CA ILE D 332 -24.03 -11.88 -8.48
C ILE D 332 -23.92 -10.64 -9.36
N GLU D 333 -23.35 -9.54 -8.86
CA GLU D 333 -23.23 -8.35 -9.70
C GLU D 333 -21.93 -8.30 -10.48
N LYS D 334 -20.99 -9.22 -10.22
CA LYS D 334 -19.80 -9.35 -11.04
C LYS D 334 -20.06 -10.16 -12.31
N ASP D 335 -21.18 -10.87 -12.38
CA ASP D 335 -21.60 -11.61 -13.57
C ASP D 335 -22.99 -11.07 -13.85
N ALA D 336 -23.08 -10.09 -14.75
CA ALA D 336 -24.34 -9.40 -15.00
C ALA D 336 -25.36 -10.28 -15.70
N ALA D 337 -24.95 -11.40 -16.27
CA ALA D 337 -25.91 -12.30 -16.93
C ALA D 337 -26.92 -12.86 -15.93
N LEU D 338 -26.46 -13.24 -14.74
CA LEU D 338 -27.39 -13.66 -13.69
C LEU D 338 -28.18 -12.47 -13.16
N GLU D 339 -27.54 -11.31 -13.00
CA GLU D 339 -28.22 -10.15 -12.46
C GLU D 339 -29.31 -9.65 -13.41
N ARG D 340 -29.06 -9.72 -14.72
CA ARG D 340 -30.05 -9.31 -15.69
C ARG D 340 -31.23 -10.27 -15.77
N ARG D 341 -31.01 -11.56 -15.50
CA ARG D 341 -32.09 -12.54 -15.62
C ARG D 341 -32.95 -12.64 -14.36
N PHE D 342 -32.61 -11.93 -13.30
CA PHE D 342 -33.34 -12.03 -12.04
C PHE D 342 -33.93 -10.68 -11.68
N GLN D 343 -35.16 -10.70 -11.16
CA GLN D 343 -35.82 -9.48 -10.70
C GLN D 343 -35.60 -9.31 -9.21
N PRO D 344 -34.85 -8.30 -8.77
CA PRO D 344 -34.66 -8.08 -7.34
C PRO D 344 -35.87 -7.40 -6.73
N VAL D 345 -36.35 -7.93 -5.60
CA VAL D 345 -37.45 -7.35 -4.85
C VAL D 345 -36.93 -6.97 -3.47
N GLN D 346 -37.13 -5.70 -3.10
CA GLN D 346 -36.62 -5.18 -1.84
C GLN D 346 -37.58 -5.53 -0.72
N VAL D 347 -37.10 -6.32 0.24
CA VAL D 347 -37.82 -6.53 1.49
C VAL D 347 -37.06 -5.78 2.57
N GLY D 348 -37.75 -4.89 3.27
CA GLY D 348 -37.11 -3.99 4.18
C GLY D 348 -36.96 -4.55 5.58
N GLU D 349 -36.27 -3.79 6.41
CA GLU D 349 -36.16 -4.10 7.82
C GLU D 349 -37.51 -3.85 8.50
N PRO D 350 -38.07 -4.82 9.21
CA PRO D 350 -39.36 -4.60 9.86
C PRO D 350 -39.25 -3.55 10.96
N THR D 351 -40.34 -2.82 11.16
CA THR D 351 -40.40 -1.83 12.22
C THR D 351 -40.67 -2.52 13.55
N VAL D 352 -40.77 -1.71 14.61
CA VAL D 352 -41.09 -2.26 15.92
C VAL D 352 -42.50 -2.84 15.95
N GLU D 353 -43.45 -2.15 15.30
CA GLU D 353 -44.83 -2.61 15.29
C GLU D 353 -44.97 -3.93 14.55
N HIS D 354 -44.31 -4.05 13.40
CA HIS D 354 -44.36 -5.31 12.65
C HIS D 354 -43.71 -6.44 13.43
N THR D 355 -42.63 -6.14 14.15
CA THR D 355 -42.02 -7.13 15.02
C THR D 355 -42.99 -7.57 16.11
N ILE D 356 -43.73 -6.62 16.67
CA ILE D 356 -44.73 -6.94 17.68
C ILE D 356 -45.79 -7.88 17.11
N GLU D 357 -46.28 -7.58 15.90
CA GLU D 357 -47.29 -8.45 15.29
C GLU D 357 -46.73 -9.84 15.00
N ILE D 358 -45.49 -9.91 14.51
CA ILE D 358 -44.89 -11.21 14.19
C ILE D 358 -44.74 -12.06 15.45
N LEU D 359 -44.22 -11.46 16.52
CA LEU D 359 -44.04 -12.23 17.75
C LEU D 359 -45.38 -12.57 18.40
N LYS D 360 -46.38 -11.71 18.25
CA LYS D 360 -47.72 -12.05 18.72
C LYS D 360 -48.28 -13.25 17.96
N GLY D 361 -48.02 -13.31 16.66
CA GLY D 361 -48.44 -14.49 15.90
C GLY D 361 -47.70 -15.75 16.30
N LEU D 362 -46.40 -15.65 16.54
CA LEU D 362 -45.58 -16.81 16.85
C LEU D 362 -45.65 -17.23 18.32
N ARG D 363 -46.30 -16.41 19.16
CA ARG D 363 -46.36 -16.69 20.59
C ARG D 363 -47.07 -18.01 20.87
N ASP D 364 -48.12 -18.33 20.10
CA ASP D 364 -48.88 -19.55 20.36
C ASP D 364 -48.02 -20.79 20.17
N ARG D 365 -47.35 -20.91 19.02
CA ARG D 365 -46.47 -22.05 18.80
C ARG D 365 -45.29 -22.07 19.76
N TYR D 366 -44.73 -20.89 20.09
CA TYR D 366 -43.58 -20.90 20.98
C TYR D 366 -43.96 -21.32 22.39
N GLU D 367 -45.08 -20.82 22.92
CA GLU D 367 -45.51 -21.23 24.24
C GLU D 367 -46.04 -22.65 24.26
N ALA D 368 -46.49 -23.18 23.12
CA ALA D 368 -46.88 -24.58 23.07
C ALA D 368 -45.65 -25.49 23.06
N HIS D 369 -44.61 -25.11 22.31
CA HIS D 369 -43.39 -25.91 22.25
C HIS D 369 -42.65 -25.88 23.58
N HIS D 370 -42.54 -24.70 24.18
CA HIS D 370 -41.78 -24.57 25.41
C HIS D 370 -42.63 -24.78 26.66
N ARG D 371 -43.93 -25.04 26.48
CA ARG D 371 -44.84 -25.38 27.58
C ARG D 371 -44.91 -24.26 28.62
N VAL D 372 -44.94 -23.01 28.14
CA VAL D 372 -44.94 -21.84 29.01
C VAL D 372 -46.11 -20.93 28.65
N SER D 373 -46.18 -19.77 29.29
CA SER D 373 -47.12 -18.72 28.94
C SER D 373 -46.36 -17.42 28.79
N ILE D 374 -46.68 -16.65 27.76
CA ILE D 374 -45.97 -15.42 27.45
C ILE D 374 -46.96 -14.26 27.59
N THR D 375 -46.57 -13.26 28.37
CA THR D 375 -47.42 -12.09 28.59
C THR D 375 -47.44 -11.21 27.34
N ASP D 376 -48.47 -10.35 27.28
CA ASP D 376 -48.60 -9.44 26.14
C ASP D 376 -47.50 -8.39 26.13
N ALA D 377 -47.12 -7.89 27.31
CA ALA D 377 -46.05 -6.89 27.39
C ALA D 377 -44.68 -7.51 27.12
N ALA D 378 -44.57 -8.84 27.17
CA ALA D 378 -43.27 -9.48 26.95
C ALA D 378 -42.78 -9.25 25.52
N MET D 379 -43.67 -9.35 24.53
CA MET D 379 -43.27 -9.12 23.16
C MET D 379 -42.84 -7.67 22.94
N VAL D 380 -43.58 -6.73 23.53
CA VAL D 380 -43.25 -5.31 23.38
C VAL D 380 -41.90 -5.03 24.02
N ALA D 381 -41.68 -5.55 25.22
CA ALA D 381 -40.40 -5.35 25.89
C ALA D 381 -39.25 -5.97 25.10
N ALA D 382 -39.45 -7.18 24.59
CA ALA D 382 -38.40 -7.85 23.83
C ALA D 382 -38.04 -7.08 22.58
N ALA D 383 -39.05 -6.62 21.84
CA ALA D 383 -38.80 -5.86 20.61
C ALA D 383 -38.11 -4.53 20.92
N THR D 384 -38.60 -3.81 21.93
CA THR D 384 -38.04 -2.51 22.24
C THR D 384 -36.59 -2.62 22.71
N LEU D 385 -36.30 -3.52 23.63
CA LEU D 385 -34.93 -3.69 24.10
C LEU D 385 -34.02 -4.29 23.04
N ALA D 386 -34.52 -5.15 22.17
CA ALA D 386 -33.70 -5.68 21.09
C ALA D 386 -33.31 -4.60 20.10
N ASP D 387 -34.25 -3.71 19.76
CA ASP D 387 -33.92 -2.59 18.88
C ASP D 387 -32.97 -1.64 19.59
N ARG D 388 -33.21 -1.38 20.88
CA ARG D 388 -32.47 -0.36 21.61
C ARG D 388 -31.02 -0.76 21.88
N TYR D 389 -30.79 -1.98 22.35
CA TYR D 389 -29.53 -2.31 23.00
C TYR D 389 -28.62 -3.22 22.21
N ILE D 390 -29.10 -3.89 21.17
CA ILE D 390 -28.31 -4.83 20.41
C ILE D 390 -28.28 -4.36 18.96
N ASN D 391 -27.08 -4.07 18.45
CA ASN D 391 -26.90 -3.87 17.01
C ASN D 391 -25.75 -4.78 16.53
N ASP D 392 -26.06 -6.05 16.34
CA ASP D 392 -25.26 -6.92 15.51
C ASP D 392 -26.12 -7.87 14.70
N ARG D 393 -27.44 -7.76 14.80
CA ARG D 393 -28.40 -8.57 14.07
C ARG D 393 -29.52 -7.65 13.63
N PHE D 394 -30.63 -8.23 13.18
CA PHE D 394 -31.73 -7.42 12.67
C PHE D 394 -33.06 -8.01 13.10
N LEU D 395 -34.08 -7.15 13.17
CA LEU D 395 -35.41 -7.57 13.55
C LEU D 395 -36.00 -8.48 12.47
N PRO D 396 -36.84 -9.43 12.87
CA PRO D 396 -37.21 -9.81 14.24
C PRO D 396 -36.38 -10.98 14.74
N ASP D 397 -35.21 -11.20 14.14
CA ASP D 397 -34.38 -12.35 14.53
C ASP D 397 -33.90 -12.22 15.96
N LYS D 398 -33.46 -11.02 16.36
CA LYS D 398 -33.05 -10.83 17.75
C LYS D 398 -34.22 -10.99 18.71
N ALA D 399 -35.39 -10.46 18.33
CA ALA D 399 -36.56 -10.58 19.20
C ALA D 399 -37.01 -12.02 19.34
N ILE D 400 -37.02 -12.78 18.24
CA ILE D 400 -37.44 -14.17 18.31
C ILE D 400 -36.41 -15.00 19.07
N ASP D 401 -35.13 -14.62 18.97
CA ASP D 401 -34.11 -15.29 19.77
C ASP D 401 -34.33 -15.02 21.26
N LEU D 402 -34.66 -13.78 21.61
CA LEU D 402 -34.93 -13.45 23.01
C LEU D 402 -36.13 -14.22 23.54
N ILE D 403 -37.20 -14.30 22.75
CA ILE D 403 -38.40 -15.01 23.20
C ILE D 403 -38.11 -16.49 23.37
N ASP D 404 -37.41 -17.09 22.40
CA ASP D 404 -37.08 -18.51 22.49
C ASP D 404 -36.16 -18.79 23.67
N GLU D 405 -35.18 -17.92 23.91
CA GLU D 405 -34.27 -18.08 25.03
C GLU D 405 -35.01 -17.98 26.36
N ALA D 406 -35.94 -17.03 26.47
CA ALA D 406 -36.73 -16.90 27.69
C ALA D 406 -37.60 -18.13 27.92
N GLY D 407 -38.20 -18.66 26.84
CA GLY D 407 -38.99 -19.87 26.98
C GLY D 407 -38.15 -21.06 27.40
N ALA D 408 -36.94 -21.18 26.83
CA ALA D 408 -36.04 -22.26 27.23
C ALA D 408 -35.62 -22.11 28.68
N ARG D 409 -35.37 -20.87 29.12
CA ARG D 409 -35.01 -20.63 30.52
C ARG D 409 -36.12 -21.04 31.45
N MET D 410 -37.36 -20.67 31.12
CA MET D 410 -38.49 -21.06 31.95
C MET D 410 -38.68 -22.58 31.96
N ARG D 411 -38.50 -23.23 30.82
CA ARG D 411 -38.61 -24.69 30.75
C ARG D 411 -37.54 -25.37 31.59
N ILE D 412 -36.31 -24.86 31.56
CA ILE D 412 -35.23 -25.46 32.34
C ILE D 412 -35.45 -25.23 33.83
N ARG D 413 -35.81 -24.00 34.22
CA ARG D 413 -36.02 -23.70 35.63
C ARG D 413 -37.22 -24.43 36.21
N ARG D 414 -38.25 -24.68 35.38
CA ARG D 414 -39.40 -25.46 35.86
C ARG D 414 -39.01 -26.90 36.15
N MET D 415 -38.13 -27.49 35.33
CA MET D 415 -37.67 -28.84 35.58
C MET D 415 -36.58 -28.84 36.65
N VAL D 475 -45.98 -27.13 36.78
CA VAL D 475 -47.36 -27.18 36.30
C VAL D 475 -47.69 -25.93 35.49
N VAL D 476 -47.39 -24.76 36.06
CA VAL D 476 -47.65 -23.49 35.42
C VAL D 476 -46.32 -22.77 35.19
N ALA D 477 -46.21 -22.10 34.04
CA ALA D 477 -45.03 -21.32 33.70
C ALA D 477 -45.46 -20.01 33.09
N GLU D 478 -44.63 -18.99 33.27
CA GLU D 478 -44.98 -17.65 32.79
C GLU D 478 -43.68 -16.93 32.41
N VAL D 479 -43.77 -16.13 31.34
CA VAL D 479 -42.64 -15.35 30.85
C VAL D 479 -43.00 -13.87 30.95
N ASP D 480 -42.12 -13.09 31.56
CA ASP D 480 -42.38 -11.67 31.77
C ASP D 480 -41.25 -10.81 31.22
N ASP D 481 -41.34 -9.49 31.44
CA ASP D 481 -40.33 -8.57 30.93
C ASP D 481 -38.98 -8.77 31.62
N GLU D 482 -39.00 -9.11 32.91
CA GLU D 482 -37.76 -9.28 33.66
C GLU D 482 -36.94 -10.44 33.11
N GLN D 483 -37.61 -11.50 32.66
CA GLN D 483 -36.89 -12.63 32.07
C GLN D 483 -36.22 -12.21 30.76
N ILE D 484 -36.90 -11.42 29.94
CA ILE D 484 -36.31 -10.92 28.71
C ILE D 484 -35.10 -10.03 29.02
N ALA D 485 -35.23 -9.20 30.06
CA ALA D 485 -34.11 -8.37 30.48
C ALA D 485 -32.93 -9.21 30.94
N GLU D 486 -33.20 -10.29 31.67
CA GLU D 486 -32.12 -11.19 32.12
C GLU D 486 -31.45 -11.87 30.93
N VAL D 487 -32.24 -12.28 29.93
CA VAL D 487 -31.66 -12.87 28.72
C VAL D 487 -30.78 -11.87 28.00
N LEU D 488 -31.23 -10.62 27.87
CA LEU D 488 -30.42 -9.62 27.18
C LEU D 488 -29.14 -9.33 27.95
N GLY D 489 -29.21 -9.31 29.27
CA GLY D 489 -28.01 -9.11 30.07
C GLY D 489 -27.04 -10.27 29.96
N ASN D 490 -27.57 -11.50 29.89
CA ASN D 490 -26.70 -12.65 29.68
C ASN D 490 -26.09 -12.62 28.28
N TRP D 491 -26.80 -12.03 27.32
CA TRP D 491 -26.30 -11.97 25.95
C TRP D 491 -25.19 -10.94 25.82
N THR D 492 -25.49 -9.67 26.09
CA THR D 492 -24.58 -8.58 25.75
C THR D 492 -23.99 -7.87 26.96
N GLY D 493 -24.33 -8.28 28.18
CA GLY D 493 -23.72 -7.71 29.36
C GLY D 493 -24.25 -6.37 29.80
N ILE D 494 -25.23 -5.82 29.08
CA ILE D 494 -25.82 -4.53 29.46
C ILE D 494 -26.72 -4.76 30.67
N PRO D 495 -26.49 -4.05 31.79
CA PRO D 495 -27.23 -4.33 33.03
C PRO D 495 -28.57 -3.60 33.11
N VAL D 496 -29.40 -3.83 32.11
CA VAL D 496 -30.78 -3.34 32.14
C VAL D 496 -31.63 -4.40 32.84
N PHE D 497 -31.58 -4.38 34.17
CA PHE D 497 -32.20 -5.41 35.00
C PHE D 497 -33.27 -4.83 35.91
N LYS D 498 -33.98 -5.70 36.62
CA LYS D 498 -34.80 -5.25 37.73
C LYS D 498 -33.92 -4.92 38.92
N LEU D 499 -34.14 -3.74 39.49
CA LEU D 499 -33.27 -3.27 40.56
C LEU D 499 -33.57 -4.02 41.85
N THR D 500 -32.74 -5.00 42.17
CA THR D 500 -32.90 -5.75 43.41
C THR D 500 -32.46 -4.90 44.60
N GLU D 501 -32.81 -5.36 45.79
CA GLU D 501 -32.59 -4.56 47.00
C GLU D 501 -31.11 -4.34 47.27
N ALA D 502 -30.28 -5.37 47.05
CA ALA D 502 -28.86 -5.24 47.34
C ALA D 502 -28.20 -4.22 46.42
N GLU D 503 -28.43 -4.33 45.11
CA GLU D 503 -27.81 -3.39 44.18
C GLU D 503 -28.40 -2.00 44.33
N THR D 504 -29.67 -1.90 44.73
CA THR D 504 -30.26 -0.59 44.99
C THR D 504 -29.60 0.09 46.17
N THR D 505 -29.46 -0.65 47.29
CA THR D 505 -28.79 -0.09 48.46
C THR D 505 -27.34 0.24 48.16
N ARG D 506 -26.70 -0.55 47.29
CA ARG D 506 -25.36 -0.21 46.84
C ARG D 506 -25.35 1.09 46.03
N LEU D 507 -26.35 1.28 45.17
CA LEU D 507 -26.38 2.44 44.29
C LEU D 507 -26.65 3.73 45.07
N LEU D 508 -27.55 3.68 46.05
CA LEU D 508 -27.77 4.85 46.90
C LEU D 508 -26.53 5.22 47.69
N ARG D 509 -25.73 4.24 48.10
CA ARG D 509 -24.60 4.46 48.98
C ARG D 509 -23.26 4.41 48.22
N MET D 510 -23.30 4.37 46.89
CA MET D 510 -22.07 4.21 46.12
C MET D 510 -21.18 5.45 46.18
N GLU D 511 -21.69 6.59 46.64
CA GLU D 511 -20.80 7.72 46.91
C GLU D 511 -19.81 7.36 47.99
N GLU D 512 -20.26 6.69 49.05
CA GLU D 512 -19.35 6.19 50.08
C GLU D 512 -18.42 5.13 49.51
N GLU D 513 -18.94 4.26 48.64
CA GLU D 513 -18.12 3.21 48.04
C GLU D 513 -17.00 3.77 47.19
N LEU D 514 -17.28 4.81 46.41
CA LEU D 514 -16.21 5.50 45.69
C LEU D 514 -15.31 6.25 46.64
N HIS D 515 -15.87 6.78 47.73
CA HIS D 515 -15.07 7.43 48.75
C HIS D 515 -14.21 6.46 49.55
N LYS D 516 -14.45 5.16 49.42
CA LYS D 516 -13.57 4.18 50.05
C LYS D 516 -12.17 4.24 49.43
N ARG D 517 -12.09 4.54 48.14
CA ARG D 517 -10.80 4.67 47.47
C ARG D 517 -10.46 6.11 47.12
N ILE D 518 -11.45 6.94 46.80
CA ILE D 518 -11.21 8.31 46.35
C ILE D 518 -11.48 9.26 47.50
N ILE D 519 -10.45 9.92 47.99
CA ILE D 519 -10.57 10.88 49.07
C ILE D 519 -10.71 12.27 48.47
N GLY D 520 -11.72 13.01 48.92
CA GLY D 520 -11.99 14.31 48.34
C GLY D 520 -12.68 14.20 47.00
N GLN D 521 -12.71 15.32 46.29
CA GLN D 521 -13.33 15.43 44.96
C GLN D 521 -14.79 15.02 44.99
N GLU D 522 -15.53 15.63 45.92
CA GLU D 522 -16.92 15.24 46.14
C GLU D 522 -17.79 15.60 44.95
N ASP D 523 -17.46 16.68 44.25
CA ASP D 523 -18.25 17.08 43.09
C ASP D 523 -18.17 16.04 41.97
N ALA D 524 -16.97 15.54 41.69
CA ALA D 524 -16.81 14.55 40.64
C ALA D 524 -17.50 13.24 40.99
N VAL D 525 -17.35 12.79 42.24
CA VAL D 525 -18.00 11.56 42.68
C VAL D 525 -19.51 11.70 42.63
N LYS D 526 -20.02 12.87 43.04
CA LYS D 526 -21.46 13.12 42.99
C LYS D 526 -21.97 13.12 41.56
N ALA D 527 -21.21 13.73 40.64
CA ALA D 527 -21.63 13.76 39.24
C ALA D 527 -21.62 12.36 38.64
N VAL D 528 -20.62 11.54 38.98
CA VAL D 528 -20.57 10.16 38.50
C VAL D 528 -21.75 9.38 39.05
N SER D 529 -22.09 9.61 40.33
CA SER D 529 -23.23 8.94 40.93
C SER D 529 -24.54 9.32 40.26
N LYS D 530 -24.72 10.61 39.96
CA LYS D 530 -25.92 11.04 39.24
C LYS D 530 -25.97 10.43 37.84
N ALA D 531 -24.82 10.34 37.16
CA ALA D 531 -24.79 9.77 35.82
C ALA D 531 -25.18 8.29 35.85
N ILE D 532 -24.60 7.52 36.77
CA ILE D 532 -24.89 6.09 36.80
C ILE D 532 -26.32 5.85 37.30
N ARG D 533 -26.83 6.71 38.18
CA ARG D 533 -28.22 6.60 38.61
C ARG D 533 -29.17 6.89 37.46
N ARG D 534 -28.86 7.89 36.65
CA ARG D 534 -29.67 8.19 35.47
C ARG D 534 -29.61 7.04 34.47
N THR D 535 -28.44 6.41 34.33
CA THR D 535 -28.30 5.28 33.42
C THR D 535 -29.13 4.09 33.88
N ARG D 536 -29.02 3.71 35.16
CA ARG D 536 -29.66 2.50 35.64
C ARG D 536 -31.14 2.67 35.94
N ALA D 537 -31.63 3.91 36.05
CA ALA D 537 -33.06 4.11 36.29
C ALA D 537 -33.89 4.00 35.02
N GLY D 538 -33.24 3.88 33.85
CA GLY D 538 -33.95 3.73 32.61
C GLY D 538 -34.35 5.03 31.94
N LEU D 539 -34.13 6.18 32.58
CA LEU D 539 -34.44 7.47 31.98
C LEU D 539 -33.13 8.07 31.47
N LYS D 540 -32.94 7.95 30.16
CA LYS D 540 -31.75 8.43 29.48
C LYS D 540 -32.09 8.75 28.03
N ASP D 541 -31.38 9.72 27.46
CA ASP D 541 -31.51 9.99 26.04
C ASP D 541 -30.96 8.81 25.26
N PRO D 542 -31.75 8.17 24.40
CA PRO D 542 -31.25 6.97 23.69
C PRO D 542 -30.04 7.25 22.81
N LYS D 543 -29.99 8.43 22.18
CA LYS D 543 -28.89 8.74 21.27
C LYS D 543 -27.59 9.00 22.03
N ARG D 544 -27.68 9.71 23.15
CA ARG D 544 -26.48 10.11 23.88
C ARG D 544 -25.91 8.94 24.68
N PRO D 545 -24.59 8.92 24.89
CA PRO D 545 -23.98 7.91 25.76
C PRO D 545 -24.46 8.03 27.20
N SER D 546 -24.05 7.05 28.00
CA SER D 546 -24.44 7.05 29.41
C SER D 546 -23.83 8.21 30.17
N GLY D 547 -22.56 8.51 29.92
CA GLY D 547 -21.88 9.57 30.64
C GLY D 547 -20.67 10.06 29.91
N SER D 548 -20.51 11.38 29.86
CA SER D 548 -19.37 12.01 29.19
C SER D 548 -18.90 13.16 30.08
N PHE D 549 -17.63 13.11 30.49
CA PHE D 549 -17.07 14.12 31.37
C PHE D 549 -15.63 14.42 30.97
N ILE D 550 -15.16 15.60 31.34
CA ILE D 550 -13.77 16.00 31.17
C ILE D 550 -13.21 16.33 32.55
N PHE D 551 -12.04 15.77 32.86
CA PHE D 551 -11.38 15.99 34.14
C PHE D 551 -10.18 16.91 33.94
N ALA D 552 -10.11 17.98 34.73
CA ALA D 552 -8.99 18.90 34.69
C ALA D 552 -8.65 19.32 36.12
N GLY D 553 -7.39 19.69 36.30
CA GLY D 553 -6.90 20.09 37.60
C GLY D 553 -5.40 19.88 37.72
N PRO D 554 -4.88 19.88 38.94
CA PRO D 554 -3.46 19.55 39.13
C PRO D 554 -3.17 18.10 38.79
N SER D 555 -1.89 17.76 38.64
CA SER D 555 -1.53 16.37 38.36
C SER D 555 -1.60 15.56 39.64
N GLY D 556 -1.97 14.29 39.51
CA GLY D 556 -2.04 13.39 40.66
C GLY D 556 -3.12 13.74 41.67
N VAL D 557 -4.33 14.06 41.20
CA VAL D 557 -5.43 14.38 42.11
C VAL D 557 -6.54 13.34 41.94
N GLY D 558 -6.20 12.19 41.39
CA GLY D 558 -7.14 11.11 41.26
C GLY D 558 -8.09 11.20 40.08
N LYS D 559 -7.73 11.97 39.06
CA LYS D 559 -8.56 12.05 37.86
C LYS D 559 -8.64 10.70 37.17
N THR D 560 -7.51 10.00 37.05
CA THR D 560 -7.52 8.63 36.55
C THR D 560 -8.02 7.65 37.60
N GLU D 561 -7.72 7.91 38.88
CA GLU D 561 -8.07 6.98 39.94
C GLU D 561 -9.58 6.90 40.15
N LEU D 562 -10.29 8.01 39.98
CA LEU D 562 -11.74 7.96 40.08
C LEU D 562 -12.34 7.07 39.00
N SER D 563 -11.83 7.18 37.78
CA SER D 563 -12.31 6.32 36.70
C SER D 563 -11.98 4.86 36.96
N LYS D 564 -10.77 4.59 37.48
CA LYS D 564 -10.39 3.22 37.79
C LYS D 564 -11.27 2.66 38.90
N ALA D 565 -11.58 3.46 39.92
CA ALA D 565 -12.46 3.02 40.99
C ALA D 565 -13.87 2.79 40.48
N LEU D 566 -14.33 3.63 39.54
CA LEU D 566 -15.64 3.41 38.94
C LEU D 566 -15.68 2.10 38.15
N ALA D 567 -14.60 1.81 37.43
CA ALA D 567 -14.52 0.55 36.70
C ALA D 567 -14.51 -0.65 37.65
N ASN D 568 -13.78 -0.52 38.77
CA ASN D 568 -13.79 -1.58 39.77
C ASN D 568 -15.17 -1.74 40.39
N PHE D 569 -15.88 -0.63 40.59
CA PHE D 569 -17.24 -0.68 41.11
C PHE D 569 -18.17 -1.40 40.15
N LEU D 570 -18.08 -1.09 38.86
CA LEU D 570 -19.03 -1.63 37.90
C LEU D 570 -18.70 -3.09 37.55
N PHE D 571 -17.42 -3.44 37.47
CA PHE D 571 -17.01 -4.71 36.89
C PHE D 571 -16.29 -5.63 37.87
N GLY D 572 -15.82 -5.12 39.01
CA GLY D 572 -15.13 -5.94 39.98
C GLY D 572 -13.62 -5.96 39.84
N ASP D 573 -13.06 -5.31 38.82
CA ASP D 573 -11.62 -5.28 38.64
C ASP D 573 -11.21 -4.04 37.85
N ASP D 574 -9.96 -3.64 38.00
CA ASP D 574 -9.43 -2.46 37.33
C ASP D 574 -9.00 -2.72 35.90
N ASP D 575 -8.82 -3.99 35.51
CA ASP D 575 -8.36 -4.29 34.17
C ASP D 575 -9.44 -4.10 33.11
N ALA D 576 -10.71 -4.16 33.49
CA ALA D 576 -11.80 -4.07 32.54
C ALA D 576 -11.98 -2.66 31.97
N LEU D 577 -11.35 -1.65 32.57
CA LEU D 577 -11.44 -0.29 32.06
C LEU D 577 -10.71 -0.20 30.72
N ILE D 578 -11.41 0.29 29.70
CA ILE D 578 -10.80 0.53 28.39
C ILE D 578 -9.92 1.77 28.49
N GLN D 579 -8.62 1.57 28.53
CA GLN D 579 -7.66 2.66 28.70
C GLN D 579 -7.00 2.94 27.36
N ILE D 580 -7.44 4.00 26.68
CA ILE D 580 -6.83 4.45 25.44
C ILE D 580 -6.04 5.71 25.75
N ASP D 581 -4.72 5.63 25.61
CA ASP D 581 -3.83 6.70 26.01
C ASP D 581 -3.55 7.60 24.82
N MET D 582 -3.89 8.88 24.95
CA MET D 582 -3.77 9.82 23.85
C MET D 582 -2.37 10.39 23.70
N GLY D 583 -1.44 10.05 24.59
CA GLY D 583 -0.08 10.58 24.52
C GLY D 583 0.72 10.14 23.34
N GLU D 584 0.40 8.99 22.75
CA GLU D 584 1.07 8.52 21.54
C GLU D 584 0.32 8.91 20.27
N PHE D 585 -0.63 9.84 20.37
CA PHE D 585 -1.36 10.33 19.21
C PHE D 585 -1.00 11.78 18.90
N HIS D 586 0.26 12.15 19.12
CA HIS D 586 0.70 13.50 18.77
C HIS D 586 0.66 13.73 17.26
N ASP D 587 1.03 12.70 16.49
CA ASP D 587 1.02 12.82 15.03
C ASP D 587 -0.41 12.85 14.50
N ARG D 588 -0.62 13.59 13.42
CA ARG D 588 -1.90 13.62 12.73
C ARG D 588 -2.28 12.29 12.11
N PHE D 589 -1.30 11.53 11.61
CA PHE D 589 -1.56 10.29 10.89
C PHE D 589 -1.88 9.12 11.81
N THR D 590 -1.79 9.31 13.13
CA THR D 590 -2.01 8.23 14.07
C THR D 590 -3.48 8.05 14.43
N ALA D 591 -4.38 8.84 13.84
CA ALA D 591 -5.80 8.72 14.16
C ALA D 591 -6.39 7.40 13.68
N SER D 592 -5.74 6.71 12.74
CA SER D 592 -6.26 5.43 12.26
C SER D 592 -6.11 4.33 13.30
N ARG D 593 -5.34 4.58 14.36
CA ARG D 593 -5.17 3.57 15.41
C ARG D 593 -6.45 3.37 16.20
N LEU D 594 -7.39 4.33 16.15
CA LEU D 594 -8.59 4.21 16.97
C LEU D 594 -9.66 3.40 16.25
N PHE D 595 -9.94 3.73 14.99
CA PHE D 595 -11.07 3.13 14.29
C PHE D 595 -10.63 2.12 13.25
N GLY D 596 -9.35 2.10 12.91
CA GLY D 596 -8.83 1.09 12.00
C GLY D 596 -8.23 1.64 10.73
N ALA D 597 -7.86 0.75 9.80
CA ALA D 597 -7.27 1.12 8.53
C ALA D 597 -8.31 1.14 7.42
N PRO D 598 -8.17 2.05 6.46
CA PRO D 598 -9.06 2.06 5.30
C PRO D 598 -8.79 0.86 4.42
N PRO D 599 -9.79 0.43 3.63
CA PRO D 599 -9.55 -0.68 2.70
C PRO D 599 -8.56 -0.28 1.61
N GLY D 600 -7.90 -1.28 1.05
CA GLY D 600 -6.85 -1.05 0.08
C GLY D 600 -5.47 -0.87 0.69
N TYR D 601 -5.37 -0.80 2.00
CA TYR D 601 -4.10 -0.56 2.68
C TYR D 601 -3.79 -1.74 3.59
N VAL D 602 -2.57 -1.78 4.11
CA VAL D 602 -2.16 -2.82 5.03
C VAL D 602 -2.83 -2.57 6.38
N GLY D 603 -3.17 -3.65 7.08
CA GLY D 603 -3.82 -3.55 8.36
C GLY D 603 -5.32 -3.37 8.31
N TYR D 604 -5.94 -3.60 7.15
CA TYR D 604 -7.38 -3.43 7.03
C TYR D 604 -8.15 -4.57 7.69
N GLU D 605 -7.55 -5.74 7.81
CA GLU D 605 -8.29 -6.93 8.23
C GLU D 605 -8.59 -6.93 9.73
N GLU D 606 -7.68 -6.42 10.55
CA GLU D 606 -7.88 -6.52 11.99
C GLU D 606 -8.81 -5.44 12.51
N GLY D 607 -9.09 -4.42 11.69
CA GLY D 607 -10.00 -3.38 12.09
C GLY D 607 -9.43 -2.47 13.16
N GLY D 608 -10.34 -1.79 13.85
CA GLY D 608 -9.97 -0.85 14.87
C GLY D 608 -9.60 -1.49 16.20
N GLN D 609 -9.08 -0.67 17.10
CA GLN D 609 -8.68 -1.09 18.44
C GLN D 609 -9.75 -0.80 19.48
N LEU D 610 -10.15 0.46 19.63
CA LEU D 610 -11.20 0.77 20.61
C LEU D 610 -12.56 0.27 20.13
N THR D 611 -12.76 0.24 18.81
CA THR D 611 -14.04 -0.24 18.27
C THR D 611 -14.26 -1.70 18.60
N GLU D 612 -13.22 -2.52 18.44
CA GLU D 612 -13.34 -3.94 18.78
C GLU D 612 -13.59 -4.13 20.27
N LYS D 613 -12.86 -3.40 21.11
CA LYS D 613 -13.03 -3.53 22.56
C LYS D 613 -14.41 -3.06 23.01
N VAL D 614 -14.97 -2.03 22.38
CA VAL D 614 -16.33 -1.61 22.66
C VAL D 614 -17.32 -2.69 22.24
N ARG D 615 -17.10 -3.29 21.06
CA ARG D 615 -17.99 -4.35 20.58
C ARG D 615 -17.95 -5.57 21.51
N ARG D 616 -16.78 -5.88 22.07
CA ARG D 616 -16.70 -7.01 22.99
C ARG D 616 -17.48 -6.74 24.27
N LYS D 617 -17.32 -5.56 24.85
CA LYS D 617 -17.96 -5.22 26.13
C LYS D 617 -18.72 -3.91 25.91
N PRO D 618 -19.99 -4.00 25.51
CA PRO D 618 -20.77 -2.77 25.25
C PRO D 618 -20.94 -1.88 26.46
N PHE D 619 -20.98 -2.44 27.66
CA PHE D 619 -21.09 -1.64 28.89
C PHE D 619 -19.69 -1.54 29.51
N SER D 620 -18.91 -0.57 29.06
CA SER D 620 -17.58 -0.36 29.61
C SER D 620 -17.27 1.13 29.61
N VAL D 621 -16.36 1.52 30.49
CA VAL D 621 -15.90 2.89 30.58
C VAL D 621 -14.63 3.01 29.74
N VAL D 622 -14.55 4.07 28.95
CA VAL D 622 -13.42 4.29 28.05
C VAL D 622 -12.70 5.56 28.49
N LEU D 623 -11.42 5.42 28.81
CA LEU D 623 -10.62 6.51 29.37
C LEU D 623 -9.66 7.02 28.32
N PHE D 624 -9.67 8.33 28.10
CA PHE D 624 -8.70 8.99 27.25
C PHE D 624 -7.82 9.88 28.12
N ASP D 625 -6.61 9.43 28.40
CA ASP D 625 -5.69 10.16 29.25
C ASP D 625 -4.87 11.15 28.42
N GLU D 626 -4.57 12.30 29.02
CA GLU D 626 -3.76 13.36 28.41
C GLU D 626 -4.37 13.83 27.09
N ILE D 627 -5.64 14.23 27.17
CA ILE D 627 -6.40 14.61 25.98
C ILE D 627 -5.88 15.90 25.36
N GLU D 628 -5.21 16.76 26.13
CA GLU D 628 -4.64 17.99 25.59
C GLU D 628 -3.42 17.72 24.74
N LYS D 629 -2.78 16.57 24.89
CA LYS D 629 -1.46 16.33 24.32
C LYS D 629 -1.53 15.80 22.90
N ALA D 630 -2.63 15.17 22.52
CA ALA D 630 -2.83 14.80 21.13
C ALA D 630 -3.36 16.00 20.34
N HIS D 631 -3.30 15.89 19.02
CA HIS D 631 -3.74 16.98 18.17
C HIS D 631 -5.27 17.02 18.10
N GLN D 632 -5.81 18.18 17.73
CA GLN D 632 -7.25 18.37 17.62
C GLN D 632 -7.86 17.63 16.42
N GLU D 633 -7.03 17.12 15.50
CA GLU D 633 -7.56 16.34 14.38
C GLU D 633 -8.22 15.05 14.86
N ILE D 634 -7.60 14.38 15.84
CA ILE D 634 -8.12 13.11 16.33
C ILE D 634 -9.45 13.31 17.07
N TYR D 635 -9.72 14.53 17.51
CA TYR D 635 -10.96 14.85 18.22
C TYR D 635 -12.20 14.63 17.36
N ASN D 636 -12.05 14.71 16.04
CA ASN D 636 -13.18 14.73 15.14
C ASN D 636 -13.87 13.38 15.02
N SER D 637 -13.13 12.29 15.18
CA SER D 637 -13.75 10.96 15.20
C SER D 637 -14.66 10.81 16.39
N LEU D 638 -14.23 11.28 17.56
CA LEU D 638 -15.06 11.25 18.76
C LEU D 638 -16.14 12.33 18.75
N LEU D 639 -16.00 13.33 17.88
CA LEU D 639 -17.02 14.37 17.78
C LEU D 639 -18.39 13.79 17.44
N GLN D 640 -18.40 12.68 16.69
CA GLN D 640 -19.66 12.02 16.38
C GLN D 640 -20.23 11.28 17.60
N VAL D 641 -19.39 10.55 18.32
CA VAL D 641 -19.92 9.70 19.40
C VAL D 641 -20.26 10.50 20.65
N LEU D 642 -19.65 11.67 20.87
CA LEU D 642 -20.06 12.50 22.00
C LEU D 642 -21.45 13.11 21.79
N GLU D 643 -21.99 13.05 20.57
CA GLU D 643 -23.37 13.44 20.33
C GLU D 643 -24.26 12.28 19.89
N ASP D 644 -23.83 11.49 18.91
CA ASP D 644 -24.66 10.43 18.36
C ASP D 644 -24.37 9.06 18.96
N GLY D 645 -23.20 8.86 19.54
CA GLY D 645 -22.87 7.57 20.13
C GLY D 645 -22.64 6.47 19.11
N ARG D 646 -22.37 6.82 17.86
CA ARG D 646 -22.11 5.85 16.82
C ARG D 646 -20.82 6.22 16.10
N LEU D 647 -20.02 5.21 15.80
CA LEU D 647 -18.75 5.39 15.10
C LEU D 647 -18.63 4.32 14.03
N THR D 648 -18.07 4.69 12.88
CA THR D 648 -17.87 3.77 11.77
C THR D 648 -16.40 3.44 11.65
N ASP D 649 -16.07 2.15 11.65
CA ASP D 649 -14.69 1.71 11.58
C ASP D 649 -14.20 1.76 10.13
N GLY D 650 -12.92 1.39 9.94
CA GLY D 650 -12.39 1.24 8.61
C GLY D 650 -13.04 0.11 7.85
N GLN D 651 -13.43 -0.96 8.56
CA GLN D 651 -14.15 -2.07 7.94
C GLN D 651 -15.49 -1.63 7.37
N GLY D 652 -16.12 -0.61 7.95
CA GLY D 652 -17.38 -0.09 7.48
C GLY D 652 -18.54 -0.30 8.43
N ARG D 653 -18.42 -1.24 9.36
CA ARG D 653 -19.50 -1.47 10.31
C ARG D 653 -19.56 -0.34 11.33
N THR D 654 -20.73 -0.15 11.92
CA THR D 654 -20.96 0.92 12.88
C THR D 654 -20.98 0.35 14.29
N VAL D 655 -20.18 0.92 15.18
CA VAL D 655 -20.17 0.54 16.58
C VAL D 655 -20.97 1.56 17.36
N ASP D 656 -21.51 1.14 18.50
CA ASP D 656 -22.36 2.00 19.32
C ASP D 656 -21.65 2.38 20.62
N PHE D 657 -21.89 3.62 21.07
CA PHE D 657 -21.36 4.11 22.33
C PHE D 657 -22.46 4.50 23.30
N LYS D 658 -23.67 3.97 23.10
CA LYS D 658 -24.82 4.37 23.90
C LYS D 658 -24.71 3.89 25.34
N ASN D 659 -24.07 2.75 25.57
CA ASN D 659 -23.89 2.20 26.90
C ASN D 659 -22.46 2.29 27.40
N THR D 660 -21.68 3.22 26.88
CA THR D 660 -20.31 3.43 27.32
C THR D 660 -20.19 4.76 28.06
N VAL D 661 -19.33 4.78 29.07
CA VAL D 661 -19.02 5.99 29.83
C VAL D 661 -17.71 6.53 29.30
N LEU D 662 -17.71 7.78 28.87
CA LEU D 662 -16.52 8.42 28.31
C LEU D 662 -15.96 9.40 29.34
N ILE D 663 -14.66 9.30 29.59
CA ILE D 663 -13.97 10.18 30.53
C ILE D 663 -12.70 10.69 29.86
N PHE D 664 -12.49 12.01 29.96
CA PHE D 664 -11.29 12.64 29.45
C PHE D 664 -10.55 13.33 30.60
N THR D 665 -9.23 13.19 30.61
CA THR D 665 -8.39 13.81 31.63
C THR D 665 -7.35 14.69 30.97
N SER D 666 -7.18 15.90 31.49
CA SER D 666 -6.23 16.87 30.97
C SER D 666 -5.48 17.50 32.13
N ASN D 667 -4.67 18.51 31.81
CA ASN D 667 -3.90 19.21 32.82
C ASN D 667 -3.89 20.71 32.61
N LEU D 668 -4.96 21.26 32.03
CA LEU D 668 -5.01 22.69 31.73
C LEU D 668 -5.06 23.51 33.01
N GLY D 669 -4.50 24.72 32.95
CA GLY D 669 -4.54 25.63 34.07
C GLY D 669 -3.42 25.44 35.07
N THR D 670 -3.03 24.20 35.30
CA THR D 670 -1.99 23.89 36.27
C THR D 670 -0.68 23.52 35.58
N ASP D 689 -10.04 30.70 46.50
CA ASP D 689 -8.90 30.28 45.69
C ASP D 689 -9.32 29.23 44.67
N TYR D 690 -10.38 28.49 44.99
CA TYR D 690 -10.83 27.42 44.11
C TYR D 690 -11.50 27.98 42.85
N GLU D 691 -12.31 29.02 43.00
CA GLU D 691 -13.08 29.48 41.85
C GLU D 691 -12.22 30.25 40.86
N ARG D 692 -11.16 30.92 41.32
CA ARG D 692 -10.25 31.58 40.40
C ARG D 692 -9.54 30.57 39.50
N MET D 693 -9.02 29.48 40.08
CA MET D 693 -8.36 28.48 39.24
C MET D 693 -9.38 27.70 38.43
N LYS D 694 -10.61 27.59 38.92
CA LYS D 694 -11.68 26.98 38.12
C LYS D 694 -11.96 27.81 36.87
N GLN D 695 -12.04 29.14 37.03
CA GLN D 695 -12.22 30.02 35.88
C GLN D 695 -11.02 29.98 34.95
N LYS D 696 -9.81 29.87 35.52
CA LYS D 696 -8.61 29.74 34.69
C LYS D 696 -8.66 28.45 33.86
N VAL D 697 -9.09 27.35 34.48
CA VAL D 697 -9.23 26.08 33.76
C VAL D 697 -10.28 26.20 32.66
N ASN D 698 -11.39 26.87 32.98
CA ASN D 698 -12.44 27.08 31.99
C ASN D 698 -11.92 27.87 30.79
N ASP D 699 -11.17 28.95 31.05
CA ASP D 699 -10.63 29.75 29.96
C ASP D 699 -9.60 28.98 29.15
N GLU D 700 -8.76 28.20 29.82
CA GLU D 700 -7.77 27.37 29.13
C GLU D 700 -8.45 26.37 28.21
N LEU D 701 -9.51 25.73 28.71
CA LEU D 701 -10.26 24.79 27.87
C LEU D 701 -10.96 25.49 26.72
N LYS D 702 -11.54 26.66 26.96
CA LYS D 702 -12.23 27.37 25.88
C LYS D 702 -11.28 27.80 24.79
N LYS D 703 -10.07 28.26 25.16
CA LYS D 703 -9.13 28.67 24.13
C LYS D 703 -8.49 27.47 23.43
N HIS D 704 -8.30 26.36 24.16
CA HIS D 704 -7.58 25.22 23.59
C HIS D 704 -8.51 24.26 22.87
N PHE D 705 -9.77 24.19 23.30
CA PHE D 705 -10.74 23.27 22.72
C PHE D 705 -11.78 24.09 21.96
N ARG D 706 -12.19 23.57 20.80
CA ARG D 706 -13.19 24.27 20.01
C ARG D 706 -14.55 24.22 20.70
N PRO D 707 -15.29 25.34 20.72
CA PRO D 707 -16.58 25.35 21.43
C PRO D 707 -17.59 24.36 20.90
N GLU D 708 -17.54 24.05 19.60
CA GLU D 708 -18.43 23.06 19.03
C GLU D 708 -18.23 21.67 19.61
N PHE D 709 -17.00 21.32 20.01
CA PHE D 709 -16.75 20.05 20.67
C PHE D 709 -17.20 20.05 22.12
N LEU D 710 -16.94 21.15 22.84
CA LEU D 710 -17.18 21.19 24.28
C LEU D 710 -18.65 21.06 24.66
N ASN D 711 -19.55 21.42 23.76
CA ASN D 711 -20.97 21.34 24.07
C ASN D 711 -21.50 19.92 24.08
N ARG D 712 -20.76 18.96 23.54
CA ARG D 712 -21.22 17.58 23.49
C ARG D 712 -20.84 16.78 24.73
N ILE D 713 -20.13 17.38 25.68
CA ILE D 713 -19.79 16.72 26.93
C ILE D 713 -20.87 17.03 27.95
N ASP D 714 -21.34 16.00 28.67
CA ASP D 714 -22.45 16.16 29.60
C ASP D 714 -22.09 17.09 30.75
N ASP D 715 -20.88 16.99 31.29
CA ASP D 715 -20.49 17.82 32.42
C ASP D 715 -18.99 18.03 32.43
N ILE D 716 -18.58 19.23 32.84
CA ILE D 716 -17.19 19.58 33.04
C ILE D 716 -16.93 19.64 34.54
N ILE D 717 -15.85 19.00 34.98
CA ILE D 717 -15.53 18.90 36.40
C ILE D 717 -14.10 19.40 36.60
N VAL D 718 -13.94 20.35 37.52
CA VAL D 718 -12.63 20.85 37.91
C VAL D 718 -12.25 20.18 39.23
N PHE D 719 -11.10 19.50 39.24
CA PHE D 719 -10.69 18.75 40.41
C PHE D 719 -10.12 19.69 41.47
N HIS D 720 -10.57 19.52 42.71
CA HIS D 720 -10.14 20.38 43.80
C HIS D 720 -8.75 19.97 44.28
N GLN D 721 -8.02 20.96 44.81
CA GLN D 721 -6.68 20.71 45.31
C GLN D 721 -6.72 19.89 46.60
N LEU D 722 -5.74 18.99 46.73
CA LEU D 722 -5.66 18.11 47.90
C LEU D 722 -5.28 18.91 49.14
N THR D 723 -5.94 18.62 50.26
CA THR D 723 -5.72 19.31 51.51
C THR D 723 -5.09 18.38 52.55
N ARG D 724 -4.96 18.87 53.79
CA ARG D 724 -4.20 18.15 54.80
C ARG D 724 -4.98 16.94 55.33
N GLU D 725 -6.29 17.08 55.55
CA GLU D 725 -7.08 15.94 55.98
C GLU D 725 -7.13 14.87 54.89
N GLU D 726 -7.14 15.30 53.62
CA GLU D 726 -7.12 14.34 52.53
C GLU D 726 -5.81 13.56 52.53
N ILE D 727 -4.68 14.21 52.79
CA ILE D 727 -3.43 13.46 52.72
C ILE D 727 -3.23 12.62 53.97
N ILE D 728 -3.76 13.03 55.13
CA ILE D 728 -3.63 12.15 56.29
C ILE D 728 -4.53 10.92 56.14
N ARG D 729 -5.67 11.03 55.48
CA ARG D 729 -6.42 9.83 55.13
C ARG D 729 -5.69 9.03 54.07
N MET D 730 -5.07 9.72 53.12
CA MET D 730 -4.35 9.14 52.00
C MET D 730 -3.20 8.25 52.45
N VAL D 731 -2.50 8.66 53.50
CA VAL D 731 -1.40 7.86 54.02
C VAL D 731 -1.87 6.47 54.40
N ASP D 732 -2.98 6.41 55.15
CA ASP D 732 -3.54 5.10 55.54
C ASP D 732 -4.04 4.34 54.32
N LEU D 733 -4.82 5.00 53.46
CA LEU D 733 -5.44 4.31 52.33
C LEU D 733 -4.40 3.78 51.35
N MET D 734 -3.22 4.40 51.29
CA MET D 734 -2.20 3.93 50.37
C MET D 734 -1.20 2.99 51.03
N ILE D 735 -0.91 3.16 52.32
CA ILE D 735 -0.08 2.19 53.03
C ILE D 735 -0.83 0.88 53.25
N SER D 736 -2.16 0.89 53.07
CA SER D 736 -2.90 -0.36 53.00
C SER D 736 -2.39 -1.27 51.88
N ARG D 737 -1.97 -0.68 50.76
CA ARG D 737 -1.38 -1.47 49.68
C ARG D 737 -0.09 -2.15 50.14
N VAL D 738 0.77 -1.42 50.84
CA VAL D 738 2.02 -1.99 51.32
C VAL D 738 1.75 -3.08 52.35
N ALA D 739 0.77 -2.86 53.22
CA ALA D 739 0.39 -3.87 54.20
C ALA D 739 -0.13 -5.13 53.52
N GLY D 740 -0.96 -4.97 52.49
CA GLY D 740 -1.46 -6.12 51.77
C GLY D 740 -0.37 -6.87 51.01
N GLN D 741 0.59 -6.13 50.47
CA GLN D 741 1.73 -6.76 49.82
C GLN D 741 2.58 -7.53 50.85
N LEU D 742 2.71 -6.97 52.05
CA LEU D 742 3.45 -7.66 53.11
C LEU D 742 2.73 -8.91 53.59
N LYS D 743 1.40 -8.89 53.59
CA LYS D 743 0.63 -10.08 54.00
C LYS D 743 0.86 -11.27 53.08
N SER D 744 1.32 -11.05 51.85
CA SER D 744 1.67 -12.14 50.96
C SER D 744 2.89 -12.91 51.44
N LYS D 745 3.74 -12.30 52.28
CA LYS D 745 4.91 -12.94 52.84
C LYS D 745 4.81 -13.11 54.35
N ASP D 746 3.58 -13.19 54.86
CA ASP D 746 3.31 -13.37 56.29
C ASP D 746 3.92 -12.25 57.14
N MET D 747 3.93 -11.03 56.58
CA MET D 747 4.43 -9.86 57.29
C MET D 747 3.25 -8.98 57.70
N ALA D 748 3.32 -8.43 58.90
CA ALA D 748 2.29 -7.55 59.42
C ALA D 748 2.88 -6.16 59.69
N LEU D 749 2.21 -5.15 59.15
CA LEU D 749 2.62 -3.76 59.31
C LEU D 749 1.56 -3.02 60.11
N VAL D 750 2.01 -2.21 61.06
CA VAL D 750 1.16 -1.27 61.78
C VAL D 750 1.92 0.04 61.92
N LEU D 751 1.21 1.15 61.75
CA LEU D 751 1.81 2.48 61.85
C LEU D 751 1.28 3.20 63.08
N THR D 752 2.17 3.86 63.81
CA THR D 752 1.74 4.70 64.91
C THR D 752 1.12 6.00 64.38
N ASP D 753 0.44 6.71 65.27
CA ASP D 753 -0.13 8.00 64.90
C ASP D 753 0.96 8.99 64.55
N ALA D 754 2.08 8.96 65.28
CA ALA D 754 3.22 9.80 64.93
C ALA D 754 3.80 9.43 63.57
N ALA D 755 3.77 8.14 63.22
CA ALA D 755 4.22 7.73 61.89
C ALA D 755 3.36 8.35 60.80
N LYS D 756 2.05 8.33 60.97
CA LYS D 756 1.14 8.95 60.00
C LYS D 756 1.36 10.46 59.95
N ALA D 757 1.54 11.09 61.10
CA ALA D 757 1.76 12.53 61.14
C ALA D 757 3.05 12.92 60.44
N LEU D 758 4.13 12.15 60.65
CA LEU D 758 5.39 12.47 59.99
C LEU D 758 5.32 12.18 58.50
N LEU D 759 4.63 11.11 58.10
CA LEU D 759 4.49 10.81 56.68
C LEU D 759 3.72 11.91 55.96
N ALA D 760 2.64 12.39 56.58
CA ALA D 760 1.89 13.50 55.98
C ALA D 760 2.65 14.81 56.06
N LYS D 761 3.52 14.98 57.06
CA LYS D 761 4.23 16.24 57.22
C LYS D 761 5.29 16.42 56.15
N ARG D 762 5.99 15.35 55.79
CA ARG D 762 7.06 15.43 54.80
C ARG D 762 6.56 15.32 53.37
N GLY D 763 5.28 15.03 53.17
CA GLY D 763 4.76 14.87 51.82
C GLY D 763 3.72 15.90 51.43
N PHE D 764 3.50 16.89 52.28
CA PHE D 764 2.51 17.93 52.03
C PHE D 764 3.09 18.97 51.08
N ASP D 765 2.49 19.07 49.89
CA ASP D 765 2.89 20.10 48.94
C ASP D 765 1.72 20.40 48.01
N PRO D 766 1.14 21.60 48.08
CA PRO D 766 -0.02 21.91 47.22
C PRO D 766 0.32 22.06 45.75
N VAL D 767 1.56 22.36 45.40
CA VAL D 767 1.88 22.55 43.98
C VAL D 767 2.01 21.23 43.25
N LEU D 768 2.17 20.11 43.95
CA LEU D 768 2.08 18.80 43.33
C LEU D 768 0.92 18.03 43.93
N GLY D 769 0.76 16.76 43.52
CA GLY D 769 -0.37 15.96 43.98
C GLY D 769 -0.03 14.98 45.07
N ALA D 770 -0.38 13.71 44.87
CA ALA D 770 -0.19 12.68 45.87
C ALA D 770 1.04 11.82 45.63
N ARG D 771 1.60 11.85 44.44
CA ARG D 771 2.87 11.19 44.13
C ARG D 771 4.01 11.64 45.04
N PRO D 772 4.05 12.89 45.55
CA PRO D 772 4.99 13.18 46.64
C PRO D 772 4.80 12.30 47.87
N LEU D 773 3.56 11.94 48.22
CA LEU D 773 3.36 11.04 49.35
C LEU D 773 3.93 9.66 49.04
N ARG D 774 3.77 9.19 47.80
CA ARG D 774 4.39 7.94 47.38
C ARG D 774 5.91 8.03 47.47
N ARG D 775 6.47 9.15 47.05
CA ARG D 775 7.92 9.36 47.15
C ARG D 775 8.36 9.32 48.60
N THR D 776 7.61 9.98 49.49
CA THR D 776 7.97 10.02 50.90
C THR D 776 7.95 8.63 51.52
N ILE D 777 6.87 7.87 51.31
CA ILE D 777 6.79 6.55 51.91
C ILE D 777 7.82 5.62 51.29
N GLN D 778 8.07 5.76 49.98
CA GLN D 778 9.03 4.92 49.29
C GLN D 778 10.45 5.16 49.81
N ARG D 779 10.81 6.41 50.06
CA ARG D 779 12.15 6.71 50.54
C ARG D 779 12.30 6.57 52.05
N GLU D 780 11.21 6.51 52.80
CA GLU D 780 11.33 6.43 54.25
C GLU D 780 11.05 5.05 54.83
N ILE D 781 9.99 4.37 54.41
CA ILE D 781 9.52 3.16 55.07
C ILE D 781 9.87 1.91 54.28
N GLU D 782 9.53 1.90 52.98
CA GLU D 782 9.60 0.69 52.18
C GLU D 782 11.05 0.25 51.97
N ASP D 783 11.96 1.19 51.72
CA ASP D 783 13.36 0.84 51.54
C ASP D 783 13.96 0.28 52.82
N GLN D 784 13.62 0.86 53.98
CA GLN D 784 14.11 0.35 55.24
C GLN D 784 13.55 -1.04 55.52
N LEU D 785 12.27 -1.27 55.19
CA LEU D 785 11.69 -2.60 55.36
C LEU D 785 12.38 -3.62 54.46
N SER D 786 12.70 -3.23 53.23
CA SER D 786 13.42 -4.12 52.33
C SER D 786 14.79 -4.46 52.86
N GLU D 787 15.51 -3.44 53.38
CA GLU D 787 16.83 -3.68 53.96
C GLU D 787 16.75 -4.62 55.16
N LYS D 788 15.77 -4.41 56.04
CA LYS D 788 15.65 -5.26 57.22
C LYS D 788 15.21 -6.68 56.85
N ILE D 789 14.38 -6.82 55.82
CA ILE D 789 13.95 -8.15 55.39
C ILE D 789 15.12 -8.92 54.79
N LEU D 790 15.88 -8.28 53.89
CA LEU D 790 17.00 -8.98 53.28
C LEU D 790 18.18 -9.14 54.23
N PHE D 791 18.26 -8.34 55.29
CA PHE D 791 19.21 -8.58 56.36
C PHE D 791 18.63 -9.49 57.45
N GLU D 792 17.40 -9.97 57.26
CA GLU D 792 16.71 -10.88 58.17
C GLU D 792 16.54 -10.28 59.57
N GLU D 793 16.32 -8.97 59.66
CA GLU D 793 15.94 -8.37 60.94
C GLU D 793 14.57 -8.86 61.39
N VAL D 794 13.65 -9.02 60.44
CA VAL D 794 12.32 -9.54 60.72
C VAL D 794 12.13 -10.82 59.91
N GLY D 795 11.50 -11.82 60.52
CA GLY D 795 11.29 -13.09 59.87
C GLY D 795 9.83 -13.48 59.81
N PRO D 796 9.55 -14.65 59.25
CA PRO D 796 8.16 -15.11 59.12
C PRO D 796 7.50 -15.29 60.49
N GLY D 797 6.21 -14.98 60.53
CA GLY D 797 5.45 -15.04 61.77
C GLY D 797 5.65 -13.86 62.69
N GLN D 798 6.31 -12.80 62.23
CA GLN D 798 6.59 -11.64 63.06
C GLN D 798 5.84 -10.43 62.53
N VAL D 799 5.48 -9.54 63.45
CA VAL D 799 4.81 -8.29 63.10
C VAL D 799 5.82 -7.17 63.15
N VAL D 800 5.51 -6.07 62.46
CA VAL D 800 6.40 -4.90 62.38
C VAL D 800 5.62 -3.71 62.91
N THR D 801 6.19 -3.06 63.92
CA THR D 801 5.61 -1.85 64.51
C THR D 801 6.54 -0.68 64.17
N VAL D 802 6.03 0.26 63.37
CA VAL D 802 6.81 1.42 62.97
C VAL D 802 6.40 2.62 63.81
N ASP D 803 7.38 3.22 64.49
CA ASP D 803 7.14 4.37 65.34
C ASP D 803 8.16 5.44 65.04
N VAL D 804 7.79 6.69 65.35
CA VAL D 804 8.62 7.86 65.09
C VAL D 804 9.36 8.22 66.38
N ASP D 805 10.68 8.35 66.27
CA ASP D 805 11.54 8.73 67.39
C ASP D 805 12.06 10.15 67.14
N ASN D 806 12.39 10.83 68.25
CA ASN D 806 12.97 12.18 68.23
C ASN D 806 12.03 13.19 67.56
N TRP D 807 10.78 13.17 68.01
CA TRP D 807 9.79 14.12 67.51
C TRP D 807 8.73 14.34 68.58
N ASP D 808 8.12 15.51 68.53
CA ASP D 808 7.02 15.85 69.44
C ASP D 808 5.65 15.69 68.82
N GLY D 809 5.55 15.61 67.49
CA GLY D 809 4.28 15.54 66.81
C GLY D 809 3.76 16.88 66.32
N GLU D 810 4.38 17.99 66.73
CA GLU D 810 3.95 19.33 66.33
C GLU D 810 4.94 20.03 65.41
N GLY D 811 6.23 19.84 65.63
CA GLY D 811 7.24 20.51 64.83
C GLY D 811 7.33 19.94 63.44
N PRO D 812 8.08 20.63 62.57
CA PRO D 812 8.29 20.12 61.21
C PRO D 812 8.99 18.78 61.16
N GLY D 813 9.89 18.51 62.11
CA GLY D 813 10.52 17.20 62.21
C GLY D 813 11.56 16.94 61.14
N GLU D 814 12.64 17.71 61.13
CA GLU D 814 13.77 17.47 60.24
C GLU D 814 14.73 16.43 60.78
N ASP D 815 14.53 15.98 62.02
CA ASP D 815 15.43 15.00 62.64
C ASP D 815 14.71 13.74 63.08
N ALA D 816 13.40 13.66 62.89
CA ALA D 816 12.65 12.48 63.31
C ALA D 816 13.03 11.27 62.47
N VAL D 817 13.08 10.11 63.13
CA VAL D 817 13.48 8.86 62.50
C VAL D 817 12.43 7.80 62.80
N PHE D 818 12.49 6.71 62.04
CA PHE D 818 11.53 5.63 62.15
C PHE D 818 12.18 4.43 62.86
N THR D 819 11.48 3.88 63.83
CA THR D 819 11.93 2.71 64.57
C THR D 819 11.12 1.50 64.17
N PHE D 820 11.79 0.37 63.97
CA PHE D 820 11.18 -0.85 63.49
C PHE D 820 11.36 -1.96 64.51
N THR D 821 10.30 -2.72 64.77
CA THR D 821 10.34 -3.81 65.72
C THR D 821 10.27 -5.16 65.01
N SER E 168 -30.69 -32.54 -38.20
CA SER E 168 -31.06 -33.93 -37.99
C SER E 168 -31.32 -34.21 -36.51
N LEU E 169 -31.70 -35.45 -36.20
CA LEU E 169 -31.99 -35.81 -34.82
C LEU E 169 -30.74 -35.83 -33.94
N VAL E 170 -29.57 -36.06 -34.53
CA VAL E 170 -28.33 -36.05 -33.76
C VAL E 170 -28.06 -34.66 -33.20
N LEU E 171 -28.31 -33.63 -33.99
CA LEU E 171 -28.22 -32.26 -33.51
C LEU E 171 -29.51 -31.78 -32.86
N ASP E 172 -30.61 -32.50 -33.04
CA ASP E 172 -31.83 -32.16 -32.31
C ASP E 172 -31.76 -32.61 -30.86
N GLN E 173 -31.01 -33.68 -30.58
CA GLN E 173 -30.87 -34.14 -29.20
C GLN E 173 -29.74 -33.41 -28.48
N PHE E 174 -28.76 -32.91 -29.21
CA PHE E 174 -27.64 -32.19 -28.62
C PHE E 174 -27.71 -30.68 -28.86
N GLY E 175 -28.81 -30.20 -29.41
CA GLY E 175 -29.01 -28.78 -29.62
C GLY E 175 -30.46 -28.48 -29.90
N ARG E 176 -30.75 -27.21 -30.09
CA ARG E 176 -32.11 -26.75 -30.34
C ARG E 176 -32.16 -26.00 -31.67
N ASN E 177 -33.06 -26.42 -32.54
CA ASN E 177 -33.30 -25.68 -33.78
C ASN E 177 -33.91 -24.33 -33.47
N LEU E 178 -33.42 -23.30 -34.16
CA LEU E 178 -34.00 -21.97 -34.06
C LEU E 178 -34.90 -21.62 -35.24
N THR E 179 -34.59 -22.15 -36.42
CA THR E 179 -35.48 -22.00 -37.56
C THR E 179 -36.81 -22.70 -37.33
N ALA E 180 -36.78 -23.87 -36.70
CA ALA E 180 -38.02 -24.55 -36.34
C ALA E 180 -38.81 -23.75 -35.31
N ALA E 181 -38.12 -23.06 -34.40
CA ALA E 181 -38.81 -22.16 -33.50
C ALA E 181 -39.43 -20.98 -34.25
N ALA E 182 -38.75 -20.52 -35.30
CA ALA E 182 -39.26 -19.40 -36.09
C ALA E 182 -40.50 -19.79 -36.88
N MET E 183 -40.51 -20.99 -37.49
CA MET E 183 -41.64 -21.37 -38.32
C MET E 183 -42.88 -21.66 -37.48
N GLU E 184 -42.71 -22.05 -36.22
CA GLU E 184 -43.83 -22.13 -35.30
C GLU E 184 -44.21 -20.77 -34.72
N GLY E 185 -43.38 -19.75 -34.91
CA GLY E 185 -43.71 -18.41 -34.44
C GLY E 185 -43.57 -18.20 -32.95
N LYS E 186 -42.94 -19.13 -32.23
CA LYS E 186 -42.75 -18.95 -30.79
C LYS E 186 -41.69 -17.91 -30.46
N LEU E 187 -40.90 -17.48 -31.44
CA LEU E 187 -39.90 -16.44 -31.25
C LEU E 187 -40.57 -15.08 -31.19
N ASP E 188 -40.05 -14.21 -30.33
CA ASP E 188 -40.54 -12.85 -30.26
C ASP E 188 -40.16 -12.09 -31.52
N PRO E 189 -41.03 -11.22 -32.03
CA PRO E 189 -40.66 -10.38 -33.17
C PRO E 189 -39.55 -9.42 -32.80
N VAL E 190 -38.70 -9.13 -33.78
CA VAL E 190 -37.50 -8.33 -33.57
C VAL E 190 -37.63 -7.08 -34.41
N ILE E 191 -37.49 -5.92 -33.77
CA ILE E 191 -37.72 -4.62 -34.40
C ILE E 191 -36.42 -3.83 -34.42
N GLY E 192 -36.12 -3.21 -35.55
CA GLY E 192 -35.01 -2.28 -35.65
C GLY E 192 -33.63 -2.88 -35.47
N ARG E 193 -33.41 -4.09 -35.97
CA ARG E 193 -32.10 -4.72 -35.93
C ARG E 193 -31.66 -5.17 -37.32
N GLU E 194 -32.15 -4.52 -38.37
CA GLU E 194 -31.84 -4.94 -39.73
C GLU E 194 -30.38 -4.67 -40.08
N LYS E 195 -29.81 -3.59 -39.54
CA LYS E 195 -28.42 -3.26 -39.83
C LYS E 195 -27.49 -4.35 -39.30
N GLU E 196 -27.74 -4.84 -38.09
CA GLU E 196 -26.91 -5.90 -37.53
C GLU E 196 -27.11 -7.22 -38.26
N ILE E 197 -28.34 -7.49 -38.72
CA ILE E 197 -28.58 -8.70 -39.50
C ILE E 197 -27.81 -8.66 -40.81
N GLU E 198 -27.84 -7.51 -41.49
CA GLU E 198 -27.06 -7.34 -42.71
C GLU E 198 -25.57 -7.43 -42.42
N ARG E 199 -25.14 -6.91 -41.26
CA ARG E 199 -23.75 -7.05 -40.83
C ARG E 199 -23.35 -8.51 -40.69
N VAL E 200 -24.21 -9.32 -40.07
CA VAL E 200 -23.92 -10.74 -39.91
C VAL E 200 -23.84 -11.44 -41.27
N MET E 201 -24.77 -11.10 -42.17
CA MET E 201 -24.73 -11.66 -43.51
C MET E 201 -23.45 -11.30 -44.25
N GLN E 202 -23.01 -10.06 -44.10
CA GLN E 202 -21.76 -9.64 -44.75
C GLN E 202 -20.55 -10.35 -44.15
N VAL E 203 -20.50 -10.48 -42.82
CA VAL E 203 -19.35 -11.13 -42.19
C VAL E 203 -19.30 -12.61 -42.55
N LEU E 204 -20.46 -13.26 -42.66
CA LEU E 204 -20.50 -14.66 -43.06
C LEU E 204 -20.07 -14.87 -44.51
N SER E 205 -19.98 -13.80 -45.31
CA SER E 205 -19.54 -13.93 -46.70
C SER E 205 -18.12 -13.44 -46.92
N ARG E 206 -17.40 -13.10 -45.85
CA ARG E 206 -16.04 -12.62 -46.00
C ARG E 206 -15.08 -13.78 -46.26
N ARG E 207 -13.90 -13.44 -46.78
CA ARG E 207 -12.85 -14.42 -46.97
C ARG E 207 -12.26 -14.86 -45.64
N THR E 208 -11.69 -13.93 -44.89
CA THR E 208 -11.16 -14.18 -43.56
C THR E 208 -12.08 -13.54 -42.52
N LYS E 209 -11.93 -14.01 -41.27
CA LYS E 209 -12.76 -13.57 -40.14
C LYS E 209 -14.23 -13.75 -40.45
N ASN E 210 -14.58 -14.93 -40.94
CA ASN E 210 -15.93 -15.23 -41.41
C ASN E 210 -16.89 -15.58 -40.27
N ASN E 211 -16.42 -15.58 -39.03
CA ASN E 211 -17.28 -15.92 -37.90
C ASN E 211 -17.63 -14.65 -37.13
N PRO E 212 -18.84 -14.12 -37.26
CA PRO E 212 -19.20 -12.91 -36.53
C PRO E 212 -19.48 -13.20 -35.07
N VAL E 213 -18.94 -12.37 -34.20
CA VAL E 213 -19.22 -12.42 -32.77
C VAL E 213 -19.90 -11.11 -32.38
N LEU E 214 -21.04 -11.21 -31.71
CA LEU E 214 -21.82 -10.03 -31.35
C LEU E 214 -21.36 -9.54 -29.99
N ILE E 215 -20.54 -8.51 -29.98
CA ILE E 215 -20.04 -7.91 -28.75
C ILE E 215 -21.07 -6.92 -28.26
N GLY E 216 -21.41 -6.98 -26.98
CA GLY E 216 -22.42 -6.10 -26.43
C GLY E 216 -22.73 -6.44 -24.99
N GLU E 217 -23.25 -5.45 -24.28
CA GLU E 217 -23.61 -5.62 -22.88
C GLU E 217 -24.81 -6.57 -22.76
N PRO E 218 -24.90 -7.32 -21.65
CA PRO E 218 -26.04 -8.23 -21.49
C PRO E 218 -27.36 -7.50 -21.34
N GLY E 219 -28.30 -7.80 -22.22
CA GLY E 219 -29.59 -7.13 -22.23
C GLY E 219 -29.83 -6.22 -23.41
N VAL E 220 -28.81 -5.98 -24.25
CA VAL E 220 -28.99 -5.15 -25.44
C VAL E 220 -29.66 -5.91 -26.57
N GLY E 221 -29.83 -7.22 -26.43
CA GLY E 221 -30.47 -8.01 -27.45
C GLY E 221 -29.49 -8.69 -28.39
N LYS E 222 -28.41 -9.23 -27.84
CA LYS E 222 -27.45 -9.97 -28.65
C LYS E 222 -28.08 -11.22 -29.25
N THR E 223 -28.81 -11.98 -28.41
CA THR E 223 -29.47 -13.18 -28.89
C THR E 223 -30.68 -12.84 -29.76
N ALA E 224 -31.38 -11.75 -29.42
CA ALA E 224 -32.55 -11.33 -30.17
C ALA E 224 -32.23 -11.01 -31.62
N VAL E 225 -31.00 -10.54 -31.89
CA VAL E 225 -30.56 -10.35 -33.27
C VAL E 225 -30.57 -11.68 -34.01
N VAL E 226 -30.16 -12.75 -33.33
CA VAL E 226 -30.09 -14.06 -33.99
C VAL E 226 -31.49 -14.62 -34.22
N GLU E 227 -32.41 -14.43 -33.26
CA GLU E 227 -33.81 -14.82 -33.55
C GLU E 227 -34.42 -13.97 -34.65
N GLY E 228 -34.05 -12.69 -34.74
CA GLY E 228 -34.48 -11.90 -35.88
C GLY E 228 -33.91 -12.41 -37.19
N LEU E 229 -32.67 -12.91 -37.15
CA LEU E 229 -32.09 -13.56 -38.32
C LEU E 229 -32.86 -14.81 -38.70
N ALA E 230 -33.27 -15.61 -37.72
CA ALA E 230 -34.06 -16.80 -38.01
C ALA E 230 -35.41 -16.44 -38.61
N GLN E 231 -36.02 -15.36 -38.11
CA GLN E 231 -37.26 -14.87 -38.71
C GLN E 231 -37.04 -14.37 -40.12
N ALA E 232 -35.88 -13.77 -40.40
CA ALA E 232 -35.55 -13.38 -41.77
C ALA E 232 -35.36 -14.61 -42.67
N ILE E 233 -34.77 -15.68 -42.12
CA ILE E 233 -34.61 -16.92 -42.86
C ILE E 233 -35.98 -17.49 -43.24
N VAL E 234 -36.88 -17.60 -42.27
CA VAL E 234 -38.18 -18.19 -42.56
C VAL E 234 -39.04 -17.27 -43.43
N HIS E 235 -38.86 -15.96 -43.33
CA HIS E 235 -39.56 -15.03 -44.22
C HIS E 235 -38.85 -14.80 -45.54
N GLY E 236 -37.58 -15.19 -45.65
CA GLY E 236 -36.90 -15.23 -46.92
C GLY E 236 -36.34 -13.93 -47.45
N GLU E 237 -36.03 -12.96 -46.59
CA GLU E 237 -35.40 -11.73 -47.03
C GLU E 237 -33.89 -11.88 -47.24
N VAL E 238 -33.32 -13.01 -46.85
CA VAL E 238 -31.89 -13.25 -46.94
C VAL E 238 -31.55 -13.66 -48.37
N PRO E 239 -30.28 -13.54 -48.80
CA PRO E 239 -29.91 -14.03 -50.14
C PRO E 239 -30.00 -15.54 -50.22
N GLU E 240 -30.01 -16.04 -51.46
CA GLU E 240 -30.18 -17.46 -51.72
C GLU E 240 -29.01 -18.30 -51.22
N THR E 241 -27.84 -17.69 -51.01
CA THR E 241 -26.69 -18.43 -50.49
C THR E 241 -26.92 -18.95 -49.08
N LEU E 242 -27.78 -18.31 -48.30
CA LEU E 242 -28.04 -18.75 -46.94
C LEU E 242 -29.51 -19.00 -46.65
N LYS E 243 -30.38 -18.99 -47.66
CA LYS E 243 -31.79 -19.29 -47.43
C LYS E 243 -31.97 -20.77 -47.12
N ASP E 244 -33.06 -21.07 -46.41
CA ASP E 244 -33.44 -22.44 -46.07
C ASP E 244 -32.34 -23.17 -45.31
N LYS E 245 -31.61 -22.42 -44.48
CA LYS E 245 -30.51 -22.97 -43.70
C LYS E 245 -30.91 -22.95 -42.23
N GLN E 246 -30.88 -24.12 -41.59
CA GLN E 246 -31.36 -24.26 -40.23
C GLN E 246 -30.37 -23.63 -39.25
N LEU E 247 -30.90 -22.86 -38.31
CA LEU E 247 -30.11 -22.27 -37.24
C LEU E 247 -30.26 -23.16 -36.00
N TYR E 248 -29.13 -23.71 -35.55
CA TYR E 248 -29.11 -24.57 -34.37
C TYR E 248 -28.25 -23.92 -33.29
N THR E 249 -28.82 -23.76 -32.10
CA THR E 249 -28.03 -23.33 -30.95
C THR E 249 -27.34 -24.56 -30.37
N LEU E 250 -26.18 -24.32 -29.74
CA LEU E 250 -25.36 -25.39 -29.21
C LEU E 250 -25.44 -25.39 -27.69
N ASP E 251 -25.91 -26.50 -27.12
CA ASP E 251 -26.09 -26.63 -25.68
C ASP E 251 -24.91 -27.47 -25.17
N LEU E 252 -24.00 -26.83 -24.45
CA LEU E 252 -22.88 -27.55 -23.85
C LEU E 252 -23.32 -28.53 -22.78
N GLY E 253 -24.36 -28.18 -22.01
CA GLY E 253 -24.84 -29.07 -20.97
C GLY E 253 -25.40 -30.37 -21.52
N SER E 254 -26.12 -30.30 -22.65
CA SER E 254 -26.61 -31.51 -23.29
C SER E 254 -25.45 -32.36 -23.80
N LEU E 255 -24.39 -31.72 -24.31
CA LEU E 255 -23.23 -32.46 -24.78
C LEU E 255 -22.52 -33.17 -23.63
N VAL E 256 -22.39 -32.50 -22.48
CA VAL E 256 -21.67 -33.08 -21.36
C VAL E 256 -22.52 -34.02 -20.53
N ALA E 257 -23.84 -33.94 -20.64
CA ALA E 257 -24.71 -34.85 -19.90
C ALA E 257 -24.63 -36.26 -20.48
N GLY E 258 -24.45 -37.24 -19.60
CA GLY E 258 -24.32 -38.62 -20.03
C GLY E 258 -22.95 -39.02 -20.51
N SER E 259 -21.99 -38.11 -20.52
CA SER E 259 -20.63 -38.40 -20.98
C SER E 259 -19.83 -39.02 -19.83
N ARG E 260 -20.20 -40.25 -19.48
CA ARG E 260 -19.58 -40.92 -18.35
C ARG E 260 -18.17 -41.40 -18.70
N TYR E 261 -17.99 -41.97 -19.89
CA TYR E 261 -16.71 -42.55 -20.25
C TYR E 261 -15.74 -41.48 -20.72
N ARG E 262 -14.51 -41.92 -21.01
CA ARG E 262 -13.44 -40.99 -21.36
C ARG E 262 -13.67 -40.33 -22.71
N GLY E 263 -14.00 -41.12 -23.73
CA GLY E 263 -14.10 -40.60 -25.08
C GLY E 263 -15.49 -40.25 -25.54
N ASP E 264 -16.42 -40.09 -24.59
CA ASP E 264 -17.80 -39.79 -24.95
C ASP E 264 -17.93 -38.39 -25.55
N PHE E 265 -17.35 -37.38 -24.88
CA PHE E 265 -17.54 -36.00 -25.30
C PHE E 265 -16.88 -35.73 -26.65
N GLU E 266 -15.66 -36.23 -26.84
CA GLU E 266 -14.96 -36.04 -28.12
C GLU E 266 -15.72 -36.72 -29.25
N GLU E 267 -16.22 -37.94 -29.01
CA GLU E 267 -17.00 -38.64 -30.03
C GLU E 267 -18.28 -37.89 -30.37
N ARG E 268 -18.97 -37.37 -29.35
CA ARG E 268 -20.20 -36.61 -29.58
C ARG E 268 -19.91 -35.35 -30.40
N LEU E 269 -18.85 -34.63 -30.05
CA LEU E 269 -18.55 -33.38 -30.75
C LEU E 269 -18.09 -33.65 -32.18
N LYS E 270 -17.31 -34.72 -32.39
CA LYS E 270 -16.89 -35.07 -33.74
C LYS E 270 -18.07 -35.54 -34.58
N LYS E 271 -19.03 -36.24 -33.96
CA LYS E 271 -20.24 -36.63 -34.67
C LYS E 271 -21.05 -35.40 -35.07
N VAL E 272 -21.10 -34.41 -34.17
CA VAL E 272 -21.77 -33.14 -34.49
C VAL E 272 -21.11 -32.48 -35.69
N LEU E 273 -19.77 -32.42 -35.68
CA LEU E 273 -19.04 -31.82 -36.80
C LEU E 273 -19.26 -32.58 -38.10
N LYS E 274 -19.26 -33.91 -38.03
CA LYS E 274 -19.47 -34.72 -39.21
C LYS E 274 -20.87 -34.52 -39.78
N GLU E 275 -21.87 -34.44 -38.90
CA GLU E 275 -23.23 -34.19 -39.37
C GLU E 275 -23.35 -32.81 -40.01
N ILE E 276 -22.67 -31.82 -39.43
CA ILE E 276 -22.69 -30.46 -39.99
C ILE E 276 -22.07 -30.46 -41.38
N ASN E 277 -20.91 -31.09 -41.52
CA ASN E 277 -20.26 -31.17 -42.82
C ASN E 277 -21.00 -32.06 -43.81
N THR E 278 -21.86 -32.96 -43.32
CA THR E 278 -22.65 -33.81 -44.20
C THR E 278 -23.87 -33.08 -44.75
N ARG E 279 -24.71 -32.51 -43.86
CA ARG E 279 -25.88 -31.79 -44.35
C ARG E 279 -25.49 -30.49 -45.02
N GLY E 280 -24.57 -29.74 -44.44
CA GLY E 280 -24.07 -28.54 -45.05
C GLY E 280 -25.02 -27.36 -45.07
N ASP E 281 -26.14 -27.44 -44.34
CA ASP E 281 -27.09 -26.35 -44.31
C ASP E 281 -27.44 -25.91 -42.90
N ILE E 282 -26.57 -26.19 -41.92
CA ILE E 282 -26.79 -25.80 -40.53
C ILE E 282 -25.71 -24.80 -40.16
N ILE E 283 -26.12 -23.57 -39.88
CA ILE E 283 -25.23 -22.54 -39.38
C ILE E 283 -25.27 -22.56 -37.87
N LEU E 284 -24.09 -22.54 -37.25
CA LEU E 284 -23.98 -22.71 -35.81
C LEU E 284 -24.06 -21.37 -35.11
N PHE E 285 -25.01 -21.25 -34.20
CA PHE E 285 -24.99 -20.24 -33.14
C PHE E 285 -24.56 -20.92 -31.85
N ILE E 286 -23.52 -20.38 -31.22
CA ILE E 286 -23.04 -20.88 -29.95
C ILE E 286 -23.13 -19.71 -28.97
N ASP E 287 -24.14 -19.73 -28.11
CA ASP E 287 -24.26 -18.71 -27.08
C ASP E 287 -23.20 -18.92 -26.01
N GLU E 288 -22.80 -17.81 -25.39
CA GLU E 288 -21.84 -17.79 -24.28
C GLU E 288 -20.51 -18.43 -24.68
N LEU E 289 -19.80 -17.72 -25.54
CA LEU E 289 -18.56 -18.24 -26.12
C LEU E 289 -17.47 -18.46 -25.07
N HIS E 290 -17.60 -17.83 -23.90
CA HIS E 290 -16.60 -18.01 -22.84
C HIS E 290 -16.66 -19.38 -22.19
N THR E 291 -17.69 -20.17 -22.48
CA THR E 291 -17.85 -21.48 -21.85
C THR E 291 -17.16 -22.61 -22.61
N LEU E 292 -16.63 -22.37 -23.81
CA LEU E 292 -16.15 -23.47 -24.64
C LEU E 292 -14.83 -24.05 -24.13
N VAL E 293 -13.91 -23.21 -23.65
CA VAL E 293 -12.67 -23.75 -23.09
C VAL E 293 -12.99 -24.37 -21.73
N GLY E 294 -12.94 -25.69 -21.67
CA GLY E 294 -13.42 -26.43 -20.52
C GLY E 294 -14.55 -27.36 -20.91
N ALA E 295 -14.27 -28.66 -20.96
CA ALA E 295 -15.25 -29.64 -21.40
C ALA E 295 -16.39 -29.78 -20.40
N ILE E 302 -8.24 -32.44 -22.15
CA ILE E 302 -9.00 -32.16 -23.36
C ILE E 302 -10.23 -31.33 -23.01
N ASP E 303 -10.59 -30.40 -23.91
CA ASP E 303 -11.70 -29.49 -23.67
C ASP E 303 -12.52 -29.38 -24.94
N ALA E 304 -13.68 -28.73 -24.83
CA ALA E 304 -14.58 -28.60 -25.98
C ALA E 304 -13.99 -27.69 -27.04
N ALA E 305 -13.47 -26.52 -26.64
CA ALA E 305 -12.92 -25.57 -27.61
C ALA E 305 -11.63 -26.07 -28.23
N SER E 306 -10.87 -26.89 -27.50
CA SER E 306 -9.63 -27.43 -28.04
C SER E 306 -9.88 -28.32 -29.25
N ILE E 307 -10.95 -29.13 -29.20
CA ILE E 307 -11.31 -29.95 -30.36
C ILE E 307 -11.79 -29.06 -31.51
N LEU E 308 -12.46 -27.94 -31.20
CA LEU E 308 -12.98 -27.07 -32.23
C LEU E 308 -11.91 -26.18 -32.87
N LYS E 309 -10.75 -26.03 -32.22
CA LYS E 309 -9.70 -25.17 -32.77
C LYS E 309 -9.25 -25.55 -34.18
N PRO E 310 -8.94 -26.82 -34.50
CA PRO E 310 -8.57 -27.11 -35.90
C PRO E 310 -9.68 -26.86 -36.90
N LYS E 311 -10.93 -27.08 -36.52
CA LYS E 311 -12.04 -26.89 -37.45
C LYS E 311 -12.25 -25.42 -37.76
N LEU E 312 -12.18 -24.56 -36.76
CA LEU E 312 -12.28 -23.12 -37.00
C LEU E 312 -11.03 -22.60 -37.70
N ALA E 313 -9.88 -23.20 -37.44
CA ALA E 313 -8.65 -22.77 -38.11
C ALA E 313 -8.69 -23.11 -39.59
N ARG E 314 -9.21 -24.29 -39.95
CA ARG E 314 -9.25 -24.71 -41.35
C ARG E 314 -10.47 -24.18 -42.09
N GLY E 315 -11.43 -23.58 -41.39
CA GLY E 315 -12.52 -22.89 -42.04
C GLY E 315 -13.71 -23.73 -42.46
N GLU E 316 -13.76 -25.01 -42.10
CA GLU E 316 -14.93 -25.82 -42.46
C GLU E 316 -16.16 -25.44 -41.64
N LEU E 317 -15.97 -24.76 -40.51
CA LEU E 317 -17.07 -24.46 -39.60
C LEU E 317 -17.27 -22.95 -39.53
N GLN E 318 -18.53 -22.52 -39.63
CA GLN E 318 -18.89 -21.12 -39.48
C GLN E 318 -19.77 -20.99 -38.24
N THR E 319 -19.35 -20.14 -37.29
CA THR E 319 -19.97 -20.06 -35.99
C THR E 319 -20.25 -18.60 -35.62
N ILE E 320 -21.20 -18.40 -34.72
CA ILE E 320 -21.58 -17.09 -34.22
C ILE E 320 -21.62 -17.14 -32.70
N GLY E 321 -20.95 -16.20 -32.05
CA GLY E 321 -20.96 -16.07 -30.61
C GLY E 321 -21.44 -14.70 -30.17
N ALA E 322 -21.64 -14.56 -28.86
CA ALA E 322 -22.09 -13.30 -28.28
C ALA E 322 -21.75 -13.30 -26.79
N THR E 323 -20.91 -12.35 -26.38
CA THR E 323 -20.53 -12.24 -24.97
C THR E 323 -20.24 -10.76 -24.70
N THR E 324 -20.19 -10.39 -23.42
CA THR E 324 -20.04 -9.00 -23.02
C THR E 324 -18.65 -8.47 -23.34
N LEU E 325 -18.51 -7.13 -23.22
CA LEU E 325 -17.28 -6.45 -23.61
C LEU E 325 -16.11 -6.85 -22.74
N ASP E 326 -16.31 -6.91 -21.42
CA ASP E 326 -15.19 -7.15 -20.50
C ASP E 326 -14.59 -8.52 -20.68
N GLU E 327 -15.41 -9.52 -21.05
CA GLU E 327 -14.91 -10.86 -21.24
C GLU E 327 -14.03 -10.97 -22.49
N TYR E 328 -14.38 -10.22 -23.54
CA TYR E 328 -13.69 -10.35 -24.83
C TYR E 328 -12.23 -9.94 -24.72
N ARG E 329 -11.94 -8.82 -24.06
CA ARG E 329 -10.58 -8.31 -23.96
C ARG E 329 -9.68 -9.15 -23.06
N LYS E 330 -10.24 -10.09 -22.30
CA LYS E 330 -9.46 -10.85 -21.34
C LYS E 330 -9.41 -12.33 -21.66
N TYR E 331 -10.37 -12.86 -22.42
CA TYR E 331 -10.46 -14.31 -22.57
C TYR E 331 -10.35 -14.78 -24.02
N ILE E 332 -11.00 -14.08 -24.94
CA ILE E 332 -11.07 -14.54 -26.34
C ILE E 332 -9.89 -14.03 -27.14
N GLU E 333 -9.55 -12.75 -26.98
CA GLU E 333 -8.44 -12.17 -27.74
C GLU E 333 -7.08 -12.69 -27.27
N LYS E 334 -7.03 -13.43 -26.17
CA LYS E 334 -5.80 -14.08 -25.70
C LYS E 334 -5.61 -15.42 -26.40
N ASP E 335 -5.68 -15.39 -27.73
CA ASP E 335 -5.49 -16.58 -28.55
C ASP E 335 -5.14 -16.14 -29.96
N ALA E 336 -4.49 -17.04 -30.69
CA ALA E 336 -4.06 -16.77 -32.05
C ALA E 336 -5.09 -17.19 -33.09
N ALA E 337 -5.71 -18.35 -32.92
CA ALA E 337 -6.70 -18.85 -33.87
C ALA E 337 -8.07 -18.22 -33.68
N LEU E 338 -8.29 -17.47 -32.60
CA LEU E 338 -9.58 -16.87 -32.32
C LEU E 338 -9.71 -15.45 -32.82
N GLU E 339 -8.79 -14.57 -32.45
CA GLU E 339 -8.84 -13.19 -32.91
C GLU E 339 -8.61 -13.08 -34.42
N ARG E 340 -7.94 -14.08 -35.00
CA ARG E 340 -7.73 -14.10 -36.45
C ARG E 340 -8.98 -14.57 -37.20
N ARG E 341 -9.88 -15.29 -36.53
CA ARG E 341 -11.03 -15.89 -37.21
C ARG E 341 -12.37 -15.29 -36.83
N PHE E 342 -12.44 -14.48 -35.78
CA PHE E 342 -13.69 -13.82 -35.42
C PHE E 342 -13.59 -12.31 -35.67
N GLN E 343 -14.69 -11.75 -36.14
CA GLN E 343 -14.81 -10.31 -36.38
C GLN E 343 -15.74 -9.74 -35.33
N PRO E 344 -15.28 -8.82 -34.48
CA PRO E 344 -16.16 -8.23 -33.46
C PRO E 344 -17.27 -7.40 -34.08
N VAL E 345 -18.51 -7.86 -33.91
CA VAL E 345 -19.69 -7.17 -34.41
C VAL E 345 -20.30 -6.40 -33.25
N GLN E 346 -20.30 -5.07 -33.35
CA GLN E 346 -20.76 -4.24 -32.26
C GLN E 346 -22.26 -4.02 -32.36
N VAL E 347 -22.98 -4.37 -31.31
CA VAL E 347 -24.41 -4.06 -31.17
C VAL E 347 -24.55 -3.10 -30.00
N GLY E 348 -25.33 -2.04 -30.21
CA GLY E 348 -25.49 -1.00 -29.22
C GLY E 348 -26.84 -1.04 -28.53
N GLU E 349 -26.88 -0.41 -27.36
CA GLU E 349 -28.15 -0.25 -26.66
C GLU E 349 -29.03 0.70 -27.45
N PRO E 350 -30.26 0.32 -27.79
CA PRO E 350 -31.06 1.11 -28.74
C PRO E 350 -31.46 2.47 -28.18
N THR E 351 -31.63 3.42 -29.08
CA THR E 351 -32.04 4.77 -28.74
C THR E 351 -33.48 4.73 -28.22
N VAL E 352 -33.86 5.76 -27.45
CA VAL E 352 -35.17 5.82 -26.81
C VAL E 352 -36.29 5.67 -27.83
N GLU E 353 -36.19 6.37 -28.96
CA GLU E 353 -37.17 6.20 -30.03
C GLU E 353 -37.14 4.78 -30.58
N HIS E 354 -35.94 4.23 -30.77
CA HIS E 354 -35.81 2.86 -31.24
C HIS E 354 -36.39 1.86 -30.25
N THR E 355 -36.17 2.08 -28.95
CA THR E 355 -36.78 1.21 -27.95
C THR E 355 -38.30 1.33 -27.96
N ILE E 356 -38.80 2.54 -28.21
CA ILE E 356 -40.25 2.74 -28.31
C ILE E 356 -40.81 1.92 -29.47
N GLU E 357 -40.15 1.96 -30.62
CA GLU E 357 -40.59 1.14 -31.76
C GLU E 357 -40.45 -0.35 -31.46
N ILE E 358 -39.39 -0.74 -30.75
CA ILE E 358 -39.19 -2.15 -30.39
C ILE E 358 -40.33 -2.64 -29.52
N LEU E 359 -40.70 -1.85 -28.50
CA LEU E 359 -41.81 -2.23 -27.63
C LEU E 359 -43.15 -2.14 -28.36
N LYS E 360 -43.24 -1.26 -29.36
CA LYS E 360 -44.43 -1.22 -30.20
C LYS E 360 -44.59 -2.51 -31.00
N GLY E 361 -43.49 -3.04 -31.53
CA GLY E 361 -43.57 -4.22 -32.38
C GLY E 361 -43.91 -5.50 -31.65
N LEU E 362 -43.80 -5.50 -30.32
CA LEU E 362 -44.07 -6.69 -29.51
C LEU E 362 -45.29 -6.51 -28.62
N ARG E 363 -46.18 -5.58 -28.95
CA ARG E 363 -47.36 -5.31 -28.13
C ARG E 363 -48.28 -6.53 -28.06
N ASP E 364 -48.52 -7.17 -29.21
CA ASP E 364 -49.62 -8.13 -29.33
C ASP E 364 -49.43 -9.34 -28.44
N ARG E 365 -48.19 -9.81 -28.29
CA ARG E 365 -47.97 -11.00 -27.48
C ARG E 365 -48.30 -10.75 -26.01
N TYR E 366 -47.88 -9.61 -25.47
CA TYR E 366 -48.23 -9.29 -24.09
C TYR E 366 -49.70 -8.96 -23.94
N GLU E 367 -50.31 -8.31 -24.95
CA GLU E 367 -51.73 -8.04 -24.92
C GLU E 367 -52.55 -9.33 -24.85
N ALA E 368 -52.13 -10.35 -25.62
CA ALA E 368 -52.84 -11.62 -25.60
C ALA E 368 -52.55 -12.40 -24.33
N HIS E 369 -51.29 -12.37 -23.86
CA HIS E 369 -50.91 -13.16 -22.69
C HIS E 369 -51.56 -12.66 -21.42
N HIS E 370 -51.45 -11.36 -21.15
CA HIS E 370 -51.98 -10.83 -19.90
C HIS E 370 -53.43 -10.39 -20.00
N ARG E 371 -54.03 -10.46 -21.18
CA ARG E 371 -55.42 -10.07 -21.42
C ARG E 371 -55.64 -8.61 -20.99
N VAL E 372 -54.66 -7.78 -21.31
CA VAL E 372 -54.60 -6.41 -20.81
C VAL E 372 -54.48 -5.49 -22.02
N SER E 373 -54.88 -4.22 -21.83
CA SER E 373 -54.76 -3.21 -22.86
C SER E 373 -53.75 -2.17 -22.42
N ILE E 374 -52.76 -1.91 -23.26
CA ILE E 374 -51.68 -0.97 -22.97
C ILE E 374 -51.74 0.17 -23.98
N THR E 375 -51.70 1.40 -23.48
CA THR E 375 -51.83 2.56 -24.33
C THR E 375 -50.47 3.03 -24.83
N ASP E 376 -50.47 3.78 -25.94
CA ASP E 376 -49.24 4.27 -26.53
C ASP E 376 -48.55 5.28 -25.63
N ALA E 377 -49.32 6.17 -25.00
CA ALA E 377 -48.75 7.16 -24.10
C ALA E 377 -48.07 6.50 -22.91
N ALA E 378 -48.62 5.37 -22.45
CA ALA E 378 -48.02 4.63 -21.34
C ALA E 378 -46.60 4.20 -21.67
N MET E 379 -46.41 3.58 -22.83
CA MET E 379 -45.08 3.10 -23.19
C MET E 379 -44.16 4.26 -23.60
N VAL E 380 -44.71 5.33 -24.18
CA VAL E 380 -43.92 6.51 -24.50
C VAL E 380 -43.32 7.12 -23.24
N ALA E 381 -44.13 7.26 -22.19
CA ALA E 381 -43.58 7.72 -20.91
C ALA E 381 -42.70 6.65 -20.26
N ALA E 382 -43.03 5.37 -20.47
CA ALA E 382 -42.33 4.28 -19.80
C ALA E 382 -40.88 4.18 -20.25
N ALA E 383 -40.63 4.33 -21.55
CA ALA E 383 -39.25 4.28 -22.04
C ALA E 383 -38.42 5.40 -21.43
N THR E 384 -38.98 6.61 -21.38
CA THR E 384 -38.26 7.75 -20.83
C THR E 384 -37.97 7.57 -19.35
N LEU E 385 -38.97 7.12 -18.58
CA LEU E 385 -38.75 6.95 -17.14
C LEU E 385 -37.79 5.80 -16.85
N ALA E 386 -37.86 4.72 -17.64
CA ALA E 386 -36.93 3.63 -17.46
C ALA E 386 -35.50 4.06 -17.76
N ASP E 387 -35.32 4.84 -18.84
CA ASP E 387 -33.99 5.36 -19.16
C ASP E 387 -33.48 6.34 -18.11
N ARG E 388 -34.37 7.16 -17.54
CA ARG E 388 -33.95 8.14 -16.54
C ARG E 388 -33.60 7.50 -15.20
N TYR E 389 -34.42 6.57 -14.71
CA TYR E 389 -34.34 6.16 -13.32
C TYR E 389 -33.64 4.83 -13.10
N ILE E 390 -33.67 3.92 -14.06
CA ILE E 390 -32.97 2.65 -13.94
C ILE E 390 -31.58 2.80 -14.54
N ASN E 391 -30.55 2.50 -13.75
CA ASN E 391 -29.17 2.70 -14.15
C ASN E 391 -28.36 1.42 -14.27
N ASP E 392 -28.74 0.36 -13.56
CA ASP E 392 -27.95 -0.86 -13.52
C ASP E 392 -28.27 -1.82 -14.66
N ARG E 393 -29.27 -1.53 -15.48
CA ARG E 393 -29.64 -2.39 -16.59
C ARG E 393 -29.59 -1.60 -17.88
N PHE E 394 -29.98 -2.26 -18.97
CA PHE E 394 -29.87 -1.69 -20.31
C PHE E 394 -31.19 -1.79 -21.05
N LEU E 395 -31.42 -0.84 -21.96
CA LEU E 395 -32.55 -0.90 -22.85
C LEU E 395 -32.37 -2.02 -23.87
N PRO E 396 -33.45 -2.63 -24.36
CA PRO E 396 -34.86 -2.41 -24.01
C PRO E 396 -35.32 -3.35 -22.91
N ASP E 397 -34.39 -4.05 -22.27
CA ASP E 397 -34.75 -5.07 -21.28
C ASP E 397 -35.42 -4.44 -20.07
N LYS E 398 -34.92 -3.30 -19.61
CA LYS E 398 -35.48 -2.63 -18.44
C LYS E 398 -36.89 -2.09 -18.70
N ALA E 399 -37.25 -1.80 -19.95
CA ALA E 399 -38.59 -1.36 -20.29
C ALA E 399 -39.53 -2.52 -20.56
N ILE E 400 -39.03 -3.57 -21.21
CA ILE E 400 -39.82 -4.78 -21.40
C ILE E 400 -40.19 -5.39 -20.06
N ASP E 401 -39.25 -5.40 -19.12
CA ASP E 401 -39.53 -5.86 -17.77
C ASP E 401 -40.64 -5.05 -17.12
N LEU E 402 -40.55 -3.72 -17.22
CA LEU E 402 -41.55 -2.85 -16.60
C LEU E 402 -42.93 -3.08 -17.19
N ILE E 403 -43.02 -3.17 -18.52
CA ILE E 403 -44.30 -3.39 -19.18
C ILE E 403 -44.88 -4.74 -18.80
N ASP E 404 -44.05 -5.78 -18.80
CA ASP E 404 -44.54 -7.12 -18.46
C ASP E 404 -45.03 -7.20 -17.02
N GLU E 405 -44.30 -6.59 -16.08
CA GLU E 405 -44.74 -6.68 -14.69
C GLU E 405 -45.95 -5.79 -14.42
N ALA E 406 -46.07 -4.67 -15.12
CA ALA E 406 -47.28 -3.86 -15.00
C ALA E 406 -48.50 -4.62 -15.54
N GLY E 407 -48.34 -5.29 -16.68
CA GLY E 407 -49.42 -6.10 -17.22
C GLY E 407 -49.80 -7.24 -16.30
N ALA E 408 -48.79 -7.89 -15.69
CA ALA E 408 -49.06 -8.95 -14.75
C ALA E 408 -49.78 -8.43 -13.50
N ARG E 409 -49.39 -7.25 -13.01
CA ARG E 409 -50.06 -6.66 -11.86
C ARG E 409 -51.52 -6.37 -12.17
N MET E 410 -51.79 -5.80 -13.34
CA MET E 410 -53.18 -5.53 -13.70
C MET E 410 -53.97 -6.81 -13.93
N ARG E 411 -53.32 -7.84 -14.47
CA ARG E 411 -53.99 -9.12 -14.68
C ARG E 411 -54.38 -9.75 -13.35
N ILE E 412 -53.49 -9.70 -12.36
CA ILE E 412 -53.82 -10.24 -11.04
C ILE E 412 -54.87 -9.38 -10.35
N ARG E 413 -54.77 -8.06 -10.50
CA ARG E 413 -55.70 -7.16 -9.82
C ARG E 413 -57.12 -7.30 -10.38
N ARG E 414 -57.24 -7.49 -11.70
CA ARG E 414 -58.56 -7.62 -12.30
C ARG E 414 -59.25 -8.91 -11.86
N MET E 415 -58.48 -9.99 -11.71
CA MET E 415 -59.04 -11.25 -11.22
C MET E 415 -59.12 -11.23 -9.70
N VAL E 476 -61.70 -4.43 -19.47
CA VAL E 476 -60.94 -3.64 -20.43
C VAL E 476 -59.45 -3.73 -20.11
N ALA E 477 -59.13 -3.57 -18.83
CA ALA E 477 -57.76 -3.65 -18.31
C ALA E 477 -56.85 -2.63 -19.00
N GLU E 478 -57.16 -1.36 -18.74
CA GLU E 478 -56.37 -0.25 -19.26
C GLU E 478 -55.18 0.03 -18.35
N VAL E 479 -53.98 -0.21 -18.85
CA VAL E 479 -52.76 0.14 -18.14
C VAL E 479 -52.24 1.45 -18.73
N ASP E 480 -52.11 2.47 -17.89
CA ASP E 480 -51.58 3.75 -18.31
C ASP E 480 -50.18 3.93 -17.72
N ASP E 481 -49.54 5.05 -18.03
CA ASP E 481 -48.21 5.34 -17.50
C ASP E 481 -48.21 5.52 -15.98
N GLU E 482 -49.39 5.78 -15.39
CA GLU E 482 -49.48 5.92 -13.94
C GLU E 482 -49.09 4.62 -13.24
N GLN E 483 -49.58 3.50 -13.74
CA GLN E 483 -49.25 2.20 -13.14
C GLN E 483 -47.78 1.87 -13.35
N ILE E 484 -47.22 2.26 -14.50
CA ILE E 484 -45.80 2.05 -14.76
C ILE E 484 -44.96 2.85 -13.78
N ALA E 485 -45.34 4.10 -13.52
CA ALA E 485 -44.64 4.92 -12.55
C ALA E 485 -44.77 4.33 -11.14
N GLU E 486 -45.95 3.82 -10.80
CA GLU E 486 -46.12 3.17 -9.50
C GLU E 486 -45.24 1.93 -9.36
N VAL E 487 -45.14 1.12 -10.42
CA VAL E 487 -44.30 -0.07 -10.38
C VAL E 487 -42.83 0.32 -10.28
N LEU E 488 -42.44 1.40 -10.96
CA LEU E 488 -41.08 1.91 -10.81
C LEU E 488 -40.82 2.36 -9.38
N GLY E 489 -41.81 3.01 -8.75
CA GLY E 489 -41.67 3.41 -7.36
C GLY E 489 -41.51 2.22 -6.43
N ASN E 490 -42.24 1.14 -6.70
CA ASN E 490 -42.04 -0.09 -5.95
C ASN E 490 -40.66 -0.70 -6.20
N TRP E 491 -40.13 -0.56 -7.42
CA TRP E 491 -38.85 -1.15 -7.77
C TRP E 491 -37.69 -0.40 -7.13
N THR E 492 -37.50 0.86 -7.50
CA THR E 492 -36.31 1.61 -7.13
C THR E 492 -36.49 2.45 -5.87
N GLY E 493 -37.70 2.57 -5.34
CA GLY E 493 -37.94 3.35 -4.16
C GLY E 493 -38.08 4.84 -4.37
N ILE E 494 -37.91 5.32 -5.60
CA ILE E 494 -38.08 6.74 -5.92
C ILE E 494 -39.57 7.02 -6.06
N PRO E 495 -40.12 7.98 -5.31
CA PRO E 495 -41.56 8.24 -5.40
C PRO E 495 -41.94 8.95 -6.69
N VAL E 496 -42.54 8.20 -7.62
CA VAL E 496 -43.04 8.75 -8.88
C VAL E 496 -44.49 8.31 -8.98
N PHE E 497 -45.40 9.17 -8.55
CA PHE E 497 -46.83 8.88 -8.55
C PHE E 497 -47.57 10.12 -8.99
N LYS E 498 -48.89 10.13 -8.80
CA LYS E 498 -49.71 11.30 -9.07
C LYS E 498 -49.77 12.26 -7.89
N LEU E 499 -49.10 11.94 -6.78
CA LEU E 499 -49.12 12.73 -5.55
C LEU E 499 -50.56 12.88 -5.05
N THR E 500 -51.11 11.75 -4.61
CA THR E 500 -52.51 11.61 -4.24
C THR E 500 -52.94 12.57 -3.13
N GLU E 501 -54.25 12.67 -2.91
CA GLU E 501 -54.82 13.76 -2.14
C GLU E 501 -54.33 13.77 -0.70
N ALA E 502 -54.23 12.60 -0.06
CA ALA E 502 -53.66 12.54 1.28
C ALA E 502 -52.20 12.96 1.27
N GLU E 503 -51.44 12.43 0.30
CA GLU E 503 -50.04 12.84 0.17
C GLU E 503 -49.93 14.29 -0.25
N THR E 504 -50.87 14.79 -1.04
CA THR E 504 -50.87 16.20 -1.42
C THR E 504 -51.07 17.10 -0.21
N THR E 505 -52.04 16.76 0.65
CA THR E 505 -52.26 17.54 1.86
C THR E 505 -51.07 17.44 2.81
N ARG E 506 -50.45 16.26 2.91
CA ARG E 506 -49.26 16.13 3.74
C ARG E 506 -48.11 16.96 3.21
N LEU E 507 -47.90 16.97 1.89
CA LEU E 507 -46.76 17.62 1.27
C LEU E 507 -46.90 19.14 1.23
N LEU E 508 -48.11 19.66 0.98
CA LEU E 508 -48.28 21.11 1.00
C LEU E 508 -48.18 21.66 2.41
N ARG E 509 -48.49 20.85 3.43
CA ARG E 509 -48.48 21.28 4.82
C ARG E 509 -47.40 20.58 5.64
N MET E 510 -46.32 20.13 5.00
CA MET E 510 -45.27 19.46 5.76
C MET E 510 -44.34 20.46 6.44
N GLU E 511 -44.50 21.75 6.18
CA GLU E 511 -43.69 22.75 6.87
C GLU E 511 -43.97 22.72 8.37
N GLU E 512 -45.24 22.61 8.75
CA GLU E 512 -45.58 22.49 10.16
C GLU E 512 -45.19 21.11 10.70
N GLU E 513 -45.16 20.10 9.81
CA GLU E 513 -44.68 18.78 10.22
C GLU E 513 -43.20 18.84 10.62
N LEU E 514 -42.40 19.57 9.84
CA LEU E 514 -41.02 19.83 10.24
C LEU E 514 -40.98 20.69 11.50
N HIS E 515 -41.84 21.70 11.58
CA HIS E 515 -41.91 22.54 12.78
C HIS E 515 -42.42 21.80 13.99
N LYS E 516 -43.07 20.64 13.81
CA LYS E 516 -43.43 19.82 14.96
C LYS E 516 -42.20 19.25 15.66
N ARG E 517 -41.09 19.08 14.92
CA ARG E 517 -39.84 18.63 15.50
C ARG E 517 -38.74 19.67 15.47
N ILE E 518 -38.89 20.76 14.71
CA ILE E 518 -37.86 21.78 14.59
C ILE E 518 -38.44 23.09 15.11
N ILE E 519 -37.70 23.75 15.98
CA ILE E 519 -38.12 25.03 16.54
C ILE E 519 -37.33 26.14 15.87
N GLY E 520 -38.04 27.13 15.34
CA GLY E 520 -37.38 28.24 14.67
C GLY E 520 -36.80 27.83 13.33
N GLN E 521 -35.84 28.65 12.87
CA GLN E 521 -35.16 28.46 11.59
C GLN E 521 -36.15 28.37 10.44
N GLU E 522 -36.94 29.43 10.29
CA GLU E 522 -38.01 29.45 9.30
C GLU E 522 -37.49 29.32 7.87
N ASP E 523 -36.39 30.03 7.57
CA ASP E 523 -35.93 30.12 6.19
C ASP E 523 -35.41 28.78 5.69
N ALA E 524 -34.66 28.05 6.53
CA ALA E 524 -34.14 26.75 6.12
C ALA E 524 -35.26 25.74 5.90
N VAL E 525 -36.25 25.75 6.79
CA VAL E 525 -37.41 24.86 6.64
C VAL E 525 -38.17 25.19 5.37
N LYS E 526 -38.36 26.48 5.10
CA LYS E 526 -39.03 26.89 3.86
C LYS E 526 -38.24 26.44 2.63
N ALA E 527 -36.92 26.60 2.67
CA ALA E 527 -36.09 26.22 1.54
C ALA E 527 -36.15 24.72 1.27
N VAL E 528 -36.03 23.90 2.32
CA VAL E 528 -36.05 22.45 2.11
C VAL E 528 -37.45 21.99 1.69
N SER E 529 -38.50 22.61 2.24
CA SER E 529 -39.86 22.24 1.87
C SER E 529 -40.12 22.57 0.40
N LYS E 530 -39.69 23.75 -0.04
CA LYS E 530 -39.89 24.13 -1.43
C LYS E 530 -39.03 23.28 -2.37
N ALA E 531 -37.84 22.87 -1.92
CA ALA E 531 -37.04 21.94 -2.73
C ALA E 531 -37.74 20.60 -2.88
N ILE E 532 -38.33 20.09 -1.80
CA ILE E 532 -39.10 18.86 -1.89
C ILE E 532 -40.28 19.02 -2.82
N ARG E 533 -40.98 20.16 -2.73
CA ARG E 533 -42.13 20.40 -3.59
C ARG E 533 -41.72 20.48 -5.06
N ARG E 534 -40.57 21.09 -5.34
CA ARG E 534 -40.05 21.11 -6.70
C ARG E 534 -39.70 19.71 -7.19
N THR E 535 -39.05 18.91 -6.34
CA THR E 535 -38.64 17.57 -6.73
C THR E 535 -39.83 16.67 -7.00
N ARG E 536 -40.86 16.74 -6.14
CA ARG E 536 -42.03 15.89 -6.29
C ARG E 536 -42.96 16.38 -7.40
N ALA E 537 -42.76 17.61 -7.89
CA ALA E 537 -43.57 18.13 -8.98
C ALA E 537 -43.18 17.55 -10.33
N GLY E 538 -42.10 16.79 -10.39
CA GLY E 538 -41.64 16.22 -11.65
C GLY E 538 -41.14 17.25 -12.64
N LEU E 539 -40.64 18.38 -12.16
CA LEU E 539 -40.14 19.45 -13.02
C LEU E 539 -38.72 19.84 -12.62
N LYS E 540 -37.95 18.91 -12.10
CA LYS E 540 -36.58 19.15 -11.71
C LYS E 540 -35.63 18.76 -12.84
N ASP E 541 -34.40 19.27 -12.76
CA ASP E 541 -33.42 19.00 -13.79
C ASP E 541 -32.97 17.54 -13.71
N PRO E 542 -33.09 16.76 -14.79
CA PRO E 542 -32.56 15.39 -14.75
C PRO E 542 -31.07 15.35 -15.10
N LYS E 543 -30.32 16.29 -14.55
CA LYS E 543 -28.87 16.33 -14.66
C LYS E 543 -28.17 16.66 -13.36
N ARG E 544 -28.90 17.14 -12.35
CA ARG E 544 -28.36 17.56 -11.07
C ARG E 544 -29.10 16.84 -9.95
N PRO E 545 -28.52 16.74 -8.76
CA PRO E 545 -29.24 16.14 -7.63
C PRO E 545 -30.46 16.96 -7.26
N SER E 546 -31.37 16.31 -6.54
CA SER E 546 -32.65 16.91 -6.20
C SER E 546 -32.48 18.15 -5.34
N GLY E 547 -31.55 18.12 -4.40
CA GLY E 547 -31.32 19.28 -3.57
C GLY E 547 -30.01 19.24 -2.80
N SER E 548 -29.25 20.33 -2.88
CA SER E 548 -28.01 20.50 -2.13
C SER E 548 -28.14 21.76 -1.28
N PHE E 549 -27.76 21.66 -0.01
CA PHE E 549 -27.89 22.77 0.91
C PHE E 549 -26.63 22.92 1.75
N ILE E 550 -26.36 24.15 2.16
CA ILE E 550 -25.27 24.48 3.06
C ILE E 550 -25.88 24.98 4.37
N PHE E 551 -25.61 24.28 5.47
CA PHE E 551 -26.17 24.61 6.77
C PHE E 551 -25.07 25.25 7.61
N ALA E 552 -24.96 26.57 7.54
CA ALA E 552 -23.94 27.30 8.26
C ALA E 552 -24.52 27.99 9.48
N GLY E 553 -23.77 27.99 10.57
CA GLY E 553 -24.18 28.64 11.78
C GLY E 553 -23.52 28.07 13.02
N PRO E 554 -24.00 28.48 14.20
CA PRO E 554 -23.44 27.94 15.45
C PRO E 554 -23.81 26.48 15.66
N SER E 555 -23.12 25.81 16.56
CA SER E 555 -23.39 24.41 16.88
C SER E 555 -24.49 24.35 17.93
N GLY E 556 -25.39 23.40 17.78
CA GLY E 556 -26.51 23.25 18.69
C GLY E 556 -27.77 23.99 18.30
N VAL E 557 -27.89 24.42 17.05
CA VAL E 557 -29.07 25.14 16.59
C VAL E 557 -29.94 24.26 15.68
N GLY E 558 -29.71 22.96 15.66
CA GLY E 558 -30.53 22.04 14.91
C GLY E 558 -30.12 21.81 13.47
N LYS E 559 -28.86 22.06 13.13
CA LYS E 559 -28.40 21.84 11.76
C LYS E 559 -28.49 20.37 11.39
N THR E 560 -28.06 19.48 12.28
CA THR E 560 -28.26 18.06 12.07
C THR E 560 -29.69 17.64 12.35
N GLU E 561 -30.34 18.30 13.32
CA GLU E 561 -31.69 17.93 13.72
C GLU E 561 -32.70 18.21 12.61
N LEU E 562 -32.48 19.28 11.85
CA LEU E 562 -33.36 19.57 10.72
C LEU E 562 -33.32 18.47 9.67
N SER E 563 -32.11 17.98 9.36
CA SER E 563 -32.00 16.91 8.39
C SER E 563 -32.51 15.59 8.94
N LYS E 564 -32.37 15.39 10.26
CA LYS E 564 -32.96 14.21 10.88
C LYS E 564 -34.48 14.22 10.79
N ALA E 565 -35.09 15.39 11.02
CA ALA E 565 -36.53 15.52 10.84
C ALA E 565 -36.93 15.35 9.39
N LEU E 566 -36.08 15.82 8.47
CA LEU E 566 -36.30 15.59 7.04
C LEU E 566 -36.33 14.10 6.72
N ALA E 567 -35.36 13.35 7.24
CA ALA E 567 -35.31 11.91 7.00
C ALA E 567 -36.50 11.20 7.63
N ASN E 568 -36.90 11.64 8.82
CA ASN E 568 -38.07 11.05 9.48
C ASN E 568 -39.34 11.30 8.68
N PHE E 569 -39.49 12.51 8.12
CA PHE E 569 -40.64 12.79 7.28
C PHE E 569 -40.62 11.97 5.99
N LEU E 570 -39.48 11.95 5.29
CA LEU E 570 -39.43 11.31 3.99
C LEU E 570 -39.48 9.80 4.10
N PHE E 571 -38.81 9.23 5.09
CA PHE E 571 -38.59 7.79 5.15
C PHE E 571 -39.34 7.09 6.28
N GLY E 572 -39.83 7.83 7.27
CA GLY E 572 -40.53 7.24 8.39
C GLY E 572 -39.66 6.94 9.60
N ASP E 573 -38.37 7.19 9.51
CA ASP E 573 -37.46 6.93 10.62
C ASP E 573 -36.20 7.78 10.48
N ASP E 574 -35.43 7.85 11.56
CA ASP E 574 -34.17 8.59 11.55
C ASP E 574 -32.99 7.74 11.13
N ASP E 575 -33.12 6.42 11.16
CA ASP E 575 -31.98 5.54 10.86
C ASP E 575 -31.67 5.48 9.37
N ALA E 576 -32.65 5.74 8.51
CA ALA E 576 -32.44 5.65 7.06
C ALA E 576 -31.60 6.80 6.51
N LEU E 577 -31.34 7.82 7.32
CA LEU E 577 -30.46 8.90 6.89
C LEU E 577 -29.04 8.38 6.69
N ILE E 578 -28.39 8.86 5.63
CA ILE E 578 -27.02 8.47 5.33
C ILE E 578 -26.10 9.44 6.07
N GLN E 579 -25.61 9.00 7.22
CA GLN E 579 -24.74 9.83 8.07
C GLN E 579 -23.29 9.45 7.79
N ILE E 580 -22.62 10.28 7.00
CA ILE E 580 -21.23 10.04 6.61
C ILE E 580 -20.39 11.15 7.23
N ASP E 581 -19.39 10.78 8.02
CA ASP E 581 -18.64 11.72 8.86
C ASP E 581 -17.37 12.20 8.16
N MET E 582 -17.48 13.37 7.51
CA MET E 582 -16.33 14.05 6.94
C MET E 582 -15.34 14.57 7.97
N GLY E 583 -15.68 14.56 9.25
CA GLY E 583 -14.76 15.02 10.28
C GLY E 583 -13.44 14.26 10.33
N GLU E 584 -13.48 12.95 10.10
CA GLU E 584 -12.25 12.17 10.21
C GLU E 584 -11.50 12.05 8.88
N PHE E 585 -12.06 12.57 7.79
CA PHE E 585 -11.39 12.53 6.48
C PHE E 585 -10.46 13.72 6.35
N HIS E 586 -9.47 13.80 7.25
CA HIS E 586 -8.47 14.85 7.14
C HIS E 586 -7.38 14.55 6.12
N ASP E 587 -7.14 13.28 5.82
CA ASP E 587 -6.12 12.89 4.86
C ASP E 587 -6.77 12.16 3.68
N ARG E 588 -6.10 12.23 2.54
CA ARG E 588 -6.60 11.62 1.31
C ARG E 588 -6.59 10.11 1.35
N PHE E 589 -5.86 9.50 2.29
CA PHE E 589 -5.78 8.05 2.35
C PHE E 589 -7.10 7.41 2.78
N THR E 590 -7.78 7.99 3.76
CA THR E 590 -9.03 7.39 4.23
C THR E 590 -10.18 7.65 3.26
N ALA E 591 -9.98 8.50 2.25
CA ALA E 591 -11.05 8.77 1.27
C ALA E 591 -11.37 7.54 0.43
N SER E 592 -10.50 6.54 0.41
CA SER E 592 -10.77 5.32 -0.34
C SER E 592 -11.97 4.56 0.22
N ARG E 593 -12.15 4.53 1.54
CA ARG E 593 -13.30 3.86 2.14
C ARG E 593 -14.63 4.51 1.77
N LEU E 594 -14.61 5.78 1.37
CA LEU E 594 -15.83 6.45 0.96
C LEU E 594 -16.30 5.96 -0.40
N PHE E 595 -15.38 5.49 -1.24
CA PHE E 595 -15.72 5.03 -2.59
C PHE E 595 -15.35 3.59 -2.88
N GLY E 596 -14.35 3.04 -2.21
CA GLY E 596 -13.98 1.67 -2.50
C GLY E 596 -12.51 1.57 -2.90
N ALA E 597 -11.92 0.41 -2.64
CA ALA E 597 -10.51 0.20 -2.89
C ALA E 597 -10.24 0.08 -4.39
N PRO E 598 -9.03 0.40 -4.83
CA PRO E 598 -8.64 0.15 -6.22
C PRO E 598 -8.49 -1.34 -6.48
N PRO E 599 -8.56 -1.77 -7.75
CA PRO E 599 -8.48 -3.21 -8.05
C PRO E 599 -7.13 -3.81 -7.69
N GLY E 600 -7.16 -5.09 -7.30
CA GLY E 600 -5.97 -5.78 -6.88
C GLY E 600 -5.58 -5.58 -5.44
N TYR E 601 -6.43 -4.95 -4.63
CA TYR E 601 -6.15 -4.63 -3.24
C TYR E 601 -7.20 -5.27 -2.35
N VAL E 602 -6.84 -5.45 -1.07
CA VAL E 602 -7.80 -5.94 -0.08
C VAL E 602 -8.88 -4.88 0.12
N GLY E 603 -10.12 -5.34 0.29
CA GLY E 603 -11.23 -4.43 0.40
C GLY E 603 -11.93 -4.09 -0.90
N TYR E 604 -11.52 -4.69 -2.02
CA TYR E 604 -12.28 -4.56 -3.26
C TYR E 604 -13.68 -5.16 -3.16
N GLU E 605 -13.81 -6.25 -2.41
CA GLU E 605 -15.01 -7.07 -2.49
C GLU E 605 -16.23 -6.38 -1.85
N GLU E 606 -16.09 -5.80 -0.67
CA GLU E 606 -17.25 -5.12 -0.08
C GLU E 606 -17.38 -3.70 -0.59
N GLY E 607 -16.31 -3.14 -1.14
CA GLY E 607 -16.35 -1.83 -1.74
C GLY E 607 -16.43 -0.71 -0.71
N GLY E 608 -16.94 0.44 -1.17
CA GLY E 608 -17.00 1.61 -0.33
C GLY E 608 -18.15 1.58 0.65
N GLN E 609 -18.29 2.67 1.39
CA GLN E 609 -19.35 2.79 2.40
C GLN E 609 -20.53 3.63 1.94
N LEU E 610 -20.33 4.55 1.00
CA LEU E 610 -21.36 5.50 0.58
C LEU E 610 -22.03 5.11 -0.73
N THR E 611 -21.26 4.67 -1.72
CA THR E 611 -21.80 4.42 -3.05
C THR E 611 -22.83 3.30 -3.03
N GLU E 612 -22.62 2.28 -2.19
CA GLU E 612 -23.55 1.16 -2.14
C GLU E 612 -24.89 1.57 -1.54
N LYS E 613 -24.87 2.39 -0.49
CA LYS E 613 -26.11 2.85 0.13
C LYS E 613 -26.92 3.70 -0.83
N VAL E 614 -26.25 4.57 -1.60
CA VAL E 614 -26.93 5.33 -2.63
C VAL E 614 -27.44 4.40 -3.74
N ARG E 615 -26.69 3.34 -4.02
CA ARG E 615 -27.08 2.42 -5.09
C ARG E 615 -28.36 1.67 -4.74
N ARG E 616 -28.45 1.12 -3.52
CA ARG E 616 -29.61 0.32 -3.17
C ARG E 616 -30.80 1.16 -2.75
N LYS E 617 -30.59 2.45 -2.47
CA LYS E 617 -31.66 3.42 -2.26
C LYS E 617 -31.33 4.67 -3.06
N PRO E 618 -31.70 4.70 -4.35
CA PRO E 618 -31.48 5.93 -5.14
C PRO E 618 -32.22 7.14 -4.60
N PHE E 619 -33.32 6.94 -3.88
CA PHE E 619 -33.95 8.01 -3.12
C PHE E 619 -33.37 7.99 -1.72
N SER E 620 -32.49 8.94 -1.42
CA SER E 620 -31.84 8.98 -0.12
C SER E 620 -31.51 10.42 0.25
N VAL E 621 -31.29 10.62 1.54
CA VAL E 621 -30.78 11.89 2.06
C VAL E 621 -29.41 11.60 2.65
N VAL E 622 -28.41 12.36 2.21
CA VAL E 622 -27.02 12.14 2.61
C VAL E 622 -26.53 13.41 3.29
N LEU E 623 -26.05 13.27 4.53
CA LEU E 623 -25.53 14.39 5.29
C LEU E 623 -24.02 14.19 5.44
N PHE E 624 -23.26 15.22 5.08
CA PHE E 624 -21.83 15.26 5.34
C PHE E 624 -21.59 16.34 6.39
N ASP E 625 -21.31 15.91 7.62
CA ASP E 625 -21.09 16.84 8.72
C ASP E 625 -19.62 17.28 8.79
N GLU E 626 -19.40 18.47 9.34
CA GLU E 626 -18.08 19.05 9.53
C GLU E 626 -17.30 19.10 8.22
N ILE E 627 -17.90 19.77 7.23
CA ILE E 627 -17.28 19.89 5.91
C ILE E 627 -15.98 20.71 6.00
N GLU E 628 -15.88 21.61 6.97
CA GLU E 628 -14.61 22.32 7.21
C GLU E 628 -13.52 21.39 7.72
N LYS E 629 -13.89 20.21 8.23
CA LYS E 629 -12.98 19.32 8.90
C LYS E 629 -12.53 18.17 8.01
N ALA E 630 -12.58 18.38 6.69
CA ALA E 630 -12.22 17.36 5.71
C ALA E 630 -11.22 17.92 4.72
N HIS E 631 -10.43 17.03 4.14
CA HIS E 631 -9.39 17.45 3.20
C HIS E 631 -9.99 17.88 1.87
N GLN E 632 -9.24 18.69 1.15
CA GLN E 632 -9.66 19.22 -0.15
C GLN E 632 -9.79 18.15 -1.23
N GLU E 633 -9.17 16.99 -1.03
CA GLU E 633 -9.22 15.94 -2.05
C GLU E 633 -10.63 15.35 -2.18
N ILE E 634 -11.35 15.27 -1.06
CA ILE E 634 -12.69 14.70 -1.08
C ILE E 634 -13.65 15.59 -1.86
N TYR E 635 -13.52 16.91 -1.71
CA TYR E 635 -14.38 17.83 -2.45
C TYR E 635 -14.14 17.76 -3.94
N ASN E 636 -12.93 17.40 -4.35
CA ASN E 636 -12.63 17.25 -5.77
C ASN E 636 -13.45 16.13 -6.40
N SER E 637 -13.56 15.00 -5.69
CA SER E 637 -14.39 13.91 -6.20
C SER E 637 -15.87 14.20 -6.01
N LEU E 638 -16.22 15.00 -4.99
CA LEU E 638 -17.61 15.35 -4.75
C LEU E 638 -18.13 16.37 -5.74
N LEU E 639 -17.23 17.11 -6.40
CA LEU E 639 -17.65 18.18 -7.31
C LEU E 639 -18.49 17.65 -8.47
N GLN E 640 -17.97 16.66 -9.20
CA GLN E 640 -18.71 16.14 -10.35
C GLN E 640 -20.00 15.45 -9.91
N VAL E 641 -19.99 14.83 -8.74
CA VAL E 641 -21.21 14.28 -8.16
C VAL E 641 -22.23 15.38 -7.97
N LEU E 642 -21.78 16.55 -7.55
CA LEU E 642 -22.70 17.67 -7.35
C LEU E 642 -23.19 18.23 -8.68
N GLU E 643 -22.34 18.28 -9.71
CA GLU E 643 -22.83 18.84 -10.97
C GLU E 643 -23.67 17.86 -11.78
N ASP E 644 -23.07 16.75 -12.25
CA ASP E 644 -23.79 15.89 -13.17
C ASP E 644 -24.42 14.68 -12.51
N GLY E 645 -24.28 14.53 -11.20
CA GLY E 645 -24.92 13.45 -10.48
C GLY E 645 -24.33 12.08 -10.73
N ARG E 646 -23.17 12.00 -11.38
CA ARG E 646 -22.57 10.72 -11.75
C ARG E 646 -21.25 10.56 -11.04
N LEU E 647 -21.03 9.36 -10.50
CA LEU E 647 -19.84 9.05 -9.70
C LEU E 647 -19.26 7.71 -10.14
N THR E 648 -17.95 7.70 -10.32
CA THR E 648 -17.19 6.48 -10.57
C THR E 648 -16.44 6.11 -9.30
N ASP E 649 -16.85 5.01 -8.67
CA ASP E 649 -16.28 4.62 -7.40
C ASP E 649 -14.98 3.84 -7.64
N GLY E 650 -14.45 3.21 -6.58
CA GLY E 650 -13.19 2.51 -6.67
C GLY E 650 -13.22 1.27 -7.54
N GLN E 651 -14.41 0.69 -7.73
CA GLN E 651 -14.57 -0.47 -8.60
C GLN E 651 -14.77 -0.09 -10.05
N GLY E 652 -14.87 1.20 -10.36
CA GLY E 652 -15.14 1.65 -11.71
C GLY E 652 -16.59 1.67 -12.11
N ARG E 653 -17.49 1.22 -11.24
CA ARG E 653 -18.91 1.24 -11.54
C ARG E 653 -19.46 2.66 -11.41
N THR E 654 -20.36 3.03 -12.31
CA THR E 654 -21.03 4.31 -12.24
C THR E 654 -22.26 4.22 -11.34
N VAL E 655 -22.48 5.27 -10.55
CA VAL E 655 -23.63 5.36 -9.66
C VAL E 655 -24.20 6.77 -9.78
N ASP E 656 -25.53 6.87 -9.77
CA ASP E 656 -26.21 8.14 -9.97
C ASP E 656 -26.52 8.80 -8.63
N PHE E 657 -26.64 10.14 -8.65
CA PHE E 657 -27.05 10.92 -7.50
C PHE E 657 -28.19 11.88 -7.83
N LYS E 658 -28.85 11.69 -8.97
CA LYS E 658 -29.88 12.62 -9.43
C LYS E 658 -31.15 12.53 -8.59
N ASN E 659 -31.31 11.50 -7.78
CA ASN E 659 -32.52 11.32 -6.98
C ASN E 659 -32.22 11.34 -5.48
N THR E 660 -31.09 11.90 -5.09
CA THR E 660 -30.69 12.00 -3.69
C THR E 660 -30.73 13.45 -3.24
N VAL E 661 -30.96 13.66 -1.95
CA VAL E 661 -30.90 14.98 -1.34
C VAL E 661 -29.57 15.07 -0.60
N LEU E 662 -28.75 16.04 -1.00
CA LEU E 662 -27.44 16.25 -0.40
C LEU E 662 -27.55 17.33 0.67
N ILE E 663 -27.06 17.03 1.86
CA ILE E 663 -27.12 17.94 3.00
C ILE E 663 -25.69 18.19 3.46
N PHE E 664 -25.29 19.45 3.45
CA PHE E 664 -23.96 19.86 3.92
C PHE E 664 -24.15 20.85 5.05
N THR E 665 -23.45 20.65 6.16
CA THR E 665 -23.54 21.56 7.29
C THR E 665 -22.19 22.22 7.53
N SER E 666 -22.23 23.41 8.12
CA SER E 666 -21.05 24.24 8.32
C SER E 666 -21.09 24.86 9.70
N ASN E 667 -19.90 25.03 10.28
CA ASN E 667 -19.76 25.64 11.60
C ASN E 667 -18.78 26.80 11.60
N LEU E 668 -18.46 27.35 10.44
CA LEU E 668 -17.51 28.45 10.35
C LEU E 668 -18.14 29.74 10.87
N GLY E 669 -17.28 30.70 11.22
CA GLY E 669 -17.71 32.02 11.62
C GLY E 669 -18.33 32.12 12.99
N THR E 670 -18.41 31.01 13.73
CA THR E 670 -19.05 31.01 15.03
C THR E 670 -18.11 30.47 16.10
N TYR E 690 -28.08 40.48 12.54
CA TYR E 690 -28.10 39.12 12.01
C TYR E 690 -27.38 39.06 10.66
N GLU E 691 -27.16 40.23 10.05
CA GLU E 691 -26.44 40.28 8.79
C GLU E 691 -24.94 40.13 8.97
N ARG E 692 -24.42 40.47 10.15
CA ARG E 692 -22.97 40.55 10.35
C ARG E 692 -22.33 39.17 10.31
N MET E 693 -22.81 38.25 11.14
CA MET E 693 -22.23 36.90 11.11
C MET E 693 -22.62 36.17 9.84
N LYS E 694 -23.74 36.53 9.22
CA LYS E 694 -24.07 36.01 7.89
C LYS E 694 -22.99 36.37 6.87
N GLN E 695 -22.62 37.66 6.83
CA GLN E 695 -21.57 38.09 5.91
C GLN E 695 -20.23 37.45 6.26
N LYS E 696 -19.93 37.36 7.56
CA LYS E 696 -18.68 36.75 7.99
C LYS E 696 -18.58 35.28 7.56
N VAL E 697 -19.66 34.52 7.76
CA VAL E 697 -19.62 33.12 7.39
C VAL E 697 -19.61 32.95 5.87
N ASN E 698 -20.29 33.82 5.12
CA ASN E 698 -20.22 33.75 3.66
C ASN E 698 -18.81 34.01 3.18
N ASP E 699 -18.15 35.04 3.73
CA ASP E 699 -16.78 35.32 3.33
C ASP E 699 -15.83 34.20 3.74
N GLU E 700 -16.06 33.58 4.89
CA GLU E 700 -15.12 32.57 5.36
C GLU E 700 -15.29 31.24 4.59
N LEU E 701 -16.52 30.91 4.19
CA LEU E 701 -16.71 29.78 3.28
C LEU E 701 -16.14 30.09 1.90
N LYS E 702 -16.23 31.34 1.45
CA LYS E 702 -15.57 31.71 0.21
C LYS E 702 -14.06 31.58 0.33
N LYS E 703 -13.51 31.82 1.52
CA LYS E 703 -12.08 31.68 1.74
C LYS E 703 -11.65 30.21 1.76
N HIS E 704 -12.19 29.43 2.69
CA HIS E 704 -11.69 28.09 2.95
C HIS E 704 -12.03 27.07 1.86
N PHE E 705 -13.05 27.32 1.04
CA PHE E 705 -13.45 26.36 0.03
C PHE E 705 -13.38 26.99 -1.36
N ARG E 706 -13.32 26.13 -2.37
CA ARG E 706 -13.13 26.58 -3.74
C ARG E 706 -14.40 27.26 -4.25
N PRO E 707 -14.27 28.32 -5.05
CA PRO E 707 -15.45 29.06 -5.52
C PRO E 707 -16.42 28.24 -6.35
N GLU E 708 -15.95 27.26 -7.11
CA GLU E 708 -16.85 26.43 -7.90
C GLU E 708 -17.80 25.65 -7.01
N PHE E 709 -17.29 25.14 -5.89
CA PHE E 709 -18.12 24.39 -4.94
C PHE E 709 -19.23 25.28 -4.37
N LEU E 710 -18.92 26.51 -3.99
CA LEU E 710 -19.93 27.40 -3.43
C LEU E 710 -20.93 27.84 -4.51
N ASN E 711 -20.44 28.22 -5.68
CA ASN E 711 -21.31 28.76 -6.71
C ASN E 711 -22.18 27.69 -7.36
N ARG E 712 -21.79 26.42 -7.25
CA ARG E 712 -22.62 25.34 -7.76
C ARG E 712 -23.64 24.84 -6.75
N ILE E 713 -23.62 25.35 -5.52
CA ILE E 713 -24.62 24.97 -4.51
C ILE E 713 -25.95 25.60 -4.89
N ASP E 714 -27.02 24.80 -4.82
CA ASP E 714 -28.36 25.30 -5.11
C ASP E 714 -28.78 26.38 -4.12
N ASP E 715 -28.65 26.11 -2.82
CA ASP E 715 -29.08 27.08 -1.81
C ASP E 715 -28.14 27.04 -0.63
N ILE E 716 -27.61 28.21 -0.25
CA ILE E 716 -26.87 28.38 0.97
C ILE E 716 -27.78 29.08 1.97
N ILE E 717 -27.84 28.57 3.20
CA ILE E 717 -28.70 29.11 4.23
C ILE E 717 -27.91 29.18 5.53
N VAL E 718 -28.13 30.26 6.29
CA VAL E 718 -27.54 30.40 7.61
C VAL E 718 -28.63 30.15 8.64
N PHE E 719 -28.26 29.53 9.76
CA PHE E 719 -29.22 29.24 10.80
C PHE E 719 -29.34 30.43 11.75
N HIS E 720 -30.58 30.81 12.06
CA HIS E 720 -30.80 31.93 12.96
C HIS E 720 -30.56 31.49 14.40
N GLN E 721 -30.16 32.45 15.23
CA GLN E 721 -29.79 32.19 16.62
C GLN E 721 -31.04 32.23 17.48
N LEU E 722 -31.20 31.22 18.34
CA LEU E 722 -32.45 31.01 19.04
C LEU E 722 -32.75 32.13 20.03
N THR E 723 -34.04 32.48 20.14
CA THR E 723 -34.52 33.49 21.07
C THR E 723 -35.25 32.82 22.23
N ARG E 724 -35.81 33.64 23.12
CA ARG E 724 -36.35 33.14 24.39
C ARG E 724 -37.56 32.22 24.17
N GLU E 725 -38.48 32.63 23.30
CA GLU E 725 -39.65 31.80 23.04
C GLU E 725 -39.25 30.50 22.33
N GLU E 726 -38.21 30.56 21.50
CA GLU E 726 -37.67 29.33 20.92
C GLU E 726 -37.09 28.43 22.00
N ILE E 727 -36.45 29.02 23.01
CA ILE E 727 -35.95 28.22 24.13
C ILE E 727 -37.10 27.59 24.90
N ILE E 728 -38.21 28.31 25.06
CA ILE E 728 -39.38 27.74 25.73
C ILE E 728 -39.93 26.56 24.94
N ARG E 729 -40.03 26.71 23.61
CA ARG E 729 -40.50 25.60 22.78
C ARG E 729 -39.54 24.43 22.82
N MET E 730 -38.23 24.70 22.89
CA MET E 730 -37.25 23.64 23.12
C MET E 730 -37.47 22.93 24.45
N VAL E 731 -37.77 23.69 25.51
CA VAL E 731 -38.07 23.08 26.80
C VAL E 731 -39.24 22.13 26.67
N ASP E 732 -40.32 22.58 26.03
CA ASP E 732 -41.50 21.74 25.88
C ASP E 732 -41.21 20.48 25.06
N LEU E 733 -40.60 20.65 23.89
CA LEU E 733 -40.34 19.53 23.01
C LEU E 733 -39.35 18.55 23.62
N MET E 734 -38.43 19.04 24.45
CA MET E 734 -37.43 18.15 25.01
C MET E 734 -37.98 17.42 26.23
N ILE E 735 -38.80 18.08 27.04
CA ILE E 735 -39.38 17.39 28.20
C ILE E 735 -40.45 16.41 27.76
N SER E 736 -41.02 16.59 26.56
CA SER E 736 -41.94 15.59 26.05
C SER E 736 -41.24 14.24 25.89
N ARG E 737 -39.97 14.26 25.49
CA ARG E 737 -39.20 13.03 25.34
C ARG E 737 -39.06 12.29 26.66
N VAL E 738 -38.63 12.99 27.72
CA VAL E 738 -38.41 12.32 28.99
C VAL E 738 -39.75 11.90 29.61
N ALA E 739 -40.82 12.68 29.39
CA ALA E 739 -42.13 12.28 29.87
C ALA E 739 -42.61 11.00 29.17
N GLY E 740 -42.42 10.92 27.85
CA GLY E 740 -42.77 9.70 27.14
C GLY E 740 -41.92 8.53 27.55
N GLN E 741 -40.66 8.78 27.90
CA GLN E 741 -39.79 7.70 28.36
C GLN E 741 -40.19 7.18 29.73
N LEU E 742 -40.59 8.06 30.65
CA LEU E 742 -41.07 7.61 31.95
C LEU E 742 -42.50 7.12 31.91
N LYS E 743 -43.21 7.35 30.82
CA LYS E 743 -44.56 6.80 30.64
C LYS E 743 -44.59 5.29 30.70
N SER E 744 -43.50 4.61 30.32
CA SER E 744 -43.43 3.16 30.38
C SER E 744 -43.48 2.61 31.80
N LYS E 745 -43.28 3.46 32.81
CA LYS E 745 -43.37 3.06 34.21
C LYS E 745 -44.71 3.46 34.83
N ASP E 746 -45.73 3.61 33.99
CA ASP E 746 -47.09 3.99 34.40
C ASP E 746 -47.10 5.31 35.17
N MET E 747 -46.35 6.29 34.65
CA MET E 747 -46.27 7.61 35.27
C MET E 747 -46.35 8.67 34.19
N ALA E 748 -46.78 9.87 34.57
CA ALA E 748 -46.80 11.00 33.68
C ALA E 748 -46.03 12.17 34.29
N LEU E 749 -45.39 12.95 33.43
CA LEU E 749 -44.64 14.12 33.87
C LEU E 749 -45.30 15.38 33.34
N VAL E 750 -45.65 16.29 34.24
CA VAL E 750 -46.25 17.56 33.87
C VAL E 750 -45.51 18.68 34.57
N LEU E 751 -45.27 19.75 33.84
CA LEU E 751 -44.58 20.93 34.36
C LEU E 751 -45.51 22.12 34.34
N THR E 752 -45.42 22.94 35.38
CA THR E 752 -46.22 24.15 35.44
C THR E 752 -45.57 25.26 34.60
N ASP E 753 -46.27 26.39 34.53
CA ASP E 753 -45.72 27.54 33.81
C ASP E 753 -44.45 28.06 34.46
N ALA E 754 -44.41 28.08 35.79
CA ALA E 754 -43.20 28.51 36.50
C ALA E 754 -42.05 27.56 36.24
N ALA E 755 -42.34 26.25 36.12
CA ALA E 755 -41.30 25.27 35.85
C ALA E 755 -40.64 25.52 34.51
N LYS E 756 -41.44 25.68 33.45
CA LYS E 756 -40.89 25.94 32.13
C LYS E 756 -40.21 27.30 32.09
N ALA E 757 -40.77 28.30 32.76
CA ALA E 757 -40.17 29.63 32.77
C ALA E 757 -38.79 29.61 33.44
N LEU E 758 -38.67 28.91 34.57
CA LEU E 758 -37.38 28.80 35.24
C LEU E 758 -36.40 27.97 34.42
N LEU E 759 -36.87 26.90 33.79
CA LEU E 759 -36.00 26.06 32.99
C LEU E 759 -35.44 26.82 31.80
N ALA E 760 -36.28 27.63 31.16
CA ALA E 760 -35.81 28.50 30.09
C ALA E 760 -34.87 29.58 30.64
N LYS E 761 -35.16 30.09 31.84
CA LYS E 761 -34.33 31.15 32.42
C LYS E 761 -32.95 30.64 32.78
N ARG E 762 -32.88 29.50 33.48
CA ARG E 762 -31.61 28.95 33.94
C ARG E 762 -30.93 28.06 32.91
N GLY E 763 -31.57 27.82 31.77
CA GLY E 763 -30.97 26.98 30.75
C GLY E 763 -30.80 27.70 29.43
N PHE E 764 -30.51 28.99 29.47
CA PHE E 764 -30.38 29.81 28.27
C PHE E 764 -28.97 30.36 28.18
N ASP E 765 -28.34 30.16 27.03
CA ASP E 765 -27.12 30.88 26.69
C ASP E 765 -27.24 31.32 25.23
N PRO E 766 -27.27 32.62 24.97
CA PRO E 766 -27.51 33.10 23.60
C PRO E 766 -26.38 32.78 22.65
N VAL E 767 -25.15 33.00 23.09
CA VAL E 767 -23.99 32.76 22.24
C VAL E 767 -23.79 31.27 21.98
N LEU E 768 -24.22 30.42 22.91
CA LEU E 768 -24.01 28.99 22.78
C LEU E 768 -25.26 28.35 22.21
N GLY E 769 -25.24 27.03 22.03
CA GLY E 769 -26.33 26.30 21.43
C GLY E 769 -27.43 25.94 22.40
N ALA E 770 -28.30 25.02 21.98
CA ALA E 770 -29.41 24.56 22.80
C ALA E 770 -29.03 23.37 23.67
N ARG E 771 -27.86 22.80 23.46
CA ARG E 771 -27.36 21.71 24.30
C ARG E 771 -27.11 22.14 25.75
N PRO E 772 -26.73 23.40 26.03
CA PRO E 772 -26.77 23.85 27.43
C PRO E 772 -28.12 23.68 28.10
N LEU E 773 -29.23 23.89 27.38
CA LEU E 773 -30.54 23.66 27.96
C LEU E 773 -30.76 22.19 28.32
N ARG E 774 -30.35 21.29 27.43
CA ARG E 774 -30.49 19.87 27.69
C ARG E 774 -29.64 19.44 28.87
N ARG E 775 -28.42 19.97 28.97
CA ARG E 775 -27.58 19.69 30.13
C ARG E 775 -28.18 20.27 31.41
N THR E 776 -28.77 21.45 31.32
CA THR E 776 -29.39 22.07 32.49
C THR E 776 -30.55 21.23 33.00
N ILE E 777 -31.40 20.73 32.10
CA ILE E 777 -32.53 19.94 32.55
C ILE E 777 -32.08 18.54 32.96
N GLN E 778 -30.98 18.04 32.39
CA GLN E 778 -30.52 16.73 32.82
C GLN E 778 -29.80 16.79 34.16
N ARG E 779 -29.34 17.96 34.58
CA ARG E 779 -28.72 18.09 35.89
C ARG E 779 -29.57 18.86 36.90
N GLU E 780 -30.78 19.30 36.54
CA GLU E 780 -31.58 20.11 37.45
C GLU E 780 -32.92 19.51 37.82
N ILE E 781 -33.58 18.73 36.96
CA ILE E 781 -34.91 18.23 37.24
C ILE E 781 -34.98 16.71 37.20
N GLU E 782 -34.41 16.08 36.17
CA GLU E 782 -34.69 14.67 35.93
C GLU E 782 -33.78 13.72 36.71
N ASP E 783 -32.61 14.18 37.16
CA ASP E 783 -31.77 13.28 37.96
C ASP E 783 -32.32 13.12 39.38
N GLN E 784 -32.98 14.15 39.92
CA GLN E 784 -33.68 13.97 41.19
C GLN E 784 -34.79 12.95 41.07
N LEU E 785 -35.54 12.99 39.97
CA LEU E 785 -36.57 11.98 39.74
C LEU E 785 -35.95 10.61 39.53
N SER E 786 -34.79 10.56 38.86
CA SER E 786 -34.08 9.30 38.68
C SER E 786 -33.68 8.69 40.01
N GLU E 787 -33.16 9.51 40.93
CA GLU E 787 -32.86 9.05 42.27
C GLU E 787 -34.13 8.62 43.00
N LYS E 788 -35.20 9.39 42.84
CA LYS E 788 -36.43 9.17 43.60
C LYS E 788 -37.13 7.88 43.20
N ILE E 789 -37.16 7.55 41.91
CA ILE E 789 -37.92 6.39 41.45
C ILE E 789 -37.26 5.09 41.91
N LEU E 790 -35.94 5.04 41.93
CA LEU E 790 -35.24 3.85 42.41
C LEU E 790 -35.03 3.85 43.92
N PHE E 791 -35.43 4.92 44.62
CA PHE E 791 -35.44 4.94 46.07
C PHE E 791 -36.85 4.73 46.63
N GLU E 792 -37.83 4.48 45.75
CA GLU E 792 -39.19 4.11 46.13
C GLU E 792 -39.88 5.20 46.95
N GLU E 793 -40.03 6.37 46.33
CA GLU E 793 -40.89 7.44 46.85
C GLU E 793 -42.05 7.74 45.92
N VAL E 794 -41.82 7.74 44.63
CA VAL E 794 -42.87 7.92 43.62
C VAL E 794 -42.82 6.73 42.66
N GLY E 795 -43.99 6.27 42.24
CA GLY E 795 -44.07 5.12 41.38
C GLY E 795 -45.31 5.08 40.53
N PRO E 796 -45.68 3.88 40.07
CA PRO E 796 -46.82 3.75 39.15
C PRO E 796 -48.13 4.14 39.82
N GLY E 797 -49.06 4.64 39.00
CA GLY E 797 -50.36 5.07 39.48
C GLY E 797 -50.39 6.49 40.02
N GLN E 798 -49.24 7.16 40.07
CA GLN E 798 -49.17 8.52 40.58
C GLN E 798 -48.46 9.41 39.56
N VAL E 799 -49.08 10.54 39.25
CA VAL E 799 -48.45 11.54 38.38
C VAL E 799 -47.53 12.42 39.21
N VAL E 800 -46.38 12.77 38.66
CA VAL E 800 -45.41 13.62 39.33
C VAL E 800 -45.52 15.03 38.76
N THR E 801 -45.61 16.02 39.64
CA THR E 801 -45.70 17.42 39.26
C THR E 801 -44.48 18.16 39.79
N VAL E 802 -43.88 18.98 38.94
CA VAL E 802 -42.70 19.76 39.30
C VAL E 802 -43.13 21.20 39.51
N ASP E 803 -42.91 21.72 40.71
CA ASP E 803 -43.28 23.08 41.07
C ASP E 803 -42.04 23.84 41.53
N VAL E 804 -41.94 25.10 41.13
CA VAL E 804 -40.81 25.93 41.50
C VAL E 804 -41.13 26.65 42.81
N ASP E 805 -40.22 26.54 43.78
CA ASP E 805 -40.37 27.18 45.08
C ASP E 805 -39.34 28.29 45.22
N ASN E 806 -39.71 29.33 45.97
CA ASN E 806 -38.86 30.48 46.26
C ASN E 806 -38.42 31.20 44.98
N TRP E 807 -39.42 31.53 44.15
CA TRP E 807 -39.17 32.30 42.94
C TRP E 807 -40.46 33.01 42.56
N ASP E 808 -40.47 34.33 42.70
CA ASP E 808 -41.65 35.12 42.35
C ASP E 808 -41.73 35.47 40.87
N GLY E 809 -40.66 35.23 40.11
CA GLY E 809 -40.75 35.27 38.66
C GLY E 809 -40.47 36.60 38.00
N GLU E 810 -39.42 37.31 38.41
CA GLU E 810 -38.98 38.48 37.66
C GLU E 810 -37.47 38.48 37.47
N GLY E 811 -36.75 37.73 38.30
CA GLY E 811 -35.32 37.73 38.26
C GLY E 811 -34.74 36.40 37.80
N PRO E 812 -33.42 36.25 37.94
CA PRO E 812 -32.79 34.96 37.59
C PRO E 812 -33.27 33.79 38.42
N GLY E 813 -33.66 34.02 39.67
CA GLY E 813 -34.12 32.97 40.54
C GLY E 813 -33.07 31.94 40.88
N GLU E 814 -31.87 32.41 41.25
CA GLU E 814 -30.79 31.51 41.63
C GLU E 814 -31.09 30.73 42.90
N ASP E 815 -31.99 31.22 43.75
CA ASP E 815 -32.37 30.54 44.97
C ASP E 815 -33.54 29.59 44.78
N ALA E 816 -34.09 29.51 43.58
CA ALA E 816 -35.22 28.63 43.32
C ALA E 816 -34.80 27.17 43.34
N VAL E 817 -35.67 26.33 43.89
CA VAL E 817 -35.42 24.90 44.00
C VAL E 817 -36.62 24.16 43.43
N PHE E 818 -36.35 23.08 42.68
CA PHE E 818 -37.40 22.30 42.07
C PHE E 818 -38.02 21.36 43.09
N THR E 819 -39.33 21.42 43.23
CA THR E 819 -40.07 20.58 44.16
C THR E 819 -40.88 19.55 43.37
N PHE E 820 -40.74 18.28 43.78
CA PHE E 820 -41.34 17.17 43.06
C PHE E 820 -42.39 16.52 43.95
N THR E 821 -43.60 16.38 43.43
CA THR E 821 -44.69 15.74 44.16
C THR E 821 -45.76 15.21 43.21
N VAL F 170 7.02 -35.75 -39.34
CA VAL F 170 5.93 -35.79 -38.38
C VAL F 170 5.54 -34.38 -37.99
N LEU F 171 6.23 -33.40 -38.55
CA LEU F 171 5.93 -32.00 -38.23
C LEU F 171 4.67 -31.52 -38.92
N ASP F 172 4.33 -32.09 -40.09
CA ASP F 172 3.21 -31.58 -40.88
C ASP F 172 1.86 -31.90 -40.25
N GLN F 173 1.77 -32.96 -39.43
CA GLN F 173 0.54 -33.19 -38.70
C GLN F 173 0.52 -32.49 -37.35
N PHE F 174 1.65 -31.90 -36.94
CA PHE F 174 1.71 -31.10 -35.72
C PHE F 174 2.06 -29.64 -36.00
N GLY F 175 2.08 -29.23 -37.27
CA GLY F 175 2.37 -27.86 -37.62
C GLY F 175 2.09 -27.64 -39.09
N ARG F 176 2.17 -26.38 -39.50
CA ARG F 176 1.88 -25.97 -40.87
C ARG F 176 3.15 -25.38 -41.48
N ASN F 177 3.62 -25.99 -42.57
CA ASN F 177 4.81 -25.50 -43.26
C ASN F 177 4.47 -24.21 -44.02
N LEU F 178 5.41 -23.27 -44.00
CA LEU F 178 5.25 -22.01 -44.71
C LEU F 178 6.16 -21.87 -45.91
N THR F 179 7.40 -22.35 -45.82
CA THR F 179 8.29 -22.35 -46.98
C THR F 179 7.74 -23.26 -48.07
N ALA F 180 7.22 -24.42 -47.69
CA ALA F 180 6.55 -25.29 -48.66
C ALA F 180 5.20 -24.73 -49.07
N ALA F 181 4.58 -23.86 -48.27
CA ALA F 181 3.31 -23.25 -48.65
C ALA F 181 3.47 -22.28 -49.80
N ALA F 182 4.67 -21.74 -50.01
CA ALA F 182 4.92 -20.86 -51.13
C ALA F 182 5.06 -21.60 -52.45
N MET F 183 5.27 -22.92 -52.41
CA MET F 183 5.26 -23.71 -53.63
C MET F 183 3.89 -23.66 -54.30
N GLU F 184 2.82 -23.78 -53.51
CA GLU F 184 1.47 -23.71 -54.03
C GLU F 184 0.85 -22.32 -53.98
N GLY F 185 1.40 -21.41 -53.18
CA GLY F 185 1.13 -19.99 -53.36
C GLY F 185 -0.23 -19.48 -52.93
N LYS F 186 -0.88 -20.13 -51.96
CA LYS F 186 -2.00 -19.48 -51.31
C LYS F 186 -1.55 -18.41 -50.31
N LEU F 187 -0.25 -18.32 -50.06
CA LEU F 187 0.27 -17.25 -49.21
C LEU F 187 0.07 -15.90 -49.89
N ASP F 188 -0.57 -14.98 -49.19
CA ASP F 188 -0.84 -13.67 -49.75
C ASP F 188 0.45 -12.83 -49.81
N PRO F 189 0.64 -12.05 -50.86
CA PRO F 189 1.90 -11.29 -51.00
C PRO F 189 2.02 -10.20 -49.95
N VAL F 190 3.27 -9.90 -49.59
CA VAL F 190 3.58 -8.85 -48.63
C VAL F 190 4.06 -7.63 -49.39
N ILE F 191 3.77 -6.45 -48.84
CA ILE F 191 4.10 -5.19 -49.48
C ILE F 191 4.74 -4.25 -48.46
N GLY F 192 5.90 -3.71 -48.80
CA GLY F 192 6.48 -2.62 -48.04
C GLY F 192 7.09 -2.98 -46.72
N ARG F 193 7.44 -4.25 -46.49
CA ARG F 193 8.11 -4.67 -45.27
C ARG F 193 9.57 -5.01 -45.51
N GLU F 194 10.24 -4.28 -46.40
CA GLU F 194 11.62 -4.58 -46.75
C GLU F 194 12.55 -4.39 -45.55
N LYS F 195 12.37 -3.31 -44.79
CA LYS F 195 13.29 -3.03 -43.69
C LYS F 195 13.14 -4.04 -42.56
N GLU F 196 11.91 -4.47 -42.26
CA GLU F 196 11.72 -5.44 -41.19
C GLU F 196 12.24 -6.81 -41.58
N ILE F 197 12.10 -7.18 -42.85
CA ILE F 197 12.67 -8.44 -43.31
C ILE F 197 14.20 -8.36 -43.31
N GLU F 198 14.75 -7.21 -43.65
CA GLU F 198 16.19 -7.01 -43.52
C GLU F 198 16.63 -7.17 -42.06
N ARG F 199 15.85 -6.64 -41.13
CA ARG F 199 16.15 -6.79 -39.71
C ARG F 199 16.05 -8.25 -39.27
N VAL F 200 15.13 -9.04 -39.86
CA VAL F 200 15.01 -10.40 -39.38
C VAL F 200 16.13 -11.28 -39.97
N MET F 201 16.64 -10.94 -41.16
CA MET F 201 17.91 -11.57 -41.56
C MET F 201 19.05 -11.11 -40.66
N GLN F 202 19.02 -9.84 -40.22
CA GLN F 202 20.05 -9.35 -39.30
C GLN F 202 20.11 -10.20 -38.04
N VAL F 203 18.97 -10.40 -37.39
CA VAL F 203 18.96 -11.13 -36.12
C VAL F 203 19.14 -12.63 -36.35
N LEU F 204 18.58 -13.17 -37.44
CA LEU F 204 18.66 -14.60 -37.67
C LEU F 204 20.07 -15.07 -38.04
N SER F 205 20.93 -14.16 -38.52
CA SER F 205 22.28 -14.51 -38.94
C SER F 205 23.30 -14.30 -37.82
N ARG F 206 22.89 -14.48 -36.57
CA ARG F 206 23.75 -14.25 -35.43
C ARG F 206 24.08 -15.56 -34.72
N ARG F 207 25.03 -15.47 -33.79
CA ARG F 207 25.39 -16.59 -32.94
C ARG F 207 24.82 -16.48 -31.53
N THR F 208 24.71 -15.26 -30.99
CA THR F 208 24.09 -15.01 -29.71
C THR F 208 22.90 -14.08 -29.92
N LYS F 209 21.81 -14.34 -29.17
CA LYS F 209 20.55 -13.62 -29.32
C LYS F 209 20.04 -13.68 -30.76
N ASN F 210 20.18 -14.85 -31.37
CA ASN F 210 19.86 -15.05 -32.77
C ASN F 210 18.39 -15.33 -33.02
N ASN F 211 17.60 -15.52 -31.98
CA ASN F 211 16.20 -15.88 -32.16
C ASN F 211 15.35 -14.62 -32.22
N PRO F 212 14.72 -14.31 -33.34
CA PRO F 212 13.92 -13.09 -33.44
C PRO F 212 12.61 -13.17 -32.68
N VAL F 213 12.19 -12.02 -32.20
CA VAL F 213 10.87 -11.83 -31.60
C VAL F 213 10.26 -10.56 -32.16
N LEU F 214 8.99 -10.62 -32.55
CA LEU F 214 8.32 -9.49 -33.17
C LEU F 214 7.46 -8.78 -32.13
N ILE F 215 7.60 -7.45 -32.07
CA ILE F 215 6.91 -6.64 -31.06
C ILE F 215 6.04 -5.61 -31.77
N GLY F 216 4.77 -5.57 -31.38
CA GLY F 216 3.84 -4.60 -31.90
C GLY F 216 2.46 -4.86 -31.34
N GLU F 217 1.56 -3.91 -31.56
CA GLU F 217 0.19 -4.08 -31.13
C GLU F 217 -0.50 -5.06 -32.08
N PRO F 218 -1.50 -5.80 -31.61
CA PRO F 218 -2.09 -6.84 -32.46
C PRO F 218 -2.85 -6.27 -33.65
N GLY F 219 -2.68 -6.92 -34.79
CA GLY F 219 -3.27 -6.44 -36.02
C GLY F 219 -2.38 -5.52 -36.83
N VAL F 220 -1.12 -5.88 -37.00
CA VAL F 220 -0.20 -5.11 -37.83
C VAL F 220 0.36 -5.90 -38.99
N GLY F 221 0.51 -7.22 -38.88
CA GLY F 221 1.12 -7.99 -39.94
C GLY F 221 2.35 -8.75 -39.48
N LYS F 222 2.34 -9.16 -38.21
CA LYS F 222 3.45 -9.95 -37.70
C LYS F 222 3.61 -11.26 -38.47
N THR F 223 2.49 -11.93 -38.74
CA THR F 223 2.53 -13.10 -39.61
C THR F 223 2.86 -12.75 -41.06
N ALA F 224 2.54 -11.52 -41.50
CA ALA F 224 2.92 -11.09 -42.83
C ALA F 224 4.43 -10.95 -42.95
N VAL F 225 5.10 -10.53 -41.88
CA VAL F 225 6.56 -10.48 -41.87
C VAL F 225 7.15 -11.87 -42.06
N VAL F 226 6.58 -12.86 -41.36
CA VAL F 226 7.06 -14.24 -41.47
C VAL F 226 6.79 -14.79 -42.87
N GLU F 227 5.63 -14.45 -43.44
CA GLU F 227 5.33 -14.90 -44.80
C GLU F 227 6.28 -14.25 -45.81
N GLY F 228 6.59 -12.97 -45.63
CA GLY F 228 7.56 -12.33 -46.50
C GLY F 228 8.96 -12.92 -46.35
N LEU F 229 9.31 -13.32 -45.13
CA LEU F 229 10.56 -14.05 -44.92
C LEU F 229 10.56 -15.37 -45.67
N ALA F 230 9.43 -16.09 -45.65
CA ALA F 230 9.33 -17.35 -46.39
C ALA F 230 9.45 -17.10 -47.89
N GLN F 231 8.84 -16.01 -48.38
CA GLN F 231 8.96 -15.67 -49.79
C GLN F 231 10.40 -15.32 -50.16
N ALA F 232 11.12 -14.66 -49.25
CA ALA F 232 12.52 -14.37 -49.48
C ALA F 232 13.36 -15.65 -49.49
N ILE F 233 12.98 -16.62 -48.65
CA ILE F 233 13.64 -17.92 -48.67
C ILE F 233 13.43 -18.61 -50.00
N VAL F 234 12.18 -18.62 -50.48
CA VAL F 234 11.84 -19.34 -51.70
C VAL F 234 12.46 -18.67 -52.93
N HIS F 235 12.33 -17.35 -53.04
CA HIS F 235 12.81 -16.65 -54.22
C HIS F 235 14.33 -16.55 -54.23
N GLY F 236 14.98 -16.67 -53.08
CA GLY F 236 16.42 -16.70 -53.02
C GLY F 236 17.10 -15.37 -52.82
N GLU F 237 16.68 -14.62 -51.80
CA GLU F 237 17.32 -13.37 -51.41
C GLU F 237 17.75 -13.44 -49.95
N VAL F 238 18.24 -14.60 -49.53
CA VAL F 238 18.56 -14.84 -48.13
C VAL F 238 20.00 -15.35 -48.06
N PRO F 239 20.67 -15.15 -46.92
CA PRO F 239 22.07 -15.61 -46.78
C PRO F 239 22.20 -17.12 -46.89
N GLU F 240 23.47 -17.56 -46.89
CA GLU F 240 23.78 -18.98 -47.01
C GLU F 240 23.31 -19.77 -45.80
N THR F 241 23.29 -19.14 -44.62
CA THR F 241 22.77 -19.81 -43.44
C THR F 241 21.27 -20.04 -43.53
N LEU F 242 20.57 -19.29 -44.38
CA LEU F 242 19.12 -19.41 -44.53
C LEU F 242 18.71 -20.26 -45.73
N LYS F 243 19.67 -20.90 -46.40
CA LYS F 243 19.34 -21.76 -47.52
C LYS F 243 18.53 -22.98 -47.07
N ASP F 244 17.45 -23.27 -47.78
CA ASP F 244 16.60 -24.44 -47.55
C ASP F 244 16.07 -24.48 -46.12
N LYS F 245 15.66 -23.31 -45.60
CA LYS F 245 15.11 -23.19 -44.26
C LYS F 245 13.59 -23.24 -44.36
N GLN F 246 12.97 -24.14 -43.61
CA GLN F 246 11.52 -24.34 -43.64
C GLN F 246 10.89 -23.76 -42.39
N LEU F 247 9.85 -22.93 -42.60
CA LEU F 247 9.13 -22.31 -41.50
C LEU F 247 7.92 -23.16 -41.12
N TYR F 248 7.62 -23.21 -39.81
CA TYR F 248 6.49 -23.97 -39.30
C TYR F 248 5.79 -23.15 -38.22
N THR F 249 4.47 -23.08 -38.31
CA THR F 249 3.66 -22.54 -37.23
C THR F 249 3.16 -23.67 -36.34
N LEU F 250 3.38 -23.55 -35.04
CA LEU F 250 3.03 -24.59 -34.08
C LEU F 250 1.61 -24.35 -33.58
N ASP F 251 0.75 -25.36 -33.73
CA ASP F 251 -0.62 -25.32 -33.24
C ASP F 251 -0.76 -26.32 -32.10
N LEU F 252 -1.11 -25.82 -30.92
CA LEU F 252 -1.27 -26.70 -29.76
C LEU F 252 -2.57 -27.49 -29.81
N GLY F 253 -3.50 -27.14 -30.70
CA GLY F 253 -4.72 -27.92 -30.83
C GLY F 253 -4.45 -29.32 -31.37
N SER F 254 -3.51 -29.43 -32.31
CA SER F 254 -3.13 -30.74 -32.83
C SER F 254 -2.41 -31.57 -31.78
N LEU F 255 -1.78 -30.92 -30.80
CA LEU F 255 -1.09 -31.63 -29.74
C LEU F 255 -2.04 -31.95 -28.59
N GLY F 263 0.29 -37.29 -20.24
CA GLY F 263 1.68 -37.25 -20.68
C GLY F 263 1.84 -37.45 -22.17
N ASP F 264 0.72 -37.71 -22.85
CA ASP F 264 0.76 -37.90 -24.30
C ASP F 264 1.17 -36.62 -25.01
N PHE F 265 0.65 -35.47 -24.54
CA PHE F 265 1.01 -34.19 -25.16
C PHE F 265 2.49 -33.89 -25.00
N GLU F 266 3.04 -34.16 -23.81
CA GLU F 266 4.46 -33.88 -23.56
C GLU F 266 5.36 -34.77 -24.42
N GLU F 267 5.03 -36.07 -24.51
CA GLU F 267 5.85 -36.96 -25.31
C GLU F 267 5.73 -36.64 -26.80
N ARG F 268 4.53 -36.26 -27.25
CA ARG F 268 4.38 -35.83 -28.65
C ARG F 268 5.19 -34.59 -28.94
N LEU F 269 5.18 -33.61 -28.01
CA LEU F 269 5.93 -32.39 -28.21
C LEU F 269 7.43 -32.65 -28.23
N LYS F 270 7.92 -33.51 -27.33
CA LYS F 270 9.36 -33.77 -27.31
C LYS F 270 9.78 -34.59 -28.52
N LYS F 271 8.90 -35.47 -29.02
CA LYS F 271 9.21 -36.17 -30.26
C LYS F 271 9.25 -35.19 -31.43
N VAL F 272 8.35 -34.21 -31.45
CA VAL F 272 8.35 -33.21 -32.52
C VAL F 272 9.64 -32.40 -32.49
N LEU F 273 10.05 -31.94 -31.31
CA LEU F 273 11.27 -31.15 -31.23
C LEU F 273 12.50 -32.00 -31.53
N LYS F 274 12.47 -33.29 -31.18
CA LYS F 274 13.55 -34.19 -31.56
C LYS F 274 13.64 -34.33 -33.07
N GLU F 275 12.50 -34.42 -33.74
CA GLU F 275 12.49 -34.46 -35.21
C GLU F 275 13.04 -33.17 -35.79
N ILE F 276 12.69 -32.03 -35.19
CA ILE F 276 13.21 -30.74 -35.65
C ILE F 276 14.72 -30.70 -35.50
N ASN F 277 15.22 -31.14 -34.34
CA ASN F 277 16.66 -31.12 -34.08
C ASN F 277 17.41 -32.06 -35.01
N THR F 278 16.84 -33.24 -35.29
CA THR F 278 17.46 -34.18 -36.20
C THR F 278 17.47 -33.63 -37.63
N ARG F 279 16.38 -33.00 -38.06
CA ARG F 279 16.31 -32.45 -39.41
C ARG F 279 17.30 -31.29 -39.58
N GLY F 280 17.32 -30.37 -38.62
CA GLY F 280 18.37 -29.37 -38.53
C GLY F 280 18.11 -28.06 -39.24
N ASP F 281 17.24 -28.04 -40.24
CA ASP F 281 16.95 -26.80 -40.98
C ASP F 281 15.46 -26.49 -40.91
N ILE F 282 14.89 -26.62 -39.71
CA ILE F 282 13.49 -26.32 -39.46
C ILE F 282 13.43 -25.12 -38.51
N ILE F 283 12.72 -24.08 -38.93
CA ILE F 283 12.56 -22.87 -38.13
C ILE F 283 11.11 -22.82 -37.67
N LEU F 284 10.91 -22.61 -36.37
CA LEU F 284 9.58 -22.65 -35.78
C LEU F 284 9.06 -21.24 -35.54
N PHE F 285 7.80 -21.01 -35.91
CA PHE F 285 7.10 -19.78 -35.62
C PHE F 285 6.03 -20.09 -34.58
N ILE F 286 6.04 -19.34 -33.49
CA ILE F 286 5.02 -19.45 -32.44
C ILE F 286 4.46 -18.06 -32.20
N ASP F 287 3.14 -17.97 -32.07
CA ASP F 287 2.50 -16.70 -31.79
C ASP F 287 2.18 -16.57 -30.31
N GLU F 288 2.20 -15.33 -29.82
CA GLU F 288 1.76 -14.98 -28.47
C GLU F 288 2.54 -15.74 -27.40
N LEU F 289 3.82 -15.37 -27.30
CA LEU F 289 4.80 -16.08 -26.47
C LEU F 289 4.37 -16.27 -25.01
N HIS F 290 3.33 -15.58 -24.54
CA HIS F 290 2.84 -15.86 -23.19
C HIS F 290 2.17 -17.22 -23.08
N THR F 291 1.87 -17.88 -24.21
CA THR F 291 1.43 -19.27 -24.13
C THR F 291 2.56 -20.19 -23.72
N LEU F 292 3.82 -19.77 -23.95
CA LEU F 292 4.96 -20.51 -23.42
C LEU F 292 5.14 -20.20 -21.94
N VAL F 293 5.30 -18.92 -21.60
CA VAL F 293 5.45 -18.52 -20.21
C VAL F 293 4.08 -18.21 -19.61
N ASP F 303 0.80 -26.26 -21.78
CA ASP F 303 1.87 -26.19 -20.78
C ASP F 303 3.22 -26.55 -21.41
N ALA F 304 3.71 -25.67 -22.27
CA ALA F 304 4.99 -25.89 -22.95
C ALA F 304 6.17 -25.29 -22.22
N ALA F 305 5.95 -24.65 -21.07
CA ALA F 305 7.05 -24.04 -20.31
C ALA F 305 8.05 -25.07 -19.81
N SER F 306 7.58 -26.23 -19.35
CA SER F 306 8.47 -27.23 -18.78
C SER F 306 9.35 -27.91 -19.83
N ILE F 307 9.09 -27.70 -21.12
CA ILE F 307 9.80 -28.43 -22.16
C ILE F 307 10.65 -27.48 -23.01
N LEU F 308 10.03 -26.41 -23.53
CA LEU F 308 10.71 -25.59 -24.52
C LEU F 308 11.79 -24.70 -23.92
N LYS F 309 11.67 -24.31 -22.66
CA LYS F 309 12.65 -23.42 -22.04
C LYS F 309 14.06 -24.01 -21.99
N PRO F 310 14.28 -25.27 -21.60
CA PRO F 310 15.64 -25.82 -21.72
C PRO F 310 16.04 -26.17 -23.14
N LYS F 311 15.06 -26.45 -24.01
CA LYS F 311 15.38 -26.80 -25.39
C LYS F 311 15.92 -25.59 -26.14
N LEU F 312 15.38 -24.41 -25.86
CA LEU F 312 15.98 -23.19 -26.39
C LEU F 312 17.28 -22.85 -25.66
N ALA F 313 17.45 -23.31 -24.42
CA ALA F 313 18.71 -23.11 -23.72
C ALA F 313 19.85 -23.86 -24.39
N ARG F 314 19.59 -25.10 -24.84
CA ARG F 314 20.56 -25.77 -25.71
C ARG F 314 20.75 -25.08 -27.05
N GLY F 315 19.81 -24.25 -27.49
CA GLY F 315 19.93 -23.56 -28.75
C GLY F 315 19.67 -24.40 -29.97
N GLU F 316 19.21 -25.64 -29.80
CA GLU F 316 18.87 -26.51 -30.93
C GLU F 316 17.59 -26.07 -31.62
N LEU F 317 16.84 -25.13 -31.05
CA LEU F 317 15.61 -24.63 -31.63
C LEU F 317 15.80 -23.17 -32.01
N GLN F 318 15.70 -22.88 -33.30
CA GLN F 318 15.77 -21.52 -33.81
C GLN F 318 14.35 -21.05 -34.07
N THR F 319 13.89 -20.09 -33.27
CA THR F 319 12.48 -19.75 -33.20
C THR F 319 12.26 -18.27 -33.47
N ILE F 320 11.27 -17.99 -34.31
CA ILE F 320 10.73 -16.65 -34.50
C ILE F 320 9.39 -16.59 -33.78
N GLY F 321 9.06 -15.43 -33.21
CA GLY F 321 7.86 -15.28 -32.40
C GLY F 321 7.15 -13.96 -32.65
N ALA F 322 5.93 -13.88 -32.11
CA ALA F 322 5.10 -12.68 -32.20
C ALA F 322 4.67 -12.31 -30.79
N THR F 323 4.83 -11.04 -30.43
CA THR F 323 4.64 -10.59 -29.07
C THR F 323 4.10 -9.15 -29.09
N THR F 324 3.27 -8.82 -28.12
CA THR F 324 2.86 -7.44 -27.89
C THR F 324 3.84 -6.78 -26.90
N LEU F 325 3.92 -5.46 -26.99
CA LEU F 325 4.92 -4.72 -26.22
C LEU F 325 4.64 -4.82 -24.72
N ASP F 326 3.36 -4.73 -24.33
CA ASP F 326 3.01 -4.83 -22.92
C ASP F 326 3.31 -6.21 -22.36
N GLU F 327 2.96 -7.27 -23.10
CA GLU F 327 3.28 -8.62 -22.68
C GLU F 327 4.78 -8.85 -22.67
N TYR F 328 5.49 -8.25 -23.64
CA TYR F 328 6.95 -8.31 -23.66
C TYR F 328 7.52 -7.75 -22.36
N ARG F 329 7.13 -6.54 -21.97
CA ARG F 329 7.72 -5.94 -20.79
C ARG F 329 7.24 -6.58 -19.50
N LYS F 330 6.08 -7.24 -19.48
CA LYS F 330 5.62 -7.80 -18.21
C LYS F 330 6.02 -9.26 -18.04
N TYR F 331 6.39 -9.98 -19.09
CA TYR F 331 6.95 -11.33 -18.97
C TYR F 331 8.40 -11.45 -19.43
N ILE F 332 8.70 -11.11 -20.68
CA ILE F 332 9.97 -11.51 -21.27
C ILE F 332 11.10 -10.61 -20.79
N GLU F 333 10.84 -9.29 -20.68
CA GLU F 333 11.87 -8.37 -20.21
C GLU F 333 12.28 -8.69 -18.77
N LYS F 334 11.32 -9.07 -17.93
CA LYS F 334 11.63 -9.47 -16.56
C LYS F 334 12.23 -10.87 -16.49
N ASP F 335 12.20 -11.63 -17.58
CA ASP F 335 12.78 -12.98 -17.62
C ASP F 335 14.21 -12.84 -18.11
N ALA F 336 15.16 -13.16 -17.24
CA ALA F 336 16.58 -13.12 -17.60
C ALA F 336 17.00 -14.32 -18.46
N ALA F 337 16.20 -15.39 -18.48
CA ALA F 337 16.54 -16.56 -19.27
C ALA F 337 16.15 -16.42 -20.74
N LEU F 338 15.44 -15.35 -21.11
CA LEU F 338 15.03 -15.14 -22.49
C LEU F 338 15.70 -13.95 -23.16
N GLU F 339 16.13 -12.94 -22.40
CA GLU F 339 16.84 -11.82 -22.98
C GLU F 339 18.19 -12.19 -23.54
N ARG F 340 18.79 -13.29 -23.06
CA ARG F 340 20.04 -13.79 -23.62
C ARG F 340 19.85 -14.49 -24.96
N ARG F 341 18.61 -14.81 -25.33
CA ARG F 341 18.37 -15.56 -26.56
C ARG F 341 17.40 -14.89 -27.51
N PHE F 342 16.57 -13.95 -27.05
CA PHE F 342 15.61 -13.26 -27.90
C PHE F 342 16.03 -11.81 -28.07
N GLN F 343 16.11 -11.37 -29.33
CA GLN F 343 16.51 -10.02 -29.67
C GLN F 343 15.31 -9.27 -30.22
N PRO F 344 14.93 -8.14 -29.64
CA PRO F 344 13.67 -7.50 -30.03
C PRO F 344 13.77 -6.72 -31.33
N VAL F 345 12.76 -6.89 -32.17
CA VAL F 345 12.61 -6.09 -33.39
C VAL F 345 11.23 -5.45 -33.34
N GLN F 346 11.11 -4.27 -33.95
CA GLN F 346 9.89 -3.48 -33.87
C GLN F 346 9.12 -3.57 -35.19
N VAL F 347 7.83 -3.87 -35.08
CA VAL F 347 6.94 -3.87 -36.24
C VAL F 347 5.97 -2.72 -36.08
N GLY F 348 6.32 -1.56 -36.64
CA GLY F 348 5.57 -0.35 -36.41
C GLY F 348 4.28 -0.28 -37.21
N GLU F 349 3.51 0.77 -36.94
CA GLU F 349 2.27 1.00 -37.66
C GLU F 349 2.57 1.38 -39.10
N PRO F 350 1.95 0.73 -40.08
CA PRO F 350 2.12 1.14 -41.48
C PRO F 350 1.51 2.51 -41.73
N THR F 351 2.13 3.25 -42.63
CA THR F 351 1.62 4.57 -42.98
C THR F 351 0.39 4.44 -43.88
N VAL F 352 -0.27 5.57 -44.12
CA VAL F 352 -1.49 5.57 -44.92
C VAL F 352 -1.19 5.15 -46.36
N GLU F 353 -0.12 5.70 -46.95
CA GLU F 353 0.23 5.34 -48.31
C GLU F 353 0.74 3.90 -48.39
N HIS F 354 1.44 3.43 -47.34
CA HIS F 354 1.82 2.03 -47.28
C HIS F 354 0.60 1.14 -47.18
N THR F 355 -0.42 1.57 -46.42
CA THR F 355 -1.67 0.83 -46.36
C THR F 355 -2.35 0.80 -47.73
N ILE F 356 -2.30 1.91 -48.46
CA ILE F 356 -2.87 1.95 -49.81
C ILE F 356 -2.14 0.96 -50.72
N GLU F 357 -0.81 0.92 -50.64
CA GLU F 357 -0.04 -0.01 -51.46
C GLU F 357 -0.34 -1.45 -51.09
N ILE F 358 -0.53 -1.73 -49.81
CA ILE F 358 -0.92 -3.08 -49.37
C ILE F 358 -2.30 -3.43 -49.93
N LEU F 359 -3.22 -2.47 -49.93
CA LEU F 359 -4.54 -2.69 -50.50
C LEU F 359 -4.45 -2.98 -52.00
N LYS F 360 -3.59 -2.25 -52.71
CA LYS F 360 -3.40 -2.55 -54.14
C LYS F 360 -2.81 -3.93 -54.34
N GLY F 361 -1.89 -4.34 -53.46
CA GLY F 361 -1.33 -5.68 -53.58
C GLY F 361 -2.35 -6.79 -53.35
N LEU F 362 -3.22 -6.62 -52.35
CA LEU F 362 -4.24 -7.60 -52.04
C LEU F 362 -5.50 -7.44 -52.90
N ARG F 363 -5.54 -6.42 -53.74
CA ARG F 363 -6.69 -6.18 -54.60
C ARG F 363 -6.95 -7.34 -55.54
N ASP F 364 -5.88 -7.94 -56.09
CA ASP F 364 -6.05 -9.05 -57.01
C ASP F 364 -6.72 -10.24 -56.34
N ARG F 365 -6.22 -10.63 -55.15
CA ARG F 365 -6.80 -11.75 -54.43
C ARG F 365 -8.22 -11.46 -54.00
N TYR F 366 -8.50 -10.24 -53.53
CA TYR F 366 -9.85 -9.96 -53.05
C TYR F 366 -10.84 -9.81 -54.20
N GLU F 367 -10.40 -9.29 -55.35
CA GLU F 367 -11.25 -9.24 -56.52
C GLU F 367 -11.53 -10.64 -57.05
N ALA F 368 -10.53 -11.53 -56.96
CA ALA F 368 -10.76 -12.93 -57.34
C ALA F 368 -11.76 -13.60 -56.40
N HIS F 369 -11.65 -13.32 -55.10
CA HIS F 369 -12.55 -13.96 -54.14
C HIS F 369 -13.96 -13.41 -54.19
N HIS F 370 -14.14 -12.11 -54.43
CA HIS F 370 -15.44 -11.46 -54.38
C HIS F 370 -16.08 -11.29 -55.75
N ARG F 371 -15.38 -11.67 -56.83
CA ARG F 371 -15.75 -11.43 -58.24
C ARG F 371 -16.36 -10.04 -58.46
N VAL F 372 -15.76 -9.04 -57.81
CA VAL F 372 -16.18 -7.65 -57.95
C VAL F 372 -14.95 -6.84 -58.30
N SER F 373 -15.16 -5.71 -58.98
CA SER F 373 -14.10 -4.79 -59.35
C SER F 373 -14.11 -3.62 -58.38
N ILE F 374 -12.93 -3.23 -57.91
CA ILE F 374 -12.79 -2.19 -56.89
C ILE F 374 -11.91 -1.08 -57.43
N THR F 375 -12.29 0.16 -57.13
CA THR F 375 -11.63 1.36 -57.62
C THR F 375 -10.51 1.78 -56.68
N ASP F 376 -9.43 2.34 -57.23
CA ASP F 376 -8.34 2.86 -56.41
C ASP F 376 -8.84 3.95 -55.47
N ALA F 377 -9.81 4.75 -55.94
CA ALA F 377 -10.45 5.73 -55.08
C ALA F 377 -11.11 5.05 -53.88
N ALA F 378 -11.68 3.87 -54.09
CA ALA F 378 -12.31 3.13 -52.99
C ALA F 378 -11.27 2.72 -51.94
N MET F 379 -10.10 2.22 -52.37
CA MET F 379 -9.08 1.86 -51.39
C MET F 379 -8.55 3.08 -50.65
N VAL F 380 -8.27 4.18 -51.35
CA VAL F 380 -7.70 5.33 -50.64
C VAL F 380 -8.73 5.94 -49.69
N ALA F 381 -10.00 6.01 -50.10
CA ALA F 381 -11.05 6.51 -49.23
C ALA F 381 -11.25 5.58 -48.03
N ALA F 382 -11.19 4.27 -48.27
CA ALA F 382 -11.33 3.31 -47.18
C ALA F 382 -10.20 3.45 -46.17
N ALA F 383 -8.97 3.62 -46.66
CA ALA F 383 -7.84 3.80 -45.75
C ALA F 383 -7.98 5.08 -44.92
N THR F 384 -8.33 6.18 -45.58
CA THR F 384 -8.45 7.46 -44.86
C THR F 384 -9.58 7.41 -43.84
N LEU F 385 -10.75 6.91 -44.24
CA LEU F 385 -11.88 6.89 -43.32
C LEU F 385 -11.71 5.85 -42.23
N ALA F 386 -10.98 4.77 -42.50
CA ALA F 386 -10.66 3.80 -41.46
C ALA F 386 -9.72 4.41 -40.43
N ASP F 387 -8.70 5.14 -40.89
CA ASP F 387 -7.81 5.82 -39.96
C ASP F 387 -8.56 6.89 -39.16
N ARG F 388 -9.57 7.51 -39.78
CA ARG F 388 -10.24 8.65 -39.14
C ARG F 388 -11.32 8.21 -38.16
N TYR F 389 -12.22 7.32 -38.56
CA TYR F 389 -13.40 6.98 -37.78
C TYR F 389 -13.25 5.75 -36.89
N ILE F 390 -12.21 4.96 -37.07
CA ILE F 390 -12.10 3.69 -36.35
C ILE F 390 -10.94 3.79 -35.35
N ASN F 391 -11.19 3.30 -34.15
CA ASN F 391 -10.28 3.43 -33.01
C ASN F 391 -9.75 2.10 -32.50
N ASP F 392 -10.59 1.09 -32.36
CA ASP F 392 -10.19 -0.16 -31.73
C ASP F 392 -9.24 -0.99 -32.60
N ARG F 393 -9.37 -0.93 -33.91
CA ARG F 393 -8.48 -1.64 -34.83
C ARG F 393 -7.53 -0.65 -35.49
N PHE F 394 -6.46 -1.18 -36.06
CA PHE F 394 -5.40 -0.36 -36.65
C PHE F 394 -5.00 -0.91 -38.01
N LEU F 395 -4.20 -0.11 -38.71
CA LEU F 395 -3.75 -0.46 -40.05
C LEU F 395 -2.83 -1.67 -40.01
N PRO F 396 -2.84 -2.52 -41.06
CA PRO F 396 -3.70 -2.48 -42.24
C PRO F 396 -4.87 -3.45 -42.15
N ASP F 397 -5.01 -4.15 -41.01
CA ASP F 397 -6.15 -5.04 -40.81
C ASP F 397 -7.46 -4.26 -40.78
N LYS F 398 -7.42 -3.05 -40.23
CA LYS F 398 -8.62 -2.21 -40.12
C LYS F 398 -9.18 -1.86 -41.49
N ALA F 399 -8.33 -1.48 -42.44
CA ALA F 399 -8.78 -1.14 -43.79
C ALA F 399 -9.10 -2.37 -44.63
N ILE F 400 -8.34 -3.46 -44.47
CA ILE F 400 -8.66 -4.66 -45.23
C ILE F 400 -9.96 -5.27 -44.75
N ASP F 401 -10.31 -5.05 -43.47
CA ASP F 401 -11.63 -5.44 -42.99
C ASP F 401 -12.72 -4.65 -43.70
N LEU F 402 -12.49 -3.35 -43.90
CA LEU F 402 -13.44 -2.53 -44.65
C LEU F 402 -13.60 -3.03 -46.08
N ILE F 403 -12.48 -3.37 -46.72
CA ILE F 403 -12.52 -3.84 -48.11
C ILE F 403 -13.26 -5.17 -48.20
N ASP F 404 -12.95 -6.11 -47.31
CA ASP F 404 -13.64 -7.39 -47.28
C ASP F 404 -15.12 -7.20 -47.01
N GLU F 405 -15.46 -6.28 -46.10
CA GLU F 405 -16.84 -6.05 -45.72
C GLU F 405 -17.64 -5.48 -46.89
N ALA F 406 -17.03 -4.55 -47.64
CA ALA F 406 -17.70 -3.96 -48.81
C ALA F 406 -17.84 -4.98 -49.93
N GLY F 407 -16.82 -5.82 -50.14
CA GLY F 407 -16.93 -6.85 -51.16
C GLY F 407 -18.03 -7.85 -50.84
N ALA F 408 -18.12 -8.25 -49.57
CA ALA F 408 -19.22 -9.10 -49.14
C ALA F 408 -20.56 -8.40 -49.26
N ARG F 409 -20.60 -7.08 -49.04
CA ARG F 409 -21.83 -6.32 -49.21
C ARG F 409 -22.29 -6.38 -50.67
N MET F 410 -21.35 -6.24 -51.61
CA MET F 410 -21.72 -6.37 -53.02
C MET F 410 -22.14 -7.79 -53.37
N ARG F 411 -21.50 -8.80 -52.77
CA ARG F 411 -21.91 -10.17 -52.99
C ARG F 411 -23.34 -10.42 -52.51
N ILE F 412 -23.69 -9.84 -51.35
CA ILE F 412 -25.05 -9.99 -50.83
C ILE F 412 -26.04 -9.19 -51.68
N ARG F 413 -25.65 -7.98 -52.10
CA ARG F 413 -26.56 -7.12 -52.85
C ARG F 413 -26.88 -7.71 -54.22
N ARG F 414 -25.86 -8.23 -54.91
CA ARG F 414 -26.09 -8.81 -56.23
C ARG F 414 -26.95 -10.06 -56.13
N MET F 415 -26.67 -10.93 -55.16
CA MET F 415 -27.36 -12.21 -55.10
C MET F 415 -28.71 -12.10 -54.43
N THR F 416 -29.00 -10.93 -53.78
CA THR F 416 -30.39 -10.50 -53.49
C THR F 416 -31.24 -10.43 -54.76
N ALA F 417 -32.45 -10.94 -54.68
CA ALA F 417 -33.42 -11.01 -55.76
C ALA F 417 -34.49 -9.96 -55.58
N PRO F 418 -35.13 -9.52 -56.67
CA PRO F 418 -36.23 -8.55 -56.56
C PRO F 418 -37.42 -9.16 -55.82
N PRO F 419 -38.19 -8.33 -55.12
CA PRO F 419 -39.33 -8.85 -54.35
C PRO F 419 -40.42 -9.40 -55.26
N ASP F 420 -41.16 -10.36 -54.72
CA ASP F 420 -42.27 -10.98 -55.43
C ASP F 420 -43.61 -10.59 -54.82
N VAL F 475 -21.76 -10.09 -64.52
CA VAL F 475 -22.49 -8.91 -64.05
C VAL F 475 -21.51 -7.88 -63.51
N VAL F 476 -21.61 -6.66 -64.04
CA VAL F 476 -20.71 -5.57 -63.66
C VAL F 476 -21.06 -5.05 -62.27
N ALA F 477 -20.05 -4.89 -61.41
CA ALA F 477 -20.24 -4.32 -60.08
C ALA F 477 -18.98 -3.57 -59.66
N GLU F 478 -19.15 -2.47 -58.92
CA GLU F 478 -18.01 -1.61 -58.60
C GLU F 478 -18.17 -1.11 -57.17
N VAL F 479 -17.20 -1.46 -56.31
CA VAL F 479 -17.15 -0.92 -54.96
C VAL F 479 -16.63 0.51 -55.03
N ASP F 480 -17.34 1.45 -54.40
CA ASP F 480 -16.95 2.85 -54.48
C ASP F 480 -16.83 3.49 -53.10
N ASP F 481 -16.62 4.81 -53.07
CA ASP F 481 -16.43 5.52 -51.82
C ASP F 481 -17.70 5.54 -50.98
N GLU F 482 -18.85 5.69 -51.62
CA GLU F 482 -20.11 5.71 -50.88
C GLU F 482 -20.38 4.38 -50.22
N GLN F 483 -19.92 3.29 -50.85
CA GLN F 483 -20.09 1.96 -50.26
C GLN F 483 -19.30 1.84 -48.96
N ILE F 484 -18.04 2.29 -48.96
CA ILE F 484 -17.24 2.28 -47.75
C ILE F 484 -17.85 3.20 -46.70
N ALA F 485 -18.42 4.33 -47.14
CA ALA F 485 -19.06 5.26 -46.21
C ALA F 485 -20.24 4.61 -45.51
N GLU F 486 -21.10 3.92 -46.26
CA GLU F 486 -22.26 3.30 -45.61
C GLU F 486 -21.85 2.08 -44.80
N VAL F 487 -20.75 1.42 -45.18
CA VAL F 487 -20.25 0.31 -44.39
C VAL F 487 -19.74 0.80 -43.03
N LEU F 488 -18.97 1.89 -43.02
CA LEU F 488 -18.50 2.42 -41.74
C LEU F 488 -19.64 3.02 -40.94
N GLY F 489 -20.68 3.53 -41.62
CA GLY F 489 -21.87 3.95 -40.92
C GLY F 489 -22.59 2.79 -40.25
N ASN F 490 -22.62 1.63 -40.91
CA ASN F 490 -23.13 0.42 -40.28
C ASN F 490 -22.27 -0.01 -39.12
N TRP F 491 -20.95 0.16 -39.24
CA TRP F 491 -20.03 -0.25 -38.18
C TRP F 491 -20.20 0.61 -36.93
N THR F 492 -19.94 1.91 -37.05
CA THR F 492 -19.89 2.81 -35.91
C THR F 492 -21.25 3.39 -35.55
N GLY F 493 -22.29 3.09 -36.32
CA GLY F 493 -23.58 3.71 -36.08
C GLY F 493 -23.57 5.21 -36.34
N ILE F 494 -22.79 5.65 -37.33
CA ILE F 494 -22.65 7.08 -37.63
C ILE F 494 -23.49 7.37 -38.86
N PRO F 495 -24.06 8.58 -39.00
CA PRO F 495 -24.74 8.93 -40.26
C PRO F 495 -23.75 9.10 -41.39
N VAL F 496 -24.25 9.08 -42.63
CA VAL F 496 -23.40 9.18 -43.82
C VAL F 496 -23.74 10.38 -44.69
N PHE F 497 -24.82 11.10 -44.41
CA PHE F 497 -25.23 12.21 -45.26
C PHE F 497 -24.28 13.39 -45.08
N LYS F 498 -23.40 13.57 -46.06
CA LYS F 498 -22.49 14.70 -46.33
C LYS F 498 -21.49 14.95 -45.20
N LEU F 499 -21.52 14.17 -44.11
CA LEU F 499 -20.53 14.36 -43.07
C LEU F 499 -19.30 13.49 -43.30
N THR F 500 -19.48 12.32 -43.92
CA THR F 500 -18.37 11.48 -44.34
C THR F 500 -18.02 11.90 -45.78
N GLU F 501 -17.63 13.16 -45.90
CA GLU F 501 -17.42 13.80 -47.20
C GLU F 501 -16.32 14.83 -47.05
N ALA F 502 -16.24 15.76 -48.01
CA ALA F 502 -15.25 16.84 -47.99
C ALA F 502 -15.31 17.64 -46.69
N GLU F 503 -14.21 17.64 -45.94
CA GLU F 503 -14.17 18.33 -44.66
C GLU F 503 -14.15 19.85 -44.82
N THR F 504 -13.86 20.35 -46.01
CA THR F 504 -13.93 21.79 -46.25
C THR F 504 -15.34 22.31 -46.06
N THR F 505 -16.32 21.57 -46.58
CA THR F 505 -17.72 21.95 -46.38
C THR F 505 -18.10 21.92 -44.91
N ARG F 506 -17.58 20.94 -44.16
CA ARG F 506 -17.89 20.84 -42.74
C ARG F 506 -17.26 21.99 -41.95
N LEU F 507 -16.03 22.38 -42.29
CA LEU F 507 -15.39 23.47 -41.56
C LEU F 507 -15.95 24.83 -41.94
N LEU F 508 -16.50 24.99 -43.16
CA LEU F 508 -17.06 26.29 -43.51
C LEU F 508 -18.45 26.53 -42.94
N ARG F 509 -19.16 25.48 -42.48
CA ARG F 509 -20.52 25.64 -41.99
C ARG F 509 -20.60 25.68 -40.47
N MET F 510 -19.47 25.88 -39.79
CA MET F 510 -19.46 25.68 -38.34
C MET F 510 -20.23 26.78 -37.61
N GLU F 511 -20.26 27.99 -38.18
CA GLU F 511 -20.78 29.14 -37.45
C GLU F 511 -22.25 28.98 -37.08
N GLU F 512 -23.08 28.47 -38.00
CA GLU F 512 -24.49 28.31 -37.68
C GLU F 512 -24.73 27.13 -36.74
N GLU F 513 -23.96 26.06 -36.88
CA GLU F 513 -24.16 24.91 -36.00
C GLU F 513 -23.56 25.10 -34.62
N LEU F 514 -22.76 26.15 -34.41
CA LEU F 514 -22.43 26.54 -33.05
C LEU F 514 -23.37 27.62 -32.54
N HIS F 515 -23.84 28.52 -33.41
CA HIS F 515 -24.83 29.51 -33.00
C HIS F 515 -26.15 28.85 -32.60
N LYS F 516 -26.44 27.65 -33.11
CA LYS F 516 -27.60 26.91 -32.61
C LYS F 516 -27.37 26.44 -31.17
N ARG F 517 -26.11 26.38 -30.73
CA ARG F 517 -25.78 26.00 -29.36
C ARG F 517 -25.20 27.17 -28.57
N ILE F 518 -24.13 27.79 -29.07
CA ILE F 518 -23.57 28.96 -28.38
C ILE F 518 -24.47 30.17 -28.66
N ILE F 519 -24.40 31.14 -27.74
CA ILE F 519 -25.22 32.34 -27.81
C ILE F 519 -24.30 33.54 -27.72
N GLY F 520 -24.41 34.45 -28.69
CA GLY F 520 -23.56 35.61 -28.71
C GLY F 520 -22.11 35.23 -28.99
N GLN F 521 -21.20 36.10 -28.57
CA GLN F 521 -19.76 35.91 -28.74
C GLN F 521 -19.40 35.67 -30.20
N GLU F 522 -20.05 36.42 -31.10
CA GLU F 522 -19.85 36.21 -32.54
C GLU F 522 -18.43 36.52 -32.96
N ASP F 523 -17.79 37.51 -32.32
CA ASP F 523 -16.38 37.78 -32.61
C ASP F 523 -15.50 36.59 -32.24
N ALA F 524 -15.76 35.99 -31.08
CA ALA F 524 -15.01 34.80 -30.68
C ALA F 524 -15.32 33.62 -31.59
N VAL F 525 -16.58 33.52 -32.04
CA VAL F 525 -16.97 32.43 -32.94
C VAL F 525 -16.21 32.54 -34.25
N LYS F 526 -16.19 33.73 -34.85
CA LYS F 526 -15.46 33.91 -36.10
C LYS F 526 -13.94 33.79 -35.90
N ALA F 527 -13.42 34.22 -34.76
CA ALA F 527 -11.99 34.07 -34.50
C ALA F 527 -11.59 32.60 -34.40
N VAL F 528 -12.33 31.82 -33.60
CA VAL F 528 -12.01 30.40 -33.50
C VAL F 528 -12.30 29.69 -34.82
N SER F 529 -13.26 30.20 -35.59
CA SER F 529 -13.54 29.63 -36.91
C SER F 529 -12.34 29.79 -37.84
N LYS F 530 -11.83 31.02 -37.97
CA LYS F 530 -10.69 31.23 -38.85
C LYS F 530 -9.45 30.52 -38.32
N ALA F 531 -9.32 30.39 -37.00
CA ALA F 531 -8.17 29.69 -36.43
C ALA F 531 -8.21 28.21 -36.77
N ILE F 532 -9.36 27.56 -36.55
CA ILE F 532 -9.44 26.13 -36.86
C ILE F 532 -9.35 25.90 -38.37
N ARG F 533 -9.86 26.85 -39.17
CA ARG F 533 -9.76 26.72 -40.62
C ARG F 533 -8.30 26.79 -41.07
N ARG F 534 -7.52 27.72 -40.52
CA ARG F 534 -6.13 27.85 -40.95
C ARG F 534 -5.22 26.81 -40.32
N THR F 535 -5.65 26.17 -39.23
CA THR F 535 -4.79 25.19 -38.56
C THR F 535 -5.06 23.75 -38.97
N ARG F 536 -6.32 23.33 -39.03
CA ARG F 536 -6.61 21.92 -39.24
C ARG F 536 -6.51 21.50 -40.71
N ALA F 537 -6.30 22.44 -41.63
CA ALA F 537 -6.27 22.14 -43.06
C ALA F 537 -4.94 21.53 -43.50
N GLY F 538 -4.04 21.19 -42.58
CA GLY F 538 -2.76 20.64 -42.93
C GLY F 538 -1.71 21.65 -43.34
N LEU F 539 -2.05 22.94 -43.33
CA LEU F 539 -1.08 23.97 -43.70
C LEU F 539 -0.06 24.20 -42.61
N LYS F 540 -0.36 23.80 -41.37
CA LYS F 540 0.60 23.83 -40.29
C LYS F 540 1.51 22.60 -40.39
N ASP F 541 2.57 22.60 -39.60
CA ASP F 541 3.55 21.51 -39.62
C ASP F 541 2.90 20.18 -39.25
N PRO F 542 3.16 19.10 -39.98
CA PRO F 542 2.50 17.82 -39.70
C PRO F 542 3.05 17.06 -38.51
N LYS F 543 3.99 17.64 -37.76
CA LYS F 543 4.55 17.02 -36.57
C LYS F 543 4.08 17.79 -35.31
N ARG F 544 3.04 18.58 -35.46
CA ARG F 544 2.55 19.44 -34.40
C ARG F 544 1.07 19.18 -34.19
N PRO F 545 0.53 19.52 -33.02
CA PRO F 545 -0.92 19.34 -32.80
C PRO F 545 -1.75 20.19 -33.74
N SER F 546 -3.00 19.75 -33.94
CA SER F 546 -3.87 20.38 -34.93
C SER F 546 -4.28 21.79 -34.55
N GLY F 547 -4.05 22.21 -33.30
CA GLY F 547 -4.37 23.57 -32.92
C GLY F 547 -4.14 23.79 -31.44
N SER F 548 -4.00 25.06 -31.07
CA SER F 548 -3.81 25.47 -29.68
C SER F 548 -4.58 26.77 -29.48
N PHE F 549 -5.53 26.77 -28.56
CA PHE F 549 -6.45 27.89 -28.37
C PHE F 549 -6.35 28.43 -26.94
N ILE F 550 -6.60 29.74 -26.82
CA ILE F 550 -6.67 30.41 -25.53
C ILE F 550 -8.06 31.01 -25.40
N PHE F 551 -8.80 30.62 -24.36
CA PHE F 551 -10.13 31.15 -24.10
C PHE F 551 -10.07 31.98 -22.83
N ALA F 552 -9.86 33.28 -22.99
CA ALA F 552 -9.81 34.20 -21.87
C ALA F 552 -11.17 34.82 -21.61
N GLY F 553 -11.61 34.82 -20.36
CA GLY F 553 -12.89 35.37 -19.99
C GLY F 553 -13.40 34.81 -18.69
N PRO F 554 -14.60 35.24 -18.27
CA PRO F 554 -15.18 34.73 -17.04
C PRO F 554 -15.57 33.26 -17.17
N SER F 555 -15.62 32.58 -16.02
CA SER F 555 -15.87 31.14 -16.02
C SER F 555 -17.36 30.84 -16.17
N GLY F 556 -17.68 29.87 -17.01
CA GLY F 556 -19.05 29.39 -17.14
C GLY F 556 -19.99 30.31 -17.87
N VAL F 557 -19.48 31.35 -18.54
CA VAL F 557 -20.32 32.31 -19.24
C VAL F 557 -20.48 31.97 -20.71
N GLY F 558 -19.97 30.82 -21.14
CA GLY F 558 -20.09 30.43 -22.53
C GLY F 558 -18.86 29.76 -23.09
N LYS F 559 -17.70 30.01 -22.50
CA LYS F 559 -16.47 29.38 -22.99
C LYS F 559 -16.50 27.87 -22.77
N THR F 560 -17.07 27.42 -21.65
CA THR F 560 -17.33 26.00 -21.48
C THR F 560 -18.37 25.52 -22.48
N GLU F 561 -19.42 26.31 -22.69
CA GLU F 561 -20.43 25.97 -23.69
C GLU F 561 -19.84 25.99 -25.10
N LEU F 562 -18.93 26.94 -25.37
CA LEU F 562 -18.26 26.97 -26.67
C LEU F 562 -17.37 25.74 -26.85
N SER F 563 -16.70 25.31 -25.79
CA SER F 563 -15.90 24.09 -25.86
C SER F 563 -16.77 22.87 -26.15
N LYS F 564 -17.93 22.78 -25.49
CA LYS F 564 -18.86 21.69 -25.77
C LYS F 564 -19.37 21.76 -27.21
N ALA F 565 -19.61 22.97 -27.72
CA ALA F 565 -20.03 23.14 -29.11
C ALA F 565 -18.95 22.68 -30.08
N LEU F 566 -17.68 23.00 -29.78
CA LEU F 566 -16.58 22.51 -30.60
C LEU F 566 -16.49 21.00 -30.56
N ALA F 567 -16.71 20.41 -29.37
CA ALA F 567 -16.71 18.96 -29.25
C ALA F 567 -17.81 18.32 -30.08
N ASN F 568 -19.00 18.93 -30.07
CA ASN F 568 -20.13 18.39 -30.82
C ASN F 568 -20.07 18.73 -32.30
N PHE F 569 -19.22 19.67 -32.69
CA PHE F 569 -19.08 19.99 -34.11
C PHE F 569 -17.96 19.17 -34.75
N LEU F 570 -16.75 19.26 -34.20
CA LEU F 570 -15.61 18.59 -34.82
C LEU F 570 -15.67 17.08 -34.63
N PHE F 571 -16.29 16.61 -33.56
CA PHE F 571 -16.34 15.19 -33.26
C PHE F 571 -17.72 14.67 -32.87
N GLY F 572 -18.69 15.55 -32.63
CA GLY F 572 -20.05 15.12 -32.44
C GLY F 572 -20.42 14.68 -31.04
N ASP F 573 -19.47 14.63 -30.11
CA ASP F 573 -19.71 14.06 -28.79
C ASP F 573 -19.23 15.00 -27.70
N ASP F 574 -20.08 15.19 -26.69
CA ASP F 574 -19.65 15.87 -25.47
C ASP F 574 -18.62 15.03 -24.71
N ASP F 575 -18.82 13.71 -24.68
CA ASP F 575 -17.87 12.82 -24.02
C ASP F 575 -16.54 12.75 -24.73
N ALA F 576 -16.46 13.17 -26.00
CA ALA F 576 -15.16 13.33 -26.66
C ALA F 576 -14.32 14.39 -25.96
N LEU F 577 -14.95 15.47 -25.54
CA LEU F 577 -14.26 16.49 -24.76
C LEU F 577 -13.85 15.91 -23.40
N ILE F 578 -12.56 15.69 -23.22
CA ILE F 578 -12.04 15.13 -21.98
C ILE F 578 -11.77 16.27 -21.01
N GLN F 579 -12.23 16.11 -19.78
CA GLN F 579 -12.20 17.19 -18.79
C GLN F 579 -10.93 17.08 -17.96
N ILE F 580 -10.06 18.07 -18.07
CA ILE F 580 -8.86 18.20 -17.25
C ILE F 580 -8.83 19.61 -16.69
N ASP F 581 -8.75 19.73 -15.37
CA ASP F 581 -8.73 21.01 -14.68
C ASP F 581 -7.50 21.06 -13.79
N MET F 582 -6.65 22.07 -14.00
CA MET F 582 -5.44 22.21 -13.20
C MET F 582 -5.72 22.72 -11.80
N GLY F 583 -6.93 23.18 -11.52
CA GLY F 583 -7.31 23.44 -10.13
C GLY F 583 -7.31 22.19 -9.30
N GLU F 584 -7.68 21.05 -9.90
CA GLU F 584 -7.57 19.75 -9.24
C GLU F 584 -6.13 19.37 -8.97
N PHE F 585 -5.23 19.60 -9.92
CA PHE F 585 -3.82 19.22 -9.81
C PHE F 585 -3.03 20.44 -9.36
N HIS F 586 -2.95 20.63 -8.03
CA HIS F 586 -2.21 21.74 -7.45
C HIS F 586 -0.88 21.30 -6.86
N ASP F 587 -0.62 19.99 -6.80
CA ASP F 587 0.60 19.47 -6.21
C ASP F 587 1.29 18.54 -7.20
N ARG F 588 2.49 18.11 -6.83
CA ARG F 588 3.29 17.23 -7.69
C ARG F 588 2.66 15.85 -7.80
N PHE F 589 2.01 15.37 -6.73
CA PHE F 589 1.51 14.01 -6.69
C PHE F 589 0.47 13.74 -7.77
N THR F 590 -0.45 14.68 -7.96
CA THR F 590 -1.42 14.57 -9.04
C THR F 590 -0.88 15.09 -10.37
N ALA F 591 0.24 15.81 -10.36
CA ALA F 591 0.82 16.31 -11.60
C ALA F 591 1.54 15.22 -12.38
N SER F 592 2.18 14.28 -11.67
CA SER F 592 2.92 13.21 -12.34
C SER F 592 2.00 12.22 -13.04
N ARG F 593 0.71 12.23 -12.73
CA ARG F 593 -0.26 11.37 -13.39
C ARG F 593 -0.42 11.68 -14.88
N LEU F 594 -0.09 12.89 -15.30
CA LEU F 594 -0.21 13.30 -16.70
C LEU F 594 0.76 12.49 -17.57
N GLN F 609 -4.96 9.43 -15.20
CA GLN F 609 -6.27 9.42 -15.83
C GLN F 609 -6.23 10.07 -17.21
N LEU F 610 -5.25 10.95 -17.41
CA LEU F 610 -5.12 11.73 -18.64
C LEU F 610 -4.71 10.89 -19.84
N THR F 611 -3.76 9.97 -19.67
CA THR F 611 -3.24 9.21 -20.79
C THR F 611 -4.29 8.23 -21.33
N GLU F 612 -5.00 7.55 -20.43
CA GLU F 612 -5.98 6.57 -20.89
C GLU F 612 -7.22 7.24 -21.47
N LYS F 613 -7.55 8.44 -21.02
CA LYS F 613 -8.76 9.10 -21.53
C LYS F 613 -8.54 9.66 -22.92
N VAL F 614 -7.29 9.88 -23.33
CA VAL F 614 -7.03 10.26 -24.71
C VAL F 614 -6.69 9.04 -25.56
N ARG F 615 -6.08 8.00 -24.97
CA ARG F 615 -5.91 6.74 -25.67
C ARG F 615 -7.25 6.09 -26.00
N ARG F 616 -8.28 6.37 -25.19
CA ARG F 616 -9.62 5.85 -25.47
C ARG F 616 -10.19 6.43 -26.76
N LYS F 617 -9.92 7.70 -27.03
CA LYS F 617 -10.50 8.38 -28.19
C LYS F 617 -9.50 9.45 -28.64
N PRO F 618 -8.52 9.07 -29.47
CA PRO F 618 -7.53 10.05 -29.93
C PRO F 618 -8.11 11.17 -30.76
N PHE F 619 -9.16 10.92 -31.55
CA PHE F 619 -9.84 11.96 -32.31
C PHE F 619 -10.82 12.68 -31.40
N SER F 620 -10.27 13.48 -30.50
CA SER F 620 -11.07 14.18 -29.51
C SER F 620 -10.37 15.46 -29.07
N VAL F 621 -11.16 16.47 -28.73
CA VAL F 621 -10.59 17.70 -28.19
C VAL F 621 -10.14 17.48 -26.75
N VAL F 622 -9.29 18.37 -26.27
CA VAL F 622 -8.80 18.33 -24.90
C VAL F 622 -9.15 19.64 -24.22
N LEU F 623 -9.48 19.56 -22.93
CA LEU F 623 -9.84 20.72 -22.14
C LEU F 623 -8.81 20.96 -21.04
N PHE F 624 -8.52 22.22 -20.78
CA PHE F 624 -7.59 22.63 -19.72
C PHE F 624 -8.13 23.91 -19.08
N ASP F 625 -8.54 23.80 -17.82
CA ASP F 625 -9.16 24.92 -17.12
C ASP F 625 -8.24 25.45 -16.03
N GLU F 626 -8.25 26.78 -15.86
CA GLU F 626 -7.47 27.49 -14.85
C GLU F 626 -5.97 27.21 -15.02
N ILE F 627 -5.46 27.66 -16.16
CA ILE F 627 -4.04 27.56 -16.47
C ILE F 627 -3.20 28.37 -15.50
N GLU F 628 -3.76 29.46 -14.94
CA GLU F 628 -3.01 30.33 -14.04
C GLU F 628 -2.52 29.61 -12.80
N LYS F 629 -3.23 28.57 -12.36
CA LYS F 629 -2.86 27.82 -11.17
C LYS F 629 -2.23 26.47 -11.49
N ALA F 630 -1.71 26.30 -12.71
CA ALA F 630 -1.09 25.04 -13.09
C ALA F 630 0.26 24.87 -12.40
N HIS F 631 0.60 23.60 -12.15
CA HIS F 631 1.87 23.28 -11.51
C HIS F 631 3.03 23.49 -12.49
N GLN F 632 4.23 23.65 -11.93
CA GLN F 632 5.41 23.87 -12.77
C GLN F 632 5.79 22.60 -13.53
N GLU F 633 5.59 21.44 -12.92
CA GLU F 633 5.78 20.18 -13.64
C GLU F 633 4.75 20.04 -14.75
N ILE F 634 3.50 20.45 -14.48
CA ILE F 634 2.48 20.51 -15.52
C ILE F 634 2.90 21.47 -16.62
N TYR F 635 3.50 22.61 -16.24
CA TYR F 635 4.00 23.57 -17.21
C TYR F 635 5.06 22.94 -18.11
N ASN F 636 6.01 22.21 -17.52
CA ASN F 636 7.09 21.59 -18.29
C ASN F 636 6.55 20.51 -19.23
N SER F 637 5.65 19.66 -18.72
CA SER F 637 5.09 18.59 -19.56
C SER F 637 4.26 19.17 -20.70
N LEU F 638 3.49 20.22 -20.43
CA LEU F 638 2.68 20.82 -21.48
C LEU F 638 3.55 21.56 -22.49
N LEU F 639 4.65 22.14 -22.03
CA LEU F 639 5.62 22.73 -22.96
C LEU F 639 6.24 21.67 -23.86
N GLN F 640 6.57 20.50 -23.29
CA GLN F 640 7.07 19.39 -24.10
C GLN F 640 6.04 18.95 -25.13
N VAL F 641 4.78 18.84 -24.72
CA VAL F 641 3.70 18.47 -25.63
C VAL F 641 3.56 19.50 -26.74
N LEU F 642 3.66 20.80 -26.39
CA LEU F 642 3.59 21.85 -27.39
C LEU F 642 4.74 21.75 -28.38
N GLU F 643 5.95 21.46 -27.90
CA GLU F 643 7.12 21.45 -28.77
C GLU F 643 7.11 20.25 -29.71
N ASP F 644 7.17 19.03 -29.15
CA ASP F 644 7.35 17.87 -30.03
C ASP F 644 6.03 17.37 -30.62
N GLY F 645 4.89 17.83 -30.12
CA GLY F 645 3.62 17.31 -30.57
C GLY F 645 3.29 15.92 -30.04
N ARG F 646 4.01 15.45 -29.04
CA ARG F 646 3.88 14.10 -28.50
C ARG F 646 3.89 14.18 -26.97
N LEU F 647 3.63 13.05 -26.32
CA LEU F 647 3.72 12.95 -24.87
C LEU F 647 4.39 11.63 -24.52
N THR F 648 5.34 11.69 -23.59
CA THR F 648 6.05 10.50 -23.12
C THR F 648 5.49 10.15 -21.74
N ASP F 649 4.49 9.26 -21.74
CA ASP F 649 3.82 8.88 -20.50
C ASP F 649 4.68 7.90 -19.70
N GLY F 650 4.20 7.58 -18.50
CA GLY F 650 4.87 6.56 -17.70
C GLY F 650 4.76 5.18 -18.29
N GLN F 651 3.71 4.93 -19.08
CA GLN F 651 3.59 3.66 -19.80
C GLN F 651 4.69 3.54 -20.85
N GLY F 652 5.01 4.62 -21.55
CA GLY F 652 6.06 4.61 -22.54
C GLY F 652 5.56 4.53 -23.97
N ARG F 653 4.43 5.17 -24.24
CA ARG F 653 3.83 5.18 -25.58
C ARG F 653 3.81 6.61 -26.10
N THR F 654 4.12 6.77 -27.38
CA THR F 654 4.09 8.07 -28.04
C THR F 654 2.64 8.50 -28.23
N VAL F 655 2.16 9.41 -27.38
CA VAL F 655 0.76 9.82 -27.43
C VAL F 655 0.55 10.76 -28.60
N ASP F 656 -0.17 10.28 -29.61
CA ASP F 656 -0.35 11.03 -30.86
C ASP F 656 -1.27 12.22 -30.62
N PHE F 657 -0.87 13.39 -31.13
CA PHE F 657 -1.63 14.62 -31.02
C PHE F 657 -1.91 15.27 -32.37
N LYS F 658 -1.66 14.55 -33.47
CA LYS F 658 -1.91 15.10 -34.79
C LYS F 658 -3.39 15.37 -35.01
N ASN F 659 -4.27 14.64 -34.31
CA ASN F 659 -5.71 14.84 -34.39
C ASN F 659 -6.29 15.61 -33.22
N THR F 660 -5.51 15.84 -32.16
CA THR F 660 -6.01 16.57 -31.01
C THR F 660 -5.74 18.06 -31.15
N VAL F 661 -6.71 18.87 -30.74
CA VAL F 661 -6.60 20.33 -30.74
C VAL F 661 -6.58 20.79 -29.29
N LEU F 662 -5.69 21.74 -28.97
CA LEU F 662 -5.50 22.20 -27.61
C LEU F 662 -6.45 23.35 -27.30
N ILE F 663 -7.20 23.22 -26.22
CA ILE F 663 -8.10 24.27 -25.74
C ILE F 663 -7.68 24.64 -24.32
N PHE F 664 -7.38 25.92 -24.11
CA PHE F 664 -6.95 26.42 -22.80
C PHE F 664 -7.97 27.44 -22.33
N THR F 665 -8.86 27.02 -21.44
CA THR F 665 -9.89 27.88 -20.90
C THR F 665 -9.36 28.53 -19.62
N SER F 666 -9.21 29.86 -19.65
CA SER F 666 -8.58 30.56 -18.55
C SER F 666 -9.42 31.76 -18.16
N ASN F 667 -9.27 32.20 -16.92
CA ASN F 667 -9.97 33.36 -16.39
C ASN F 667 -9.05 34.55 -16.19
N LEU F 668 -7.99 34.64 -16.97
CA LEU F 668 -7.05 35.74 -16.86
C LEU F 668 -7.69 37.04 -17.33
N GLY F 669 -7.46 38.12 -16.58
CA GLY F 669 -8.06 39.40 -16.88
C GLY F 669 -9.51 39.54 -16.46
N THR F 670 -10.08 38.52 -15.83
CA THR F 670 -11.48 38.54 -15.43
C THR F 670 -11.64 38.08 -13.98
N GLU F 687 -15.65 48.30 -28.15
CA GLU F 687 -14.49 47.61 -28.71
C GLU F 687 -13.20 48.19 -28.15
N ASN F 688 -13.19 49.51 -27.93
CA ASN F 688 -12.02 50.16 -27.35
C ASN F 688 -11.75 49.66 -25.93
N ASP F 689 -12.82 49.49 -25.14
CA ASP F 689 -12.67 48.84 -23.84
C ASP F 689 -12.20 47.40 -24.01
N TYR F 690 -12.73 46.69 -25.01
CA TYR F 690 -12.24 45.36 -25.30
C TYR F 690 -10.85 45.41 -25.93
N GLU F 691 -10.49 46.53 -26.58
CA GLU F 691 -9.13 46.68 -27.07
C GLU F 691 -8.13 46.75 -25.92
N ARG F 692 -8.40 47.60 -24.93
CA ARG F 692 -7.50 47.64 -23.77
C ARG F 692 -7.61 46.37 -22.93
N MET F 693 -8.75 45.67 -23.01
CA MET F 693 -8.84 44.33 -22.45
C MET F 693 -7.83 43.40 -23.11
N LYS F 694 -7.74 43.43 -24.45
CA LYS F 694 -6.76 42.62 -25.16
C LYS F 694 -5.33 43.04 -24.83
N GLN F 695 -5.11 44.36 -24.68
CA GLN F 695 -3.78 44.85 -24.31
C GLN F 695 -3.35 44.31 -22.95
N LYS F 696 -4.24 44.36 -21.96
CA LYS F 696 -3.85 43.83 -20.66
C LYS F 696 -3.81 42.31 -20.66
N VAL F 697 -4.56 41.64 -21.55
CA VAL F 697 -4.42 40.20 -21.70
C VAL F 697 -3.03 39.84 -22.18
N ASN F 698 -2.54 40.51 -23.23
CA ASN F 698 -1.21 40.16 -23.73
C ASN F 698 -0.13 40.58 -22.72
N ASP F 699 -0.33 41.71 -22.04
CA ASP F 699 0.62 42.12 -21.01
C ASP F 699 0.68 41.11 -19.87
N GLU F 700 -0.48 40.60 -19.44
CA GLU F 700 -0.50 39.69 -18.30
C GLU F 700 -0.05 38.29 -18.68
N LEU F 701 -0.22 37.87 -19.94
CA LEU F 701 0.44 36.64 -20.35
C LEU F 701 1.94 36.84 -20.54
N LYS F 702 2.38 38.09 -20.75
CA LYS F 702 3.82 38.36 -20.73
C LYS F 702 4.39 38.30 -19.32
N LYS F 703 3.65 38.79 -18.32
CA LYS F 703 4.21 38.84 -16.96
C LYS F 703 3.77 37.67 -16.08
N HIS F 704 2.48 37.37 -16.01
CA HIS F 704 2.03 36.25 -15.17
C HIS F 704 2.43 34.91 -15.77
N PHE F 705 2.41 34.81 -17.10
CA PHE F 705 2.85 33.60 -17.80
C PHE F 705 4.22 33.84 -18.41
N ARG F 706 4.89 32.75 -18.72
CA ARG F 706 6.13 32.99 -19.44
C ARG F 706 5.84 33.20 -20.92
N PRO F 707 6.61 34.05 -21.59
CA PRO F 707 6.35 34.31 -23.02
C PRO F 707 6.49 33.10 -23.92
N GLU F 708 7.40 32.17 -23.59
CA GLU F 708 7.64 31.04 -24.48
C GLU F 708 6.50 30.03 -24.43
N PHE F 709 5.76 29.99 -23.32
CA PHE F 709 4.58 29.13 -23.25
C PHE F 709 3.50 29.61 -24.23
N LEU F 710 3.30 30.91 -24.32
CA LEU F 710 2.37 31.46 -25.29
C LEU F 710 2.97 31.55 -26.70
N ASN F 711 4.29 31.38 -26.82
CA ASN F 711 4.95 31.61 -28.10
C ASN F 711 4.44 30.68 -29.19
N ARG F 712 4.27 29.38 -28.88
CA ARG F 712 3.73 28.45 -29.84
C ARG F 712 2.24 28.22 -29.66
N ILE F 713 1.52 29.19 -29.12
CA ILE F 713 0.06 29.19 -29.08
C ILE F 713 -0.44 29.85 -30.36
N ASP F 714 -1.36 29.18 -31.05
CA ASP F 714 -1.78 29.63 -32.36
C ASP F 714 -2.47 30.99 -32.33
N ASP F 715 -3.40 31.18 -31.38
CA ASP F 715 -4.10 32.44 -31.29
C ASP F 715 -4.71 32.59 -29.90
N ILE F 716 -5.08 33.82 -29.56
CA ILE F 716 -5.74 34.14 -28.29
C ILE F 716 -7.03 34.88 -28.64
N ILE F 717 -8.10 34.59 -27.90
CA ILE F 717 -9.37 35.28 -28.03
C ILE F 717 -9.89 35.60 -26.64
N VAL F 718 -10.47 36.79 -26.48
CA VAL F 718 -11.03 37.24 -25.22
C VAL F 718 -12.54 37.35 -25.38
N PHE F 719 -13.27 36.80 -24.42
CA PHE F 719 -14.73 36.81 -24.48
C PHE F 719 -15.27 38.18 -24.09
N HIS F 720 -16.52 38.43 -24.48
CA HIS F 720 -17.17 39.71 -24.28
C HIS F 720 -18.31 39.58 -23.29
N GLN F 721 -18.55 40.66 -22.55
CA GLN F 721 -19.72 40.72 -21.67
C GLN F 721 -20.98 40.82 -22.51
N LEU F 722 -21.98 40.04 -22.13
CA LEU F 722 -23.18 39.90 -22.95
C LEU F 722 -24.20 40.97 -22.62
N THR F 723 -24.82 41.53 -23.66
CA THR F 723 -25.75 42.63 -23.52
C THR F 723 -27.14 42.11 -23.14
N ARG F 724 -28.09 43.05 -23.00
CA ARG F 724 -29.40 42.72 -22.45
C ARG F 724 -30.17 41.74 -23.34
N GLU F 725 -30.14 41.95 -24.65
CA GLU F 725 -30.74 40.99 -25.56
C GLU F 725 -30.04 39.63 -25.48
N GLU F 726 -28.71 39.65 -25.33
CA GLU F 726 -27.98 38.41 -25.15
C GLU F 726 -28.38 37.71 -23.87
N ILE F 727 -28.57 38.46 -22.78
CA ILE F 727 -28.97 37.84 -21.52
C ILE F 727 -30.37 37.25 -21.62
N ILE F 728 -31.30 37.96 -22.26
CA ILE F 728 -32.66 37.41 -22.34
C ILE F 728 -32.70 36.22 -23.31
N ARG F 729 -31.78 36.15 -24.26
CA ARG F 729 -31.73 34.94 -25.08
C ARG F 729 -30.85 33.84 -24.49
N MET F 730 -30.17 34.10 -23.37
CA MET F 730 -29.86 33.00 -22.46
C MET F 730 -31.11 32.56 -21.70
N VAL F 731 -31.91 33.54 -21.26
CA VAL F 731 -33.01 33.28 -20.35
C VAL F 731 -34.07 32.38 -21.00
N ASP F 732 -34.39 32.67 -22.26
CA ASP F 732 -35.45 31.91 -22.93
C ASP F 732 -35.06 30.45 -23.13
N LEU F 733 -33.81 30.17 -23.48
CA LEU F 733 -33.42 28.79 -23.69
C LEU F 733 -33.08 28.08 -22.38
N MET F 734 -32.76 28.82 -21.32
CA MET F 734 -32.81 28.22 -19.98
C MET F 734 -34.24 27.82 -19.59
N ILE F 735 -35.22 28.69 -19.86
CA ILE F 735 -36.59 28.39 -19.46
C ILE F 735 -37.21 27.36 -20.39
N SER F 736 -36.60 27.13 -21.56
CA SER F 736 -37.14 26.14 -22.49
C SER F 736 -37.04 24.72 -21.94
N ARG F 737 -36.03 24.44 -21.11
CA ARG F 737 -35.90 23.10 -20.52
C ARG F 737 -37.09 22.78 -19.62
N VAL F 738 -37.38 23.66 -18.66
CA VAL F 738 -38.53 23.45 -17.81
C VAL F 738 -39.83 23.64 -18.57
N ALA F 739 -39.82 24.39 -19.67
CA ALA F 739 -40.99 24.49 -20.52
C ALA F 739 -41.31 23.16 -21.18
N GLY F 740 -40.29 22.46 -21.69
CA GLY F 740 -40.50 21.13 -22.23
C GLY F 740 -40.93 20.14 -21.15
N GLN F 741 -40.32 20.25 -19.97
CA GLN F 741 -40.80 19.47 -18.82
C GLN F 741 -42.25 19.78 -18.49
N LEU F 742 -42.70 21.00 -18.80
CA LEU F 742 -44.07 21.38 -18.49
C LEU F 742 -45.04 20.87 -19.54
N LYS F 743 -44.64 20.92 -20.83
CA LYS F 743 -45.42 20.25 -21.87
C LYS F 743 -45.46 18.74 -21.67
N SER F 744 -44.51 18.19 -20.92
CA SER F 744 -44.58 16.77 -20.58
C SER F 744 -45.80 16.44 -19.72
N LYS F 745 -46.46 17.44 -19.12
CA LYS F 745 -47.64 17.21 -18.29
C LYS F 745 -48.91 17.78 -18.91
N ASP F 746 -48.99 17.78 -20.25
CA ASP F 746 -50.15 18.28 -21.00
C ASP F 746 -50.47 19.72 -20.60
N MET F 747 -49.46 20.57 -20.72
CA MET F 747 -49.46 21.92 -20.19
C MET F 747 -48.56 22.77 -21.11
N ALA F 748 -48.51 24.09 -20.86
CA ALA F 748 -47.69 24.96 -21.69
C ALA F 748 -47.28 26.19 -20.89
N LEU F 749 -46.19 26.81 -21.32
CA LEU F 749 -45.59 27.96 -20.64
C LEU F 749 -45.55 29.15 -21.57
N VAL F 750 -45.95 30.31 -21.06
CA VAL F 750 -45.90 31.57 -21.81
C VAL F 750 -45.22 32.62 -20.94
N LEU F 751 -44.24 33.32 -21.50
CA LEU F 751 -43.47 34.34 -20.79
C LEU F 751 -43.63 35.68 -21.48
N THR F 752 -43.77 36.74 -20.69
CA THR F 752 -43.82 38.09 -21.22
C THR F 752 -42.45 38.74 -21.18
N ASP F 753 -42.31 39.84 -21.95
CA ASP F 753 -41.02 40.51 -22.06
C ASP F 753 -40.63 41.21 -20.75
N ALA F 754 -41.60 41.73 -20.00
CA ALA F 754 -41.29 42.38 -18.74
C ALA F 754 -40.69 41.39 -17.74
N ALA F 755 -41.26 40.17 -17.68
CA ALA F 755 -40.71 39.14 -16.82
C ALA F 755 -39.31 38.75 -17.28
N LYS F 756 -39.10 38.68 -18.59
CA LYS F 756 -37.76 38.40 -19.13
C LYS F 756 -36.76 39.45 -18.68
N ALA F 757 -37.12 40.73 -18.81
CA ALA F 757 -36.22 41.81 -18.43
C ALA F 757 -35.93 41.81 -16.93
N LEU F 758 -36.95 41.59 -16.11
CA LEU F 758 -36.74 41.59 -14.66
C LEU F 758 -35.90 40.39 -14.23
N LEU F 759 -36.15 39.22 -14.83
CA LEU F 759 -35.35 38.04 -14.51
C LEU F 759 -33.90 38.22 -14.94
N ALA F 760 -33.69 38.88 -16.09
CA ALA F 760 -32.33 39.20 -16.51
C ALA F 760 -31.66 40.18 -15.54
N LYS F 761 -32.41 41.19 -15.09
CA LYS F 761 -31.86 42.17 -14.17
C LYS F 761 -31.51 41.55 -12.83
N ARG F 762 -32.35 40.64 -12.34
CA ARG F 762 -32.03 39.94 -11.09
C ARG F 762 -30.88 38.96 -11.30
N GLY F 763 -30.80 38.35 -12.48
CA GLY F 763 -29.70 37.50 -12.85
C GLY F 763 -28.49 38.23 -13.39
N PHE F 764 -28.53 39.57 -13.42
CA PHE F 764 -27.42 40.38 -13.90
C PHE F 764 -26.32 40.39 -12.86
N ASP F 765 -25.23 39.68 -13.14
CA ASP F 765 -24.05 39.68 -12.27
C ASP F 765 -22.83 39.54 -13.17
N PRO F 766 -22.37 40.64 -13.78
CA PRO F 766 -21.21 40.56 -14.67
C PRO F 766 -19.92 40.19 -13.97
N VAL F 767 -19.84 40.38 -12.65
CA VAL F 767 -18.63 40.01 -11.91
C VAL F 767 -18.42 38.51 -11.94
N LEU F 768 -19.48 37.74 -11.70
CA LEU F 768 -19.38 36.30 -11.66
C LEU F 768 -19.93 35.62 -12.91
N GLY F 769 -20.85 36.27 -13.63
CA GLY F 769 -21.31 35.73 -14.89
C GLY F 769 -22.78 35.31 -14.86
N ALA F 770 -23.10 34.35 -15.72
CA ALA F 770 -24.47 33.89 -15.91
C ALA F 770 -24.84 32.72 -15.00
N ARG F 771 -23.93 32.29 -14.13
CA ARG F 771 -24.26 31.26 -13.17
C ARG F 771 -25.39 31.62 -12.20
N PRO F 772 -25.47 32.82 -11.62
CA PRO F 772 -26.61 33.12 -10.73
C PRO F 772 -27.95 33.20 -11.45
N LEU F 773 -27.95 33.24 -12.78
CA LEU F 773 -29.21 33.26 -13.52
C LEU F 773 -30.02 31.99 -13.28
N ARG F 774 -29.35 30.83 -13.27
CA ARG F 774 -30.04 29.57 -12.99
C ARG F 774 -30.63 29.58 -11.59
N ARG F 775 -29.89 30.12 -10.62
CA ARG F 775 -30.39 30.23 -9.24
C ARG F 775 -31.62 31.12 -9.18
N THR F 776 -31.56 32.27 -9.83
CA THR F 776 -32.71 33.18 -9.83
C THR F 776 -33.92 32.55 -10.50
N ILE F 777 -33.71 31.83 -11.60
CA ILE F 777 -34.80 31.14 -12.28
C ILE F 777 -35.45 30.12 -11.35
N GLN F 778 -34.63 29.26 -10.73
CA GLN F 778 -35.17 28.20 -9.90
C GLN F 778 -35.81 28.73 -8.63
N ARG F 779 -35.38 29.89 -8.13
CA ARG F 779 -35.99 30.40 -6.91
C ARG F 779 -37.22 31.25 -7.20
N GLU F 780 -37.31 31.83 -8.39
CA GLU F 780 -38.46 32.69 -8.69
C GLU F 780 -39.54 31.94 -9.45
N ILE F 781 -39.24 31.45 -10.65
CA ILE F 781 -40.31 30.95 -11.51
C ILE F 781 -40.55 29.47 -11.26
N GLU F 782 -39.48 28.68 -11.18
CA GLU F 782 -39.63 27.23 -11.04
C GLU F 782 -40.25 26.85 -9.72
N ASP F 783 -39.76 27.42 -8.61
CA ASP F 783 -40.25 27.05 -7.29
C ASP F 783 -41.71 27.46 -7.12
N GLN F 784 -42.05 28.67 -7.55
CA GLN F 784 -43.43 29.14 -7.41
C GLN F 784 -44.37 28.36 -8.30
N LEU F 785 -43.95 28.01 -9.52
CA LEU F 785 -44.81 27.22 -10.39
C LEU F 785 -44.97 25.80 -9.85
N SER F 786 -43.92 25.23 -9.26
CA SER F 786 -44.03 23.90 -8.67
C SER F 786 -44.99 23.90 -7.48
N GLU F 787 -44.94 24.95 -6.65
CA GLU F 787 -45.95 25.07 -5.60
C GLU F 787 -47.34 25.27 -6.16
N LYS F 788 -47.47 26.07 -7.21
CA LYS F 788 -48.77 26.44 -7.77
C LYS F 788 -49.47 25.25 -8.40
N ILE F 789 -48.73 24.39 -9.12
CA ILE F 789 -49.35 23.24 -9.77
C ILE F 789 -49.84 22.24 -8.73
N LEU F 790 -49.10 22.06 -7.63
CA LEU F 790 -49.55 21.20 -6.57
C LEU F 790 -50.69 21.82 -5.77
N PHE F 791 -50.80 23.15 -5.77
CA PHE F 791 -51.99 23.81 -5.23
C PHE F 791 -53.21 23.51 -6.10
N GLU F 792 -52.99 23.14 -7.37
CA GLU F 792 -54.03 22.73 -8.31
C GLU F 792 -55.07 23.85 -8.51
N GLU F 793 -54.60 24.94 -9.09
CA GLU F 793 -55.46 26.05 -9.50
C GLU F 793 -55.34 26.39 -10.98
N VAL F 794 -54.12 26.38 -11.52
CA VAL F 794 -53.89 26.76 -12.92
C VAL F 794 -53.18 25.59 -13.61
N GLY F 795 -53.54 24.37 -13.22
CA GLY F 795 -52.91 23.18 -13.72
C GLY F 795 -53.31 22.81 -15.13
N PRO F 796 -53.48 21.51 -15.39
CA PRO F 796 -53.75 21.06 -16.76
C PRO F 796 -55.05 21.63 -17.32
N GLY F 797 -55.03 21.91 -18.62
CA GLY F 797 -56.18 22.47 -19.30
C GLY F 797 -56.22 23.98 -19.42
N GLN F 798 -55.28 24.69 -18.80
CA GLN F 798 -55.23 26.13 -18.92
C GLN F 798 -53.78 26.61 -18.80
N VAL F 799 -53.28 27.20 -19.89
CA VAL F 799 -51.89 27.62 -19.96
C VAL F 799 -51.63 28.80 -19.02
N VAL F 800 -50.44 28.85 -18.45
CA VAL F 800 -50.01 29.98 -17.63
C VAL F 800 -49.38 31.03 -18.53
N THR F 801 -49.63 32.29 -18.21
CA THR F 801 -48.94 33.43 -18.82
C THR F 801 -48.39 34.28 -17.69
N VAL F 802 -47.11 34.17 -17.44
CA VAL F 802 -46.49 34.84 -16.30
C VAL F 802 -46.31 36.31 -16.62
N ASP F 803 -46.29 37.14 -15.58
CA ASP F 803 -46.24 38.57 -15.75
C ASP F 803 -45.70 39.21 -14.48
N VAL F 804 -45.34 40.48 -14.58
CA VAL F 804 -44.81 41.27 -13.47
C VAL F 804 -45.66 42.52 -13.31
N ASP F 805 -46.15 42.76 -12.10
CA ASP F 805 -46.88 43.97 -11.78
C ASP F 805 -46.09 44.78 -10.75
N ASN F 806 -46.55 46.03 -10.53
CA ASN F 806 -45.92 46.98 -9.62
C ASN F 806 -44.45 47.22 -10.00
N TRP F 807 -44.21 47.38 -11.30
CA TRP F 807 -42.86 47.64 -11.78
C TRP F 807 -42.95 48.42 -13.09
N ASP F 808 -42.04 49.37 -13.25
CA ASP F 808 -42.02 50.24 -14.41
C ASP F 808 -41.11 49.76 -15.53
N GLY F 809 -40.16 48.87 -15.22
CA GLY F 809 -39.21 48.38 -16.20
C GLY F 809 -37.79 48.87 -16.02
N GLU F 810 -37.54 49.79 -15.09
CA GLU F 810 -36.20 50.31 -14.87
C GLU F 810 -35.84 50.24 -13.39
N GLY F 811 -36.82 49.93 -12.55
CA GLY F 811 -36.60 49.80 -11.13
C GLY F 811 -35.81 48.55 -10.80
N PRO F 812 -35.29 48.48 -9.57
CA PRO F 812 -34.48 47.31 -9.17
C PRO F 812 -35.26 46.02 -9.10
N GLY F 813 -36.59 46.08 -9.03
CA GLY F 813 -37.41 44.88 -8.93
C GLY F 813 -37.76 44.47 -7.52
N GLU F 814 -37.34 45.24 -6.51
CA GLU F 814 -37.68 44.90 -5.14
C GLU F 814 -39.16 45.06 -4.85
N ASP F 815 -39.81 46.02 -5.51
CA ASP F 815 -41.23 46.28 -5.33
C ASP F 815 -42.11 45.45 -6.26
N ALA F 816 -41.53 44.58 -7.07
CA ALA F 816 -42.27 43.82 -8.06
C ALA F 816 -42.47 42.38 -7.60
N VAL F 817 -43.64 41.82 -7.92
CA VAL F 817 -43.99 40.45 -7.60
C VAL F 817 -44.39 39.75 -8.89
N PHE F 818 -43.89 38.52 -9.08
CA PHE F 818 -44.30 37.73 -10.23
C PHE F 818 -45.77 37.35 -10.10
N THR F 819 -46.48 37.37 -11.24
CA THR F 819 -47.90 37.07 -11.26
C THR F 819 -48.16 35.96 -12.26
N PHE F 820 -49.13 35.10 -11.93
CA PHE F 820 -49.46 33.92 -12.72
C PHE F 820 -50.92 33.97 -13.12
N THR F 821 -51.19 33.74 -14.40
CA THR F 821 -52.55 33.74 -14.91
C THR F 821 -52.97 32.35 -15.37
N UNK G 1 -13.74 -48.34 -18.93
CA UNK G 1 -12.93 -47.14 -18.85
C UNK G 1 -13.80 -45.91 -18.62
N UNK G 2 -14.17 -45.68 -17.37
CA UNK G 2 -15.01 -44.55 -16.99
C UNK G 2 -14.17 -43.47 -16.33
N UNK G 3 -14.25 -42.25 -16.86
CA UNK G 3 -13.48 -41.14 -16.32
C UNK G 3 -14.30 -40.39 -15.27
N UNK G 4 -13.67 -39.39 -14.65
CA UNK G 4 -14.32 -38.59 -13.63
C UNK G 4 -13.80 -37.16 -13.75
N UNK G 5 -14.64 -36.20 -13.35
CA UNK G 5 -14.23 -34.81 -13.39
C UNK G 5 -13.18 -34.54 -12.33
N UNK G 6 -12.32 -33.55 -12.59
CA UNK G 6 -11.19 -33.27 -11.69
C UNK G 6 -11.68 -32.81 -10.31
N UNK G 7 -12.35 -31.65 -10.27
CA UNK G 7 -12.78 -31.00 -9.02
C UNK G 7 -11.62 -30.83 -8.05
N UNK G 8 -10.48 -30.40 -8.60
CA UNK G 8 -9.26 -30.25 -7.83
C UNK G 8 -9.24 -28.92 -7.09
N UNK G 9 -8.10 -28.61 -6.49
CA UNK G 9 -7.89 -27.38 -5.74
C UNK G 9 -6.83 -26.53 -6.41
N UNK G 10 -7.11 -25.24 -6.55
CA UNK G 10 -6.19 -24.28 -7.13
C UNK G 10 -5.73 -23.29 -6.07
N UNK G 11 -4.46 -22.90 -6.14
CA UNK G 11 -3.91 -21.96 -5.18
C UNK G 11 -4.55 -20.58 -5.33
N UNK G 12 -4.71 -19.89 -4.20
CA UNK G 12 -5.35 -18.59 -4.17
C UNK G 12 -4.30 -17.50 -3.99
N UNK G 13 -4.34 -16.49 -4.85
CA UNK G 13 -3.41 -15.37 -4.77
C UNK G 13 -3.97 -14.32 -3.82
N UNK G 14 -3.23 -14.03 -2.75
CA UNK G 14 -3.68 -13.06 -1.77
C UNK G 14 -3.67 -11.65 -2.36
N UNK G 15 -4.61 -10.83 -1.91
CA UNK G 15 -4.66 -9.44 -2.35
C UNK G 15 -3.49 -8.67 -1.77
N UNK G 16 -2.80 -7.92 -2.63
CA UNK G 16 -1.61 -7.16 -2.21
C UNK G 16 -2.06 -5.79 -1.73
N UNK G 17 -2.02 -5.57 -0.42
CA UNK G 17 -2.42 -4.30 0.15
C UNK G 17 -1.36 -3.23 -0.09
N UNK G 18 -1.80 -1.98 -0.15
CA UNK G 18 -0.87 -0.87 -0.33
C UNK G 18 -0.27 -0.46 1.00
N UNK G 19 0.54 0.61 0.97
CA UNK G 19 1.17 1.14 2.18
C UNK G 19 1.38 2.63 1.98
N UNK G 20 0.59 3.44 2.67
CA UNK G 20 0.64 4.88 2.51
C UNK G 20 1.92 5.46 3.12
N UNK G 21 2.34 6.60 2.57
CA UNK G 21 3.46 7.35 3.08
C UNK G 21 3.01 8.75 3.47
N UNK G 22 3.47 9.21 4.62
CA UNK G 22 3.03 10.47 5.18
C UNK G 22 3.79 11.63 4.54
N UNK G 23 3.59 12.84 5.09
CA UNK G 23 4.20 14.05 4.56
C UNK G 23 4.91 14.74 5.71
N UNK G 24 5.46 15.93 5.49
CA UNK G 24 6.19 16.65 6.53
C UNK G 24 6.09 18.16 6.33
N UNK G 25 6.73 18.92 7.22
CA UNK G 25 6.74 20.39 7.19
C UNK G 25 5.33 20.98 7.17
#